data_3E3Q
#
_entry.id   3E3Q
#
_cell.length_a   158.472
_cell.length_b   160.458
_cell.length_c   357.159
_cell.angle_alpha   90.000
_cell.angle_beta   90.000
_cell.angle_gamma   90.000
#
_symmetry.space_group_name_H-M   'C 2 2 2'
#
loop_
_entity.id
_entity.type
_entity.pdbx_description
1 polymer 'H-2 class I histocompatibility antigen, L-D alpha chain'
2 polymer 'QL9 peptide'
3 polymer 'T-cell receptor alpha chain V region PHDS58'
4 polymer 'TCR beta chain'
#
loop_
_entity_poly.entity_id
_entity_poly.type
_entity_poly.pdbx_seq_one_letter_code
_entity_poly.pdbx_strand_id
1 'polypeptide(L)'
;GPHSMRYYETATSRRGLGEPRYTSVGYVDDKEFVRFDSDAENPRYEPQVPWMEQEGPEYWERITQVAKGQEQWFRVNLRT
LLGYYNQSAGGTHTLQRMYGCDVGSDGRLLRGYEQFAYDGCDYIALNEDLRTWTAADMAAQITRRKWEQAGAAEYYRAYL
EGECVEWLHRYLKNG
;
A,B,c,H,L,P,U,Y
2 'polypeptide(L)' QLSPFPFDL Q,G,f,K,O,T,X,b
3 'polypeptide(L)'
;SVTQPDARVTVSEGASLQLRCKYSYSATPYLFWYVQYPRQGPQLLLKYYSGDPVVQGVNGFEAEFSKSNSSFHLRKASVH
RSDSAVYFCAVSDPPPLLTFGSGTKVIVL
;
D,C,d,I,M,R,V,Z
4 'polypeptide(L)'
;EAAVTQSPRNKVAVTGEKVTLSCNQTNNHNNMYWYRQDTGHELRLIYYSYGAGSTEKGDIPDGYKASRPSQENFSLTLES
ATPSQTSVYFCASGGGGTLYFGAGTRLSVLS
;
E,F,e,J,N,S,W,a
#
# COMPACT_ATOMS: atom_id res chain seq x y z
N GLY A 1 49.05 -48.23 -0.49
CA GLY A 1 48.11 -49.25 -1.08
C GLY A 1 47.24 -49.96 -0.05
N PRO A 2 46.11 -50.55 -0.51
CA PRO A 2 45.15 -51.29 0.32
C PRO A 2 45.63 -52.65 0.83
N HIS A 3 45.06 -53.08 1.96
CA HIS A 3 45.39 -54.36 2.59
C HIS A 3 44.08 -55.07 2.89
N SER A 4 44.13 -56.33 3.26
CA SER A 4 42.91 -57.04 3.57
C SER A 4 43.10 -58.17 4.56
N MET A 5 42.01 -58.54 5.22
CA MET A 5 42.02 -59.66 6.14
C MET A 5 40.77 -60.44 5.77
N ARG A 6 40.81 -61.76 5.88
CA ARG A 6 39.66 -62.55 5.48
C ARG A 6 39.63 -63.86 6.26
N TYR A 7 38.46 -64.23 6.77
CA TYR A 7 38.33 -65.49 7.48
C TYR A 7 37.30 -66.41 6.80
N TYR A 8 37.63 -67.69 6.73
CA TYR A 8 36.75 -68.69 6.11
C TYR A 8 36.44 -69.82 7.07
N GLU A 9 35.20 -69.89 7.53
CA GLU A 9 34.80 -70.98 8.42
C GLU A 9 33.94 -71.90 7.55
N THR A 10 34.22 -73.20 7.61
CA THR A 10 33.46 -74.18 6.83
C THR A 10 33.14 -75.41 7.67
N ALA A 11 31.88 -75.79 7.67
CA ALA A 11 31.40 -76.95 8.40
C ALA A 11 30.88 -77.94 7.38
N THR A 12 31.33 -79.18 7.50
CA THR A 12 30.94 -80.23 6.57
C THR A 12 30.45 -81.47 7.32
N SER A 13 29.18 -81.80 7.16
CA SER A 13 28.64 -82.99 7.81
C SER A 13 28.68 -84.12 6.80
N ARG A 14 29.01 -85.32 7.26
CA ARG A 14 29.07 -86.43 6.33
C ARG A 14 28.25 -87.67 6.74
N ARG A 15 27.69 -88.34 5.72
CA ARG A 15 26.83 -89.52 5.88
C ARG A 15 27.14 -90.36 7.11
N GLY A 16 26.27 -90.27 8.11
CA GLY A 16 26.43 -91.02 9.34
C GLY A 16 27.83 -91.00 9.94
N LEU A 17 28.64 -90.02 9.55
CA LEU A 17 30.00 -89.90 10.07
C LEU A 17 30.03 -88.95 11.28
N GLY A 18 29.05 -89.08 12.18
CA GLY A 18 28.97 -88.25 13.37
C GLY A 18 28.79 -86.75 13.14
N GLU A 19 29.26 -85.94 14.09
CA GLU A 19 29.15 -84.48 14.01
C GLU A 19 30.05 -83.91 12.90
N PRO A 20 29.60 -82.82 12.26
CA PRO A 20 30.35 -82.18 11.17
C PRO A 20 31.77 -81.77 11.52
N ARG A 21 32.60 -81.61 10.49
CA ARG A 21 33.97 -81.19 10.67
C ARG A 21 33.99 -79.68 10.52
N TYR A 22 34.66 -78.99 11.44
CA TYR A 22 34.73 -77.54 11.41
C TYR A 22 36.15 -77.05 11.25
N THR A 23 36.32 -76.10 10.35
CA THR A 23 37.64 -75.53 10.13
C THR A 23 37.49 -74.03 9.92
N SER A 24 38.51 -73.29 10.33
CA SER A 24 38.49 -71.84 10.19
C SER A 24 39.91 -71.40 9.86
N VAL A 25 40.06 -70.66 8.78
CA VAL A 25 41.37 -70.18 8.38
C VAL A 25 41.31 -68.69 8.10
N GLY A 26 42.35 -67.99 8.54
CA GLY A 26 42.43 -66.56 8.35
C GLY A 26 43.57 -66.16 7.44
N TYR A 27 43.33 -65.11 6.66
CA TYR A 27 44.31 -64.60 5.71
C TYR A 27 44.53 -63.09 5.89
N VAL A 28 45.79 -62.67 5.91
CA VAL A 28 46.11 -61.26 5.98
C VAL A 28 46.68 -61.02 4.59
N ASP A 29 46.15 -60.04 3.87
CA ASP A 29 46.60 -59.80 2.50
C ASP A 29 46.33 -61.18 1.91
N ASP A 30 47.29 -61.85 1.28
CA ASP A 30 46.89 -63.16 0.77
C ASP A 30 47.71 -64.30 1.33
N LYS A 31 47.99 -64.20 2.62
CA LYS A 31 48.77 -65.21 3.30
C LYS A 31 47.99 -65.74 4.51
N GLU A 32 47.93 -67.06 4.64
CA GLU A 32 47.26 -67.70 5.76
C GLU A 32 48.14 -67.44 6.99
N PHE A 33 47.55 -66.95 8.08
CA PHE A 33 48.33 -66.67 9.29
C PHE A 33 47.77 -67.34 10.55
N VAL A 34 46.58 -67.89 10.45
CA VAL A 34 45.99 -68.53 11.61
C VAL A 34 45.06 -69.61 11.09
N ARG A 35 44.84 -70.65 11.89
CA ARG A 35 43.98 -71.76 11.46
C ARG A 35 43.45 -72.59 12.64
N PHE A 36 42.29 -73.23 12.44
CA PHE A 36 41.66 -74.06 13.47
C PHE A 36 41.01 -75.27 12.82
N ASP A 37 41.23 -76.44 13.39
CA ASP A 37 40.67 -77.66 12.83
C ASP A 37 40.03 -78.51 13.91
N SER A 38 38.76 -78.86 13.75
CA SER A 38 38.08 -79.66 14.74
C SER A 38 38.51 -81.12 14.64
N ASP A 39 39.12 -81.47 13.51
CA ASP A 39 39.60 -82.84 13.28
C ASP A 39 40.92 -83.03 13.99
N ALA A 40 41.45 -81.96 14.57
CA ALA A 40 42.72 -82.04 15.28
C ALA A 40 42.52 -82.81 16.57
N GLU A 41 43.58 -83.41 17.06
CA GLU A 41 43.57 -84.19 18.30
C GLU A 41 43.22 -83.22 19.42
N ASN A 42 43.79 -82.02 19.32
CA ASN A 42 43.60 -80.96 20.29
C ASN A 42 43.10 -79.72 19.51
N PRO A 43 41.79 -79.63 19.27
CA PRO A 43 41.24 -78.49 18.55
C PRO A 43 41.68 -77.20 19.20
N ARG A 44 42.37 -76.37 18.44
CA ARG A 44 42.87 -75.09 18.93
C ARG A 44 43.22 -74.19 17.76
N TYR A 45 43.10 -72.89 17.97
CA TYR A 45 43.49 -71.95 16.93
C TYR A 45 45.00 -71.86 17.05
N GLU A 46 45.72 -71.95 15.93
CA GLU A 46 47.16 -71.88 15.99
C GLU A 46 47.80 -71.01 14.92
N PRO A 47 48.97 -70.44 15.22
CA PRO A 47 49.72 -69.57 14.30
C PRO A 47 50.29 -70.34 13.12
N GLN A 48 50.08 -69.82 11.91
CA GLN A 48 50.57 -70.46 10.70
C GLN A 48 51.84 -69.81 10.16
N VAL A 49 52.21 -68.68 10.76
CA VAL A 49 53.44 -67.99 10.39
C VAL A 49 54.09 -67.52 11.69
N PRO A 50 55.43 -67.47 11.72
CA PRO A 50 56.14 -67.04 12.93
C PRO A 50 55.74 -65.72 13.59
N TRP A 51 55.54 -64.64 12.83
CA TRP A 51 55.19 -63.39 13.48
C TRP A 51 53.92 -63.40 14.31
N MET A 52 53.11 -64.43 14.18
CA MET A 52 51.88 -64.51 14.95
C MET A 52 52.15 -65.14 16.30
N GLU A 53 53.36 -65.65 16.48
CA GLU A 53 53.72 -66.28 17.75
C GLU A 53 53.92 -65.21 18.80
N GLN A 54 53.96 -63.95 18.37
CA GLN A 54 54.14 -62.87 19.31
C GLN A 54 52.83 -62.36 19.90
N GLU A 55 51.85 -63.25 20.00
CA GLU A 55 50.56 -62.91 20.58
C GLU A 55 50.46 -63.69 21.88
N GLY A 56 50.00 -63.02 22.94
CA GLY A 56 49.87 -63.67 24.23
C GLY A 56 49.09 -64.95 24.26
N PRO A 57 49.18 -65.72 25.36
CA PRO A 57 48.45 -66.98 25.50
C PRO A 57 46.95 -66.69 25.67
N GLU A 58 46.65 -65.51 26.21
CA GLU A 58 45.27 -65.09 26.41
C GLU A 58 44.58 -64.93 25.07
N TYR A 59 45.34 -64.48 24.08
CA TYR A 59 44.87 -64.28 22.73
C TYR A 59 44.39 -65.60 22.16
N TRP A 60 45.30 -66.58 22.09
CA TRP A 60 44.99 -67.90 21.56
C TRP A 60 43.87 -68.57 22.34
N GLU A 61 43.71 -68.21 23.60
CA GLU A 61 42.66 -68.79 24.42
C GLU A 61 41.25 -68.39 24.00
N ARG A 62 40.97 -67.09 23.96
CA ARG A 62 39.64 -66.66 23.56
C ARG A 62 39.35 -66.92 22.09
N ILE A 63 40.38 -66.80 21.26
CA ILE A 63 40.23 -67.06 19.84
C ILE A 63 39.72 -68.50 19.72
N THR A 64 40.37 -69.40 20.44
CA THR A 64 39.97 -70.80 20.43
C THR A 64 38.56 -70.99 20.97
N GLN A 65 38.22 -70.27 22.03
CA GLN A 65 36.89 -70.38 22.61
C GLN A 65 35.81 -69.92 21.65
N VAL A 66 36.14 -68.93 20.82
CA VAL A 66 35.19 -68.44 19.85
C VAL A 66 34.93 -69.56 18.85
N ALA A 67 36.02 -70.21 18.45
CA ALA A 67 35.93 -71.29 17.47
C ALA A 67 35.03 -72.40 17.94
N LYS A 68 35.13 -72.74 19.22
CA LYS A 68 34.32 -73.82 19.77
C LYS A 68 32.86 -73.42 19.74
N GLY A 69 32.59 -72.15 20.00
CA GLY A 69 31.22 -71.67 19.95
C GLY A 69 30.72 -71.75 18.51
N GLN A 70 31.56 -71.30 17.57
CA GLN A 70 31.23 -71.30 16.15
C GLN A 70 30.94 -72.71 15.67
N GLU A 71 31.62 -73.68 16.24
CA GLU A 71 31.40 -75.06 15.84
C GLU A 71 29.94 -75.41 16.12
N GLN A 72 29.44 -74.98 17.26
CA GLN A 72 28.04 -75.25 17.62
C GLN A 72 27.07 -74.51 16.69
N TRP A 73 27.36 -73.25 16.37
CA TRP A 73 26.51 -72.47 15.50
C TRP A 73 26.25 -73.20 14.19
N PHE A 74 27.32 -73.69 13.59
CA PHE A 74 27.23 -74.41 12.33
C PHE A 74 26.47 -75.70 12.51
N ARG A 75 26.75 -76.37 13.62
CA ARG A 75 26.10 -77.64 13.91
C ARG A 75 24.59 -77.45 13.90
N VAL A 76 24.15 -76.34 14.47
CA VAL A 76 22.74 -76.02 14.55
C VAL A 76 22.16 -75.51 13.24
N ASN A 77 22.81 -74.53 12.64
CA ASN A 77 22.27 -74.00 11.41
C ASN A 77 22.30 -74.95 10.22
N LEU A 78 23.17 -75.94 10.28
CA LEU A 78 23.23 -76.92 9.21
C LEU A 78 21.88 -77.62 9.23
N ARG A 79 21.37 -77.83 10.44
CA ARG A 79 20.09 -78.48 10.64
C ARG A 79 18.93 -77.60 10.23
N THR A 80 18.94 -76.34 10.65
CA THR A 80 17.83 -75.48 10.26
C THR A 80 17.73 -75.39 8.74
N LEU A 81 18.87 -75.46 8.06
CA LEU A 81 18.90 -75.40 6.59
C LEU A 81 18.37 -76.67 5.96
N LEU A 82 18.53 -77.81 6.64
CA LEU A 82 17.99 -79.05 6.12
C LEU A 82 16.51 -78.80 5.97
N GLY A 83 15.91 -78.22 7.01
CA GLY A 83 14.48 -77.95 7.00
C GLY A 83 14.09 -77.03 5.86
N TYR A 84 14.69 -75.84 5.85
CA TYR A 84 14.43 -74.83 4.83
C TYR A 84 14.37 -75.43 3.42
N TYR A 85 15.34 -76.29 3.11
CA TYR A 85 15.39 -76.91 1.78
C TYR A 85 14.71 -78.28 1.73
N ASN A 86 14.11 -78.68 2.85
CA ASN A 86 13.43 -79.96 2.94
C ASN A 86 14.28 -81.14 2.47
N GLN A 87 15.39 -81.40 3.16
CA GLN A 87 16.28 -82.49 2.76
C GLN A 87 16.33 -83.56 3.85
N SER A 88 17.08 -84.63 3.59
CA SER A 88 17.21 -85.72 4.53
C SER A 88 17.93 -85.39 5.80
N ALA A 89 18.34 -86.43 6.52
CA ALA A 89 19.04 -86.22 7.77
C ALA A 89 20.43 -86.83 7.75
N GLY A 90 20.53 -88.03 7.19
CA GLY A 90 21.81 -88.70 7.12
C GLY A 90 22.65 -88.12 6.00
N GLY A 91 22.02 -87.24 5.21
CA GLY A 91 22.70 -86.62 4.10
C GLY A 91 24.01 -85.93 4.43
N THR A 92 24.77 -85.61 3.39
CA THR A 92 26.05 -84.94 3.55
C THR A 92 25.97 -83.51 3.00
N HIS A 93 26.24 -82.53 3.85
CA HIS A 93 26.16 -81.13 3.43
C HIS A 93 27.25 -80.23 3.96
N THR A 94 27.34 -79.03 3.40
CA THR A 94 28.35 -78.07 3.81
C THR A 94 27.78 -76.69 3.99
N LEU A 95 28.24 -76.00 5.02
CA LEU A 95 27.78 -74.65 5.28
C LEU A 95 29.02 -73.84 5.59
N GLN A 96 29.22 -72.74 4.88
CA GLN A 96 30.40 -71.94 5.18
C GLN A 96 30.12 -70.48 5.35
N ARG A 97 31.01 -69.81 6.08
CA ARG A 97 30.90 -68.38 6.34
C ARG A 97 32.20 -67.73 5.96
N MET A 98 32.10 -66.51 5.45
CA MET A 98 33.28 -65.77 5.07
C MET A 98 33.04 -64.32 5.47
N TYR A 99 33.97 -63.78 6.24
CA TYR A 99 33.87 -62.40 6.64
C TYR A 99 35.25 -61.81 6.61
N GLY A 100 35.30 -60.49 6.60
CA GLY A 100 36.58 -59.82 6.52
C GLY A 100 36.45 -58.34 6.26
N CYS A 101 37.57 -57.71 5.91
CA CYS A 101 37.61 -56.28 5.71
C CYS A 101 38.87 -55.87 4.96
N ASP A 102 38.67 -54.96 4.00
CA ASP A 102 39.75 -54.42 3.22
C ASP A 102 39.89 -53.01 3.78
N VAL A 103 41.10 -52.50 3.77
CA VAL A 103 41.33 -51.13 4.24
C VAL A 103 42.06 -50.39 3.16
N GLY A 104 41.88 -49.09 3.12
CA GLY A 104 42.55 -48.28 2.12
C GLY A 104 43.93 -47.86 2.60
N SER A 105 44.65 -47.15 1.74
CA SER A 105 46.00 -46.68 2.10
C SER A 105 45.97 -45.91 3.43
N ASP A 106 44.84 -45.29 3.75
CA ASP A 106 44.75 -44.56 5.01
C ASP A 106 44.39 -45.49 6.17
N GLY A 107 44.47 -46.80 5.95
CA GLY A 107 44.17 -47.74 7.01
C GLY A 107 42.73 -47.85 7.53
N ARG A 108 41.83 -47.01 7.00
CA ARG A 108 40.41 -47.02 7.38
C ARG A 108 39.64 -47.98 6.46
N LEU A 109 38.55 -48.57 6.96
CA LEU A 109 37.74 -49.52 6.18
C LEU A 109 37.53 -49.13 4.71
N LEU A 110 37.50 -50.14 3.83
CA LEU A 110 37.31 -49.96 2.39
C LEU A 110 36.12 -50.80 1.97
N ARG A 111 35.94 -51.93 2.63
CA ARG A 111 34.84 -52.82 2.32
C ARG A 111 34.72 -53.87 3.42
N GLY A 112 33.49 -54.13 3.84
CA GLY A 112 33.23 -55.12 4.88
C GLY A 112 32.63 -56.38 4.27
N TYR A 113 32.81 -57.50 4.97
CA TYR A 113 32.30 -58.78 4.49
C TYR A 113 31.67 -59.64 5.57
N GLU A 114 30.62 -60.32 5.16
CA GLU A 114 29.85 -61.25 5.99
C GLU A 114 28.92 -61.96 5.00
N GLN A 115 29.14 -63.25 4.80
CA GLN A 115 28.31 -63.95 3.85
C GLN A 115 28.32 -65.45 4.07
N PHE A 116 27.27 -66.11 3.61
CA PHE A 116 27.15 -67.54 3.80
C PHE A 116 26.81 -68.32 2.53
N ALA A 117 27.42 -69.50 2.42
CA ALA A 117 27.21 -70.40 1.30
C ALA A 117 26.85 -71.82 1.79
N TYR A 118 25.76 -72.36 1.26
CA TYR A 118 25.31 -73.69 1.64
C TYR A 118 25.49 -74.67 0.48
N ASP A 119 26.10 -75.81 0.76
CA ASP A 119 26.31 -76.82 -0.25
C ASP A 119 27.00 -76.31 -1.51
N GLY A 120 27.84 -75.30 -1.36
CA GLY A 120 28.56 -74.77 -2.50
C GLY A 120 27.89 -73.62 -3.19
N CYS A 121 26.59 -73.45 -2.99
CA CYS A 121 25.87 -72.34 -3.63
C CYS A 121 25.68 -71.15 -2.69
N ASP A 122 25.65 -69.94 -3.25
CA ASP A 122 25.47 -68.72 -2.44
C ASP A 122 24.17 -68.76 -1.65
N TYR A 123 24.19 -68.22 -0.44
CA TYR A 123 22.98 -68.20 0.37
C TYR A 123 22.53 -66.77 0.71
N ILE A 124 23.38 -66.04 1.44
CA ILE A 124 23.06 -64.66 1.79
C ILE A 124 24.35 -63.90 2.04
N ALA A 125 24.39 -62.63 1.62
CA ALA A 125 25.59 -61.83 1.81
C ALA A 125 25.32 -60.36 2.07
N LEU A 126 26.08 -59.81 3.01
CA LEU A 126 25.95 -58.39 3.37
C LEU A 126 26.46 -57.61 2.18
N ASN A 127 25.68 -56.66 1.71
CA ASN A 127 26.09 -55.85 0.58
C ASN A 127 27.16 -54.87 1.00
N GLU A 128 27.77 -54.23 0.02
CA GLU A 128 28.84 -53.26 0.25
C GLU A 128 28.45 -52.12 1.20
N ASP A 129 27.16 -51.77 1.23
CA ASP A 129 26.69 -50.71 2.11
C ASP A 129 26.66 -51.10 3.60
N LEU A 130 26.79 -52.40 3.88
CA LEU A 130 26.78 -52.90 5.25
C LEU A 130 25.44 -52.51 5.88
N ARG A 131 24.41 -52.46 5.03
CA ARG A 131 23.07 -52.09 5.45
C ARG A 131 21.99 -52.99 4.88
N THR A 132 22.21 -53.51 3.67
CA THR A 132 21.25 -54.37 3.02
C THR A 132 21.81 -55.76 2.73
N TRP A 133 20.95 -56.72 2.39
CA TRP A 133 21.39 -58.09 2.16
C TRP A 133 20.98 -58.64 0.81
N THR A 134 21.76 -59.58 0.28
CA THR A 134 21.41 -60.20 -0.99
C THR A 134 21.07 -61.64 -0.67
N ALA A 135 19.86 -62.07 -1.03
CA ALA A 135 19.43 -63.43 -0.75
C ALA A 135 19.33 -64.27 -2.00
N ALA A 136 20.23 -65.23 -2.12
CA ALA A 136 20.30 -66.14 -3.25
C ALA A 136 18.92 -66.62 -3.70
N ASP A 137 18.40 -67.64 -3.01
CA ASP A 137 17.09 -68.22 -3.34
C ASP A 137 16.00 -67.86 -2.34
N MET A 138 14.93 -68.66 -2.31
CA MET A 138 13.82 -68.42 -1.41
C MET A 138 14.06 -68.76 0.04
N ALA A 139 14.84 -69.81 0.28
CA ALA A 139 15.14 -70.20 1.65
C ALA A 139 15.87 -69.03 2.29
N ALA A 140 16.88 -68.52 1.59
CA ALA A 140 17.66 -67.40 2.09
C ALA A 140 16.80 -66.17 2.33
N GLN A 141 15.68 -66.09 1.60
CA GLN A 141 14.73 -65.00 1.72
C GLN A 141 14.20 -64.95 3.15
N ILE A 142 14.03 -66.13 3.73
CA ILE A 142 13.57 -66.28 5.09
C ILE A 142 14.56 -65.65 6.07
N THR A 143 15.83 -66.03 5.92
CA THR A 143 16.88 -65.49 6.78
C THR A 143 16.91 -63.98 6.64
N ARG A 144 17.00 -63.50 5.40
CA ARG A 144 17.04 -62.08 5.12
C ARG A 144 16.00 -61.32 5.92
N ARG A 145 14.78 -61.84 5.87
CA ARG A 145 13.66 -61.23 6.58
C ARG A 145 13.96 -61.05 8.05
N LYS A 146 14.25 -62.13 8.77
CA LYS A 146 14.50 -61.98 10.19
C LYS A 146 15.73 -61.15 10.48
N TRP A 147 16.74 -61.21 9.59
CA TRP A 147 17.96 -60.43 9.78
C TRP A 147 17.71 -58.93 9.55
N GLU A 148 16.74 -58.63 8.71
CA GLU A 148 16.38 -57.24 8.45
C GLU A 148 15.64 -56.74 9.68
N GLN A 149 14.80 -57.62 10.22
CA GLN A 149 14.00 -57.34 11.41
C GLN A 149 14.87 -57.15 12.65
N ALA A 150 15.83 -58.05 12.86
CA ALA A 150 16.70 -58.00 14.02
C ALA A 150 17.87 -57.06 13.89
N GLY A 151 17.99 -56.42 12.73
CA GLY A 151 19.08 -55.47 12.52
C GLY A 151 20.45 -56.12 12.48
N ALA A 152 20.52 -57.30 11.88
CA ALA A 152 21.78 -58.03 11.80
C ALA A 152 22.86 -57.19 11.12
N ALA A 153 22.48 -56.47 10.07
CA ALA A 153 23.44 -55.63 9.36
C ALA A 153 24.24 -54.73 10.31
N GLU A 154 23.57 -54.02 11.19
CA GLU A 154 24.25 -53.13 12.14
C GLU A 154 25.17 -53.93 13.08
N TYR A 155 24.71 -55.12 13.45
CA TYR A 155 25.45 -55.99 14.34
C TYR A 155 26.84 -56.29 13.75
N TYR A 156 26.86 -56.85 12.54
CA TYR A 156 28.13 -57.19 11.85
C TYR A 156 28.93 -55.94 11.50
N ARG A 157 28.25 -54.92 10.96
CA ARG A 157 28.89 -53.66 10.61
C ARG A 157 29.78 -53.19 11.77
N ALA A 158 29.22 -53.21 12.97
CA ALA A 158 29.93 -52.79 14.18
C ALA A 158 31.34 -53.34 14.22
N TYR A 159 31.44 -54.65 13.96
CA TYR A 159 32.72 -55.34 13.96
C TYR A 159 33.57 -54.95 12.77
N LEU A 160 33.01 -55.14 11.58
CA LEU A 160 33.69 -54.81 10.33
C LEU A 160 34.35 -53.42 10.33
N GLU A 161 33.61 -52.42 10.82
CA GLU A 161 34.11 -51.04 10.84
C GLU A 161 35.24 -50.77 11.81
N GLY A 162 35.23 -51.38 12.98
CA GLY A 162 36.28 -51.07 13.90
C GLY A 162 37.17 -52.20 14.37
N GLU A 163 36.61 -53.14 15.13
CA GLU A 163 37.41 -54.23 15.65
C GLU A 163 38.26 -54.88 14.56
N CYS A 164 37.63 -55.24 13.44
CA CYS A 164 38.41 -55.86 12.40
C CYS A 164 39.59 -55.00 11.99
N VAL A 165 39.28 -53.85 11.43
CA VAL A 165 40.29 -52.92 10.92
C VAL A 165 41.44 -52.73 11.91
N GLU A 166 41.09 -52.61 13.18
CA GLU A 166 42.09 -52.42 14.20
C GLU A 166 43.04 -53.58 14.27
N TRP A 167 42.52 -54.79 14.25
CA TRP A 167 43.38 -55.97 14.30
C TRP A 167 44.19 -56.19 13.01
N LEU A 168 43.58 -55.93 11.86
CA LEU A 168 44.30 -56.08 10.60
C LEU A 168 45.59 -55.26 10.74
N HIS A 169 45.51 -54.15 11.46
CA HIS A 169 46.68 -53.31 11.67
C HIS A 169 47.66 -53.93 12.63
N ARG A 170 47.15 -54.49 13.73
CA ARG A 170 47.98 -55.15 14.73
C ARG A 170 48.88 -56.13 13.95
N TYR A 171 48.25 -56.92 13.09
CA TYR A 171 48.97 -57.93 12.32
C TYR A 171 49.94 -57.34 11.30
N LEU A 172 49.52 -56.26 10.62
CA LEU A 172 50.38 -55.66 9.62
C LEU A 172 51.66 -55.05 10.20
N LYS A 173 51.60 -54.62 11.46
CA LYS A 173 52.79 -54.08 12.11
C LYS A 173 53.70 -55.24 12.56
N ASN A 174 53.07 -56.34 13.00
CA ASN A 174 53.75 -57.55 13.48
C ASN A 174 54.73 -58.22 12.51
N GLY A 175 54.66 -57.86 11.23
CA GLY A 175 55.58 -58.43 10.24
C GLY A 175 56.07 -57.47 9.15
N GLN B 1 41.12 -60.57 16.77
CA GLN B 1 39.70 -60.81 17.13
C GLN B 1 38.83 -61.13 15.96
N LEU B 2 37.93 -62.05 16.19
CA LEU B 2 37.03 -62.50 15.17
C LEU B 2 35.66 -61.82 15.22
N SER B 3 34.91 -62.04 14.15
CA SER B 3 33.58 -61.51 14.04
C SER B 3 32.81 -62.18 15.16
N PRO B 4 31.83 -61.48 15.74
CA PRO B 4 31.03 -62.03 16.83
C PRO B 4 30.17 -63.23 16.39
N PHE B 5 29.67 -63.99 17.37
CA PHE B 5 28.81 -65.15 17.09
C PHE B 5 27.71 -64.63 16.13
N PRO B 6 27.44 -65.37 15.05
CA PRO B 6 26.39 -64.87 14.14
C PRO B 6 24.92 -65.15 14.54
N PHE B 7 24.00 -64.43 13.90
CA PHE B 7 22.58 -64.60 14.16
C PHE B 7 22.10 -65.92 13.56
N ASP B 8 20.91 -66.37 13.97
CA ASP B 8 20.35 -67.62 13.48
C ASP B 8 19.89 -67.47 12.04
N LEU B 9 20.08 -68.50 11.23
CA LEU B 9 19.64 -68.45 9.84
C LEU B 9 18.13 -68.64 9.85
N SER C 1 32.17 -56.75 31.25
CA SER C 1 31.91 -55.87 32.43
C SER C 1 31.28 -54.51 32.04
N VAL C 2 30.19 -54.17 32.72
CA VAL C 2 29.46 -52.91 32.54
C VAL C 2 29.27 -52.42 33.96
N THR C 3 29.23 -51.11 34.15
CA THR C 3 29.08 -50.57 35.48
C THR C 3 28.04 -49.48 35.57
N GLN C 4 27.12 -49.64 36.52
CA GLN C 4 26.06 -48.68 36.82
C GLN C 4 26.47 -48.22 38.21
N PRO C 5 27.09 -47.05 38.28
CA PRO C 5 27.59 -46.41 39.50
C PRO C 5 26.58 -46.12 40.61
N ASP C 6 25.33 -45.89 40.24
CA ASP C 6 24.31 -45.57 41.23
C ASP C 6 23.32 -46.70 41.47
N ALA C 7 23.22 -47.13 42.73
CA ALA C 7 22.32 -48.19 43.13
C ALA C 7 20.86 -47.73 43.13
N ARG C 8 20.61 -46.54 43.66
CA ARG C 8 19.25 -45.98 43.72
C ARG C 8 19.24 -44.56 43.17
N VAL C 9 18.14 -44.17 42.54
CA VAL C 9 17.99 -42.82 42.00
C VAL C 9 16.55 -42.40 42.19
N THR C 10 16.36 -41.16 42.61
CA THR C 10 15.01 -40.64 42.84
C THR C 10 14.76 -39.37 42.05
N VAL C 11 13.62 -39.31 41.37
CA VAL C 11 13.28 -38.12 40.59
C VAL C 11 11.85 -37.71 40.80
N SER C 12 11.61 -36.40 40.63
CA SER C 12 10.26 -35.84 40.78
C SER C 12 9.48 -36.10 39.52
N GLU C 13 8.29 -36.66 39.66
CA GLU C 13 7.47 -36.94 38.49
C GLU C 13 7.48 -35.71 37.58
N GLY C 14 7.60 -35.94 36.28
CA GLY C 14 7.63 -34.83 35.35
C GLY C 14 9.04 -34.39 34.97
N ALA C 15 10.00 -34.64 35.85
CA ALA C 15 11.39 -34.25 35.59
C ALA C 15 12.11 -35.20 34.63
N SER C 16 13.33 -34.82 34.27
CA SER C 16 14.12 -35.64 33.38
C SER C 16 14.85 -36.66 34.24
N LEU C 17 15.19 -37.79 33.62
CA LEU C 17 15.93 -38.86 34.30
C LEU C 17 17.15 -39.25 33.48
N GLN C 18 18.24 -39.54 34.17
CA GLN C 18 19.47 -39.96 33.51
C GLN C 18 20.16 -41.03 34.35
N LEU C 19 20.31 -42.23 33.78
CA LEU C 19 20.98 -43.33 34.46
C LEU C 19 22.30 -43.56 33.75
N ARG C 20 23.38 -43.46 34.51
CA ARG C 20 24.70 -43.64 33.92
C ARG C 20 25.14 -45.09 33.78
N CYS C 21 25.94 -45.33 32.74
CA CYS C 21 26.48 -46.66 32.48
C CYS C 21 27.86 -46.58 31.83
N LYS C 22 28.84 -47.23 32.45
CA LYS C 22 30.18 -47.24 31.90
C LYS C 22 30.47 -48.67 31.54
N TYR C 23 31.22 -48.86 30.47
CA TYR C 23 31.59 -50.20 30.05
C TYR C 23 33.09 -50.31 29.83
N SER C 24 33.64 -51.44 30.24
CA SER C 24 35.05 -51.77 30.05
C SER C 24 34.96 -53.08 29.31
N TYR C 25 35.21 -53.06 28.02
CA TYR C 25 35.11 -54.27 27.25
C TYR C 25 35.96 -54.01 26.02
N SER C 26 36.97 -54.82 25.84
CA SER C 26 37.86 -54.65 24.71
C SER C 26 37.21 -54.80 23.33
N ALA C 27 36.53 -55.93 23.11
CA ALA C 27 35.89 -56.22 21.83
C ALA C 27 34.80 -55.25 21.40
N THR C 28 34.18 -55.56 20.26
CA THR C 28 33.11 -54.75 19.73
C THR C 28 31.98 -54.70 20.75
N PRO C 29 31.66 -53.49 21.23
CA PRO C 29 30.59 -53.37 22.22
C PRO C 29 29.20 -53.40 21.64
N TYR C 30 28.38 -54.28 22.20
CA TYR C 30 26.97 -54.41 21.82
C TYR C 30 26.24 -54.12 23.11
N LEU C 31 25.78 -52.87 23.27
CA LEU C 31 25.14 -52.44 24.50
C LEU C 31 23.61 -52.40 24.47
N PHE C 32 23.01 -52.72 25.61
CA PHE C 32 21.56 -52.70 25.74
C PHE C 32 21.09 -52.10 27.06
N TRP C 33 19.81 -51.76 27.12
CA TRP C 33 19.20 -51.25 28.34
C TRP C 33 17.88 -52.01 28.57
N TYR C 34 17.78 -52.67 29.72
CA TYR C 34 16.57 -53.42 30.07
C TYR C 34 15.91 -52.79 31.29
N VAL C 35 14.58 -52.85 31.32
CA VAL C 35 13.83 -52.32 32.45
C VAL C 35 13.13 -53.52 33.08
N GLN C 36 13.08 -53.57 34.41
CA GLN C 36 12.43 -54.68 35.11
C GLN C 36 11.38 -54.20 36.13
N TYR C 37 10.12 -54.34 35.73
CA TYR C 37 9.02 -53.95 36.59
C TYR C 37 8.77 -55.07 37.59
N PRO C 38 8.43 -54.73 38.85
CA PRO C 38 8.17 -55.68 39.93
C PRO C 38 7.51 -56.99 39.55
N ARG C 39 8.06 -58.10 40.05
CA ARG C 39 7.57 -59.45 39.77
C ARG C 39 7.55 -59.78 38.29
N GLN C 40 8.49 -59.23 37.54
CA GLN C 40 8.55 -59.47 36.09
C GLN C 40 9.96 -59.67 35.56
N GLY C 41 10.05 -60.18 34.34
CA GLY C 41 11.36 -60.37 33.73
C GLY C 41 11.86 -59.07 33.11
N PRO C 42 13.15 -58.98 32.74
CA PRO C 42 13.73 -57.79 32.13
C PRO C 42 13.16 -57.61 30.73
N GLN C 43 12.86 -56.37 30.36
CA GLN C 43 12.32 -56.07 29.03
C GLN C 43 13.26 -55.13 28.33
N LEU C 44 13.48 -55.39 27.04
CA LEU C 44 14.36 -54.53 26.27
C LEU C 44 13.81 -53.13 26.12
N LEU C 45 14.68 -52.15 26.34
CA LEU C 45 14.30 -50.76 26.22
C LEU C 45 14.87 -50.31 24.89
N LEU C 46 16.19 -50.46 24.74
CA LEU C 46 16.88 -50.06 23.52
C LEU C 46 18.22 -50.76 23.43
N LYS C 47 18.84 -50.68 22.25
CA LYS C 47 20.12 -51.32 22.01
C LYS C 47 20.93 -50.51 21.04
N TYR C 48 22.25 -50.69 21.06
CA TYR C 48 23.11 -49.98 20.12
C TYR C 48 24.15 -50.93 19.47
N TYR C 49 24.18 -50.99 18.15
CA TYR C 49 25.14 -51.86 17.49
C TYR C 49 26.19 -51.00 16.80
N SER C 50 25.75 -50.19 15.85
CA SER C 50 26.62 -49.27 15.11
C SER C 50 25.80 -48.11 14.50
N GLY C 51 26.45 -47.16 13.84
CA GLY C 51 25.73 -46.05 13.25
C GLY C 51 25.45 -44.91 14.22
N ASP C 52 24.26 -44.32 14.13
CA ASP C 52 23.87 -43.21 15.02
C ASP C 52 24.21 -43.62 16.45
N PRO C 53 25.06 -42.84 17.14
CA PRO C 53 25.47 -43.09 18.51
C PRO C 53 24.34 -42.83 19.48
N VAL C 54 23.26 -42.24 18.98
CA VAL C 54 22.12 -41.98 19.83
C VAL C 54 20.97 -42.86 19.38
N VAL C 55 20.61 -43.79 20.24
CA VAL C 55 19.53 -44.74 19.93
C VAL C 55 18.23 -44.41 20.64
N GLN C 56 17.10 -44.66 20.00
CA GLN C 56 15.78 -44.40 20.57
C GLN C 56 15.12 -45.69 21.02
N GLY C 57 14.35 -45.63 22.10
CA GLY C 57 13.69 -46.84 22.58
C GLY C 57 12.21 -46.63 22.82
N VAL C 58 11.58 -47.63 23.42
CA VAL C 58 10.17 -47.55 23.74
C VAL C 58 9.99 -46.59 24.92
N ASN C 59 8.76 -46.13 25.15
CA ASN C 59 8.48 -45.24 26.28
C ASN C 59 9.34 -44.00 26.40
N GLY C 60 9.57 -43.31 25.30
CA GLY C 60 10.36 -42.09 25.36
C GLY C 60 11.72 -42.22 26.02
N PHE C 61 12.38 -43.34 25.76
CA PHE C 61 13.70 -43.59 26.30
C PHE C 61 14.69 -43.51 25.18
N GLU C 62 15.90 -43.06 25.52
CA GLU C 62 16.98 -42.96 24.56
C GLU C 62 18.28 -43.06 25.32
N ALA C 63 19.32 -43.45 24.60
CA ALA C 63 20.63 -43.57 25.20
C ALA C 63 21.66 -43.14 24.16
N GLU C 64 22.84 -42.78 24.63
CA GLU C 64 23.90 -42.36 23.74
C GLU C 64 25.20 -43.11 24.01
N PHE C 65 25.71 -43.74 22.95
CA PHE C 65 26.93 -44.49 23.02
C PHE C 65 28.10 -43.55 22.82
N SER C 66 29.11 -43.67 23.68
CA SER C 66 30.30 -42.83 23.59
C SER C 66 31.57 -43.67 23.70
N LYS C 67 32.15 -44.04 22.56
CA LYS C 67 33.38 -44.83 22.57
C LYS C 67 34.43 -44.14 23.42
N SER C 68 34.58 -42.84 23.20
CA SER C 68 35.57 -42.06 23.94
C SER C 68 35.37 -42.15 25.44
N ASN C 69 34.20 -41.71 25.91
CA ASN C 69 33.87 -41.73 27.34
C ASN C 69 33.57 -43.14 27.86
N SER C 70 33.46 -44.11 26.95
CA SER C 70 33.16 -45.50 27.31
C SER C 70 31.89 -45.58 28.13
N SER C 71 30.84 -44.91 27.64
CA SER C 71 29.57 -44.89 28.34
C SER C 71 28.43 -45.18 27.38
N PHE C 72 27.28 -45.44 27.98
CA PHE C 72 26.06 -45.73 27.26
C PHE C 72 24.95 -45.31 28.23
N HIS C 73 24.93 -44.01 28.54
CA HIS C 73 23.96 -43.43 29.46
C HIS C 73 22.52 -43.36 28.94
N LEU C 74 21.59 -43.66 29.83
CA LEU C 74 20.18 -43.66 29.49
C LEU C 74 19.55 -42.31 29.85
N ARG C 75 18.47 -41.95 29.14
CA ARG C 75 17.77 -40.71 29.41
C ARG C 75 16.30 -40.73 28.99
N LYS C 76 15.48 -40.03 29.77
CA LYS C 76 14.06 -39.85 29.48
C LYS C 76 13.82 -38.41 29.91
N ALA C 77 13.19 -37.63 29.03
CA ALA C 77 12.98 -36.21 29.29
C ALA C 77 11.95 -35.91 30.36
N SER C 78 10.93 -36.76 30.46
CA SER C 78 9.89 -36.56 31.45
C SER C 78 9.39 -37.89 32.02
N VAL C 79 9.80 -38.22 33.24
CA VAL C 79 9.38 -39.48 33.85
C VAL C 79 8.01 -39.41 34.49
N HIS C 80 7.36 -40.56 34.62
CA HIS C 80 6.05 -40.64 35.23
C HIS C 80 6.10 -41.74 36.26
N ARG C 81 5.02 -41.91 37.02
CA ARG C 81 4.98 -42.95 38.04
C ARG C 81 5.30 -44.31 37.44
N SER C 82 4.76 -44.55 36.24
CA SER C 82 4.97 -45.79 35.52
C SER C 82 6.42 -46.23 35.37
N ASP C 83 7.32 -45.25 35.33
CA ASP C 83 8.72 -45.56 35.14
C ASP C 83 9.49 -46.07 36.37
N SER C 84 8.87 -46.04 37.55
CA SER C 84 9.55 -46.55 38.74
C SER C 84 9.80 -48.03 38.49
N ALA C 85 11.05 -48.43 38.55
CA ALA C 85 11.44 -49.81 38.30
C ALA C 85 12.95 -49.92 38.38
N VAL C 86 13.47 -51.10 38.09
CA VAL C 86 14.91 -51.32 38.12
C VAL C 86 15.41 -51.36 36.69
N TYR C 87 16.41 -50.53 36.42
CA TYR C 87 16.97 -50.43 35.08
C TYR C 87 18.35 -51.09 34.92
N PHE C 88 18.48 -51.95 33.92
CA PHE C 88 19.74 -52.64 33.70
C PHE C 88 20.45 -52.23 32.42
N CYS C 89 21.77 -52.07 32.55
CA CYS C 89 22.64 -51.74 31.42
C CYS C 89 23.31 -53.06 31.18
N ALA C 90 23.49 -53.42 29.92
CA ALA C 90 24.11 -54.69 29.63
C ALA C 90 24.93 -54.67 28.36
N VAL C 91 26.02 -55.43 28.37
CA VAL C 91 26.86 -55.51 27.20
C VAL C 91 26.94 -56.97 26.83
N SER C 92 26.90 -57.22 25.53
CA SER C 92 27.02 -58.57 25.02
C SER C 92 28.47 -58.86 25.38
N ASP C 93 28.70 -59.71 26.37
CA ASP C 93 30.06 -60.04 26.71
C ASP C 93 30.40 -60.94 25.52
N PRO C 94 31.04 -62.10 25.72
CA PRO C 94 31.20 -62.73 24.39
C PRO C 94 29.83 -63.04 23.76
N PRO C 95 29.49 -62.42 22.62
CA PRO C 95 28.18 -62.79 22.09
C PRO C 95 28.22 -64.30 21.85
N PRO C 96 27.06 -64.97 21.94
CA PRO C 96 25.73 -64.47 22.24
C PRO C 96 25.37 -64.41 23.72
N LEU C 97 26.37 -64.31 24.58
CA LEU C 97 26.11 -64.24 26.01
C LEU C 97 25.93 -62.78 26.42
N LEU C 98 25.10 -62.53 27.42
CA LEU C 98 24.82 -61.18 27.87
C LEU C 98 25.19 -60.96 29.31
N THR C 99 25.96 -59.91 29.59
CA THR C 99 26.36 -59.59 30.94
C THR C 99 25.62 -58.35 31.46
N PHE C 100 24.86 -58.55 32.54
CA PHE C 100 24.07 -57.49 33.15
C PHE C 100 24.82 -56.65 34.19
N GLY C 101 24.34 -55.43 34.41
CA GLY C 101 24.94 -54.56 35.39
C GLY C 101 24.25 -54.86 36.70
N SER C 102 24.69 -54.21 37.77
CA SER C 102 24.11 -54.43 39.09
C SER C 102 22.71 -53.85 39.18
N GLY C 103 22.36 -53.06 38.16
CA GLY C 103 21.05 -52.46 38.10
C GLY C 103 20.96 -51.19 38.91
N THR C 104 19.92 -50.41 38.64
CA THR C 104 19.64 -49.15 39.32
C THR C 104 18.15 -49.06 39.55
N LYS C 105 17.77 -48.75 40.78
CA LYS C 105 16.36 -48.62 41.15
C LYS C 105 15.93 -47.18 41.03
N VAL C 106 14.91 -46.94 40.21
CA VAL C 106 14.39 -45.59 39.98
C VAL C 106 13.07 -45.40 40.71
N ILE C 107 13.01 -44.34 41.52
CA ILE C 107 11.81 -44.00 42.29
C ILE C 107 11.29 -42.60 41.91
N VAL C 108 10.09 -42.55 41.36
CA VAL C 108 9.49 -41.29 40.93
C VAL C 108 8.38 -40.87 41.92
N LEU C 109 8.36 -39.58 42.29
CA LEU C 109 7.44 -39.06 43.29
C LEU C 109 6.02 -38.51 42.95
N GLU D 1 9.06 -61.01 25.94
CA GLU D 1 8.36 -61.85 24.93
C GLU D 1 7.36 -62.81 25.55
N ALA D 2 6.13 -62.77 25.03
CA ALA D 2 5.08 -63.65 25.50
C ALA D 2 5.35 -65.05 24.97
N ALA D 3 6.39 -65.18 24.15
CA ALA D 3 6.77 -66.47 23.56
C ALA D 3 7.55 -67.33 24.58
N VAL D 4 8.15 -66.67 25.55
CA VAL D 4 8.92 -67.37 26.58
C VAL D 4 8.05 -67.58 27.83
N THR D 5 7.75 -68.85 28.13
CA THR D 5 6.94 -69.21 29.29
C THR D 5 7.65 -70.22 30.20
N GLN D 6 7.77 -69.86 31.48
CA GLN D 6 8.43 -70.72 32.46
C GLN D 6 7.41 -71.39 33.35
N SER D 7 7.76 -72.54 33.89
CA SER D 7 6.87 -73.27 34.74
C SER D 7 7.63 -73.96 35.85
N PRO D 8 7.21 -73.74 37.10
CA PRO D 8 6.08 -72.90 37.53
C PRO D 8 6.51 -71.48 37.84
N ARG D 9 5.60 -70.64 38.34
CA ARG D 9 5.98 -69.28 38.69
C ARG D 9 6.47 -69.24 40.12
N ASN D 10 5.93 -70.13 40.95
CA ASN D 10 6.31 -70.23 42.34
C ASN D 10 6.49 -71.68 42.73
N LYS D 11 7.63 -71.98 43.33
CA LYS D 11 7.94 -73.34 43.73
C LYS D 11 8.66 -73.31 45.07
N VAL D 12 8.26 -74.21 45.95
CA VAL D 12 8.94 -74.34 47.24
C VAL D 12 9.47 -75.75 47.19
N ALA D 13 10.74 -75.93 47.56
CA ALA D 13 11.34 -77.25 47.54
C ALA D 13 11.97 -77.54 48.88
N VAL D 14 12.04 -78.82 49.21
CA VAL D 14 12.63 -79.27 50.47
C VAL D 14 14.09 -79.55 50.17
N THR D 15 14.95 -79.39 51.18
CA THR D 15 16.37 -79.61 50.97
C THR D 15 16.60 -81.02 50.44
N GLY D 16 17.33 -81.12 49.33
CA GLY D 16 17.61 -82.41 48.71
C GLY D 16 16.72 -82.74 47.51
N GLU D 17 15.55 -82.13 47.45
CA GLU D 17 14.61 -82.34 46.35
C GLU D 17 15.22 -82.13 44.97
N LYS D 18 14.84 -82.96 44.00
CA LYS D 18 15.34 -82.81 42.65
C LYS D 18 14.35 -81.90 42.00
N VAL D 19 14.78 -80.68 41.67
CA VAL D 19 13.91 -79.69 41.06
C VAL D 19 14.22 -79.44 39.60
N THR D 20 13.18 -79.34 38.77
CA THR D 20 13.37 -79.09 37.36
C THR D 20 12.53 -77.92 36.90
N LEU D 21 13.18 -76.82 36.55
CA LEU D 21 12.46 -75.66 36.04
C LEU D 21 12.33 -75.82 34.51
N SER D 22 11.15 -75.55 33.98
CA SER D 22 10.93 -75.72 32.55
C SER D 22 10.71 -74.44 31.80
N CYS D 23 11.30 -74.36 30.61
CA CYS D 23 11.13 -73.18 29.78
C CYS D 23 10.67 -73.56 28.38
N ASN D 24 9.77 -72.76 27.82
CA ASN D 24 9.27 -73.03 26.49
C ASN D 24 9.28 -71.72 25.71
N GLN D 25 9.76 -71.76 24.47
CA GLN D 25 9.78 -70.56 23.62
C GLN D 25 9.38 -70.84 22.18
N THR D 26 8.37 -70.11 21.72
CA THR D 26 7.87 -70.23 20.36
C THR D 26 8.40 -69.07 19.51
N ASN D 27 9.64 -68.67 19.77
CA ASN D 27 10.26 -67.60 19.04
C ASN D 27 11.06 -68.19 17.91
N ASN D 28 11.21 -69.50 17.92
CA ASN D 28 12.00 -70.16 16.88
C ASN D 28 13.48 -69.72 16.96
N HIS D 29 13.94 -69.46 18.18
CA HIS D 29 15.30 -69.03 18.48
C HIS D 29 16.16 -70.23 18.78
N ASN D 30 17.44 -70.14 18.44
CA ASN D 30 18.33 -71.26 18.71
C ASN D 30 18.93 -71.17 20.10
N ASN D 31 19.25 -69.95 20.52
CA ASN D 31 19.85 -69.75 21.82
C ASN D 31 18.83 -69.58 22.96
N MET D 32 19.07 -70.31 24.04
CA MET D 32 18.23 -70.25 25.23
C MET D 32 19.14 -70.17 26.45
N TYR D 33 18.69 -69.46 27.47
CA TYR D 33 19.50 -69.27 28.67
C TYR D 33 18.71 -69.41 29.98
N TRP D 34 19.45 -69.62 31.07
CA TRP D 34 18.88 -69.69 32.41
C TRP D 34 19.71 -68.81 33.32
N TYR D 35 19.10 -67.73 33.82
CA TYR D 35 19.78 -66.82 34.73
C TYR D 35 19.11 -66.91 36.09
N ARG D 36 19.77 -66.39 37.11
CA ARG D 36 19.19 -66.35 38.44
C ARG D 36 19.50 -64.95 38.98
N GLN D 37 18.53 -64.39 39.68
CA GLN D 37 18.63 -63.06 40.24
C GLN D 37 18.13 -63.23 41.66
N ASP D 38 18.92 -62.81 42.63
CA ASP D 38 18.48 -63.00 44.00
C ASP D 38 18.65 -61.86 44.99
N THR D 39 18.46 -60.63 44.53
CA THR D 39 18.56 -59.46 45.40
C THR D 39 17.94 -58.33 44.61
N GLY D 40 17.25 -58.68 43.52
CA GLY D 40 16.64 -57.69 42.66
C GLY D 40 17.78 -57.02 41.91
N HIS D 41 18.96 -57.59 42.06
CA HIS D 41 20.16 -57.08 41.43
C HIS D 41 20.53 -57.83 40.17
N GLU D 42 21.83 -57.89 39.95
CA GLU D 42 22.37 -58.54 38.78
C GLU D 42 21.86 -59.95 38.54
N LEU D 43 21.56 -60.26 37.30
CA LEU D 43 21.13 -61.60 36.94
C LEU D 43 22.40 -62.34 36.52
N ARG D 44 22.57 -63.57 36.97
CA ARG D 44 23.75 -64.30 36.60
C ARG D 44 23.44 -65.60 35.82
N LEU D 45 24.17 -65.80 34.72
CA LEU D 45 24.00 -66.95 33.85
C LEU D 45 24.41 -68.24 34.52
N ILE D 46 23.53 -69.23 34.42
CA ILE D 46 23.79 -70.53 35.02
C ILE D 46 24.19 -71.49 33.91
N TYR D 47 23.31 -71.61 32.92
CA TYR D 47 23.49 -72.50 31.78
C TYR D 47 22.83 -71.90 30.54
N TYR D 48 23.35 -72.25 29.37
CA TYR D 48 22.77 -71.78 28.14
C TYR D 48 22.83 -72.88 27.10
N SER D 49 22.29 -72.62 25.92
CA SER D 49 22.26 -73.63 24.86
C SER D 49 22.25 -73.00 23.47
N TYR D 50 23.12 -73.48 22.59
CA TYR D 50 23.21 -72.95 21.24
C TYR D 50 22.08 -73.48 20.33
N GLY D 51 21.36 -74.49 20.81
CA GLY D 51 20.28 -75.07 20.04
C GLY D 51 20.05 -76.48 20.57
N ALA D 52 19.10 -77.21 20.00
CA ALA D 52 18.84 -78.57 20.50
C ALA D 52 20.11 -79.39 20.64
N GLY D 53 20.23 -80.11 21.76
CA GLY D 53 21.39 -80.94 21.96
C GLY D 53 22.58 -80.23 22.55
N SER D 54 22.52 -78.90 22.66
CA SER D 54 23.62 -78.13 23.24
C SER D 54 23.35 -77.77 24.71
N THR D 55 24.38 -77.88 25.53
CA THR D 55 24.27 -77.60 26.96
C THR D 55 25.58 -76.98 27.44
N GLU D 56 25.59 -75.69 27.69
CA GLU D 56 26.84 -75.05 28.10
C GLU D 56 26.78 -74.40 29.47
N LYS D 57 27.77 -74.70 30.30
CA LYS D 57 27.83 -74.15 31.65
C LYS D 57 28.06 -72.65 31.61
N GLY D 58 27.41 -71.95 32.53
CA GLY D 58 27.54 -70.51 32.62
C GLY D 58 28.65 -70.11 33.57
N ASP D 59 28.37 -69.12 34.41
CA ASP D 59 29.38 -68.65 35.36
C ASP D 59 29.23 -69.36 36.70
N ILE D 60 28.02 -69.84 36.97
CA ILE D 60 27.75 -70.51 38.23
C ILE D 60 26.95 -71.78 37.97
N PRO D 61 27.53 -72.74 37.23
CA PRO D 61 26.84 -73.98 36.91
C PRO D 61 26.80 -75.05 37.99
N ASP D 62 27.54 -74.84 39.09
CA ASP D 62 27.61 -75.84 40.17
C ASP D 62 26.31 -76.13 40.88
N GLY D 63 25.96 -77.42 40.89
CA GLY D 63 24.74 -77.87 41.51
C GLY D 63 23.62 -77.88 40.49
N TYR D 64 23.92 -77.44 39.28
CA TYR D 64 22.94 -77.39 38.20
C TYR D 64 23.31 -78.29 37.04
N LYS D 65 22.27 -78.78 36.36
CA LYS D 65 22.38 -79.65 35.19
C LYS D 65 21.38 -79.03 34.19
N ALA D 66 21.62 -79.14 32.90
CA ALA D 66 20.67 -78.57 31.95
C ALA D 66 20.31 -79.56 30.87
N SER D 67 19.25 -79.28 30.14
CA SER D 67 18.82 -80.17 29.07
C SER D 67 18.07 -79.44 27.95
N ARG D 68 18.54 -79.62 26.72
CA ARG D 68 17.90 -78.99 25.57
C ARG D 68 17.40 -80.09 24.65
N PRO D 69 16.32 -80.77 25.06
CA PRO D 69 15.74 -81.86 24.27
C PRO D 69 15.32 -81.43 22.86
N SER D 70 14.77 -80.22 22.75
CA SER D 70 14.33 -79.74 21.46
C SER D 70 14.64 -78.27 21.25
N GLN D 71 14.06 -77.73 20.18
CA GLN D 71 14.24 -76.34 19.81
C GLN D 71 13.68 -75.42 20.84
N GLU D 72 12.42 -75.60 21.19
CA GLU D 72 11.77 -74.71 22.14
C GLU D 72 11.78 -75.09 23.59
N ASN D 73 12.46 -76.16 23.96
CA ASN D 73 12.47 -76.51 25.37
C ASN D 73 13.86 -76.62 25.99
N PHE D 74 14.05 -75.85 27.05
CA PHE D 74 15.31 -75.83 27.76
C PHE D 74 14.92 -75.91 29.24
N SER D 75 15.35 -76.98 29.92
CA SER D 75 15.03 -77.14 31.34
C SER D 75 16.26 -77.14 32.24
N LEU D 76 16.18 -76.44 33.38
CA LEU D 76 17.27 -76.37 34.32
C LEU D 76 16.95 -77.32 35.47
N THR D 77 17.91 -78.15 35.88
CA THR D 77 17.68 -79.09 36.97
C THR D 77 18.62 -78.94 38.17
N LEU D 78 18.03 -78.79 39.34
CA LEU D 78 18.76 -78.70 40.60
C LEU D 78 18.70 -80.14 41.06
N GLU D 79 19.81 -80.86 40.91
CA GLU D 79 19.84 -82.27 41.28
C GLU D 79 19.47 -82.52 42.73
N SER D 80 19.94 -81.66 43.62
CA SER D 80 19.64 -81.78 45.04
C SER D 80 19.53 -80.40 45.65
N ALA D 81 18.30 -79.91 45.75
CA ALA D 81 18.04 -78.60 46.30
C ALA D 81 18.81 -78.30 47.58
N THR D 82 19.36 -77.09 47.62
CA THR D 82 20.10 -76.57 48.77
C THR D 82 19.72 -75.09 48.88
N PRO D 83 19.54 -74.58 50.11
CA PRO D 83 19.17 -73.18 50.28
C PRO D 83 19.98 -72.16 49.49
N SER D 84 21.20 -72.50 49.07
CA SER D 84 22.01 -71.52 48.32
C SER D 84 21.38 -71.31 46.95
N GLN D 85 20.48 -72.22 46.58
CA GLN D 85 19.81 -72.12 45.31
C GLN D 85 18.48 -71.38 45.38
N THR D 86 18.03 -70.94 46.56
CA THR D 86 16.77 -70.23 46.55
C THR D 86 17.08 -68.87 45.90
N SER D 87 16.30 -68.54 44.87
CA SER D 87 16.48 -67.33 44.07
C SER D 87 15.37 -67.24 43.00
N VAL D 88 15.38 -66.20 42.17
CA VAL D 88 14.38 -66.10 41.12
C VAL D 88 15.10 -66.49 39.82
N TYR D 89 14.57 -67.48 39.14
CA TYR D 89 15.17 -67.97 37.92
C TYR D 89 14.47 -67.46 36.67
N PHE D 90 15.28 -66.93 35.75
CA PHE D 90 14.76 -66.41 34.49
C PHE D 90 15.34 -67.15 33.31
N CYS D 91 14.46 -67.41 32.37
CA CYS D 91 14.82 -68.09 31.15
C CYS D 91 14.71 -67.07 30.03
N ALA D 92 15.56 -67.21 29.02
CA ALA D 92 15.54 -66.29 27.89
C ALA D 92 15.88 -67.02 26.58
N SER D 93 15.43 -66.45 25.47
CA SER D 93 15.73 -67.03 24.18
C SER D 93 16.23 -65.87 23.34
N GLY D 94 16.94 -66.19 22.26
CA GLY D 94 17.46 -65.13 21.41
C GLY D 94 18.01 -65.73 20.14
N GLY D 95 17.85 -65.00 19.04
CA GLY D 95 18.34 -65.47 17.76
C GLY D 95 19.52 -64.63 17.34
N GLY D 96 20.32 -64.24 18.32
CA GLY D 96 21.48 -63.40 18.06
C GLY D 96 21.06 -61.97 18.38
N GLY D 97 21.89 -61.26 19.12
CA GLY D 97 21.53 -59.90 19.49
C GLY D 97 20.63 -59.90 20.71
N THR D 98 19.43 -59.36 20.58
CA THR D 98 18.45 -59.28 21.67
C THR D 98 18.02 -60.58 22.33
N LEU D 99 17.92 -60.52 23.65
CA LEU D 99 17.51 -61.64 24.50
C LEU D 99 16.11 -61.35 25.07
N TYR D 100 15.20 -62.32 24.97
CA TYR D 100 13.83 -62.17 25.46
C TYR D 100 13.58 -63.07 26.67
N PHE D 101 13.21 -62.45 27.79
CA PHE D 101 13.00 -63.17 29.05
C PHE D 101 11.59 -63.62 29.41
N GLY D 102 11.52 -64.67 30.22
CA GLY D 102 10.24 -65.17 30.69
C GLY D 102 9.83 -64.42 31.96
N ALA D 103 8.64 -64.69 32.48
CA ALA D 103 8.12 -64.04 33.69
C ALA D 103 8.93 -64.29 34.96
N GLY D 104 9.67 -65.39 34.97
CA GLY D 104 10.47 -65.72 36.14
C GLY D 104 9.83 -66.83 36.94
N THR D 105 10.67 -67.50 37.72
CA THR D 105 10.22 -68.58 38.57
C THR D 105 10.87 -68.40 39.93
N ARG D 106 10.08 -68.02 40.93
CA ARG D 106 10.56 -67.83 42.27
C ARG D 106 10.61 -69.19 42.97
N LEU D 107 11.82 -69.60 43.37
CA LEU D 107 12.05 -70.87 44.01
C LEU D 107 12.71 -70.69 45.36
N SER D 108 12.08 -71.25 46.39
CA SER D 108 12.61 -71.16 47.74
C SER D 108 12.86 -72.58 48.26
N VAL D 109 13.92 -72.72 49.04
CA VAL D 109 14.28 -74.02 49.58
C VAL D 109 14.15 -73.99 51.09
N LEU D 110 13.16 -74.72 51.59
CA LEU D 110 12.90 -74.83 53.01
C LEU D 110 13.84 -75.94 53.51
N SER D 111 14.43 -75.79 54.70
CA SER D 111 15.33 -76.85 55.18
C SER D 111 14.54 -78.00 55.80
N GLY E 1 48.50 59.20 -14.50
CA GLY E 1 47.57 60.06 -13.67
C GLY E 1 46.29 60.52 -14.35
N PRO E 2 45.25 60.84 -13.57
CA PRO E 2 43.94 61.31 -14.05
C PRO E 2 43.94 62.73 -14.64
N HIS E 3 42.97 62.99 -15.52
CA HIS E 3 42.80 64.28 -16.18
C HIS E 3 41.34 64.67 -16.09
N SER E 4 41.03 65.92 -16.39
CA SER E 4 39.65 66.34 -16.30
C SER E 4 39.27 67.45 -17.24
N MET E 5 37.98 67.54 -17.56
CA MET E 5 37.43 68.59 -18.39
C MET E 5 36.21 69.09 -17.66
N ARG E 6 35.96 70.39 -17.70
CA ARG E 6 34.82 70.92 -16.96
C ARG E 6 34.29 72.18 -17.66
N TYR E 7 32.97 72.29 -17.77
CA TYR E 7 32.38 73.48 -18.38
C TYR E 7 31.44 74.16 -17.39
N TYR E 8 31.48 75.48 -17.37
CA TYR E 8 30.63 76.26 -16.48
C TYR E 8 29.80 77.27 -17.25
N GLU E 9 28.50 77.05 -17.30
CA GLU E 9 27.60 77.98 -17.99
C GLU E 9 26.86 78.74 -16.88
N THR E 10 26.84 80.07 -16.97
CA THR E 10 26.14 80.87 -15.97
C THR E 10 25.34 81.98 -16.62
N ALA E 11 24.06 82.05 -16.25
CA ALA E 11 23.15 83.06 -16.76
C ALA E 11 22.75 83.96 -15.60
N THR E 12 22.89 85.26 -15.80
CA THR E 12 22.56 86.23 -14.76
C THR E 12 21.63 87.32 -15.28
N SER E 13 20.41 87.35 -14.75
CA SER E 13 19.44 88.36 -15.15
C SER E 13 19.50 89.46 -14.11
N ARG E 14 19.40 90.71 -14.56
CA ARG E 14 19.47 91.82 -13.62
C ARG E 14 18.33 92.81 -13.76
N ARG E 15 17.96 93.42 -12.62
CA ARG E 15 16.87 94.40 -12.52
C ARG E 15 16.63 95.25 -13.77
N GLY E 16 15.54 94.94 -14.49
CA GLY E 16 15.17 95.66 -15.70
C GLY E 16 16.29 95.93 -16.67
N LEU E 17 17.39 95.18 -16.58
CA LEU E 17 18.53 95.34 -17.47
C LEU E 17 18.42 94.38 -18.66
N GLY E 18 17.21 94.26 -19.20
CA GLY E 18 16.97 93.39 -20.35
C GLY E 18 17.19 91.90 -20.13
N GLU E 19 17.52 91.21 -21.22
CA GLU E 19 17.76 89.76 -21.17
C GLU E 19 19.03 89.45 -20.38
N PRO E 20 19.06 88.29 -19.71
CA PRO E 20 20.20 87.86 -18.90
C PRO E 20 21.52 87.75 -19.66
N ARG E 21 22.62 87.82 -18.92
CA ARG E 21 23.94 87.70 -19.51
C ARG E 21 24.35 86.23 -19.42
N TYR E 22 24.85 85.70 -20.53
CA TYR E 22 25.26 84.30 -20.61
C TYR E 22 26.73 84.15 -20.89
N THR E 23 27.36 83.31 -20.10
CA THR E 23 28.77 83.03 -20.30
C THR E 23 29.00 81.53 -20.13
N SER E 24 30.00 81.03 -20.85
CA SER E 24 30.33 79.63 -20.78
C SER E 24 31.85 79.49 -20.89
N VAL E 25 32.46 78.84 -19.91
CA VAL E 25 33.90 78.67 -19.94
C VAL E 25 34.27 77.21 -19.72
N GLY E 26 35.28 76.77 -20.46
CA GLY E 26 35.71 75.39 -20.35
C GLY E 26 37.13 75.28 -19.83
N TYR E 27 37.37 74.23 -19.06
CA TYR E 27 38.68 73.98 -18.46
C TYR E 27 39.14 72.55 -18.76
N VAL E 28 40.40 72.40 -19.16
CA VAL E 28 40.96 71.07 -19.36
C VAL E 28 41.97 71.03 -18.21
N ASP E 29 41.90 69.98 -17.40
CA ASP E 29 42.76 69.88 -16.22
C ASP E 29 42.39 71.16 -15.51
N ASP E 30 43.31 72.06 -15.21
CA ASP E 30 42.80 73.27 -14.55
C ASP E 30 43.14 74.54 -15.28
N LYS E 31 43.08 74.46 -16.60
CA LYS E 31 43.38 75.60 -17.43
C LYS E 31 42.18 75.91 -18.33
N GLU E 32 41.82 77.18 -18.39
CA GLU E 32 40.71 77.61 -19.23
C GLU E 32 41.21 77.52 -20.68
N PHE E 33 40.45 76.88 -21.56
CA PHE E 33 40.88 76.75 -22.95
C PHE E 33 39.86 77.24 -23.96
N VAL E 34 38.64 77.49 -23.51
CA VAL E 34 37.61 77.96 -24.40
C VAL E 34 36.64 78.84 -23.62
N ARG E 35 36.01 79.80 -24.29
CA ARG E 35 35.10 80.71 -23.59
C ARG E 35 34.09 81.39 -24.51
N PHE E 36 32.92 81.72 -23.97
CA PHE E 36 31.85 82.37 -24.73
C PHE E 36 31.17 83.42 -23.87
N ASP E 37 30.96 84.61 -24.43
CA ASP E 37 30.34 85.69 -23.68
C ASP E 37 29.23 86.35 -24.50
N SER E 38 28.02 86.38 -23.98
CA SER E 38 26.91 86.99 -24.72
C SER E 38 27.03 88.50 -24.68
N ASP E 39 27.84 89.00 -23.74
CA ASP E 39 28.05 90.44 -23.59
C ASP E 39 29.01 90.93 -24.66
N ALA E 40 29.59 89.99 -25.39
CA ALA E 40 30.53 90.34 -26.45
C ALA E 40 29.80 91.00 -27.62
N GLU E 41 30.53 91.83 -28.35
CA GLU E 41 29.98 92.53 -29.51
C GLU E 41 29.53 91.49 -30.52
N ASN E 42 30.35 90.44 -30.63
CA ASN E 42 30.10 89.32 -31.53
C ASN E 42 30.15 88.03 -30.71
N PRO E 43 29.02 87.66 -30.08
CA PRO E 43 28.96 86.44 -29.27
C PRO E 43 29.47 85.26 -30.07
N ARG E 44 30.54 84.65 -29.57
CA ARG E 44 31.15 83.50 -30.23
C ARG E 44 32.02 82.74 -29.26
N TYR E 45 32.14 81.44 -29.47
CA TYR E 45 33.00 80.62 -28.63
C TYR E 45 34.39 80.87 -29.20
N GLU E 46 35.35 81.13 -28.34
CA GLU E 46 36.71 81.38 -28.82
C GLU E 46 37.81 80.71 -28.00
N PRO E 47 38.92 80.39 -28.66
CA PRO E 47 40.07 79.73 -28.03
C PRO E 47 40.77 80.65 -27.06
N GLN E 48 41.05 80.12 -25.86
CA GLN E 48 41.73 80.88 -24.81
C GLN E 48 43.21 80.53 -24.69
N VAL E 49 43.64 79.53 -25.44
CA VAL E 49 45.03 79.13 -25.47
C VAL E 49 45.36 78.76 -26.92
N PRO E 50 46.60 79.01 -27.35
CA PRO E 50 47.02 78.72 -28.72
C PRO E 50 46.76 77.32 -29.30
N TRP E 51 47.03 76.26 -28.54
CA TRP E 51 46.79 74.94 -29.12
C TRP E 51 45.34 74.65 -29.52
N MET E 52 44.40 75.49 -29.11
CA MET E 52 43.01 75.27 -29.49
C MET E 52 42.73 75.88 -30.84
N GLU E 53 43.68 76.69 -31.34
CA GLU E 53 43.51 77.33 -32.63
C GLU E 53 43.62 76.31 -33.76
N GLN E 54 44.07 75.10 -33.41
CA GLN E 54 44.20 74.05 -34.40
C GLN E 54 42.91 73.24 -34.60
N GLU E 55 41.77 73.89 -34.36
CA GLU E 55 40.47 73.27 -34.54
C GLU E 55 39.81 73.97 -35.72
N GLY E 56 39.25 73.18 -36.64
CA GLY E 56 38.62 73.75 -37.82
C GLY E 56 37.57 74.82 -37.55
N PRO E 57 37.19 75.57 -38.60
CA PRO E 57 36.18 76.63 -38.48
C PRO E 57 34.81 76.01 -38.20
N GLU E 58 34.62 74.80 -38.70
CA GLU E 58 33.38 74.07 -38.50
C GLU E 58 33.16 73.79 -37.02
N TYR E 59 34.27 73.56 -36.32
CA TYR E 59 34.26 73.29 -34.89
C TYR E 59 33.70 74.48 -34.13
N TRP E 60 34.34 75.63 -34.31
CA TRP E 60 33.92 76.85 -33.66
C TRP E 60 32.51 77.26 -34.06
N GLU E 61 32.06 76.80 -35.23
CA GLU E 61 30.73 77.13 -35.68
C GLU E 61 29.65 76.45 -34.86
N ARG E 62 29.67 75.11 -34.81
CA ARG E 62 28.63 74.41 -34.06
C ARG E 62 28.73 74.62 -32.56
N ILE E 63 29.95 74.76 -32.06
CA ILE E 63 30.16 75.02 -30.64
C ILE E 63 29.41 76.33 -30.33
N THR E 64 29.60 77.34 -31.18
CA THR E 64 28.94 78.62 -31.00
C THR E 64 27.43 78.47 -31.10
N GLN E 65 26.96 77.67 -32.04
CA GLN E 65 25.53 77.46 -32.21
C GLN E 65 24.88 76.81 -31.00
N VAL E 66 25.63 75.94 -30.34
CA VAL E 66 25.15 75.27 -29.13
C VAL E 66 24.97 76.33 -28.07
N ALA E 67 25.96 77.24 -27.98
CA ALA E 67 25.95 78.31 -26.99
C ALA E 67 24.73 79.20 -27.12
N LYS E 68 24.34 79.49 -28.36
CA LYS E 68 23.20 80.35 -28.60
C LYS E 68 21.93 79.64 -28.16
N GLY E 69 21.91 78.32 -28.36
CA GLY E 69 20.76 77.55 -27.95
C GLY E 69 20.69 77.55 -26.43
N GLN E 70 21.84 77.31 -25.80
CA GLN E 70 21.96 77.29 -24.35
C GLN E 70 21.47 78.60 -23.74
N GLU E 71 21.79 79.70 -24.41
CA GLU E 71 21.39 81.01 -23.92
C GLU E 71 19.86 81.04 -23.74
N GLN E 72 19.15 80.45 -24.69
CA GLN E 72 17.70 80.41 -24.63
C GLN E 72 17.23 79.51 -23.50
N TRP E 73 17.89 78.36 -23.34
CA TRP E 73 17.49 77.42 -22.29
C TRP E 73 17.47 78.11 -20.95
N PHE E 74 18.54 78.85 -20.67
CA PHE E 74 18.67 79.58 -19.41
C PHE E 74 17.59 80.65 -19.32
N ARG E 75 17.44 81.39 -20.41
CA ARG E 75 16.46 82.46 -20.47
C ARG E 75 15.11 81.89 -20.04
N VAL E 76 14.80 80.70 -20.52
CA VAL E 76 13.52 80.08 -20.19
C VAL E 76 13.46 79.50 -18.79
N ASN E 77 14.46 78.71 -18.41
CA ASN E 77 14.42 78.09 -17.10
C ASN E 77 14.57 79.06 -15.94
N LEU E 78 15.20 80.21 -16.21
CA LEU E 78 15.33 81.22 -15.18
C LEU E 78 13.92 81.59 -14.77
N ARG E 79 13.03 81.64 -15.77
CA ARG E 79 11.63 81.99 -15.57
C ARG E 79 10.87 80.87 -14.88
N THR E 80 11.05 79.64 -15.33
CA THR E 80 10.30 78.58 -14.68
C THR E 80 10.71 78.51 -13.20
N LEU E 81 11.96 78.86 -12.90
CA LEU E 81 12.41 78.84 -11.50
C LEU E 81 11.81 79.98 -10.67
N LEU E 82 11.51 81.10 -11.31
CA LEU E 82 10.88 82.20 -10.60
C LEU E 82 9.57 81.65 -10.05
N GLY E 83 8.85 80.92 -10.90
CA GLY E 83 7.59 80.35 -10.48
C GLY E 83 7.77 79.40 -9.33
N TYR E 84 8.59 78.37 -9.53
CA TYR E 84 8.87 77.36 -8.51
C TYR E 84 9.10 77.96 -7.11
N TYR E 85 9.90 79.02 -7.06
CA TYR E 85 10.19 79.67 -5.78
C TYR E 85 9.29 80.86 -5.50
N ASN E 86 8.31 81.07 -6.37
CA ASN E 86 7.34 82.17 -6.20
C ASN E 86 8.03 83.52 -5.95
N GLN E 87 8.76 84.01 -6.94
CA GLN E 87 9.48 85.28 -6.81
C GLN E 87 8.99 86.32 -7.81
N SER E 88 9.48 87.55 -7.69
CA SER E 88 9.09 88.64 -8.57
C SER E 88 9.45 88.41 -10.02
N ALA E 89 9.48 89.49 -10.80
CA ALA E 89 9.81 89.37 -12.21
C ALA E 89 11.00 90.28 -12.56
N GLY E 90 10.97 91.50 -12.05
CA GLY E 90 12.04 92.42 -12.34
C GLY E 90 13.27 92.08 -11.52
N GLY E 91 13.10 91.14 -10.59
CA GLY E 91 14.19 90.72 -9.73
C GLY E 91 15.46 90.34 -10.44
N THR E 92 16.55 90.20 -9.68
CA THR E 92 17.84 89.84 -10.24
C THR E 92 18.22 88.44 -9.76
N HIS E 93 18.49 87.53 -10.69
CA HIS E 93 18.82 86.15 -10.32
C HIS E 93 19.89 85.50 -11.17
N THR E 94 20.35 84.34 -10.72
CA THR E 94 21.37 83.62 -11.45
C THR E 94 21.06 82.14 -11.49
N LEU E 95 21.38 81.53 -12.63
CA LEU E 95 21.18 80.10 -12.82
C LEU E 95 22.44 79.60 -13.52
N GLN E 96 23.07 78.58 -12.96
CA GLN E 96 24.26 78.07 -13.63
C GLN E 96 24.26 76.56 -13.75
N ARG E 97 25.03 76.08 -14.73
CA ARG E 97 25.16 74.66 -15.00
C ARG E 97 26.62 74.30 -15.04
N MET E 98 26.94 73.13 -14.52
CA MET E 98 28.32 72.67 -14.54
C MET E 98 28.30 71.20 -14.90
N TYR E 99 29.03 70.84 -15.94
CA TYR E 99 29.13 69.44 -16.37
C TYR E 99 30.54 69.18 -16.78
N GLY E 100 30.90 67.91 -16.83
CA GLY E 100 32.25 67.55 -17.17
C GLY E 100 32.55 66.10 -16.92
N CYS E 101 33.82 65.75 -16.94
CA CYS E 101 34.23 64.35 -16.80
C CYS E 101 35.70 64.25 -16.46
N ASP E 102 35.99 63.36 -15.53
CA ASP E 102 37.35 63.09 -15.14
C ASP E 102 37.64 61.73 -15.76
N VAL E 103 38.89 61.48 -16.12
CA VAL E 103 39.27 60.20 -16.69
C VAL E 103 40.44 59.67 -15.90
N GLY E 104 40.55 58.34 -15.83
CA GLY E 104 41.64 57.74 -15.08
C GLY E 104 42.87 57.61 -15.96
N SER E 105 43.95 57.10 -15.39
CA SER E 105 45.18 56.94 -16.16
C SER E 105 44.97 56.12 -17.45
N ASP E 106 43.91 55.31 -17.48
CA ASP E 106 43.65 54.52 -18.67
C ASP E 106 42.80 55.31 -19.66
N GLY E 107 42.59 56.59 -19.37
CA GLY E 107 41.81 57.44 -20.26
C GLY E 107 40.30 57.22 -20.31
N ARG E 108 39.81 56.20 -19.62
CA ARG E 108 38.38 55.90 -19.56
C ARG E 108 37.72 56.70 -18.42
N LEU E 109 36.43 57.01 -18.57
CA LEU E 109 35.71 57.80 -17.56
C LEU E 109 36.05 57.44 -16.10
N LEU E 110 36.03 58.44 -15.24
CA LEU E 110 36.33 58.26 -13.82
C LEU E 110 35.17 58.81 -13.02
N ARG E 111 34.54 59.85 -13.56
CA ARG E 111 33.40 60.47 -12.90
C ARG E 111 32.75 61.45 -13.86
N GLY E 112 31.42 61.39 -13.93
CA GLY E 112 30.69 62.28 -14.81
C GLY E 112 30.06 63.41 -14.00
N TYR E 113 29.74 64.50 -14.68
CA TYR E 113 29.14 65.65 -14.02
C TYR E 113 28.03 66.34 -14.81
N GLU E 114 27.01 66.74 -14.06
CA GLU E 114 25.86 67.46 -14.60
C GLU E 114 25.14 67.99 -13.36
N GLN E 115 25.14 69.30 -13.17
CA GLN E 115 24.50 69.85 -12.00
C GLN E 115 24.11 71.31 -12.19
N PHE E 116 23.11 71.74 -11.41
CA PHE E 116 22.61 73.09 -11.51
C PHE E 116 22.49 73.79 -10.16
N ALA E 117 22.81 75.08 -10.18
CA ALA E 117 22.75 75.95 -9.00
C ALA E 117 21.96 77.24 -9.32
N TYR E 118 20.99 77.54 -8.48
CA TYR E 118 20.16 78.72 -8.65
C TYR E 118 20.44 79.74 -7.56
N ASP E 119 20.70 80.97 -7.96
CA ASP E 119 20.97 82.05 -7.02
C ASP E 119 22.09 81.72 -6.03
N GLY E 120 23.05 80.94 -6.49
CA GLY E 120 24.18 80.60 -5.64
C GLY E 120 24.01 79.33 -4.84
N CYS E 121 22.77 78.88 -4.65
CA CYS E 121 22.53 77.67 -3.88
C CYS E 121 22.33 76.44 -4.76
N ASP E 122 22.74 75.27 -4.26
CA ASP E 122 22.59 74.03 -5.03
C ASP E 122 21.14 73.78 -5.38
N TYR E 123 20.91 73.19 -6.54
CA TYR E 123 19.56 72.89 -6.97
C TYR E 123 19.37 71.39 -7.22
N ILE E 124 20.09 70.86 -8.19
CA ILE E 124 20.00 69.43 -8.48
C ILE E 124 21.31 68.97 -9.15
N ALA E 125 21.75 67.76 -8.82
CA ALA E 125 22.98 67.25 -9.39
C ALA E 125 22.96 65.74 -9.62
N LEU E 126 23.53 65.33 -10.76
CA LEU E 126 23.60 63.93 -11.10
C LEU E 126 24.60 63.30 -10.14
N ASN E 127 24.21 62.20 -9.50
CA ASN E 127 25.09 61.52 -8.56
C ASN E 127 26.17 60.79 -9.33
N GLU E 128 27.20 60.37 -8.61
CA GLU E 128 28.34 59.67 -9.18
C GLU E 128 27.96 58.45 -10.02
N ASP E 129 26.85 57.81 -9.68
CA ASP E 129 26.39 56.64 -10.41
C ASP E 129 25.84 56.94 -11.80
N LEU E 130 25.58 58.23 -12.08
CA LEU E 130 25.05 58.65 -13.37
C LEU E 130 23.70 57.97 -13.59
N ARG E 131 23.00 57.73 -12.48
CA ARG E 131 21.70 57.06 -12.50
C ARG E 131 20.69 57.73 -11.59
N THR E 132 21.14 58.29 -10.48
CA THR E 132 20.22 58.95 -9.55
C THR E 132 20.51 60.44 -9.40
N TRP E 133 19.60 61.18 -8.78
CA TRP E 133 19.78 62.62 -8.63
C TRP E 133 19.68 63.11 -7.19
N THR E 134 20.35 64.20 -6.87
CA THR E 134 20.25 64.77 -5.54
C THR E 134 19.52 66.10 -5.69
N ALA E 135 18.40 66.25 -4.99
CA ALA E 135 17.64 67.47 -5.08
C ALA E 135 17.74 68.31 -3.81
N ALA E 136 18.40 69.46 -3.95
CA ALA E 136 18.59 70.38 -2.83
C ALA E 136 17.32 70.57 -1.99
N ASP E 137 16.42 71.44 -2.43
CA ASP E 137 15.19 71.73 -1.71
C ASP E 137 13.96 71.11 -2.35
N MET E 138 12.79 71.65 -1.99
CA MET E 138 11.53 71.14 -2.52
C MET E 138 11.29 71.49 -3.99
N ALA E 139 11.67 72.69 -4.41
CA ALA E 139 11.47 73.08 -5.80
C ALA E 139 12.20 72.07 -6.69
N ALA E 140 13.46 71.81 -6.36
CA ALA E 140 14.28 70.89 -7.11
C ALA E 140 13.65 69.50 -7.14
N GLN E 141 12.87 69.21 -6.12
CA GLN E 141 12.20 67.92 -5.99
C GLN E 141 11.31 67.72 -7.22
N ILE E 142 10.71 68.81 -7.67
CA ILE E 142 9.85 68.79 -8.85
C ILE E 142 10.65 68.36 -10.08
N THR E 143 11.78 69.03 -10.30
CA THR E 143 12.64 68.71 -11.45
C THR E 143 13.05 67.25 -11.39
N ARG E 144 13.57 66.84 -10.23
CA ARG E 144 14.02 65.46 -10.02
C ARG E 144 12.98 64.48 -10.50
N ARG E 145 11.75 64.72 -10.09
CA ARG E 145 10.62 63.88 -10.43
C ARG E 145 10.47 63.70 -11.94
N LYS E 146 10.31 64.79 -12.67
CA LYS E 146 10.16 64.66 -14.13
C LYS E 146 11.42 64.11 -14.79
N TRP E 147 12.59 64.44 -14.25
CA TRP E 147 13.84 63.94 -14.81
C TRP E 147 14.03 62.45 -14.58
N GLU E 148 13.41 61.96 -13.51
CA GLU E 148 13.46 60.54 -13.20
C GLU E 148 12.50 59.84 -14.16
N GLN E 149 11.38 60.50 -14.43
CA GLN E 149 10.36 60.00 -15.33
C GLN E 149 10.85 59.98 -16.79
N ALA E 150 11.47 61.07 -17.22
CA ALA E 150 11.97 61.19 -18.59
C ALA E 150 13.31 60.52 -18.84
N GLY E 151 13.89 59.94 -17.79
CA GLY E 151 15.17 59.27 -17.91
C GLY E 151 16.33 60.19 -18.27
N ALA E 152 16.30 61.38 -17.66
CA ALA E 152 17.33 62.40 -17.90
C ALA E 152 18.73 61.87 -17.61
N ALA E 153 18.86 61.06 -16.57
CA ALA E 153 20.15 60.50 -16.20
C ALA E 153 20.82 59.75 -17.35
N GLU E 154 20.07 58.91 -18.04
CA GLU E 154 20.61 58.16 -19.18
C GLU E 154 21.01 59.13 -20.30
N TYR E 155 20.19 60.17 -20.49
CA TYR E 155 20.43 61.19 -21.50
C TYR E 155 21.84 61.77 -21.33
N TYR E 156 22.10 62.38 -20.17
CA TYR E 156 23.41 62.98 -19.86
C TYR E 156 24.54 61.94 -19.80
N ARG E 157 24.29 60.83 -19.13
CA ARG E 157 25.27 59.75 -19.04
C ARG E 157 25.85 59.46 -20.43
N ALA E 158 24.97 59.31 -21.42
CA ALA E 158 25.38 59.01 -22.79
C ALA E 158 26.56 59.87 -23.21
N TYR E 159 26.44 61.17 -22.98
CA TYR E 159 27.49 62.11 -23.32
C TYR E 159 28.70 61.97 -22.42
N LEU E 160 28.47 62.03 -21.11
CA LEU E 160 29.53 61.93 -20.13
C LEU E 160 30.45 60.72 -20.38
N GLU E 161 29.84 59.57 -20.65
CA GLU E 161 30.60 58.34 -20.88
C GLU E 161 31.44 58.30 -22.16
N GLY E 162 30.97 58.89 -23.24
CA GLY E 162 31.75 58.79 -24.45
C GLY E 162 32.19 60.05 -25.15
N GLU E 163 31.23 60.83 -25.63
CA GLU E 163 31.58 62.04 -26.34
C GLU E 163 32.53 62.88 -25.51
N CYS E 164 32.20 63.11 -24.25
CA CYS E 164 33.09 63.91 -23.44
C CYS E 164 34.53 63.38 -23.43
N VAL E 165 34.68 62.19 -22.85
CA VAL E 165 35.96 61.54 -22.70
C VAL E 165 36.77 61.56 -23.99
N GLU E 166 36.10 61.34 -25.10
CA GLU E 166 36.75 61.35 -26.40
C GLU E 166 37.37 62.69 -26.71
N TRP E 167 36.62 63.76 -26.46
CA TRP E 167 37.16 65.09 -26.72
C TRP E 167 38.24 65.50 -25.72
N LEU E 168 38.05 65.18 -24.44
CA LEU E 168 39.06 65.51 -23.45
C LEU E 168 40.40 65.00 -23.98
N HIS E 169 40.37 63.89 -24.70
CA HIS E 169 41.57 63.30 -25.27
C HIS E 169 42.08 64.10 -26.46
N ARG E 170 41.16 64.52 -27.33
CA ARG E 170 41.50 65.30 -28.52
C ARG E 170 42.33 66.45 -28.00
N TYR E 171 41.83 67.12 -26.96
CA TYR E 171 42.51 68.28 -26.38
C TYR E 171 43.84 67.95 -25.70
N LEU E 172 43.90 66.85 -24.97
CA LEU E 172 45.13 66.48 -24.28
C LEU E 172 46.27 66.17 -25.25
N LYS E 173 45.94 65.69 -26.44
CA LYS E 173 46.97 65.40 -27.43
C LYS E 173 47.42 66.71 -28.09
N ASN E 174 46.47 67.63 -28.27
CA ASN E 174 46.69 68.94 -28.88
C ASN E 174 47.76 69.82 -28.22
N GLY E 175 48.13 69.50 -26.98
CA GLY E 175 49.15 70.28 -26.30
C GLY E 175 50.12 69.47 -25.45
N GLN F 1 33.37 68.92 -28.18
CA GLN F 1 31.88 68.84 -28.16
C GLN F 1 31.30 68.98 -26.79
N LEU F 2 30.20 69.71 -26.73
CA LEU F 2 29.55 69.97 -25.47
C LEU F 2 28.43 69.02 -25.13
N SER F 3 27.95 69.14 -23.90
CA SER F 3 26.87 68.32 -23.43
C SER F 3 25.68 68.74 -24.24
N PRO F 4 24.74 67.82 -24.49
CA PRO F 4 23.55 68.17 -25.27
C PRO F 4 22.61 69.15 -24.56
N PHE F 5 21.71 69.77 -25.32
CA PHE F 5 20.73 70.70 -24.77
C PHE F 5 20.08 69.99 -23.58
N PRO F 6 20.02 70.64 -22.41
CA PRO F 6 19.41 69.98 -21.25
C PRO F 6 17.89 69.93 -21.21
N PHE F 7 17.35 69.02 -20.40
CA PHE F 7 15.90 68.87 -20.25
C PHE F 7 15.35 70.08 -19.52
N ASP F 8 14.02 70.21 -19.50
CA ASP F 8 13.37 71.31 -18.82
C ASP F 8 13.40 71.14 -17.30
N LEU F 9 13.61 72.21 -16.55
CA LEU F 9 13.60 72.08 -15.11
C LEU F 9 12.13 71.91 -14.70
N SER G 1 21.52 62.68 -39.50
CA SER G 1 21.06 61.79 -40.62
C SER G 1 20.89 60.31 -40.18
N VAL G 2 19.70 59.77 -40.46
CA VAL G 2 19.35 58.39 -40.14
C VAL G 2 18.86 57.83 -41.46
N THR G 3 19.03 56.53 -41.66
CA THR G 3 18.61 55.91 -42.90
C THR G 3 17.85 54.61 -42.73
N GLN G 4 16.63 54.57 -43.30
CA GLN G 4 15.77 53.39 -43.29
C GLN G 4 15.82 52.94 -44.73
N PRO G 5 16.68 51.97 -45.05
CA PRO G 5 16.91 51.39 -46.38
C PRO G 5 15.72 50.83 -47.15
N ASP G 6 14.67 50.39 -46.45
CA ASP G 6 13.52 49.81 -47.13
C ASP G 6 12.27 50.66 -47.03
N ALA G 7 11.74 51.05 -48.18
CA ALA G 7 10.53 51.86 -48.24
C ALA G 7 9.26 51.10 -47.81
N ARG G 8 9.13 49.86 -48.27
CA ARG G 8 7.97 49.03 -47.93
C ARG G 8 8.43 47.65 -47.46
N VAL G 9 7.69 47.06 -46.54
CA VAL G 9 8.04 45.73 -46.06
C VAL G 9 6.74 44.99 -45.81
N THR G 10 6.70 43.72 -46.20
CA THR G 10 5.50 42.92 -46.02
C THR G 10 5.77 41.65 -45.21
N VAL G 11 4.90 41.36 -44.26
CA VAL G 11 5.06 40.16 -43.44
C VAL G 11 3.75 39.46 -43.19
N SER G 12 3.83 38.13 -43.04
CA SER G 12 2.66 37.30 -42.79
C SER G 12 2.27 37.43 -41.34
N GLU G 13 1.01 37.70 -41.08
CA GLU G 13 0.55 37.84 -39.70
C GLU G 13 1.12 36.69 -38.90
N GLY G 14 1.53 36.98 -37.66
CA GLY G 14 2.10 35.96 -36.81
C GLY G 14 3.61 35.85 -36.89
N ALA G 15 4.18 36.28 -38.01
CA ALA G 15 5.62 36.21 -38.21
C ALA G 15 6.36 37.34 -37.52
N SER G 16 7.68 37.22 -37.48
CA SER G 16 8.54 38.21 -36.86
C SER G 16 8.82 39.36 -37.83
N LEU G 17 8.97 40.58 -37.30
CA LEU G 17 9.26 41.75 -38.11
C LEU G 17 10.56 42.42 -37.70
N GLN G 18 11.29 42.93 -38.69
CA GLN G 18 12.54 43.61 -38.45
C GLN G 18 12.68 44.76 -39.46
N LEU G 19 12.77 45.97 -38.94
CA LEU G 19 12.93 47.17 -39.77
C LEU G 19 14.33 47.70 -39.48
N ARG G 20 15.17 47.76 -40.51
CA ARG G 20 16.52 48.23 -40.33
C ARG G 20 16.68 49.75 -40.28
N CYS G 21 17.70 50.20 -39.56
CA CYS G 21 17.97 51.62 -39.42
C CYS G 21 19.45 51.87 -39.18
N LYS G 22 20.05 52.70 -40.03
CA LYS G 22 21.46 53.03 -39.92
C LYS G 22 21.53 54.49 -39.62
N TYR G 23 22.49 54.88 -38.78
CA TYR G 23 22.64 56.28 -38.45
C TYR G 23 24.07 56.73 -38.67
N SER G 24 24.20 57.95 -39.19
CA SER G 24 25.50 58.57 -39.41
C SER G 24 25.31 59.86 -38.63
N TYR G 25 25.97 59.96 -37.49
CA TYR G 25 25.84 61.14 -36.68
C TYR G 25 27.07 61.08 -35.80
N SER G 26 27.87 62.14 -35.84
CA SER G 26 29.10 62.19 -35.07
C SER G 26 28.92 62.28 -33.55
N ALA G 27 28.06 63.19 -33.11
CA ALA G 27 27.82 63.38 -31.68
C ALA G 27 27.16 62.21 -30.99
N THR G 28 26.79 62.43 -29.73
CA THR G 28 26.13 61.42 -28.93
C THR G 28 24.79 61.09 -29.55
N PRO G 29 24.61 59.82 -29.96
CA PRO G 29 23.34 59.41 -30.58
C PRO G 29 22.20 59.15 -29.64
N TYR G 30 21.10 59.87 -29.85
CA TYR G 30 19.89 59.69 -29.06
C TYR G 30 18.90 59.21 -30.11
N LEU G 31 18.70 57.90 -30.17
CA LEU G 31 17.85 57.28 -31.17
C LEU G 31 16.44 56.90 -30.70
N PHE G 32 15.47 57.06 -31.60
CA PHE G 32 14.08 56.73 -31.29
C PHE G 32 13.39 56.00 -32.44
N TRP G 33 12.26 55.39 -32.12
CA TRP G 33 11.45 54.74 -33.14
C TRP G 33 10.01 55.17 -32.90
N TYR G 34 9.39 55.72 -33.95
CA TYR G 34 8.00 56.15 -33.87
C TYR G 34 7.17 55.36 -34.86
N VAL G 35 5.92 55.13 -34.50
CA VAL G 35 4.99 54.43 -35.37
C VAL G 35 3.90 55.44 -35.74
N GLN G 36 3.46 55.42 -36.99
CA GLN G 36 2.41 56.34 -37.41
C GLN G 36 1.24 55.62 -38.07
N TYR G 37 0.13 55.54 -37.34
CA TYR G 37 -1.06 54.87 -37.84
C TYR G 37 -1.84 55.88 -38.68
N PRO G 38 -2.46 55.43 -39.79
CA PRO G 38 -3.25 56.26 -40.71
C PRO G 38 -4.01 57.43 -40.08
N ARG G 39 -3.89 58.59 -40.71
CA ARG G 39 -4.56 59.81 -40.25
C ARG G 39 -4.26 60.12 -38.79
N GLN G 40 -3.03 59.86 -38.36
CA GLN G 40 -2.63 60.15 -36.98
C GLN G 40 -1.20 60.65 -36.88
N GLY G 41 -0.85 61.20 -35.71
CA GLY G 41 0.51 61.67 -35.53
C GLY G 41 1.46 60.55 -35.14
N PRO G 42 2.79 60.79 -35.19
CA PRO G 42 3.76 59.77 -34.82
C PRO G 42 3.72 59.55 -33.31
N GLN G 43 3.76 58.28 -32.91
CA GLN G 43 3.74 57.91 -31.50
C GLN G 43 5.05 57.22 -31.15
N LEU G 44 5.56 57.53 -29.97
CA LEU G 44 6.82 56.95 -29.53
C LEU G 44 6.67 55.47 -29.24
N LEU G 45 7.60 54.70 -29.81
CA LEU G 45 7.61 53.26 -29.63
C LEU G 45 8.64 52.98 -28.54
N LEU G 46 9.89 53.36 -28.80
CA LEU G 46 10.97 53.17 -27.85
C LEU G 46 12.09 54.17 -28.12
N LYS G 47 13.04 54.25 -27.19
CA LYS G 47 14.16 55.17 -27.32
C LYS G 47 15.39 54.59 -26.63
N TYR G 48 16.56 55.03 -27.06
CA TYR G 48 17.81 54.56 -26.46
C TYR G 48 18.76 55.73 -26.14
N TYR G 49 19.15 55.87 -24.88
CA TYR G 49 20.07 56.93 -24.50
C TYR G 49 21.45 56.34 -24.19
N SER G 50 21.50 55.42 -23.23
CA SER G 50 22.74 54.76 -22.83
C SER G 50 22.37 53.51 -22.02
N GLY G 51 23.36 52.73 -21.59
CA GLY G 51 23.07 51.53 -20.83
C GLY G 51 22.80 50.30 -21.68
N ASP G 52 21.78 49.53 -21.29
CA ASP G 52 21.42 48.32 -22.04
C ASP G 52 21.18 48.70 -23.50
N PRO G 53 22.01 48.17 -24.42
CA PRO G 53 21.93 48.42 -25.86
C PRO G 53 20.67 47.85 -26.48
N VAL G 54 19.90 47.12 -25.67
CA VAL G 54 18.66 46.56 -26.15
C VAL G 54 17.53 47.17 -25.34
N VAL G 55 16.73 47.99 -26.00
CA VAL G 55 15.63 48.69 -25.34
C VAL G 55 14.29 48.05 -25.66
N GLN G 56 13.37 48.11 -24.70
CA GLN G 56 12.03 47.54 -24.85
C GLN G 56 10.99 48.65 -25.04
N GLY G 57 9.99 48.39 -25.86
CA GLY G 57 8.96 49.39 -26.07
C GLY G 57 7.55 48.85 -25.93
N VAL G 58 6.59 49.71 -26.21
CA VAL G 58 5.19 49.32 -26.13
C VAL G 58 4.89 48.31 -27.24
N ASN G 59 3.77 47.61 -27.10
CA ASN G 59 3.34 46.62 -28.10
C ASN G 59 4.36 45.57 -28.50
N GLY G 60 5.08 45.02 -27.52
CA GLY G 60 6.06 44.00 -27.84
C GLY G 60 7.06 44.42 -28.90
N PHE G 61 7.56 45.65 -28.80
CA PHE G 61 8.53 46.17 -29.74
C PHE G 61 9.82 46.32 -28.99
N GLU G 62 10.94 46.13 -29.70
CA GLU G 62 12.26 46.28 -29.12
C GLU G 62 13.22 46.62 -30.24
N ALA G 63 14.32 47.25 -29.86
CA ALA G 63 15.34 47.64 -30.82
C ALA G 63 16.67 47.48 -30.13
N GLU G 64 17.72 47.37 -30.94
CA GLU G 64 19.07 47.22 -30.41
C GLU G 64 20.05 48.20 -31.05
N PHE G 65 20.70 48.96 -30.18
CA PHE G 65 21.68 49.96 -30.57
C PHE G 65 23.05 49.33 -30.76
N SER G 66 23.67 49.60 -31.89
CA SER G 66 24.98 49.04 -32.18
C SER G 66 25.94 50.15 -32.61
N LYS G 67 26.76 50.62 -31.68
CA LYS G 67 27.71 51.67 -32.02
C LYS G 67 28.57 51.20 -33.18
N SER G 68 29.09 49.98 -33.07
CA SER G 68 29.95 49.42 -34.11
C SER G 68 29.28 49.41 -35.47
N ASN G 69 28.19 48.66 -35.57
CA ASN G 69 27.46 48.57 -36.82
C ASN G 69 26.71 49.87 -37.18
N SER G 70 26.66 50.83 -36.25
CA SER G 70 25.97 52.10 -36.48
C SER G 70 24.50 51.90 -36.84
N SER G 71 23.83 51.03 -36.11
CA SER G 71 22.42 50.74 -36.40
C SER G 71 21.58 50.79 -35.14
N PHE G 72 20.28 50.76 -35.36
CA PHE G 72 19.29 50.80 -34.29
C PHE G 72 18.07 50.13 -34.90
N HIS G 73 18.24 48.87 -35.25
CA HIS G 73 17.20 48.06 -35.87
C HIS G 73 16.04 47.69 -34.94
N LEU G 74 14.82 47.79 -35.46
CA LEU G 74 13.61 47.48 -34.69
C LEU G 74 13.18 46.02 -34.90
N ARG G 75 12.48 45.48 -33.91
CA ARG G 75 12.00 44.09 -34.00
C ARG G 75 10.75 43.81 -33.16
N LYS G 76 9.90 42.94 -33.68
CA LYS G 76 8.70 42.50 -32.98
C LYS G 76 8.61 41.02 -33.34
N ALA G 77 8.52 40.17 -32.32
CA ALA G 77 8.52 38.73 -32.51
C ALA G 77 7.33 38.16 -33.28
N SER G 78 6.17 38.75 -33.08
CA SER G 78 4.98 38.28 -33.75
C SER G 78 4.06 39.47 -34.06
N VAL G 79 3.97 39.83 -35.34
CA VAL G 79 3.15 40.95 -35.77
C VAL G 79 1.71 40.57 -36.01
N HIS G 80 0.81 41.53 -35.84
CA HIS G 80 -0.61 41.31 -36.04
C HIS G 80 -1.11 42.35 -37.00
N ARG G 81 -2.35 42.22 -37.43
CA ARG G 81 -2.90 43.18 -38.37
C ARG G 81 -2.70 44.59 -37.86
N SER G 82 -2.93 44.79 -36.57
CA SER G 82 -2.80 46.09 -35.91
C SER G 82 -1.50 46.85 -36.20
N ASP G 83 -0.43 46.09 -36.43
CA ASP G 83 0.88 46.69 -36.66
C ASP G 83 1.11 47.28 -38.04
N SER G 84 0.17 47.10 -38.95
CA SER G 84 0.32 47.68 -40.28
C SER G 84 0.30 49.19 -40.10
N ALA G 85 1.40 49.83 -40.48
CA ALA G 85 1.52 51.27 -40.33
C ALA G 85 2.86 51.73 -40.89
N VAL G 86 3.20 53.00 -40.67
CA VAL G 86 4.48 53.51 -41.14
C VAL G 86 5.36 53.72 -39.92
N TYR G 87 6.55 53.11 -39.96
CA TYR G 87 7.48 53.19 -38.85
C TYR G 87 8.66 54.13 -39.13
N PHE G 88 8.92 55.02 -38.17
CA PHE G 88 9.99 56.00 -38.31
C PHE G 88 11.13 55.84 -37.33
N CYS G 89 12.35 55.89 -37.88
CA CYS G 89 13.56 55.81 -37.10
C CYS G 89 13.95 57.26 -37.01
N ALA G 90 14.48 57.68 -35.86
CA ALA G 90 14.85 59.07 -35.74
C ALA G 90 15.97 59.26 -34.76
N VAL G 91 16.83 60.22 -35.07
CA VAL G 91 17.94 60.53 -34.18
C VAL G 91 17.83 61.98 -33.80
N SER G 92 18.07 62.24 -32.52
CA SER G 92 18.06 63.59 -32.02
C SER G 92 19.24 64.20 -32.78
N ASP G 93 18.95 65.07 -33.75
CA ASP G 93 20.05 65.69 -34.46
C ASP G 93 20.52 66.69 -33.43
N PRO G 94 20.78 67.95 -33.79
CA PRO G 94 21.21 68.66 -32.56
C PRO G 94 20.08 68.69 -31.52
N PRO G 95 20.25 68.04 -30.35
CA PRO G 95 19.13 68.14 -29.42
C PRO G 95 18.89 69.63 -29.18
N PRO G 96 17.64 70.04 -28.90
CA PRO G 96 16.43 69.23 -28.77
C PRO G 96 15.66 69.04 -30.09
N LEU G 97 16.37 69.11 -31.20
CA LEU G 97 15.70 68.93 -32.48
C LEU G 97 15.74 67.46 -32.85
N LEU G 98 14.72 67.00 -33.57
CA LEU G 98 14.60 65.61 -33.96
C LEU G 98 14.57 65.41 -35.46
N THR G 99 15.46 64.57 -35.99
CA THR G 99 15.51 64.28 -37.42
C THR G 99 14.89 62.91 -37.73
N PHE G 100 13.83 62.92 -38.54
CA PHE G 100 13.14 61.69 -38.92
C PHE G 100 13.72 61.01 -40.15
N GLY G 101 13.46 59.72 -40.28
CA GLY G 101 13.92 58.99 -41.44
C GLY G 101 12.83 59.08 -42.48
N SER G 102 13.07 58.48 -43.63
CA SER G 102 12.08 58.51 -44.72
C SER G 102 10.85 57.65 -44.39
N GLY G 103 11.00 56.81 -43.36
CA GLY G 103 9.91 55.95 -42.95
C GLY G 103 9.83 54.64 -43.71
N THR G 104 9.16 53.65 -43.10
CA THR G 104 8.98 52.36 -43.71
C THR G 104 7.55 51.91 -43.50
N LYS G 105 6.90 51.53 -44.59
CA LYS G 105 5.52 51.08 -44.57
C LYS G 105 5.48 49.59 -44.34
N VAL G 106 4.80 49.16 -43.27
CA VAL G 106 4.71 47.75 -42.98
C VAL G 106 3.32 47.22 -43.27
N ILE G 107 3.27 46.15 -44.05
CA ILE G 107 2.02 45.51 -44.42
C ILE G 107 1.97 44.05 -43.94
N VAL G 108 0.99 43.76 -43.07
CA VAL G 108 0.81 42.41 -42.51
C VAL G 108 -0.43 41.74 -43.12
N LEU G 109 -0.29 40.48 -43.53
CA LEU G 109 -1.37 39.76 -44.22
C LEU G 109 -2.43 38.92 -43.47
N GLU H 1 0.61 61.99 -27.46
CA GLU H 1 0.07 62.74 -26.27
C GLU H 1 -1.25 63.42 -26.57
N ALA H 2 -2.23 63.17 -25.71
CA ALA H 2 -3.55 63.79 -25.85
C ALA H 2 -3.42 65.24 -25.37
N ALA H 3 -2.26 65.57 -24.82
CA ALA H 3 -2.01 66.93 -24.32
C ALA H 3 -1.76 67.89 -25.47
N VAL H 4 -1.38 67.33 -26.61
CA VAL H 4 -1.12 68.14 -27.79
C VAL H 4 -2.36 68.13 -28.71
N THR H 5 -2.96 69.30 -28.89
CA THR H 5 -4.15 69.43 -29.73
C THR H 5 -3.99 70.55 -30.76
N GLN H 6 -4.17 70.19 -32.03
CA GLN H 6 -4.05 71.12 -33.17
C GLN H 6 -5.43 71.55 -33.66
N SER H 7 -5.48 72.73 -34.25
CA SER H 7 -6.72 73.26 -34.74
C SER H 7 -6.52 74.08 -36.00
N PRO H 8 -7.25 73.74 -37.07
CA PRO H 8 -8.23 72.64 -37.17
C PRO H 8 -7.62 71.33 -37.67
N ARG H 9 -8.44 70.28 -37.85
CA ARG H 9 -7.90 69.03 -38.36
C ARG H 9 -7.83 69.10 -39.88
N ASN H 10 -8.81 69.78 -40.47
CA ASN H 10 -8.87 69.94 -41.92
C ASN H 10 -9.12 71.39 -42.27
N LYS H 11 -8.31 71.91 -43.20
CA LYS H 11 -8.43 73.29 -43.63
C LYS H 11 -8.15 73.39 -45.11
N VAL H 12 -9.01 74.12 -45.82
CA VAL H 12 -8.80 74.35 -47.24
C VAL H 12 -8.59 75.84 -47.30
N ALA H 13 -7.58 76.27 -48.03
CA ALA H 13 -7.32 77.70 -48.14
C ALA H 13 -7.22 78.10 -49.59
N VAL H 14 -7.51 79.36 -49.87
CA VAL H 14 -7.43 79.88 -51.24
C VAL H 14 -6.05 80.48 -51.39
N THR H 15 -5.54 80.51 -52.62
CA THR H 15 -4.18 81.05 -52.82
C THR H 15 -4.10 82.48 -52.29
N GLY H 16 -3.07 82.77 -51.50
CA GLY H 16 -2.91 84.10 -50.93
C GLY H 16 -3.48 84.28 -49.53
N GLU H 17 -4.39 83.39 -49.12
CA GLU H 17 -5.02 83.45 -47.79
C GLU H 17 -4.00 83.42 -46.67
N LYS H 18 -4.24 84.18 -45.61
CA LYS H 18 -3.33 84.18 -44.46
C LYS H 18 -3.86 83.08 -43.58
N VAL H 19 -3.09 82.01 -43.42
CA VAL H 19 -3.51 80.87 -42.62
C VAL H 19 -2.73 80.75 -41.31
N THR H 20 -3.44 80.40 -40.24
CA THR H 20 -2.79 80.25 -38.95
C THR H 20 -3.19 78.94 -38.27
N LEU H 21 -2.27 77.99 -38.24
CA LEU H 21 -2.52 76.73 -37.58
C LEU H 21 -2.20 76.93 -36.08
N SER H 22 -3.06 76.42 -35.22
CA SER H 22 -2.88 76.58 -33.78
C SER H 22 -2.54 75.31 -33.04
N CYS H 23 -1.64 75.42 -32.08
CA CYS H 23 -1.27 74.26 -31.29
C CYS H 23 -1.37 74.58 -29.80
N ASN H 24 -1.86 73.60 -29.02
CA ASN H 24 -1.98 73.76 -27.58
C ASN H 24 -1.42 72.52 -26.90
N GLN H 25 -0.61 72.71 -25.86
CA GLN H 25 -0.08 71.57 -25.13
C GLN H 25 -0.08 71.78 -23.63
N THR H 26 -0.71 70.85 -22.92
CA THR H 26 -0.79 70.90 -21.47
C THR H 26 0.21 69.93 -20.85
N ASN H 27 1.36 69.82 -21.50
CA ASN H 27 2.42 68.93 -21.01
C ASN H 27 3.41 69.72 -20.15
N ASN H 28 3.24 71.04 -20.14
CA ASN H 28 4.12 71.92 -19.38
C ASN H 28 5.54 71.80 -19.93
N HIS H 29 5.63 71.57 -21.23
CA HIS H 29 6.91 71.45 -21.93
C HIS H 29 7.34 72.82 -22.39
N ASN H 30 8.65 73.02 -22.54
CA ASN H 30 9.14 74.32 -22.98
C ASN H 30 9.27 74.30 -24.50
N ASN H 31 9.75 73.18 -25.02
CA ASN H 31 9.96 73.05 -26.45
C ASN H 31 8.71 72.65 -27.25
N MET H 32 8.46 73.38 -28.33
CA MET H 32 7.34 73.10 -29.22
C MET H 32 7.83 73.22 -30.65
N TYR H 33 7.31 72.35 -31.50
CA TYR H 33 7.74 72.29 -32.89
C TYR H 33 6.56 72.23 -33.87
N TRP H 34 6.86 72.53 -35.13
CA TRP H 34 5.90 72.46 -36.22
C TRP H 34 6.58 71.76 -37.39
N TYR H 35 6.09 70.56 -37.70
CA TYR H 35 6.63 69.80 -38.83
C TYR H 35 5.58 69.71 -39.94
N ARG H 36 6.03 69.31 -41.13
CA ARG H 36 5.11 69.09 -42.24
C ARG H 36 5.54 67.79 -42.89
N GLN H 37 4.55 66.99 -43.24
CA GLN H 37 4.76 65.70 -43.87
C GLN H 37 3.83 65.72 -45.08
N ASP H 38 4.35 65.44 -46.26
CA ASP H 38 3.49 65.51 -47.44
C ASP H 38 3.62 64.41 -48.49
N THR H 39 3.83 63.19 -48.04
CA THR H 39 3.91 62.04 -48.94
C THR H 39 3.82 60.83 -48.03
N GLY H 40 3.48 61.07 -46.77
CA GLY H 40 3.39 59.99 -45.80
C GLY H 40 4.80 59.60 -45.44
N HIS H 41 5.75 60.36 -45.95
CA HIS H 41 7.17 60.12 -45.72
C HIS H 41 7.71 60.99 -44.60
N GLU H 42 8.97 61.37 -44.77
CA GLU H 42 9.66 62.16 -43.78
C GLU H 42 8.94 63.43 -43.35
N LEU H 43 8.99 63.71 -42.05
CA LEU H 43 8.39 64.92 -41.54
C LEU H 43 9.55 65.92 -41.49
N ARG H 44 9.34 67.15 -41.93
CA ARG H 44 10.42 68.11 -41.90
C ARG H 44 10.08 69.32 -41.02
N LEU H 45 11.08 69.73 -40.24
CA LEU H 45 10.93 70.84 -39.30
C LEU H 45 10.77 72.17 -39.99
N ILE H 46 9.74 72.92 -39.58
CA ILE H 46 9.49 74.22 -40.17
C ILE H 46 9.96 75.30 -39.21
N TYR H 47 9.45 75.26 -37.99
CA TYR H 47 9.77 76.22 -36.94
C TYR H 47 9.65 75.54 -35.58
N TYR H 48 10.43 75.99 -34.60
CA TYR H 48 10.33 75.43 -33.27
C TYR H 48 10.46 76.55 -32.25
N SER H 49 10.33 76.23 -30.96
CA SER H 49 10.40 77.22 -29.90
C SER H 49 10.94 76.66 -28.58
N TYR H 50 11.94 77.34 -28.00
CA TYR H 50 12.56 76.92 -26.74
C TYR H 50 11.69 77.26 -25.51
N GLY H 51 10.68 78.08 -25.74
CA GLY H 51 9.79 78.48 -24.65
C GLY H 51 9.08 79.75 -25.06
N ALA H 52 8.23 80.28 -24.20
CA ALA H 52 7.50 81.51 -24.53
C ALA H 52 8.45 82.62 -25.01
N GLY H 53 8.10 83.26 -26.12
CA GLY H 53 8.94 84.33 -26.65
C GLY H 53 10.00 83.85 -27.63
N SER H 54 10.24 82.55 -27.68
CA SER H 54 11.23 82.00 -28.60
C SER H 54 10.61 81.57 -29.93
N THR H 55 11.31 81.86 -31.01
CA THR H 55 10.84 81.49 -32.35
C THR H 55 12.06 81.19 -33.21
N GLU H 56 12.24 79.92 -33.53
CA GLU H 56 13.40 79.52 -34.33
C GLU H 56 13.07 78.85 -35.65
N LYS H 57 13.69 79.33 -36.73
CA LYS H 57 13.48 78.79 -38.05
C LYS H 57 14.02 77.38 -38.17
N GLY H 58 13.26 76.53 -38.85
CA GLY H 58 13.66 75.16 -39.03
C GLY H 58 14.52 75.00 -40.26
N ASP H 59 14.24 73.97 -41.05
CA ASP H 59 15.00 73.71 -42.26
C ASP H 59 14.31 74.36 -43.45
N ILE H 60 13.00 74.47 -43.36
CA ILE H 60 12.21 75.04 -44.43
C ILE H 60 11.26 76.10 -43.85
N PRO H 61 11.81 77.21 -43.34
CA PRO H 61 11.01 78.28 -42.75
C PRO H 61 10.43 79.32 -43.73
N ASP H 62 10.80 79.22 -45.01
CA ASP H 62 10.35 80.18 -46.03
C ASP H 62 8.86 80.14 -46.31
N GLY H 63 8.23 81.29 -46.13
CA GLY H 63 6.80 81.39 -46.36
C GLY H 63 6.05 81.23 -45.06
N TYR H 64 6.79 80.89 -44.01
CA TYR H 64 6.23 80.67 -42.69
C TYR H 64 6.73 81.66 -41.65
N LYS H 65 5.86 81.93 -40.68
CA LYS H 65 6.11 82.82 -39.56
C LYS H 65 5.57 82.05 -38.35
N ALA H 66 6.16 82.26 -37.18
CA ALA H 66 5.68 81.53 -36.00
C ALA H 66 5.47 82.45 -34.81
N SER H 67 4.75 81.95 -33.81
CA SER H 67 4.49 82.74 -32.63
C SER H 67 4.33 81.92 -31.34
N ARG H 68 5.14 82.23 -30.33
CA ARG H 68 5.07 81.52 -29.06
C ARG H 68 4.62 82.49 -27.98
N PRO H 69 3.33 82.88 -28.02
CA PRO H 69 2.77 83.81 -27.04
C PRO H 69 2.90 83.35 -25.61
N SER H 70 2.68 82.06 -25.38
CA SER H 70 2.76 81.54 -24.03
C SER H 70 3.45 80.19 -23.97
N GLN H 71 3.35 79.57 -22.81
CA GLN H 71 3.94 78.27 -22.58
C GLN H 71 3.27 77.20 -23.44
N GLU H 72 1.95 77.12 -23.37
CA GLU H 72 1.23 76.09 -24.10
C GLU H 72 0.73 76.42 -25.47
N ASN H 73 1.05 77.59 -26.01
CA ASN H 73 0.58 77.87 -27.35
C ASN H 73 1.67 78.26 -28.35
N PHE H 74 1.67 77.55 -29.47
CA PHE H 74 2.63 77.77 -30.55
C PHE H 74 1.83 77.74 -31.84
N SER H 75 1.79 78.85 -32.56
CA SER H 75 1.02 78.93 -33.80
C SER H 75 1.91 79.16 -35.02
N LEU H 76 1.61 78.43 -36.10
CA LEU H 76 2.35 78.57 -37.35
C LEU H 76 1.48 79.37 -38.30
N THR H 77 2.05 80.35 -38.99
CA THR H 77 1.28 81.17 -39.92
C THR H 77 1.86 81.20 -41.32
N LEU H 78 0.98 80.96 -42.30
CA LEU H 78 1.32 80.99 -43.70
C LEU H 78 0.83 82.38 -44.08
N GLU H 79 1.76 83.32 -44.26
CA GLU H 79 1.36 84.70 -44.57
C GLU H 79 0.53 84.81 -45.82
N SER H 80 0.90 84.05 -46.84
CA SER H 80 0.18 84.05 -48.10
C SER H 80 0.19 82.65 -48.69
N ALA H 81 -0.85 81.90 -48.40
CA ALA H 81 -0.96 80.53 -48.89
C ALA H 81 -0.54 80.37 -50.34
N THR H 82 0.18 79.29 -50.60
CA THR H 82 0.64 78.93 -51.94
C THR H 82 0.56 77.41 -52.01
N PRO H 83 0.15 76.86 -53.16
CA PRO H 83 0.05 75.40 -53.29
C PRO H 83 1.26 74.59 -52.81
N SER H 84 2.45 75.21 -52.75
CA SER H 84 3.63 74.47 -52.28
C SER H 84 3.50 74.15 -50.79
N GLN H 85 2.59 74.84 -50.13
CA GLN H 85 2.37 74.63 -48.71
C GLN H 85 1.26 73.62 -48.41
N THR H 86 0.60 73.05 -49.42
CA THR H 86 -0.42 72.07 -49.09
C THR H 86 0.36 70.84 -48.60
N SER H 87 -0.01 70.38 -47.40
CA SER H 87 0.66 69.26 -46.74
C SER H 87 -0.03 68.98 -45.39
N VAL H 88 0.44 67.99 -44.64
CA VAL H 88 -0.14 67.71 -43.34
C VAL H 88 0.82 68.30 -42.30
N TYR H 89 0.29 69.19 -41.46
CA TYR H 89 1.11 69.83 -40.45
C TYR H 89 0.96 69.21 -39.07
N PHE H 90 2.10 68.90 -38.46
CA PHE H 90 2.11 68.31 -37.13
C PHE H 90 2.84 69.20 -36.14
N CYS H 91 2.26 69.26 -34.95
CA CYS H 91 2.80 70.04 -33.87
C CYS H 91 3.25 69.05 -32.80
N ALA H 92 4.34 69.38 -32.10
CA ALA H 92 4.87 68.52 -31.06
C ALA H 92 5.38 69.36 -29.89
N SER H 93 5.50 68.74 -28.73
CA SER H 93 6.03 69.42 -27.57
C SER H 93 7.00 68.43 -26.93
N GLY H 94 7.91 68.93 -26.09
CA GLY H 94 8.86 68.05 -25.48
C GLY H 94 9.66 68.80 -24.44
N GLY H 95 9.99 68.10 -23.36
CA GLY H 95 10.76 68.70 -22.28
C GLY H 95 12.17 68.15 -22.25
N GLY H 96 12.69 67.91 -23.45
CA GLY H 96 14.01 67.35 -23.57
C GLY H 96 13.81 65.85 -23.78
N GLY H 97 14.45 65.33 -24.82
CA GLY H 97 14.31 63.91 -25.13
C GLY H 97 13.13 63.63 -26.02
N THR H 98 12.18 62.86 -25.51
CA THR H 98 10.99 62.49 -26.27
C THR H 98 10.15 63.67 -26.72
N LEU H 99 9.64 63.54 -27.95
CA LEU H 99 8.77 64.53 -28.58
C LEU H 99 7.37 63.91 -28.71
N TYR H 100 6.34 64.66 -28.33
CA TYR H 100 4.94 64.20 -28.39
C TYR H 100 4.15 64.98 -29.44
N PHE H 101 3.59 64.26 -30.41
CA PHE H 101 2.85 64.86 -31.53
C PHE H 101 1.35 64.98 -31.45
N GLY H 102 0.81 65.98 -32.17
CA GLY H 102 -0.62 66.16 -32.21
C GLY H 102 -1.20 65.29 -33.32
N ALA H 103 -2.52 65.32 -33.50
CA ALA H 103 -3.19 64.50 -34.53
C ALA H 103 -2.91 64.95 -35.98
N GLY H 104 -2.37 66.16 -36.12
CA GLY H 104 -2.05 66.67 -37.44
C GLY H 104 -3.15 67.55 -38.00
N THR H 105 -2.79 68.40 -38.96
CA THR H 105 -3.73 69.29 -39.62
C THR H 105 -3.51 69.19 -41.12
N ARG H 106 -4.49 68.65 -41.82
CA ARG H 106 -4.40 68.50 -43.27
C ARG H 106 -4.84 69.82 -43.91
N LEU H 107 -3.90 70.47 -44.59
CA LEU H 107 -4.16 71.76 -45.24
C LEU H 107 -3.93 71.71 -46.72
N SER H 108 -4.98 72.02 -47.48
CA SER H 108 -4.88 72.03 -48.94
C SER H 108 -5.09 73.44 -49.46
N VAL H 109 -4.35 73.78 -50.51
CA VAL H 109 -4.47 75.11 -51.10
C VAL H 109 -5.02 75.04 -52.52
N LEU H 110 -6.24 75.53 -52.66
CA LEU H 110 -6.94 75.57 -53.93
C LEU H 110 -6.43 76.84 -54.64
N SER H 111 -6.27 76.80 -55.96
CA SER H 111 -5.78 77.99 -56.65
C SER H 111 -6.94 78.91 -57.00
N GLY I 1 -52.37 11.14 -45.62
CA GLY I 1 -51.67 11.02 -46.95
C GLY I 1 -50.80 12.21 -47.33
N PRO I 2 -49.81 12.00 -48.21
CA PRO I 2 -48.89 13.05 -48.67
C PRO I 2 -49.49 14.10 -49.61
N HIS I 3 -48.88 15.28 -49.62
CA HIS I 3 -49.28 16.39 -50.46
C HIS I 3 -48.05 16.95 -51.13
N SER I 4 -48.23 17.80 -52.14
CA SER I 4 -47.08 18.35 -52.84
C SER I 4 -47.34 19.71 -53.45
N MET I 5 -46.26 20.46 -53.65
CA MET I 5 -46.35 21.76 -54.28
C MET I 5 -45.22 21.75 -55.30
N ARG I 6 -45.46 22.33 -56.46
CA ARG I 6 -44.44 22.32 -57.50
C ARG I 6 -44.51 23.58 -58.34
N TYR I 7 -43.35 24.15 -58.68
CA TYR I 7 -43.33 25.34 -59.52
C TYR I 7 -42.47 25.08 -60.76
N TYR I 8 -42.98 25.52 -61.92
CA TYR I 8 -42.27 25.35 -63.18
C TYR I 8 -42.03 26.69 -63.87
N GLU I 9 -40.77 27.12 -63.91
CA GLU I 9 -40.42 28.35 -64.58
C GLU I 9 -39.77 27.91 -65.90
N THR I 10 -40.14 28.53 -67.01
CA THR I 10 -39.56 28.20 -68.31
C THR I 10 -39.35 29.44 -69.14
N ALA I 11 -38.13 29.60 -69.64
CA ALA I 11 -37.78 30.74 -70.46
C ALA I 11 -37.48 30.22 -71.85
N THR I 12 -38.09 30.84 -72.85
CA THR I 12 -37.90 30.42 -74.23
C THR I 12 -37.52 31.58 -75.13
N SER I 13 -36.30 31.54 -75.68
CA SER I 13 -35.85 32.60 -76.59
C SER I 13 -36.05 32.07 -78.01
N ARG I 14 -36.52 32.90 -78.93
CA ARG I 14 -36.73 32.46 -80.31
C ARG I 14 -36.12 33.40 -81.35
N ARG I 15 -35.58 32.80 -82.41
CA ARG I 15 -34.92 33.50 -83.52
C ARG I 15 -35.27 34.98 -83.71
N GLY I 16 -34.33 35.84 -83.35
CA GLY I 16 -34.50 37.28 -83.48
C GLY I 16 -35.84 37.84 -83.04
N LEU I 17 -36.55 37.10 -82.17
CA LEU I 17 -37.85 37.56 -81.67
C LEU I 17 -37.71 38.26 -80.31
N GLY I 18 -36.66 39.07 -80.20
CA GLY I 18 -36.40 39.82 -78.98
C GLY I 18 -36.04 38.99 -77.75
N GLU I 19 -36.31 39.56 -76.57
CA GLU I 19 -36.03 38.89 -75.31
C GLU I 19 -36.92 37.67 -75.16
N PRO I 20 -36.42 36.63 -74.48
CA PRO I 20 -37.15 35.39 -74.25
C PRO I 20 -38.49 35.56 -73.54
N ARG I 21 -39.35 34.56 -73.67
CA ARG I 21 -40.66 34.59 -73.03
C ARG I 21 -40.54 33.82 -71.72
N TYR I 22 -41.03 34.42 -70.64
CA TYR I 22 -40.95 33.79 -69.33
C TYR I 22 -42.30 33.47 -68.77
N THR I 23 -42.44 32.27 -68.23
CA THR I 23 -43.67 31.85 -67.60
C THR I 23 -43.34 31.08 -66.35
N SER I 24 -44.25 31.14 -65.39
CA SER I 24 -44.08 30.44 -64.14
C SER I 24 -45.45 29.96 -63.65
N VAL I 25 -45.57 28.66 -63.42
CA VAL I 25 -46.84 28.13 -62.95
C VAL I 25 -46.61 27.27 -61.72
N GLY I 26 -47.51 27.42 -60.75
CA GLY I 26 -47.42 26.65 -59.52
C GLY I 26 -48.57 25.68 -59.38
N TYR I 27 -48.26 24.53 -58.79
CA TYR I 27 -49.24 23.46 -58.57
C TYR I 27 -49.28 22.96 -57.12
N VAL I 28 -50.47 22.90 -56.54
CA VAL I 28 -50.63 22.34 -55.19
C VAL I 28 -51.29 20.99 -55.45
N ASP I 29 -50.65 19.92 -54.97
CA ASP I 29 -51.14 18.57 -55.25
C ASP I 29 -51.07 18.58 -56.77
N ASP I 30 -52.15 18.36 -57.49
CA ASP I 30 -51.97 18.40 -58.93
C ASP I 30 -52.87 19.40 -59.61
N LYS I 31 -53.06 20.53 -58.94
CA LYS I 31 -53.93 21.57 -59.46
C LYS I 31 -53.16 22.87 -59.58
N GLU I 32 -53.26 23.53 -60.74
CA GLU I 32 -52.59 24.81 -60.95
C GLU I 32 -53.33 25.84 -60.10
N PHE I 33 -52.60 26.62 -59.30
CA PHE I 33 -53.24 27.62 -58.44
C PHE I 33 -52.69 29.03 -58.61
N VAL I 34 -51.56 29.14 -59.30
CA VAL I 34 -50.96 30.44 -59.50
C VAL I 34 -50.18 30.41 -60.82
N ARG I 35 -50.04 31.57 -61.46
CA ARG I 35 -49.37 31.64 -62.76
C ARG I 35 -48.87 33.03 -63.13
N PHE I 36 -47.81 33.10 -63.92
CA PHE I 36 -47.22 34.35 -64.37
C PHE I 36 -46.76 34.22 -65.81
N ASP I 37 -47.09 35.23 -66.62
CA ASP I 37 -46.74 35.21 -68.03
C ASP I 37 -46.15 36.56 -68.44
N SER I 38 -44.95 36.53 -69.02
CA SER I 38 -44.28 37.76 -69.44
C SER I 38 -44.89 38.28 -70.72
N ASP I 39 -45.58 37.39 -71.43
CA ASP I 39 -46.24 37.75 -72.68
C ASP I 39 -47.51 38.51 -72.37
N ALA I 40 -47.88 38.57 -71.11
CA ALA I 40 -49.09 39.28 -70.73
C ALA I 40 -48.89 40.78 -70.93
N GLU I 41 -49.99 41.49 -71.12
CA GLU I 41 -49.97 42.93 -71.32
C GLU I 41 -49.42 43.56 -70.03
N ASN I 42 -49.84 42.98 -68.91
CA ASN I 42 -49.45 43.43 -67.58
C ASN I 42 -48.88 42.23 -66.83
N PRO I 43 -47.59 41.94 -67.05
CA PRO I 43 -46.94 40.80 -66.37
C PRO I 43 -47.19 40.86 -64.87
N ARG I 44 -47.82 39.82 -64.34
CA ARG I 44 -48.13 39.76 -62.92
C ARG I 44 -48.45 38.33 -62.52
N TYR I 45 -48.19 37.99 -61.26
CA TYR I 45 -48.53 36.67 -60.77
C TYR I 45 -50.01 36.76 -60.42
N GLU I 46 -50.81 35.81 -60.88
CA GLU I 46 -52.24 35.85 -60.59
C GLU I 46 -52.85 34.54 -60.18
N PRO I 47 -53.90 34.60 -59.34
CA PRO I 47 -54.61 33.41 -58.86
C PRO I 47 -55.38 32.67 -59.95
N GLN I 48 -55.17 31.35 -60.02
CA GLN I 48 -55.82 30.53 -61.03
C GLN I 48 -57.04 29.81 -60.47
N VAL I 49 -57.25 29.92 -59.17
CA VAL I 49 -58.40 29.31 -58.52
C VAL I 49 -58.88 30.31 -57.47
N PRO I 50 -60.19 30.33 -57.21
CA PRO I 50 -60.76 31.24 -56.23
C PRO I 50 -60.16 31.27 -54.81
N TRP I 51 -59.87 30.12 -54.20
CA TRP I 51 -59.34 30.19 -52.84
C TRP I 51 -58.00 30.92 -52.69
N MET I 52 -57.34 31.24 -53.80
CA MET I 52 -56.08 31.96 -53.73
C MET I 52 -56.32 33.45 -53.73
N GLU I 53 -57.58 33.84 -53.93
CA GLU I 53 -57.92 35.25 -53.95
C GLU I 53 -57.91 35.80 -52.53
N GLN I 54 -57.84 34.89 -51.56
CA GLN I 54 -57.84 35.30 -50.17
C GLN I 54 -56.43 35.61 -49.66
N GLU I 55 -55.56 36.04 -50.56
CA GLU I 55 -54.20 36.39 -50.18
C GLU I 55 -54.09 37.90 -50.36
N GLY I 56 -53.49 38.56 -49.39
CA GLY I 56 -53.34 40.02 -49.44
C GLY I 56 -52.69 40.58 -50.70
N PRO I 57 -52.81 41.90 -50.92
CA PRO I 57 -52.21 42.55 -52.09
C PRO I 57 -50.70 42.55 -52.00
N GLU I 58 -50.23 42.54 -50.76
CA GLU I 58 -48.79 42.53 -50.50
C GLU I 58 -48.19 41.23 -51.00
N TYR I 59 -48.98 40.17 -50.89
CA TYR I 59 -48.55 38.85 -51.33
C TYR I 59 -48.28 38.88 -52.83
N TRP I 60 -49.31 39.23 -53.58
CA TRP I 60 -49.21 39.28 -55.03
C TRP I 60 -48.16 40.25 -55.50
N GLU I 61 -47.81 41.21 -54.66
CA GLU I 61 -46.81 42.18 -55.01
C GLU I 61 -45.40 41.60 -55.03
N ARG I 62 -44.96 41.03 -53.91
CA ARG I 62 -43.62 40.49 -53.87
C ARG I 62 -43.47 39.25 -54.72
N ILE I 63 -44.53 38.46 -54.82
CA ILE I 63 -44.49 37.26 -55.64
C ILE I 63 -44.15 37.73 -57.06
N THR I 64 -44.87 38.77 -57.50
CA THR I 64 -44.64 39.34 -58.82
C THR I 64 -43.24 39.89 -58.97
N GLN I 65 -42.75 40.53 -57.92
CA GLN I 65 -41.41 41.09 -57.98
C GLN I 65 -40.36 40.00 -58.14
N VAL I 66 -40.61 38.85 -57.55
CA VAL I 66 -39.67 37.75 -57.66
C VAL I 66 -39.65 37.29 -59.09
N ALA I 67 -40.83 37.18 -59.68
CA ALA I 67 -40.96 36.74 -61.07
C ALA I 67 -40.18 37.62 -62.02
N LYS I 68 -40.18 38.92 -61.77
CA LYS I 68 -39.47 39.86 -62.64
C LYS I 68 -37.97 39.66 -62.49
N GLY I 69 -37.54 39.34 -61.29
CA GLY I 69 -36.13 39.10 -61.07
C GLY I 69 -35.73 37.81 -61.77
N GLN I 70 -36.58 36.79 -61.61
CA GLN I 70 -36.36 35.48 -62.22
C GLN I 70 -36.27 35.60 -63.75
N GLU I 71 -37.04 36.52 -64.32
CA GLU I 71 -37.02 36.72 -65.77
C GLU I 71 -35.61 37.08 -66.18
N GLN I 72 -34.99 37.96 -65.40
CA GLN I 72 -33.62 38.37 -65.69
C GLN I 72 -32.64 37.21 -65.53
N TRP I 73 -32.81 36.43 -64.46
CA TRP I 73 -31.91 35.30 -64.22
C TRP I 73 -31.81 34.40 -65.45
N PHE I 74 -32.97 34.07 -66.02
CA PHE I 74 -33.06 33.22 -67.20
C PHE I 74 -32.43 33.91 -68.40
N ARG I 75 -32.76 35.18 -68.56
CA ARG I 75 -32.25 35.96 -69.66
C ARG I 75 -30.72 35.85 -69.65
N VAL I 76 -30.14 35.94 -68.45
CA VAL I 76 -28.70 35.87 -68.33
C VAL I 76 -28.16 34.46 -68.50
N ASN I 77 -28.72 33.51 -67.76
CA ASN I 77 -28.21 32.16 -67.84
C ASN I 77 -28.42 31.48 -69.18
N LEU I 78 -29.41 31.93 -69.93
CA LEU I 78 -29.64 31.36 -71.24
C LEU I 78 -28.38 31.64 -72.06
N ARG I 79 -27.82 32.82 -71.82
CA ARG I 79 -26.60 33.24 -72.51
C ARG I 79 -25.40 32.49 -72.02
N THR I 80 -25.23 32.38 -70.71
CA THR I 80 -24.06 31.66 -70.24
C THR I 80 -24.07 30.21 -70.75
N LEU I 81 -25.25 29.66 -70.98
CA LEU I 81 -25.34 28.29 -71.49
C LEU I 81 -24.99 28.24 -72.98
N LEU I 82 -25.25 29.33 -73.71
CA LEU I 82 -24.89 29.36 -75.12
C LEU I 82 -23.40 29.13 -75.17
N GLY I 83 -22.68 29.82 -74.30
CA GLY I 83 -21.24 29.67 -74.25
C GLY I 83 -20.84 28.24 -73.95
N TYR I 84 -21.24 27.77 -72.77
CA TYR I 84 -20.94 26.41 -72.31
C TYR I 84 -21.04 25.34 -73.41
N TYR I 85 -22.11 25.42 -74.22
CA TYR I 85 -22.33 24.47 -75.30
C TYR I 85 -21.83 24.99 -76.64
N ASN I 86 -21.22 26.18 -76.63
CA ASN I 86 -20.69 26.77 -77.85
C ASN I 86 -21.74 26.80 -79.00
N GLN I 87 -22.78 27.60 -78.82
CA GLN I 87 -23.83 27.71 -79.82
C GLN I 87 -23.95 29.14 -80.34
N SER I 88 -24.78 29.33 -81.36
CA SER I 88 -24.99 30.63 -81.97
C SER I 88 -25.58 31.66 -81.00
N ALA I 89 -26.11 32.75 -81.56
CA ALA I 89 -26.69 33.79 -80.74
C ALA I 89 -28.17 34.01 -81.12
N GLY I 90 -28.43 34.10 -82.42
CA GLY I 90 -29.80 34.31 -82.87
C GLY I 90 -30.62 33.06 -82.74
N GLY I 91 -29.96 31.97 -82.34
CA GLY I 91 -30.64 30.70 -82.18
C GLY I 91 -31.83 30.70 -81.24
N THR I 92 -32.60 29.62 -81.29
CA THR I 92 -33.76 29.49 -80.43
C THR I 92 -33.52 28.39 -79.38
N HIS I 93 -33.66 28.75 -78.10
CA HIS I 93 -33.43 27.81 -77.02
C HIS I 93 -34.38 27.93 -75.85
N THR I 94 -34.30 26.95 -74.95
CA THR I 94 -35.16 26.95 -73.78
C THR I 94 -34.39 26.54 -72.52
N LEU I 95 -34.73 27.19 -71.40
CA LEU I 95 -34.11 26.90 -70.13
C LEU I 95 -35.22 26.91 -69.10
N GLN I 96 -35.37 25.81 -68.37
CA GLN I 96 -36.41 25.75 -67.36
C GLN I 96 -35.93 25.26 -66.00
N ARG I 97 -36.66 25.69 -64.98
CA ARG I 97 -36.37 25.34 -63.61
C ARG I 97 -37.62 24.73 -62.99
N MET I 98 -37.43 23.77 -62.12
CA MET I 98 -38.55 23.13 -61.45
C MET I 98 -38.11 22.87 -60.04
N TYR I 99 -38.88 23.36 -59.09
CA TYR I 99 -38.59 23.16 -57.69
C TYR I 99 -39.89 22.93 -56.99
N GLY I 100 -39.80 22.36 -55.80
CA GLY I 100 -41.00 22.05 -55.05
C GLY I 100 -40.70 21.22 -53.82
N CYS I 101 -41.75 20.65 -53.26
CA CYS I 101 -41.63 19.91 -52.02
C CYS I 101 -42.86 19.06 -51.76
N ASP I 102 -42.62 17.82 -51.37
CA ASP I 102 -43.69 16.88 -51.03
C ASP I 102 -43.63 16.81 -49.52
N VAL I 103 -44.76 16.55 -48.88
CA VAL I 103 -44.77 16.42 -47.44
C VAL I 103 -45.46 15.12 -47.11
N GLY I 104 -45.10 14.50 -45.99
CA GLY I 104 -45.74 13.26 -45.61
C GLY I 104 -46.99 13.55 -44.80
N SER I 105 -47.67 12.50 -44.36
CA SER I 105 -48.90 12.68 -43.60
C SER I 105 -48.70 13.56 -42.37
N ASP I 106 -47.48 13.65 -41.87
CA ASP I 106 -47.23 14.48 -40.71
C ASP I 106 -46.98 15.94 -41.11
N GLY I 107 -47.17 16.23 -42.39
CA GLY I 107 -46.97 17.59 -42.88
C GLY I 107 -45.53 18.07 -42.97
N ARG I 108 -44.59 17.22 -42.57
CA ARG I 108 -43.16 17.55 -42.60
C ARG I 108 -42.56 17.13 -43.94
N LEU I 109 -41.53 17.84 -44.40
CA LEU I 109 -40.93 17.54 -45.69
C LEU I 109 -40.79 16.04 -45.97
N LEU I 110 -40.90 15.67 -47.24
CA LEU I 110 -40.78 14.27 -47.68
C LEU I 110 -39.75 14.20 -48.79
N ARG I 111 -39.61 15.29 -49.54
CA ARG I 111 -38.66 15.35 -50.63
C ARG I 111 -38.59 16.78 -51.13
N GLY I 112 -37.38 17.26 -51.37
CA GLY I 112 -37.21 18.61 -51.86
C GLY I 112 -36.83 18.59 -53.33
N TYR I 113 -37.10 19.67 -54.03
CA TYR I 113 -36.78 19.75 -55.46
C TYR I 113 -36.15 21.06 -55.89
N GLU I 114 -35.23 20.95 -56.85
CA GLU I 114 -34.53 22.07 -57.44
C GLU I 114 -33.77 21.43 -58.60
N GLN I 115 -34.11 21.80 -59.83
CA GLN I 115 -33.44 21.21 -60.97
C GLN I 115 -33.62 22.04 -62.23
N PHE I 116 -32.69 21.87 -63.16
CA PHE I 116 -32.75 22.64 -64.38
C PHE I 116 -32.60 21.79 -65.64
N ALA I 117 -33.32 22.19 -66.69
CA ALA I 117 -33.30 21.51 -67.98
C ALA I 117 -33.09 22.53 -69.11
N TYR I 118 -32.11 22.25 -69.97
CA TYR I 118 -31.80 23.14 -71.09
C TYR I 118 -32.17 22.49 -72.41
N ASP I 119 -32.92 23.23 -73.22
CA ASP I 119 -33.33 22.74 -74.53
C ASP I 119 -34.05 21.39 -74.50
N GLY I 120 -34.74 21.12 -73.39
CA GLY I 120 -35.46 19.88 -73.29
C GLY I 120 -34.72 18.76 -72.58
N CYS I 121 -33.40 18.86 -72.55
CA CYS I 121 -32.58 17.83 -71.90
C CYS I 121 -32.19 18.19 -70.46
N ASP I 122 -32.00 17.18 -69.61
CA ASP I 122 -31.63 17.42 -68.22
C ASP I 122 -30.28 18.10 -68.13
N TYR I 123 -30.12 18.96 -67.13
CA TYR I 123 -28.88 19.68 -66.93
C TYR I 123 -28.29 19.41 -65.54
N ILE I 124 -28.99 19.83 -64.50
CA ILE I 124 -28.50 19.57 -63.16
C ILE I 124 -29.68 19.52 -62.21
N ALA I 125 -29.63 18.60 -61.25
CA ALA I 125 -30.71 18.46 -60.27
C ALA I 125 -30.23 18.11 -58.86
N LEU I 126 -30.86 18.73 -57.88
CA LEU I 126 -30.52 18.48 -56.48
C LEU I 126 -30.99 17.07 -56.16
N ASN I 127 -30.11 16.26 -55.58
CA ASN I 127 -30.48 14.90 -55.24
C ASN I 127 -31.38 14.88 -54.03
N GLU I 128 -31.98 13.72 -53.79
CA GLU I 128 -32.91 13.55 -52.68
C GLU I 128 -32.37 13.97 -51.31
N ASP I 129 -31.06 13.84 -51.14
CA ASP I 129 -30.41 14.20 -49.88
C ASP I 129 -30.35 15.71 -49.63
N LEU I 130 -30.59 16.50 -50.68
CA LEU I 130 -30.53 17.96 -50.59
C LEU I 130 -29.11 18.37 -50.19
N ARG I 131 -28.15 17.55 -50.63
CA ARG I 131 -26.73 17.76 -50.33
C ARG I 131 -25.84 17.60 -51.55
N THR I 132 -26.20 16.70 -52.45
CA THR I 132 -25.40 16.46 -53.65
C THR I 132 -26.14 16.82 -54.93
N TRP I 133 -25.42 16.86 -56.05
CA TRP I 133 -26.02 17.22 -57.33
C TRP I 133 -25.74 16.21 -58.41
N THR I 134 -26.66 16.11 -59.36
CA THR I 134 -26.49 15.20 -60.48
C THR I 134 -26.30 16.04 -61.72
N ALA I 135 -25.18 15.87 -62.40
CA ALA I 135 -24.90 16.66 -63.58
C ALA I 135 -25.02 15.85 -64.84
N ALA I 136 -26.00 16.22 -65.66
CA ALA I 136 -26.27 15.55 -66.93
C ALA I 136 -25.01 15.31 -67.75
N ASP I 137 -24.56 16.34 -68.46
CA ASP I 137 -23.38 16.25 -69.31
C ASP I 137 -22.17 17.00 -68.73
N MET I 138 -21.19 17.28 -69.59
CA MET I 138 -19.98 17.99 -69.18
C MET I 138 -20.19 19.46 -68.84
N ALA I 139 -21.02 20.14 -69.62
CA ALA I 139 -21.29 21.55 -69.36
C ALA I 139 -21.83 21.69 -67.95
N ALA I 140 -22.82 20.87 -67.62
CA ALA I 140 -23.42 20.90 -66.30
C ALA I 140 -22.40 20.61 -65.20
N GLN I 141 -21.35 19.88 -65.58
CA GLN I 141 -20.28 19.51 -64.67
C GLN I 141 -19.69 20.79 -64.08
N ILE I 142 -19.59 21.81 -64.93
CA ILE I 142 -19.06 23.10 -64.56
C ILE I 142 -19.90 23.75 -63.47
N THR I 143 -21.20 23.80 -63.69
CA THR I 143 -22.13 24.38 -62.72
C THR I 143 -22.00 23.63 -61.40
N ARG I 144 -22.10 22.31 -61.47
CA ARG I 144 -22.01 21.46 -60.29
C ARG I 144 -20.81 21.85 -59.46
N ARG I 145 -19.68 22.02 -60.12
CA ARG I 145 -18.43 22.38 -59.46
C ARG I 145 -18.55 23.66 -58.63
N LYS I 146 -18.95 24.77 -59.25
CA LYS I 146 -19.07 26.02 -58.51
C LYS I 146 -20.18 25.96 -57.48
N TRP I 147 -21.24 25.20 -57.76
CA TRP I 147 -22.35 25.07 -56.82
C TRP I 147 -21.95 24.26 -55.59
N GLU I 148 -21.01 23.33 -55.78
CA GLU I 148 -20.52 22.50 -54.67
C GLU I 148 -19.63 23.41 -53.82
N GLN I 149 -18.86 24.25 -54.51
CA GLN I 149 -17.95 25.18 -53.88
C GLN I 149 -18.70 26.26 -53.10
N ALA I 150 -19.72 26.85 -53.73
CA ALA I 150 -20.53 27.90 -53.10
C ALA I 150 -21.57 27.42 -52.11
N GLY I 151 -21.71 26.11 -51.97
CA GLY I 151 -22.68 25.55 -51.05
C GLY I 151 -24.12 25.82 -51.46
N ALA I 152 -24.38 25.71 -52.77
CA ALA I 152 -25.71 25.94 -53.31
C ALA I 152 -26.74 25.00 -52.69
N ALA I 153 -26.37 23.75 -52.47
CA ALA I 153 -27.29 22.78 -51.89
C ALA I 153 -27.89 23.30 -50.57
N GLU I 154 -27.05 23.83 -49.69
CA GLU I 154 -27.54 24.33 -48.40
C GLU I 154 -28.47 25.51 -48.63
N TYR I 155 -28.15 26.30 -49.65
CA TYR I 155 -28.94 27.47 -49.99
C TYR I 155 -30.39 27.10 -50.28
N TYR I 156 -30.59 26.25 -51.28
CA TYR I 156 -31.91 25.78 -51.65
C TYR I 156 -32.55 24.97 -50.52
N ARG I 157 -31.80 24.04 -49.94
CA ARG I 157 -32.30 23.21 -48.86
C ARG I 157 -33.04 24.09 -47.85
N ALA I 158 -32.42 25.19 -47.45
CA ALA I 158 -32.99 26.12 -46.48
C ALA I 158 -34.45 26.41 -46.77
N TYR I 159 -34.75 26.66 -48.04
CA TYR I 159 -36.11 26.94 -48.47
C TYR I 159 -36.97 25.67 -48.53
N LEU I 160 -36.50 24.66 -49.25
CA LEU I 160 -37.23 23.43 -49.38
C LEU I 160 -37.70 22.86 -48.04
N GLU I 161 -36.83 22.88 -47.03
CA GLU I 161 -37.16 22.36 -45.70
C GLU I 161 -38.19 23.13 -44.90
N GLY I 162 -38.21 24.45 -44.99
CA GLY I 162 -39.15 25.18 -44.17
C GLY I 162 -40.13 26.10 -44.85
N GLU I 163 -39.62 27.16 -45.48
CA GLU I 163 -40.51 28.11 -46.13
C GLU I 163 -41.48 27.40 -47.06
N CYS I 164 -40.98 26.51 -47.92
CA CYS I 164 -41.89 25.82 -48.82
C CYS I 164 -42.98 25.10 -48.05
N VAL I 165 -42.57 24.11 -47.27
CA VAL I 165 -43.49 23.30 -46.50
C VAL I 165 -44.52 24.14 -45.77
N GLU I 166 -44.08 25.23 -45.15
CA GLU I 166 -44.98 26.09 -44.44
C GLU I 166 -46.07 26.66 -45.34
N TRP I 167 -45.69 27.14 -46.53
CA TRP I 167 -46.67 27.69 -47.45
C TRP I 167 -47.57 26.61 -48.04
N LEU I 168 -47.02 25.45 -48.38
CA LEU I 168 -47.85 24.37 -48.91
C LEU I 168 -49.02 24.16 -47.96
N HIS I 169 -48.78 24.39 -46.68
CA HIS I 169 -49.82 24.25 -45.66
C HIS I 169 -50.80 25.41 -45.69
N ARG I 170 -50.28 26.62 -45.83
CA ARG I 170 -51.13 27.81 -45.88
C ARG I 170 -52.17 27.53 -46.99
N TYR I 171 -51.71 27.07 -48.14
CA TYR I 171 -52.59 26.79 -49.26
C TYR I 171 -53.53 25.63 -49.02
N LEU I 172 -53.07 24.57 -48.36
CA LEU I 172 -53.93 23.42 -48.12
C LEU I 172 -55.08 23.74 -47.17
N LYS I 173 -54.87 24.69 -46.27
CA LYS I 173 -55.93 25.07 -45.35
C LYS I 173 -56.94 25.96 -46.08
N ASN I 174 -56.42 26.80 -46.99
CA ASN I 174 -57.20 27.75 -47.80
C ASN I 174 -58.31 27.14 -48.66
N GLY I 175 -58.30 25.82 -48.84
CA GLY I 175 -59.34 25.19 -49.63
C GLY I 175 -59.78 23.81 -49.13
N GLN J 1 -44.76 31.79 -50.82
CA GLN J 1 -43.39 32.24 -51.14
C GLN J 1 -42.68 31.30 -52.06
N LEU J 2 -41.83 31.88 -52.88
CA LEU J 2 -41.11 31.11 -53.86
C LEU J 2 -39.69 30.80 -53.43
N SER J 3 -39.03 30.01 -54.25
CA SER J 3 -37.67 29.64 -54.01
C SER J 3 -36.86 30.90 -54.25
N PRO J 4 -35.77 31.06 -53.51
CA PRO J 4 -34.93 32.26 -53.67
C PRO J 4 -34.27 32.34 -55.04
N PHE J 5 -33.77 33.53 -55.37
CA PHE J 5 -33.05 33.76 -56.62
C PHE J 5 -31.97 32.69 -56.69
N PRO J 6 -31.87 31.97 -57.83
CA PRO J 6 -30.85 30.92 -57.95
C PRO J 6 -29.43 31.40 -58.23
N PHE J 7 -28.46 30.52 -58.00
CA PHE J 7 -27.05 30.83 -58.26
C PHE J 7 -26.79 30.88 -59.75
N ASP J 8 -25.59 31.31 -60.11
CA ASP J 8 -25.23 31.39 -61.52
C ASP J 8 -24.86 30.03 -62.07
N LEU J 9 -25.29 29.75 -63.30
CA LEU J 9 -24.95 28.47 -63.93
C LEU J 9 -23.49 28.57 -64.35
N SER K 1 -35.60 43.19 -43.20
CA SER K 1 -35.19 44.02 -42.01
C SER K 1 -34.41 43.22 -40.95
N VAL K 2 -33.24 43.76 -40.57
CA VAL K 2 -32.40 43.16 -39.54
C VAL K 2 -32.14 44.29 -38.55
N THR K 3 -31.97 43.95 -37.28
CA THR K 3 -31.75 44.96 -36.28
C THR K 3 -30.58 44.69 -35.35
N GLN K 4 -29.70 45.68 -35.23
CA GLN K 4 -28.55 45.60 -34.35
C GLN K 4 -28.89 46.65 -33.32
N PRO K 5 -29.43 46.23 -32.16
CA PRO K 5 -29.84 47.09 -31.04
C PRO K 5 -28.78 48.03 -30.43
N ASP K 6 -27.52 47.64 -30.49
CA ASP K 6 -26.48 48.45 -29.89
C ASP K 6 -25.62 49.16 -30.91
N ALA K 7 -25.55 50.48 -30.79
CA ALA K 7 -24.76 51.29 -31.70
C ALA K 7 -23.26 51.10 -31.43
N ARG K 8 -22.87 51.25 -30.17
CA ARG K 8 -21.48 51.12 -29.78
C ARG K 8 -21.36 50.07 -28.69
N VAL K 9 -20.24 49.36 -28.67
CA VAL K 9 -19.95 48.35 -27.67
C VAL K 9 -18.46 48.42 -27.38
N THR K 10 -18.11 48.37 -26.10
CA THR K 10 -16.71 48.43 -25.68
C THR K 10 -16.32 47.19 -24.86
N VAL K 11 -15.17 46.61 -25.18
CA VAL K 11 -14.69 45.43 -24.47
C VAL K 11 -13.21 45.50 -24.17
N SER K 12 -12.80 44.88 -23.06
CA SER K 12 -11.41 44.87 -22.66
C SER K 12 -10.70 43.86 -23.54
N GLU K 13 -9.54 44.22 -24.07
CA GLU K 13 -8.80 43.29 -24.89
C GLU K 13 -8.66 41.96 -24.16
N GLY K 14 -8.88 40.84 -24.86
CA GLY K 14 -8.76 39.53 -24.24
C GLY K 14 -10.07 38.95 -23.76
N ALA K 15 -11.06 39.83 -23.60
CA ALA K 15 -12.38 39.42 -23.15
C ALA K 15 -13.23 38.96 -24.34
N SER K 16 -14.34 38.31 -24.04
CA SER K 16 -15.21 37.83 -25.07
C SER K 16 -16.11 38.96 -25.57
N LEU K 17 -16.52 38.84 -26.83
CA LEU K 17 -17.40 39.84 -27.46
C LEU K 17 -18.67 39.20 -27.99
N GLN K 18 -19.79 39.89 -27.81
CA GLN K 18 -21.06 39.41 -28.30
C GLN K 18 -21.85 40.56 -28.88
N LEU K 19 -22.11 40.50 -30.18
CA LEU K 19 -22.88 41.53 -30.86
C LEU K 19 -24.24 40.94 -31.18
N ARG K 20 -25.30 41.60 -30.71
CA ARG K 20 -26.66 41.11 -30.96
C ARG K 20 -27.28 41.53 -32.28
N CYS K 21 -28.08 40.62 -32.84
CA CYS K 21 -28.78 40.86 -34.09
C CYS K 21 -30.11 40.15 -34.18
N LYS K 22 -31.17 40.92 -34.41
CA LYS K 22 -32.51 40.35 -34.51
C LYS K 22 -33.00 40.58 -35.93
N TYR K 23 -33.72 39.62 -36.47
CA TYR K 23 -34.23 39.78 -37.81
C TYR K 23 -35.73 39.60 -37.80
N SER K 24 -36.37 40.32 -38.69
CA SER K 24 -37.81 40.23 -38.88
C SER K 24 -37.88 40.06 -40.38
N TYR K 25 -38.13 38.85 -40.82
CA TYR K 25 -38.18 38.62 -42.24
C TYR K 25 -39.01 37.37 -42.38
N SER K 26 -40.06 37.45 -43.19
CA SER K 26 -40.97 36.33 -43.36
C SER K 26 -40.39 35.14 -44.10
N ALA K 27 -39.79 35.39 -45.25
CA ALA K 27 -39.22 34.31 -46.06
C ALA K 27 -38.04 33.59 -45.41
N THR K 28 -37.44 32.69 -46.18
CA THR K 28 -36.28 31.92 -45.75
C THR K 28 -35.13 32.89 -45.44
N PRO K 29 -34.67 32.91 -44.18
CA PRO K 29 -33.58 33.81 -43.78
C PRO K 29 -32.17 33.39 -44.17
N TYR K 30 -31.51 34.25 -44.94
CA TYR K 30 -30.14 34.01 -45.34
C TYR K 30 -29.43 35.15 -44.63
N LEU K 31 -28.80 34.81 -43.51
CA LEU K 31 -28.11 35.78 -42.67
C LEU K 31 -26.59 35.81 -42.82
N PHE K 32 -26.02 37.02 -42.70
CA PHE K 32 -24.59 37.21 -42.82
C PHE K 32 -24.07 38.23 -41.79
N TRP K 33 -22.76 38.18 -41.59
CA TRP K 33 -22.08 39.12 -40.71
C TRP K 33 -20.86 39.64 -41.48
N TYR K 34 -20.77 40.96 -41.60
CA TYR K 34 -19.64 41.58 -42.27
C TYR K 34 -18.91 42.48 -41.29
N VAL K 35 -17.60 42.56 -41.46
CA VAL K 35 -16.79 43.43 -40.61
C VAL K 35 -16.22 44.51 -41.51
N GLN K 36 -16.19 45.75 -41.01
CA GLN K 36 -15.65 46.83 -41.81
C GLN K 36 -14.58 47.61 -41.08
N TYR K 37 -13.33 47.40 -41.49
CA TYR K 37 -12.19 48.09 -40.88
C TYR K 37 -12.04 49.44 -41.57
N PRO K 38 -11.70 50.49 -40.79
CA PRO K 38 -11.54 51.85 -41.29
C PRO K 38 -11.03 52.01 -42.72
N ARG K 39 -11.67 52.92 -43.45
CA ARG K 39 -11.36 53.23 -44.85
C ARG K 39 -11.36 51.98 -45.72
N GLN K 40 -12.22 51.03 -45.40
CA GLN K 40 -12.30 49.79 -46.16
C GLN K 40 -13.72 49.31 -46.40
N GLY K 41 -13.85 48.42 -47.37
CA GLY K 41 -15.16 47.88 -47.69
C GLY K 41 -15.55 46.80 -46.70
N PRO K 42 -16.82 46.35 -46.72
CA PRO K 42 -17.26 45.32 -45.79
C PRO K 42 -16.66 43.97 -46.20
N GLN K 43 -16.24 43.18 -45.22
CA GLN K 43 -15.67 41.87 -45.49
C GLN K 43 -16.51 40.80 -44.83
N LEU K 44 -16.74 39.71 -45.55
CA LEU K 44 -17.54 38.63 -45.03
C LEU K 44 -16.86 37.93 -43.85
N LEU K 45 -17.61 37.73 -42.79
CA LEU K 45 -17.12 37.08 -41.58
C LEU K 45 -17.63 35.64 -41.62
N LEU K 46 -18.95 35.51 -41.68
CA LEU K 46 -19.59 34.20 -41.73
C LEU K 46 -21.00 34.34 -42.29
N LYS K 47 -21.60 33.22 -42.64
CA LYS K 47 -22.95 33.22 -43.19
C LYS K 47 -23.69 31.96 -42.75
N TYR K 48 -25.02 32.03 -42.81
CA TYR K 48 -25.84 30.89 -42.44
C TYR K 48 -26.95 30.65 -43.45
N TYR K 49 -27.01 29.45 -44.01
CA TYR K 49 -28.05 29.07 -44.97
C TYR K 49 -29.02 28.10 -44.29
N SER K 50 -28.53 26.89 -43.98
CA SER K 50 -29.31 25.84 -43.30
C SER K 50 -28.35 24.92 -42.53
N GLY K 51 -28.88 23.86 -41.92
CA GLY K 51 -28.04 22.93 -41.19
C GLY K 51 -27.61 23.35 -39.80
N ASP K 52 -26.35 23.13 -39.46
CA ASP K 52 -25.81 23.51 -38.14
C ASP K 52 -26.15 24.98 -37.88
N PRO K 53 -26.97 25.24 -36.85
CA PRO K 53 -27.41 26.58 -36.45
C PRO K 53 -26.25 27.44 -35.94
N VAL K 54 -25.10 26.80 -35.73
CA VAL K 54 -23.92 27.50 -35.27
C VAL K 54 -22.89 27.44 -36.38
N VAL K 55 -22.60 28.61 -36.95
CA VAL K 55 -21.65 28.71 -38.05
C VAL K 55 -20.32 29.33 -37.61
N GLN K 56 -19.23 28.86 -38.22
CA GLN K 56 -17.90 29.37 -37.89
C GLN K 56 -17.37 30.31 -38.97
N GLY K 57 -16.67 31.35 -38.56
CA GLY K 57 -16.14 32.29 -39.53
C GLY K 57 -14.66 32.53 -39.35
N VAL K 58 -14.12 33.45 -40.15
CA VAL K 58 -12.71 33.81 -40.07
C VAL K 58 -12.45 34.54 -38.75
N ASN K 59 -11.17 34.64 -38.38
CA ASN K 59 -10.78 35.33 -37.15
C ASN K 59 -11.46 34.91 -35.86
N GLY K 60 -11.62 33.61 -35.64
CA GLY K 60 -12.24 33.15 -34.41
C GLY K 60 -13.62 33.76 -34.15
N PHE K 61 -14.40 33.91 -35.22
CA PHE K 61 -15.75 34.45 -35.13
C PHE K 61 -16.75 33.34 -35.39
N GLU K 62 -17.87 33.40 -34.68
CA GLU K 62 -18.93 32.41 -34.85
C GLU K 62 -20.22 33.09 -34.54
N ALA K 63 -21.30 32.54 -35.09
CA ALA K 63 -22.63 33.08 -34.87
C ALA K 63 -23.63 31.95 -34.75
N GLU K 64 -24.74 32.24 -34.08
CA GLU K 64 -25.79 31.25 -33.89
C GLU K 64 -27.17 31.73 -34.30
N PHE K 65 -27.74 31.01 -35.26
CA PHE K 65 -29.05 31.28 -35.81
C PHE K 65 -30.12 30.68 -34.90
N SER K 66 -31.11 31.47 -34.56
CA SER K 66 -32.19 31.00 -33.71
C SER K 66 -33.53 31.37 -34.29
N LYS K 67 -34.15 30.43 -35.02
CA LYS K 67 -35.45 30.70 -35.62
C LYS K 67 -36.44 31.14 -34.55
N SER K 68 -36.43 30.44 -33.41
CA SER K 68 -37.34 30.76 -32.33
C SER K 68 -37.13 32.19 -31.85
N ASN K 69 -35.92 32.50 -31.39
CA ASN K 69 -35.58 33.83 -30.89
C ASN K 69 -35.43 34.86 -32.02
N SER K 70 -35.42 34.41 -33.27
CA SER K 70 -35.29 35.30 -34.42
C SER K 70 -34.04 36.15 -34.31
N SER K 71 -32.95 35.52 -33.91
CA SER K 71 -31.67 36.20 -33.76
C SER K 71 -30.55 35.46 -34.48
N PHE K 72 -29.42 36.13 -34.63
CA PHE K 72 -28.25 35.60 -35.29
C PHE K 72 -27.11 36.37 -34.67
N HIS K 73 -26.95 36.22 -33.36
CA HIS K 73 -25.91 36.89 -32.60
C HIS K 73 -24.50 36.42 -32.93
N LEU K 74 -23.57 37.36 -32.95
CA LEU K 74 -22.18 37.09 -33.26
C LEU K 74 -21.34 36.93 -31.98
N ARG K 75 -20.26 36.17 -32.05
CA ARG K 75 -19.42 36.02 -30.87
C ARG K 75 -17.99 35.69 -31.21
N LYS K 76 -17.09 36.17 -30.34
CA LYS K 76 -15.65 35.92 -30.42
C LYS K 76 -15.23 35.70 -28.99
N ALA K 77 -14.55 34.59 -28.72
CA ALA K 77 -14.16 34.26 -27.35
C ALA K 77 -13.13 35.20 -26.73
N SER K 78 -12.20 35.71 -27.53
CA SER K 78 -11.19 36.61 -27.00
C SER K 78 -10.80 37.65 -28.04
N VAL K 79 -11.26 38.88 -27.85
CA VAL K 79 -10.98 39.97 -28.79
C VAL K 79 -9.60 40.59 -28.58
N HIS K 80 -9.04 41.12 -29.67
CA HIS K 80 -7.74 41.76 -29.64
C HIS K 80 -7.92 43.14 -30.21
N ARG K 81 -6.87 43.95 -30.19
CA ARG K 81 -6.96 45.30 -30.73
C ARG K 81 -7.41 45.26 -32.18
N SER K 82 -6.91 44.28 -32.92
CA SER K 82 -7.24 44.12 -34.33
C SER K 82 -8.74 44.11 -34.63
N ASP K 83 -9.52 43.64 -33.66
CA ASP K 83 -10.97 43.52 -33.85
C ASP K 83 -11.76 44.81 -33.74
N SER K 84 -11.13 45.93 -33.41
CA SER K 84 -11.88 47.18 -33.32
C SER K 84 -12.31 47.56 -34.73
N ALA K 85 -13.61 47.67 -34.93
CA ALA K 85 -14.17 48.01 -36.24
C ALA K 85 -15.67 48.11 -36.16
N VAL K 86 -16.32 48.22 -37.31
CA VAL K 86 -17.79 48.27 -37.33
C VAL K 86 -18.27 46.94 -37.89
N TYR K 87 -19.19 46.31 -37.16
CA TYR K 87 -19.71 45.01 -37.54
C TYR K 87 -21.15 45.07 -38.03
N PHE K 88 -21.38 44.52 -39.22
CA PHE K 88 -22.72 44.53 -39.80
C PHE K 88 -23.40 43.17 -39.88
N CYS K 89 -24.66 43.16 -39.51
CA CYS K 89 -25.48 41.96 -39.56
C CYS K 89 -26.31 42.19 -40.81
N ALA K 90 -26.54 41.14 -41.59
CA ALA K 90 -27.29 41.36 -42.80
C ALA K 90 -28.10 40.15 -43.20
N VAL K 91 -29.27 40.40 -43.76
CA VAL K 91 -30.12 39.33 -44.21
C VAL K 91 -30.38 39.55 -45.67
N SER K 92 -30.33 38.47 -46.44
CA SER K 92 -30.61 38.56 -47.86
C SER K 92 -32.10 38.93 -47.84
N ASP K 93 -32.43 40.18 -48.20
CA ASP K 93 -33.84 40.56 -48.23
C ASP K 93 -34.26 39.84 -49.50
N PRO K 94 -35.03 40.45 -50.40
CA PRO K 94 -35.26 39.49 -51.50
C PRO K 94 -33.94 39.09 -52.18
N PRO K 95 -33.58 37.79 -52.16
CA PRO K 95 -32.31 37.50 -52.83
C PRO K 95 -32.47 37.86 -54.32
N PRO K 96 -31.37 38.22 -55.00
CA PRO K 96 -30.00 38.33 -54.51
C PRO K 96 -29.64 39.67 -53.91
N LEU K 97 -30.63 40.37 -53.35
CA LEU K 97 -30.37 41.68 -52.75
C LEU K 97 -30.05 41.50 -51.28
N LEU K 98 -29.16 42.34 -50.76
CA LEU K 98 -28.74 42.27 -49.37
C LEU K 98 -29.15 43.50 -48.61
N THR K 99 -29.66 43.33 -47.39
CA THR K 99 -30.06 44.44 -46.55
C THR K 99 -29.19 44.52 -45.28
N PHE K 100 -28.41 45.59 -45.18
CA PHE K 100 -27.53 45.77 -44.02
C PHE K 100 -28.20 46.36 -42.80
N GLY K 101 -27.57 46.09 -41.65
CA GLY K 101 -28.08 46.60 -40.39
C GLY K 101 -27.44 47.94 -40.21
N SER K 102 -27.83 48.66 -39.15
CA SER K 102 -27.27 49.99 -38.90
C SER K 102 -25.79 49.91 -38.56
N GLY K 103 -25.36 48.71 -38.14
CA GLY K 103 -23.98 48.49 -37.78
C GLY K 103 -23.69 48.71 -36.30
N THR K 104 -22.59 48.17 -35.82
CA THR K 104 -22.19 48.33 -34.43
C THR K 104 -20.71 48.56 -34.38
N LYS K 105 -20.32 49.59 -33.66
CA LYS K 105 -18.92 49.96 -33.51
C LYS K 105 -18.33 49.28 -32.29
N VAL K 106 -17.30 48.48 -32.51
CA VAL K 106 -16.66 47.78 -31.41
C VAL K 106 -15.31 48.40 -31.05
N ILE K 107 -15.15 48.71 -29.78
CA ILE K 107 -13.92 49.30 -29.30
C ILE K 107 -13.27 48.38 -28.27
N VAL K 108 -12.02 48.00 -28.54
CA VAL K 108 -11.28 47.14 -27.63
C VAL K 108 -10.11 47.91 -26.96
N LEU K 109 -9.98 47.81 -25.64
CA LEU K 109 -8.97 48.55 -24.86
C LEU K 109 -7.54 47.98 -24.63
N GLU L 1 -13.33 40.20 -51.12
CA GLU L 1 -12.70 39.64 -52.35
C GLU L 1 -11.73 40.59 -53.03
N ALA L 2 -10.54 40.10 -53.29
CA ALA L 2 -9.49 40.87 -53.96
C ALA L 2 -9.88 40.93 -55.43
N ALA L 3 -10.86 40.12 -55.81
CA ALA L 3 -11.31 40.09 -57.19
C ALA L 3 -12.07 41.36 -57.54
N VAL L 4 -12.62 42.01 -56.52
CA VAL L 4 -13.37 43.25 -56.73
C VAL L 4 -12.49 44.48 -56.54
N THR L 5 -12.30 45.24 -57.61
CA THR L 5 -11.48 46.44 -57.56
C THR L 5 -12.22 47.67 -58.12
N GLN L 6 -12.29 48.72 -57.31
CA GLN L 6 -12.96 49.95 -57.70
C GLN L 6 -11.93 51.00 -58.06
N SER L 7 -12.32 51.93 -58.92
CA SER L 7 -11.43 53.00 -59.35
C SER L 7 -12.18 54.33 -59.54
N PRO L 8 -11.69 55.41 -58.89
CA PRO L 8 -10.51 55.49 -58.02
C PRO L 8 -10.87 55.25 -56.57
N ARG L 9 -9.89 55.32 -55.67
CA ARG L 9 -10.18 55.14 -54.24
C ARG L 9 -10.63 56.49 -53.68
N ASN L 10 -10.01 57.57 -54.15
CA ASN L 10 -10.38 58.91 -53.71
C ASN L 10 -10.64 59.81 -54.89
N LYS L 11 -11.75 60.55 -54.83
CA LYS L 11 -12.10 61.43 -55.93
C LYS L 11 -12.79 62.66 -55.39
N VAL L 12 -12.38 63.82 -55.86
CA VAL L 12 -13.01 65.05 -55.45
C VAL L 12 -13.62 65.55 -56.74
N ALA L 13 -14.91 65.90 -56.70
CA ALA L 13 -15.58 66.37 -57.89
C ALA L 13 -16.12 67.77 -57.66
N VAL L 14 -16.25 68.54 -58.73
CA VAL L 14 -16.77 69.90 -58.62
C VAL L 14 -18.28 69.82 -58.90
N THR L 15 -19.07 70.71 -58.31
CA THR L 15 -20.51 70.65 -58.56
C THR L 15 -20.78 70.70 -60.05
N GLY L 16 -21.56 69.75 -60.54
CA GLY L 16 -21.89 69.71 -61.96
C GLY L 16 -21.07 68.75 -62.79
N GLU L 17 -19.92 68.34 -62.27
CA GLU L 17 -19.04 67.42 -62.97
C GLU L 17 -19.73 66.07 -63.22
N LYS L 18 -19.40 65.44 -64.36
CA LYS L 18 -19.95 64.14 -64.67
C LYS L 18 -18.93 63.17 -64.10
N VAL L 19 -19.32 62.40 -63.10
CA VAL L 19 -18.39 61.45 -62.48
C VAL L 19 -18.74 60.00 -62.76
N THR L 20 -17.72 59.21 -63.02
CA THR L 20 -17.94 57.79 -63.29
C THR L 20 -17.07 56.84 -62.50
N LEU L 21 -17.67 56.19 -61.50
CA LEU L 21 -16.96 55.24 -60.66
C LEU L 21 -16.91 53.92 -61.43
N SER L 22 -15.75 53.27 -61.40
CA SER L 22 -15.58 52.02 -62.12
C SER L 22 -15.34 50.80 -61.24
N CYS L 23 -15.98 49.70 -61.61
CA CYS L 23 -15.84 48.46 -60.86
C CYS L 23 -15.50 47.27 -61.75
N ASN L 24 -14.53 46.48 -61.30
CA ASN L 24 -14.08 45.30 -62.03
C ASN L 24 -14.03 44.10 -61.11
N GLN L 25 -14.59 42.98 -61.56
CA GLN L 25 -14.55 41.76 -60.77
C GLN L 25 -14.18 40.55 -61.59
N THR L 26 -13.20 39.79 -61.11
CA THR L 26 -12.76 38.58 -61.79
C THR L 26 -13.26 37.36 -61.02
N ASN L 27 -14.48 37.47 -60.49
CA ASN L 27 -15.08 36.39 -59.76
C ASN L 27 -15.97 35.58 -60.69
N ASN L 28 -16.15 36.10 -61.91
CA ASN L 28 -17.00 35.43 -62.89
C ASN L 28 -18.45 35.40 -62.38
N HIS L 29 -18.80 36.42 -61.60
CA HIS L 29 -20.13 36.54 -61.04
C HIS L 29 -21.03 37.30 -62.00
N ASN L 30 -22.33 36.99 -62.01
CA ASN L 30 -23.26 37.67 -62.91
C ASN L 30 -23.82 38.90 -62.24
N ASN L 31 -24.05 38.80 -60.94
CA ASN L 31 -24.62 39.91 -60.20
C ASN L 31 -23.58 40.90 -59.69
N MET L 32 -23.82 42.19 -59.93
CA MET L 32 -22.94 43.26 -59.46
C MET L 32 -23.80 44.36 -58.86
N TYR L 33 -23.26 45.06 -57.86
CA TYR L 33 -24.01 46.10 -57.16
C TYR L 33 -23.20 47.37 -56.86
N TRP L 34 -23.91 48.46 -56.61
CA TRP L 34 -23.29 49.73 -56.24
C TRP L 34 -24.04 50.28 -55.02
N TYR L 35 -23.35 50.32 -53.89
CA TYR L 35 -23.94 50.82 -52.65
C TYR L 35 -23.21 52.08 -52.24
N ARG L 36 -23.82 52.86 -51.35
CA ARG L 36 -23.17 54.05 -50.83
C ARG L 36 -23.41 54.05 -49.35
N GLN L 37 -22.37 54.40 -48.61
CA GLN L 37 -22.42 54.44 -47.16
C GLN L 37 -21.86 55.81 -46.83
N ASP L 38 -22.58 56.59 -46.03
CA ASP L 38 -22.09 57.92 -45.72
C ASP L 38 -22.21 58.40 -44.28
N THR L 39 -21.96 57.50 -43.33
CA THR L 39 -22.00 57.85 -41.91
C THR L 39 -21.34 56.70 -41.19
N GLY L 40 -20.70 55.82 -41.95
CA GLY L 40 -20.07 54.66 -41.36
C GLY L 40 -21.21 53.73 -40.97
N HIS L 41 -22.42 54.12 -41.35
CA HIS L 41 -23.63 53.36 -41.05
C HIS L 41 -24.08 52.47 -42.19
N GLU L 42 -25.40 52.28 -42.27
CA GLU L 42 -26.00 51.44 -43.29
C GLU L 42 -25.61 51.77 -44.73
N LEU L 43 -25.27 50.75 -45.50
CA LEU L 43 -24.93 50.94 -46.90
C LEU L 43 -26.25 50.81 -47.63
N ARG L 44 -26.49 51.70 -48.58
CA ARG L 44 -27.74 51.65 -49.31
C ARG L 44 -27.53 51.39 -50.79
N LEU L 45 -28.37 50.51 -51.34
CA LEU L 45 -28.30 50.13 -52.76
C LEU L 45 -28.71 51.23 -53.72
N ILE L 46 -27.84 51.53 -54.66
CA ILE L 46 -28.09 52.55 -55.67
C ILE L 46 -28.56 51.90 -56.97
N TYR L 47 -27.73 51.01 -57.50
CA TYR L 47 -27.99 50.30 -58.75
C TYR L 47 -27.35 48.90 -58.70
N TYR L 48 -27.95 47.95 -59.41
CA TYR L 48 -27.40 46.60 -59.48
C TYR L 48 -27.57 46.03 -60.88
N SER L 49 -26.99 44.85 -61.13
CA SER L 49 -27.07 44.24 -62.46
C SER L 49 -27.07 42.71 -62.40
N TYR L 50 -28.01 42.10 -63.11
CA TYR L 50 -28.14 40.66 -63.15
C TYR L 50 -27.12 40.04 -64.12
N GLY L 51 -26.41 40.91 -64.83
CA GLY L 51 -25.41 40.43 -65.78
C GLY L 51 -25.18 41.44 -66.87
N ALA L 52 -24.34 41.10 -67.85
CA ALA L 52 -24.06 42.01 -68.94
C ALA L 52 -25.37 42.48 -69.59
N GLY L 53 -25.49 43.79 -69.78
CA GLY L 53 -26.68 44.32 -70.40
C GLY L 53 -27.78 44.66 -69.41
N SER L 54 -27.64 44.20 -68.17
CA SER L 54 -28.67 44.48 -67.16
C SER L 54 -28.36 45.71 -66.32
N THR L 55 -29.40 46.50 -66.07
CA THR L 55 -29.24 47.70 -65.27
C THR L 55 -30.52 47.93 -64.48
N GLU L 56 -30.46 47.72 -63.18
CA GLU L 56 -31.63 47.88 -62.33
C GLU L 56 -31.48 48.91 -61.22
N LYS L 57 -32.44 49.83 -61.12
CA LYS L 57 -32.42 50.88 -60.10
C LYS L 57 -32.58 50.29 -58.71
N GLY L 58 -31.87 50.85 -57.75
CA GLY L 58 -31.96 50.38 -56.38
C GLY L 58 -33.01 51.15 -55.61
N ASP L 59 -32.68 51.51 -54.36
CA ASP L 59 -33.61 52.24 -53.50
C ASP L 59 -33.44 53.75 -53.63
N ILE L 60 -32.28 54.17 -54.13
CA ILE L 60 -31.98 55.59 -54.29
C ILE L 60 -31.23 55.80 -55.61
N PRO L 61 -31.89 55.52 -56.75
CA PRO L 61 -31.27 55.66 -58.06
C PRO L 61 -31.27 57.09 -58.65
N ASP L 62 -31.93 58.01 -57.98
CA ASP L 62 -32.01 59.38 -58.48
C ASP L 62 -30.68 60.11 -58.54
N GLY L 63 -30.38 60.65 -59.72
CA GLY L 63 -29.14 61.36 -59.93
C GLY L 63 -28.07 60.40 -60.42
N TYR L 64 -28.39 59.12 -60.44
CA TYR L 64 -27.45 58.11 -60.88
C TYR L 64 -27.88 57.37 -62.13
N LYS L 65 -26.90 56.90 -62.89
CA LYS L 65 -27.08 56.13 -64.13
C LYS L 65 -26.10 54.97 -63.98
N ALA L 66 -26.41 53.81 -64.56
CA ALA L 66 -25.48 52.67 -64.43
C ALA L 66 -25.23 52.01 -65.78
N SER L 67 -24.16 51.23 -65.87
CA SER L 67 -23.84 50.58 -67.12
C SER L 67 -23.09 49.26 -66.92
N ARG L 68 -23.61 48.19 -67.51
CA ARG L 68 -23.00 46.88 -67.39
C ARG L 68 -22.53 46.41 -68.76
N PRO L 69 -21.49 47.05 -69.30
CA PRO L 69 -20.96 46.69 -70.63
C PRO L 69 -20.55 45.23 -70.79
N SER L 70 -19.97 44.66 -69.75
CA SER L 70 -19.53 43.27 -69.83
C SER L 70 -19.78 42.51 -68.54
N GLN L 71 -19.25 41.30 -68.50
CA GLN L 71 -19.39 40.44 -67.34
C GLN L 71 -18.74 41.05 -66.10
N GLU L 72 -17.47 41.42 -66.23
CA GLU L 72 -16.71 41.97 -65.10
C GLU L 72 -16.69 43.46 -64.86
N ASN L 73 -17.41 44.24 -65.67
CA ASN L 73 -17.40 45.69 -65.46
C ASN L 73 -18.77 46.31 -65.26
N PHE L 74 -18.91 47.03 -64.14
CA PHE L 74 -20.15 47.70 -63.79
C PHE L 74 -19.77 49.12 -63.31
N SER L 75 -20.17 50.14 -64.06
CA SER L 75 -19.85 51.52 -63.71
C SER L 75 -21.07 52.34 -63.32
N LEU L 76 -20.92 53.13 -62.25
CA LEU L 76 -21.99 53.99 -61.76
C LEU L 76 -21.60 55.40 -62.20
N THR L 77 -22.56 56.14 -62.73
CA THR L 77 -22.28 57.48 -63.20
C THR L 77 -23.15 58.56 -62.57
N LEU L 78 -22.50 59.57 -62.00
CA LEU L 78 -23.22 60.71 -61.43
C LEU L 78 -23.23 61.68 -62.60
N GLU L 79 -24.37 61.84 -63.27
CA GLU L 79 -24.45 62.72 -64.42
C GLU L 79 -23.99 64.16 -64.11
N SER L 80 -24.41 64.69 -62.96
CA SER L 80 -24.05 66.05 -62.59
C SER L 80 -23.88 66.10 -61.09
N ALA L 81 -22.63 66.00 -60.66
CA ALA L 81 -22.28 66.01 -59.24
C ALA L 81 -22.98 67.05 -58.40
N THR L 82 -23.46 66.62 -57.24
CA THR L 82 -24.13 67.51 -56.29
C THR L 82 -23.69 67.08 -54.89
N PRO L 83 -23.52 68.03 -53.98
CA PRO L 83 -23.10 67.70 -52.61
C PRO L 83 -23.86 66.55 -51.92
N SER L 84 -25.11 66.33 -52.30
CA SER L 84 -25.87 65.25 -51.67
C SER L 84 -25.25 63.89 -52.01
N GLN L 85 -24.43 63.87 -53.07
CA GLN L 85 -23.81 62.64 -53.50
C GLN L 85 -22.45 62.38 -52.86
N THR L 86 -21.97 63.27 -52.00
CA THR L 86 -20.69 62.96 -51.40
C THR L 86 -20.91 61.84 -50.38
N SER L 87 -20.18 60.75 -50.57
CA SER L 87 -20.32 59.57 -49.73
C SER L 87 -19.26 58.54 -50.13
N VAL L 88 -19.28 57.37 -49.50
CA VAL L 88 -18.33 56.31 -49.85
C VAL L 88 -19.07 55.22 -50.64
N TYR L 89 -18.64 55.04 -51.88
CA TYR L 89 -19.29 54.08 -52.75
C TYR L 89 -18.62 52.71 -52.78
N PHE L 90 -19.43 51.67 -52.61
CA PHE L 90 -18.92 50.32 -52.62
C PHE L 90 -19.56 49.48 -53.73
N CYS L 91 -18.70 48.71 -54.38
CA CYS L 91 -19.12 47.83 -55.44
C CYS L 91 -19.01 46.40 -54.94
N ALA L 92 -19.96 45.56 -55.31
CA ALA L 92 -19.96 44.18 -54.88
C ALA L 92 -20.38 43.25 -56.01
N SER L 93 -19.93 42.01 -55.95
CA SER L 93 -20.32 41.03 -56.96
C SER L 93 -20.82 39.82 -56.20
N GLY L 94 -21.56 38.95 -56.88
CA GLY L 94 -22.08 37.76 -56.23
C GLY L 94 -22.67 36.78 -57.22
N GLY L 95 -22.46 35.50 -56.98
CA GLY L 95 -23.00 34.49 -57.86
C GLY L 95 -24.16 33.78 -57.22
N GLY L 96 -24.89 34.51 -56.37
CA GLY L 96 -26.03 33.96 -55.65
C GLY L 96 -25.54 33.70 -54.24
N GLY L 97 -26.30 34.14 -53.25
CA GLY L 97 -25.88 33.94 -51.88
C GLY L 97 -24.97 35.07 -51.42
N THR L 98 -23.71 34.76 -51.14
CA THR L 98 -22.75 35.76 -50.65
C THR L 98 -22.38 36.87 -51.64
N LEU L 99 -22.25 38.08 -51.09
CA LEU L 99 -21.85 39.29 -51.82
C LEU L 99 -20.44 39.70 -51.39
N TYR L 100 -19.56 39.97 -52.35
CA TYR L 100 -18.18 40.36 -52.08
C TYR L 100 -17.94 41.81 -52.47
N PHE L 101 -17.45 42.61 -51.53
CA PHE L 101 -17.22 44.03 -51.74
C PHE L 101 -15.81 44.53 -52.08
N GLY L 102 -15.75 45.65 -52.81
CA GLY L 102 -14.50 46.27 -53.19
C GLY L 102 -14.02 47.16 -52.05
N ALA L 103 -12.80 47.69 -52.17
CA ALA L 103 -12.23 48.53 -51.11
C ALA L 103 -13.01 49.82 -50.85
N GLY L 104 -13.79 50.25 -51.83
CA GLY L 104 -14.59 51.46 -51.66
C GLY L 104 -14.00 52.68 -52.35
N THR L 105 -14.85 53.63 -52.70
CA THR L 105 -14.43 54.85 -53.36
C THR L 105 -14.99 56.06 -52.60
N ARG L 106 -14.10 56.80 -51.96
CA ARG L 106 -14.49 57.98 -51.21
C ARG L 106 -14.61 59.15 -52.19
N LEU L 107 -15.83 59.64 -52.35
CA LEU L 107 -16.11 60.75 -53.26
C LEU L 107 -16.65 61.97 -52.55
N SER L 108 -15.93 63.08 -52.69
CA SER L 108 -16.34 64.33 -52.07
C SER L 108 -16.67 65.35 -53.14
N VAL L 109 -17.68 66.17 -52.86
CA VAL L 109 -18.10 67.20 -53.80
C VAL L 109 -17.82 68.59 -53.24
N LEU L 110 -17.06 69.36 -54.01
CA LEU L 110 -16.71 70.74 -53.69
C LEU L 110 -17.68 71.65 -54.46
N SER L 111 -18.37 72.54 -53.76
CA SER L 111 -19.31 73.45 -54.40
C SER L 111 -18.60 74.60 -55.12
N GLY M 1 -9.49 -39.79 21.67
CA GLY M 1 -8.40 -38.80 21.99
C GLY M 1 -8.87 -37.39 22.34
N PRO M 2 -8.09 -36.66 23.15
CA PRO M 2 -8.39 -35.29 23.60
C PRO M 2 -8.31 -34.22 22.50
N HIS M 3 -9.02 -33.11 22.72
CA HIS M 3 -9.06 -31.97 21.80
C HIS M 3 -8.86 -30.72 22.61
N SER M 4 -8.58 -29.62 21.95
CA SER M 4 -8.38 -28.38 22.70
C SER M 4 -8.76 -27.14 21.92
N MET M 5 -9.10 -26.08 22.65
CA MET M 5 -9.42 -24.78 22.06
C MET M 5 -8.60 -23.77 22.86
N ARG M 6 -8.08 -22.75 22.21
CA ARG M 6 -7.24 -21.80 22.93
C ARG M 6 -7.34 -20.44 22.27
N TYR M 7 -7.43 -19.39 23.08
CA TYR M 7 -7.49 -18.04 22.54
C TYR M 7 -6.37 -17.19 23.13
N TYR M 8 -5.75 -16.39 22.26
CA TYR M 8 -4.65 -15.52 22.68
C TYR M 8 -4.94 -14.05 22.35
N GLU M 9 -5.18 -13.25 23.38
CA GLU M 9 -5.41 -11.84 23.17
C GLU M 9 -4.13 -11.14 23.60
N THR M 10 -3.64 -10.22 22.77
CA THR M 10 -2.42 -9.50 23.08
C THR M 10 -2.56 -8.02 22.72
N ALA M 11 -2.22 -7.16 23.68
CA ALA M 11 -2.28 -5.73 23.50
C ALA M 11 -0.85 -5.20 23.61
N THR M 12 -0.46 -4.37 22.66
CA THR M 12 0.88 -3.81 22.65
C THR M 12 0.84 -2.31 22.43
N SER M 13 1.30 -1.54 23.41
CA SER M 13 1.34 -0.08 23.28
C SER M 13 2.77 0.28 22.90
N ARG M 14 2.95 1.22 21.97
CA ARG M 14 4.30 1.60 21.57
C ARG M 14 4.57 3.11 21.54
N ARG M 15 5.73 3.49 22.10
CA ARG M 15 6.21 4.88 22.22
C ARG M 15 5.45 5.93 21.41
N GLY M 16 4.62 6.72 22.12
CA GLY M 16 3.84 7.77 21.50
C GLY M 16 3.12 7.41 20.21
N LEU M 17 2.93 6.12 19.96
CA LEU M 17 2.25 5.65 18.75
C LEU M 17 0.75 5.45 19.01
N GLY M 18 0.15 6.39 19.75
CA GLY M 18 -1.27 6.32 20.06
C GLY M 18 -1.70 5.16 20.94
N GLU M 19 -2.97 4.76 20.76
CA GLU M 19 -3.55 3.65 21.53
C GLU M 19 -2.92 2.32 21.11
N PRO M 20 -2.80 1.38 22.06
CA PRO M 20 -2.22 0.06 21.80
C PRO M 20 -2.89 -0.73 20.67
N ARG M 21 -2.17 -1.71 20.14
CA ARG M 21 -2.68 -2.56 19.09
C ARG M 21 -3.25 -3.82 19.75
N TYR M 22 -4.45 -4.20 19.36
CA TYR M 22 -5.09 -5.36 19.95
C TYR M 22 -5.33 -6.42 18.91
N THR M 23 -5.00 -7.66 19.27
CA THR M 23 -5.22 -8.79 18.38
C THR M 23 -5.71 -9.96 19.21
N SER M 24 -6.50 -10.81 18.59
CA SER M 24 -7.03 -11.97 19.26
C SER M 24 -7.14 -13.09 18.24
N VAL M 25 -6.50 -14.21 18.54
CA VAL M 25 -6.55 -15.36 17.66
C VAL M 25 -6.96 -16.62 18.41
N GLY M 26 -7.83 -17.40 17.77
CA GLY M 26 -8.30 -18.63 18.36
C GLY M 26 -7.81 -19.86 17.62
N TYR M 27 -7.56 -20.92 18.37
CA TYR M 27 -7.08 -22.17 17.81
C TYR M 27 -7.93 -23.35 18.28
N VAL M 28 -8.30 -24.23 17.35
CA VAL M 28 -9.03 -25.45 17.69
C VAL M 28 -7.98 -26.54 17.45
N ASP M 29 -7.71 -27.37 18.45
CA ASP M 29 -6.66 -28.36 18.33
C ASP M 29 -5.47 -27.46 18.02
N ASP M 30 -4.76 -27.62 16.92
CA ASP M 30 -3.68 -26.67 16.73
C ASP M 30 -3.75 -25.89 15.45
N LYS M 31 -4.97 -25.52 15.07
CA LYS M 31 -5.20 -24.79 13.87
C LYS M 31 -5.94 -23.48 14.17
N GLU M 32 -5.41 -22.38 13.68
CA GLU M 32 -6.04 -21.09 13.85
C GLU M 32 -7.35 -21.13 13.06
N PHE M 33 -8.46 -20.70 13.67
CA PHE M 33 -9.74 -20.72 12.98
C PHE M 33 -10.49 -19.39 13.01
N VAL M 34 -10.03 -18.50 13.87
CA VAL M 34 -10.69 -17.21 13.98
C VAL M 34 -9.65 -16.18 14.38
N ARG M 35 -9.85 -14.93 13.98
CA ARG M 35 -8.86 -13.90 14.31
C ARG M 35 -9.44 -12.48 14.25
N PHE M 36 -8.87 -11.58 15.05
CA PHE M 36 -9.31 -10.18 15.12
C PHE M 36 -8.11 -9.25 15.23
N ASP M 37 -8.13 -8.18 14.45
CA ASP M 37 -7.01 -7.24 14.46
C ASP M 37 -7.52 -5.81 14.52
N SER M 38 -7.06 -5.06 15.52
CA SER M 38 -7.50 -3.67 15.66
C SER M 38 -6.80 -2.79 14.63
N ASP M 39 -5.70 -3.30 14.08
CA ASP M 39 -4.94 -2.58 13.08
C ASP M 39 -5.64 -2.67 11.73
N ALA M 40 -6.68 -3.50 11.67
CA ALA M 40 -7.43 -3.67 10.44
C ALA M 40 -8.19 -2.39 10.13
N GLU M 41 -8.46 -2.17 8.85
CA GLU M 41 -9.21 -1.00 8.39
C GLU M 41 -10.59 -1.08 9.00
N ASN M 42 -11.11 -2.31 9.05
CA ASN M 42 -12.43 -2.60 9.61
C ASN M 42 -12.28 -3.70 10.68
N PRO M 43 -11.93 -3.30 11.92
CA PRO M 43 -11.76 -4.26 13.00
C PRO M 43 -12.98 -5.16 13.09
N ARG M 44 -12.75 -6.46 12.93
CA ARG M 44 -13.83 -7.44 13.00
C ARG M 44 -13.26 -8.83 13.21
N TYR M 45 -14.03 -9.70 13.86
CA TYR M 45 -13.58 -11.07 14.06
C TYR M 45 -13.91 -11.74 12.75
N GLU M 46 -12.96 -12.49 12.19
CA GLU M 46 -13.20 -13.17 10.93
C GLU M 46 -12.71 -14.60 10.88
N PRO M 47 -13.38 -15.44 10.07
CA PRO M 47 -13.04 -16.87 9.90
C PRO M 47 -11.73 -17.06 9.16
N GLN M 48 -10.84 -17.89 9.72
CA GLN M 48 -9.55 -18.17 9.13
C GLN M 48 -9.53 -19.48 8.35
N VAL M 49 -10.61 -20.23 8.43
CA VAL M 49 -10.76 -21.49 7.69
C VAL M 49 -12.19 -21.57 7.20
N PRO M 50 -12.41 -22.17 6.01
CA PRO M 50 -13.76 -22.29 5.44
C PRO M 50 -14.89 -22.85 6.31
N TRP M 51 -14.65 -23.90 7.09
CA TRP M 51 -15.76 -24.43 7.87
C TRP M 51 -16.33 -23.49 8.92
N MET M 52 -15.65 -22.37 9.18
CA MET M 52 -16.15 -21.41 10.16
C MET M 52 -17.11 -20.43 9.50
N GLU M 53 -17.18 -20.49 8.16
CA GLU M 53 -18.06 -19.59 7.43
C GLU M 53 -19.50 -20.01 7.59
N GLN M 54 -19.71 -21.19 8.17
CA GLN M 54 -21.05 -21.69 8.39
C GLN M 54 -21.63 -21.23 9.74
N GLU M 55 -21.21 -20.06 10.19
CA GLU M 55 -21.70 -19.51 11.44
C GLU M 55 -22.49 -18.26 11.05
N GLY M 56 -23.66 -18.08 11.66
CA GLY M 56 -24.51 -16.95 11.33
C GLY M 56 -23.87 -15.58 11.44
N PRO M 57 -24.52 -14.55 10.89
CA PRO M 57 -23.97 -13.19 10.96
C PRO M 57 -24.07 -12.68 12.40
N GLU M 58 -25.05 -13.19 13.13
CA GLU M 58 -25.25 -12.80 14.53
C GLU M 58 -24.05 -13.23 15.36
N TYR M 59 -23.48 -14.39 15.00
CA TYR M 59 -22.31 -14.94 15.66
C TYR M 59 -21.15 -13.96 15.56
N TRP M 60 -20.77 -13.65 14.31
CA TRP M 60 -19.66 -12.74 14.06
C TRP M 60 -19.91 -11.36 14.65
N GLU M 61 -21.18 -11.01 14.82
CA GLU M 61 -21.50 -9.72 15.39
C GLU M 61 -21.12 -9.62 16.87
N ARG M 62 -21.66 -10.52 17.70
CA ARG M 62 -21.34 -10.42 19.13
C ARG M 62 -19.90 -10.76 19.44
N ILE M 63 -19.32 -11.67 18.67
CA ILE M 63 -17.93 -12.06 18.86
C ILE M 63 -17.12 -10.77 18.69
N THR M 64 -17.44 -10.02 17.64
CA THR M 64 -16.74 -8.77 17.35
C THR M 64 -16.97 -7.74 18.45
N GLN M 65 -18.19 -7.68 18.97
CA GLN M 65 -18.50 -6.74 20.02
C GLN M 65 -17.71 -7.05 21.29
N VAL M 66 -17.47 -8.33 21.54
CA VAL M 66 -16.70 -8.74 22.69
C VAL M 66 -15.27 -8.24 22.53
N ALA M 67 -14.75 -8.38 21.31
CA ALA M 67 -13.40 -7.95 21.01
C ALA M 67 -13.19 -6.48 21.26
N LYS M 68 -14.18 -5.67 20.87
CA LYS M 68 -14.07 -4.23 21.05
C LYS M 68 -14.02 -3.92 22.54
N GLY M 69 -14.81 -4.64 23.33
CA GLY M 69 -14.82 -4.43 24.77
C GLY M 69 -13.47 -4.81 25.34
N GLN M 70 -12.96 -5.95 24.88
CA GLN M 70 -11.68 -6.47 25.32
C GLN M 70 -10.57 -5.45 25.04
N GLU M 71 -10.69 -4.76 23.92
CA GLU M 71 -9.69 -3.76 23.55
C GLU M 71 -9.60 -2.71 24.65
N GLN M 72 -10.74 -2.33 25.19
CA GLN M 72 -10.78 -1.35 26.26
C GLN M 72 -10.18 -1.90 27.54
N TRP M 73 -10.51 -3.16 27.86
CA TRP M 73 -9.99 -3.76 29.07
C TRP M 73 -8.47 -3.69 29.12
N PHE M 74 -7.84 -4.04 28.01
CA PHE M 74 -6.39 -4.02 27.90
C PHE M 74 -5.88 -2.61 27.98
N ARG M 75 -6.56 -1.71 27.28
CA ARG M 75 -6.19 -0.30 27.27
C ARG M 75 -6.10 0.19 28.71
N VAL M 76 -7.08 -0.18 29.52
CA VAL M 76 -7.12 0.22 30.92
C VAL M 76 -6.12 -0.51 31.79
N ASN M 77 -6.11 -1.83 31.74
CA ASN M 77 -5.19 -2.59 32.57
C ASN M 77 -3.72 -2.40 32.25
N LEU M 78 -3.43 -1.99 31.02
CA LEU M 78 -2.06 -1.72 30.64
C LEU M 78 -1.60 -0.58 31.53
N ARG M 79 -2.52 0.37 31.77
CA ARG M 79 -2.23 1.53 32.61
C ARG M 79 -2.14 1.15 34.08
N THR M 80 -3.09 0.37 34.59
CA THR M 80 -3.00 0.01 35.98
C THR M 80 -1.70 -0.72 36.26
N LEU M 81 -1.18 -1.46 35.28
CA LEU M 81 0.08 -2.18 35.47
C LEU M 81 1.28 -1.25 35.45
N LEU M 82 1.18 -0.13 34.73
CA LEU M 82 2.27 0.83 34.72
C LEU M 82 2.45 1.27 36.16
N GLY M 83 1.34 1.54 36.82
CA GLY M 83 1.39 1.95 38.21
C GLY M 83 2.03 0.88 39.07
N TYR M 84 1.42 -0.30 39.09
CA TYR M 84 1.90 -1.44 39.88
C TYR M 84 3.43 -1.59 39.84
N TYR M 85 4.00 -1.48 38.64
CA TYR M 85 5.44 -1.63 38.46
C TYR M 85 6.16 -0.29 38.43
N ASN M 86 5.43 0.79 38.69
CA ASN M 86 6.01 2.12 38.72
C ASN M 86 6.88 2.41 37.48
N GLN M 87 6.25 2.49 36.32
CA GLN M 87 6.95 2.74 35.06
C GLN M 87 6.49 4.03 34.42
N SER M 88 7.16 4.41 33.32
CA SER M 88 6.84 5.63 32.60
C SER M 88 5.44 5.61 32.00
N ALA M 89 5.21 6.53 31.07
CA ALA M 89 3.92 6.61 30.41
C ALA M 89 4.07 6.45 28.90
N GLY M 90 5.06 7.13 28.32
CA GLY M 90 5.27 7.03 26.89
C GLY M 90 5.91 5.70 26.53
N GLY M 91 6.30 4.96 27.57
CA GLY M 91 6.94 3.67 27.36
C GLY M 91 6.18 2.70 26.48
N THR M 92 6.88 1.65 26.06
CA THR M 92 6.28 0.63 25.21
C THR M 92 6.14 -0.67 26.01
N HIS M 93 4.91 -1.20 26.07
CA HIS M 93 4.65 -2.43 26.82
C HIS M 93 3.64 -3.38 26.19
N THR M 94 3.58 -4.59 26.74
CA THR M 94 2.67 -5.59 26.24
C THR M 94 1.94 -6.33 27.36
N LEU M 95 0.67 -6.60 27.14
CA LEU M 95 -0.15 -7.31 28.11
C LEU M 95 -0.96 -8.31 27.34
N GLN M 96 -0.84 -9.58 27.71
CA GLN M 96 -1.60 -10.58 26.98
C GLN M 96 -2.39 -11.51 27.89
N ARG M 97 -3.42 -12.11 27.32
CA ARG M 97 -4.30 -13.03 28.03
C ARG M 97 -4.41 -14.29 27.20
N MET M 98 -4.47 -15.42 27.87
CA MET M 98 -4.60 -16.69 27.19
C MET M 98 -5.57 -17.53 27.99
N TYR M 99 -6.63 -17.99 27.33
CA TYR M 99 -7.62 -18.83 28.00
C TYR M 99 -8.03 -19.90 27.03
N GLY M 100 -8.60 -20.97 27.57
CA GLY M 100 -8.99 -22.08 26.74
C GLY M 100 -9.42 -23.27 27.56
N CYS M 101 -9.51 -24.41 26.89
CA CYS M 101 -10.01 -25.63 27.52
C CYS M 101 -9.70 -26.87 26.69
N ASP M 102 -9.21 -27.89 27.36
CA ASP M 102 -8.91 -29.15 26.72
C ASP M 102 -10.05 -30.05 27.13
N VAL M 103 -10.41 -31.00 26.29
CA VAL M 103 -11.46 -31.95 26.63
C VAL M 103 -10.94 -33.37 26.43
N GLY M 104 -11.41 -34.30 27.24
CA GLY M 104 -10.96 -35.67 27.12
C GLY M 104 -11.74 -36.38 26.04
N SER M 105 -11.45 -37.65 25.83
CA SER M 105 -12.14 -38.42 24.80
C SER M 105 -13.65 -38.42 25.02
N ASP M 106 -14.10 -38.21 26.24
CA ASP M 106 -15.53 -38.18 26.51
C ASP M 106 -16.11 -36.79 26.25
N GLY M 107 -15.31 -35.91 25.66
CA GLY M 107 -15.77 -34.57 25.37
C GLY M 107 -15.98 -33.61 26.54
N ARG M 108 -15.79 -34.11 27.77
CA ARG M 108 -15.97 -33.29 28.96
C ARG M 108 -14.65 -32.60 29.32
N LEU M 109 -14.71 -31.45 29.97
CA LEU M 109 -13.49 -30.70 30.34
C LEU M 109 -12.32 -31.57 30.84
N LEU M 110 -11.10 -31.15 30.52
CA LEU M 110 -9.88 -31.87 30.92
C LEU M 110 -8.98 -30.90 31.65
N ARG M 111 -9.05 -29.64 31.25
CA ARG M 111 -8.25 -28.61 31.87
C ARG M 111 -8.74 -27.24 31.39
N GLY M 112 -8.86 -26.31 32.33
CA GLY M 112 -9.31 -24.98 32.01
C GLY M 112 -8.13 -24.02 32.02
N TYR M 113 -8.26 -22.92 31.29
CA TYR M 113 -7.20 -21.93 31.23
C TYR M 113 -7.67 -20.48 31.30
N GLU M 114 -6.85 -19.67 31.97
CA GLU M 114 -7.09 -18.25 32.15
C GLU M 114 -5.79 -17.76 32.75
N GLN M 115 -5.05 -16.95 32.01
CA GLN M 115 -3.77 -16.46 32.53
C GLN M 115 -3.30 -15.20 31.83
N PHE M 116 -2.48 -14.42 32.53
CA PHE M 116 -1.99 -13.17 31.97
C PHE M 116 -0.47 -13.01 32.08
N ALA M 117 0.12 -12.43 31.05
CA ALA M 117 1.55 -12.17 30.96
C ALA M 117 1.79 -10.69 30.61
N TYR M 118 2.63 -10.02 31.38
CA TYR M 118 2.95 -8.62 31.14
C TYR M 118 4.39 -8.47 30.67
N ASP M 119 4.58 -7.73 29.58
CA ASP M 119 5.90 -7.49 29.02
C ASP M 119 6.71 -8.77 28.78
N GLY M 120 6.02 -9.86 28.44
CA GLY M 120 6.69 -11.11 28.17
C GLY M 120 6.86 -12.01 29.36
N CYS M 121 6.73 -11.48 30.57
CA CYS M 121 6.88 -12.30 31.78
C CYS M 121 5.53 -12.69 32.38
N ASP M 122 5.49 -13.86 33.02
CA ASP M 122 4.25 -14.35 33.64
C ASP M 122 3.75 -13.37 34.68
N TYR M 123 2.45 -13.31 34.85
CA TYR M 123 1.86 -12.39 35.83
C TYR M 123 0.95 -13.14 36.78
N ILE M 124 -0.12 -13.75 36.26
CA ILE M 124 -1.02 -14.50 37.11
C ILE M 124 -1.76 -15.55 36.27
N ALA M 125 -1.95 -16.73 36.85
CA ALA M 125 -2.62 -17.79 36.11
C ALA M 125 -3.49 -18.70 37.00
N LEU M 126 -4.67 -19.02 36.48
CA LEU M 126 -5.59 -19.89 37.18
C LEU M 126 -4.97 -21.27 37.19
N ASN M 127 -4.88 -21.87 38.37
CA ASN M 127 -4.30 -23.20 38.48
C ASN M 127 -5.26 -24.23 37.90
N GLU M 128 -4.76 -25.45 37.77
CA GLU M 128 -5.52 -26.55 37.22
C GLU M 128 -6.83 -26.83 37.97
N ASP M 129 -6.85 -26.53 39.27
CA ASP M 129 -8.06 -26.75 40.06
C ASP M 129 -9.19 -25.78 39.75
N LEU M 130 -8.87 -24.68 39.04
CA LEU M 130 -9.85 -23.68 38.68
C LEU M 130 -10.41 -23.09 39.96
N ARG M 131 -9.57 -23.07 40.99
CA ARG M 131 -9.93 -22.55 42.31
C ARG M 131 -8.88 -21.65 42.92
N THR M 132 -7.62 -21.89 42.63
CA THR M 132 -6.56 -21.06 43.17
C THR M 132 -5.76 -20.37 42.08
N TRP M 133 -4.91 -19.43 42.46
CA TRP M 133 -4.12 -18.66 41.48
C TRP M 133 -2.63 -18.66 41.75
N THR M 134 -1.83 -18.54 40.70
CA THR M 134 -0.39 -18.48 40.89
C THR M 134 0.04 -17.08 40.51
N ALA M 135 0.68 -16.39 41.43
CA ALA M 135 1.11 -15.03 41.18
C ALA M 135 2.61 -14.92 41.02
N ALA M 136 3.02 -14.58 39.81
CA ALA M 136 4.43 -14.42 39.47
C ALA M 136 5.21 -13.63 40.51
N ASP M 137 5.12 -12.30 40.45
CA ASP M 137 5.85 -11.44 41.37
C ASP M 137 4.95 -10.80 42.42
N MET M 138 5.43 -9.69 43.00
CA MET M 138 4.67 -8.97 44.03
C MET M 138 3.51 -8.17 43.46
N ALA M 139 3.69 -7.56 42.31
CA ALA M 139 2.61 -6.79 41.72
C ALA M 139 1.40 -7.72 41.55
N ALA M 140 1.64 -8.85 40.90
CA ALA M 140 0.58 -9.82 40.66
C ALA M 140 -0.07 -10.27 41.96
N GLN M 141 0.68 -10.16 43.05
CA GLN M 141 0.20 -10.55 44.36
C GLN M 141 -1.04 -9.71 44.69
N ILE M 142 -1.00 -8.47 44.24
CA ILE M 142 -2.10 -7.54 44.45
C ILE M 142 -3.37 -8.03 43.75
N THR M 143 -3.23 -8.36 42.47
CA THR M 143 -4.34 -8.87 41.67
C THR M 143 -4.90 -10.13 42.36
N ARG M 144 -4.02 -11.09 42.60
CA ARG M 144 -4.40 -12.34 43.24
C ARG M 144 -5.31 -12.10 44.42
N ARG M 145 -4.89 -11.16 45.27
CA ARG M 145 -5.62 -10.81 46.46
C ARG M 145 -7.07 -10.40 46.18
N LYS M 146 -7.27 -9.38 45.34
CA LYS M 146 -8.62 -8.95 45.04
C LYS M 146 -9.39 -10.01 44.27
N TRP M 147 -8.71 -10.80 43.46
CA TRP M 147 -9.37 -11.86 42.69
C TRP M 147 -9.82 -13.01 43.57
N GLU M 148 -9.11 -13.19 44.68
CA GLU M 148 -9.47 -14.24 45.65
C GLU M 148 -10.70 -13.74 46.41
N GLN M 149 -10.69 -12.45 46.72
CA GLN M 149 -11.77 -11.79 47.43
C GLN M 149 -13.05 -11.74 46.58
N ALA M 150 -12.93 -11.36 45.32
CA ALA M 150 -14.08 -11.26 44.41
C ALA M 150 -14.54 -12.59 43.82
N GLY M 151 -13.83 -13.67 44.14
CA GLY M 151 -14.19 -14.98 43.61
C GLY M 151 -14.03 -15.08 42.11
N ALA M 152 -12.95 -14.49 41.58
CA ALA M 152 -12.67 -14.51 40.14
C ALA M 152 -12.57 -15.93 39.59
N ALA M 153 -11.97 -16.84 40.38
CA ALA M 153 -11.84 -18.23 39.96
C ALA M 153 -13.18 -18.84 39.57
N GLU M 154 -14.20 -18.66 40.40
CA GLU M 154 -15.52 -19.21 40.09
C GLU M 154 -16.07 -18.57 38.81
N TYR M 155 -15.83 -17.27 38.66
CA TYR M 155 -16.30 -16.50 37.51
C TYR M 155 -15.83 -17.16 36.22
N TYR M 156 -14.52 -17.30 36.07
CA TYR M 156 -13.90 -17.93 34.88
C TYR M 156 -14.25 -19.42 34.77
N ARG M 157 -14.16 -20.13 35.89
CA ARG M 157 -14.50 -21.55 35.91
C ARG M 157 -15.83 -21.77 35.20
N ALA M 158 -16.83 -20.96 35.55
CA ALA M 158 -18.16 -21.04 34.98
C ALA M 158 -18.11 -21.24 33.48
N TYR M 159 -17.28 -20.41 32.83
CA TYR M 159 -17.11 -20.46 31.38
C TYR M 159 -16.31 -21.66 30.90
N LEU M 160 -15.13 -21.81 31.46
CA LEU M 160 -14.27 -22.93 31.11
C LEU M 160 -14.99 -24.28 31.16
N GLU M 161 -15.77 -24.50 32.23
CA GLU M 161 -16.48 -25.76 32.42
C GLU M 161 -17.61 -26.05 31.45
N GLY M 162 -18.31 -25.03 30.98
CA GLY M 162 -19.42 -25.34 30.11
C GLY M 162 -19.50 -24.65 28.78
N GLU M 163 -19.60 -23.32 28.79
CA GLU M 163 -19.69 -22.60 27.53
C GLU M 163 -18.53 -22.95 26.61
N CYS M 164 -17.31 -22.94 27.13
CA CYS M 164 -16.18 -23.28 26.28
C CYS M 164 -16.32 -24.66 25.65
N VAL M 165 -16.33 -25.68 26.50
CA VAL M 165 -16.45 -27.06 26.07
C VAL M 165 -17.55 -27.27 25.05
N GLU M 166 -18.70 -26.65 25.28
CA GLU M 166 -19.82 -26.76 24.36
C GLU M 166 -19.43 -26.27 22.97
N TRP M 167 -18.84 -25.08 22.90
CA TRP M 167 -18.44 -24.54 21.61
C TRP M 167 -17.32 -25.33 20.93
N LEU M 168 -16.31 -25.76 21.71
CA LEU M 168 -15.22 -26.54 21.15
C LEU M 168 -15.85 -27.68 20.36
N HIS M 169 -17.00 -28.17 20.82
CA HIS M 169 -17.73 -29.23 20.16
C HIS M 169 -18.41 -28.74 18.88
N ARG M 170 -19.05 -27.58 18.96
CA ARG M 170 -19.74 -26.99 17.81
C ARG M 170 -18.72 -26.99 16.69
N TYR M 171 -17.53 -26.47 16.99
CA TYR M 171 -16.47 -26.38 15.98
C TYR M 171 -15.94 -27.73 15.50
N LEU M 172 -15.78 -28.69 16.41
CA LEU M 172 -15.28 -29.99 16.02
C LEU M 172 -16.21 -30.74 15.07
N LYS M 173 -17.52 -30.52 15.21
CA LYS M 173 -18.48 -31.17 14.31
C LYS M 173 -18.46 -30.46 12.96
N ASN M 174 -18.25 -29.14 12.99
CA ASN M 174 -18.22 -28.27 11.80
C ASN M 174 -17.18 -28.64 10.74
N GLY M 175 -16.20 -29.48 11.09
CA GLY M 175 -15.19 -29.89 10.12
C GLY M 175 -14.72 -31.34 10.23
N GLN N 1 -18.25 -18.83 21.23
CA GLN N 1 -18.34 -17.85 22.34
C GLN N 1 -17.06 -17.72 23.10
N LEU N 2 -16.74 -16.48 23.42
CA LEU N 2 -15.51 -16.22 24.13
C LEU N 2 -15.69 -16.18 25.63
N SER N 3 -14.57 -16.01 26.33
CA SER N 3 -14.55 -15.94 27.76
C SER N 3 -15.16 -14.59 28.06
N PRO N 4 -15.83 -14.46 29.21
CA PRO N 4 -16.44 -13.18 29.57
C PRO N 4 -15.43 -12.08 29.85
N PHE N 5 -15.89 -10.83 29.84
CA PHE N 5 -15.02 -9.68 30.14
C PHE N 5 -14.30 -10.02 31.47
N PRO N 6 -12.96 -9.87 31.51
CA PRO N 6 -12.24 -10.19 32.75
C PRO N 6 -12.35 -9.15 33.87
N PHE N 7 -11.97 -9.55 35.08
CA PHE N 7 -11.99 -8.67 36.25
C PHE N 7 -10.84 -7.69 36.14
N ASP N 8 -10.84 -6.68 36.98
CA ASP N 8 -9.74 -5.70 36.95
C ASP N 8 -8.47 -6.29 37.56
N LEU N 9 -7.31 -5.91 37.04
CA LEU N 9 -6.07 -6.39 37.61
C LEU N 9 -5.84 -5.52 38.86
N SER O 1 -31.79 -11.15 29.60
CA SER O 1 -33.21 -11.17 30.05
C SER O 1 -33.45 -12.11 31.26
N VAL O 2 -33.95 -11.53 32.34
CA VAL O 2 -34.28 -12.29 33.55
C VAL O 2 -35.74 -11.99 33.81
N THR O 3 -36.43 -12.89 34.47
CA THR O 3 -37.85 -12.65 34.72
C THR O 3 -38.28 -12.97 36.14
N GLN O 4 -38.95 -12.00 36.75
CA GLN O 4 -39.51 -12.12 38.09
C GLN O 4 -41.00 -12.05 37.83
N PRO O 5 -41.67 -13.20 37.76
CA PRO O 5 -43.09 -13.36 37.50
C PRO O 5 -44.07 -12.64 38.42
N ASP O 6 -43.71 -12.44 39.68
CA ASP O 6 -44.59 -11.79 40.63
C ASP O 6 -44.17 -10.37 40.98
N ALA O 7 -45.08 -9.43 40.74
CA ALA O 7 -44.82 -8.02 41.04
C ALA O 7 -44.80 -7.75 42.54
N ARG O 8 -45.81 -8.24 43.26
CA ARG O 8 -45.92 -8.05 44.71
C ARG O 8 -46.11 -9.39 45.43
N VAL O 9 -45.49 -9.52 46.61
CA VAL O 9 -45.63 -10.73 47.42
C VAL O 9 -45.81 -10.34 48.89
N THR O 10 -46.75 -10.99 49.57
CA THR O 10 -47.00 -10.70 50.97
C THR O 10 -46.86 -11.93 51.84
N VAL O 11 -46.12 -11.79 52.93
CA VAL O 11 -45.88 -12.90 53.88
C VAL O 11 -46.08 -12.47 55.32
N SER O 12 -46.47 -13.43 56.15
CA SER O 12 -46.67 -13.17 57.57
C SER O 12 -45.32 -13.21 58.21
N GLU O 13 -45.00 -12.18 58.99
CA GLU O 13 -43.71 -12.14 59.66
C GLU O 13 -43.45 -13.50 60.29
N GLY O 14 -42.21 -13.97 60.23
CA GLY O 14 -41.92 -15.26 60.82
C GLY O 14 -42.01 -16.41 59.84
N ALA O 15 -42.77 -16.23 58.77
CA ALA O 15 -42.93 -17.28 57.76
C ALA O 15 -41.76 -17.30 56.77
N SER O 16 -41.72 -18.33 55.94
CA SER O 16 -40.67 -18.46 54.94
C SER O 16 -41.05 -17.65 53.70
N LEU O 17 -40.06 -17.14 52.99
CA LEU O 17 -40.30 -16.36 51.78
C LEU O 17 -39.56 -16.96 50.59
N GLN O 18 -40.20 -16.92 49.43
CA GLN O 18 -39.60 -17.45 48.22
C GLN O 18 -39.97 -16.54 47.05
N LEU O 19 -38.96 -15.96 46.42
CA LEU O 19 -39.16 -15.08 45.28
C LEU O 19 -38.66 -15.81 44.06
N ARG O 20 -39.52 -16.02 43.07
CA ARG O 20 -39.07 -16.74 41.89
C ARG O 20 -38.35 -15.88 40.87
N CYS O 21 -37.45 -16.53 40.12
CA CYS O 21 -36.70 -15.86 39.08
C CYS O 21 -36.33 -16.84 37.97
N LYS O 22 -36.69 -16.49 36.74
CA LYS O 22 -36.38 -17.32 35.58
C LYS O 22 -35.45 -16.49 34.71
N TYR O 23 -34.49 -17.18 34.08
CA TYR O 23 -33.56 -16.51 33.20
C TYR O 23 -33.52 -17.21 31.84
N SER O 24 -33.42 -16.41 30.79
CA SER O 24 -33.30 -16.89 29.42
C SER O 24 -32.05 -16.16 28.96
N TYR O 25 -30.95 -16.87 28.91
CA TYR O 25 -29.71 -16.25 28.52
C TYR O 25 -28.86 -17.38 27.97
N SER O 26 -28.41 -17.23 26.72
CA SER O 26 -27.62 -18.24 26.07
C SER O 26 -26.25 -18.48 26.66
N ALA O 27 -25.50 -17.42 26.89
CA ALA O 27 -24.15 -17.53 27.44
C ALA O 27 -24.06 -18.01 28.90
N THR O 28 -22.83 -18.03 29.42
CA THR O 28 -22.59 -18.43 30.80
C THR O 28 -23.39 -17.49 31.70
N PRO O 29 -24.32 -18.05 32.50
CA PRO O 29 -25.12 -17.20 33.38
C PRO O 29 -24.40 -16.81 34.68
N TYR O 30 -24.39 -15.51 34.93
CA TYR O 30 -23.81 -14.99 36.16
C TYR O 30 -25.03 -14.32 36.78
N LEU O 31 -25.63 -14.99 37.75
CA LEU O 31 -26.81 -14.45 38.39
C LEU O 31 -26.59 -13.77 39.75
N PHE O 32 -27.44 -12.81 40.06
CA PHE O 32 -27.37 -12.08 41.33
C PHE O 32 -28.75 -11.74 41.86
N TRP O 33 -28.77 -11.37 43.13
CA TRP O 33 -30.00 -10.93 43.79
C TRP O 33 -29.65 -9.66 44.58
N TYR O 34 -30.40 -8.59 44.31
CA TYR O 34 -30.17 -7.34 45.02
C TYR O 34 -31.44 -6.98 45.77
N VAL O 35 -31.27 -6.31 46.91
CA VAL O 35 -32.41 -5.88 47.70
C VAL O 35 -32.34 -4.37 47.70
N GLN O 36 -33.50 -3.71 47.63
CA GLN O 36 -33.53 -2.25 47.61
C GLN O 36 -34.50 -1.69 48.65
N TYR O 37 -33.94 -1.19 49.76
CA TYR O 37 -34.76 -0.62 50.81
C TYR O 37 -35.09 0.82 50.43
N PRO O 38 -36.30 1.31 50.78
CA PRO O 38 -36.79 2.66 50.49
C PRO O 38 -35.78 3.80 50.52
N ARG O 39 -35.80 4.62 49.47
CA ARG O 39 -34.89 5.75 49.33
C ARG O 39 -33.40 5.35 49.35
N GLN O 40 -33.10 4.17 48.83
CA GLN O 40 -31.72 3.68 48.79
C GLN O 40 -31.38 2.97 47.50
N GLY O 41 -30.09 2.73 47.32
CA GLY O 41 -29.63 2.02 46.13
C GLY O 41 -29.74 0.52 46.32
N PRO O 42 -29.58 -0.27 45.25
CA PRO O 42 -29.65 -1.73 45.35
C PRO O 42 -28.43 -2.27 46.07
N GLN O 43 -28.65 -3.23 46.95
CA GLN O 43 -27.54 -3.84 47.70
C GLN O 43 -27.44 -5.31 47.34
N LEU O 44 -26.22 -5.80 47.18
CA LEU O 44 -26.04 -7.19 46.83
C LEU O 44 -26.48 -8.10 47.98
N LEU O 45 -27.24 -9.14 47.63
CA LEU O 45 -27.73 -10.12 48.57
C LEU O 45 -26.86 -11.36 48.42
N LEU O 46 -26.75 -11.87 47.19
CA LEU O 46 -25.94 -13.05 46.90
C LEU O 46 -25.72 -13.14 45.41
N LYS O 47 -24.80 -14.01 45.01
CA LYS O 47 -24.48 -14.17 43.59
C LYS O 47 -24.07 -15.60 43.35
N TYR O 48 -24.09 -16.01 42.09
CA TYR O 48 -23.69 -17.36 41.72
C TYR O 48 -22.88 -17.40 40.42
N TYR O 49 -21.65 -17.93 40.50
CA TYR O 49 -20.80 -18.06 39.33
C TYR O 49 -20.75 -19.51 38.87
N SER O 50 -20.24 -20.39 39.74
CA SER O 50 -20.14 -21.82 39.46
C SER O 50 -20.02 -22.59 40.79
N GLY O 51 -19.93 -23.93 40.73
CA GLY O 51 -19.81 -24.71 41.95
C GLY O 51 -21.14 -25.05 42.61
N ASP O 52 -21.18 -24.94 43.94
CA ASP O 52 -22.39 -25.24 44.70
C ASP O 52 -23.56 -24.42 44.12
N PRO O 53 -24.57 -25.12 43.55
CA PRO O 53 -25.76 -24.50 42.94
C PRO O 53 -26.59 -23.76 43.98
N VAL O 54 -26.23 -23.95 45.25
CA VAL O 54 -26.93 -23.26 46.33
C VAL O 54 -25.97 -22.30 46.99
N VAL O 55 -26.27 -21.01 46.80
CA VAL O 55 -25.43 -19.94 47.33
C VAL O 55 -26.07 -19.28 48.54
N GLN O 56 -25.24 -18.86 49.49
CA GLN O 56 -25.71 -18.22 50.71
C GLN O 56 -25.42 -16.73 50.66
N GLY O 57 -26.29 -15.94 51.24
CA GLY O 57 -26.08 -14.51 51.25
C GLY O 57 -26.32 -13.94 52.62
N VAL O 58 -26.19 -12.62 52.71
CA VAL O 58 -26.39 -11.89 53.95
C VAL O 58 -27.85 -12.04 54.42
N ASN O 59 -28.10 -11.68 55.69
CA ASN O 59 -29.44 -11.75 56.29
C ASN O 59 -30.24 -13.03 56.11
N GLY O 60 -29.58 -14.17 56.29
CA GLY O 60 -30.28 -15.42 56.16
C GLY O 60 -30.97 -15.61 54.82
N PHE O 61 -30.31 -15.18 53.75
CA PHE O 61 -30.85 -15.31 52.40
C PHE O 61 -30.07 -16.35 51.65
N GLU O 62 -30.75 -17.03 50.75
CA GLU O 62 -30.11 -18.05 49.94
C GLU O 62 -30.88 -18.20 48.65
N ALA O 63 -30.18 -18.72 47.64
CA ALA O 63 -30.80 -18.92 46.36
C ALA O 63 -30.20 -20.18 45.74
N GLU O 64 -30.97 -20.77 44.82
CA GLU O 64 -30.53 -21.98 44.15
C GLU O 64 -30.61 -21.86 42.63
N PHE O 65 -29.44 -22.09 42.03
CA PHE O 65 -29.28 -22.05 40.58
C PHE O 65 -29.69 -23.39 39.96
N SER O 66 -30.57 -23.35 38.97
CA SER O 66 -30.99 -24.57 38.29
C SER O 66 -30.89 -24.41 36.79
N LYS O 67 -29.81 -24.91 36.21
CA LYS O 67 -29.60 -24.84 34.77
C LYS O 67 -30.80 -25.46 34.05
N SER O 68 -31.20 -26.63 34.53
CA SER O 68 -32.33 -27.36 33.94
C SER O 68 -33.60 -26.55 33.93
N ASN O 69 -34.02 -26.12 35.11
CA ASN O 69 -35.24 -25.33 35.26
C ASN O 69 -35.04 -23.87 34.81
N SER O 70 -33.78 -23.46 34.59
CA SER O 70 -33.48 -22.08 34.17
C SER O 70 -33.98 -21.07 35.20
N SER O 71 -33.76 -21.39 36.47
CA SER O 71 -34.20 -20.51 37.54
C SER O 71 -33.09 -20.19 38.51
N PHE O 72 -33.34 -19.17 39.33
CA PHE O 72 -32.41 -18.73 40.34
C PHE O 72 -33.28 -18.12 41.41
N HIS O 73 -34.14 -18.95 41.96
CA HIS O 73 -35.08 -18.53 43.01
C HIS O 73 -34.41 -18.19 44.34
N LEU O 74 -34.97 -17.18 45.01
CA LEU O 74 -34.48 -16.70 46.29
C LEU O 74 -35.30 -17.28 47.44
N ARG O 75 -34.69 -17.41 48.62
CA ARG O 75 -35.40 -17.93 49.79
C ARG O 75 -34.83 -17.45 51.12
N LYS O 76 -35.72 -17.27 52.09
CA LYS O 76 -35.38 -16.90 53.45
C LYS O 76 -36.34 -17.73 54.28
N ALA O 77 -35.81 -18.41 55.30
CA ALA O 77 -36.59 -19.31 56.14
C ALA O 77 -37.58 -18.63 57.07
N SER O 78 -37.20 -17.44 57.54
CA SER O 78 -38.05 -16.71 58.45
C SER O 78 -37.86 -15.20 58.21
N VAL O 79 -38.87 -14.57 57.61
CA VAL O 79 -38.80 -13.14 57.33
C VAL O 79 -39.22 -12.27 58.51
N HIS O 80 -38.67 -11.06 58.57
CA HIS O 80 -39.00 -10.14 59.64
C HIS O 80 -39.48 -8.85 59.01
N ARG O 81 -39.93 -7.91 59.83
CA ARG O 81 -40.41 -6.65 59.29
C ARG O 81 -39.33 -6.00 58.44
N SER O 82 -38.09 -6.08 58.89
CA SER O 82 -36.94 -5.49 58.20
C SER O 82 -36.82 -5.91 56.72
N ASP O 83 -37.35 -7.08 56.39
CA ASP O 83 -37.24 -7.61 55.04
C ASP O 83 -38.19 -7.00 54.01
N SER O 84 -39.13 -6.17 54.45
CA SER O 84 -40.02 -5.53 53.50
C SER O 84 -39.17 -4.61 52.61
N ALA O 85 -39.18 -4.87 51.32
CA ALA O 85 -38.39 -4.08 50.40
C ALA O 85 -38.63 -4.57 48.98
N VAL O 86 -37.86 -4.06 48.04
CA VAL O 86 -38.00 -4.50 46.65
C VAL O 86 -36.79 -5.35 46.31
N TYR O 87 -37.05 -6.58 45.86
CA TYR O 87 -36.00 -7.53 45.51
C TYR O 87 -35.77 -7.73 43.99
N PHE O 88 -34.53 -7.55 43.58
CA PHE O 88 -34.17 -7.68 42.17
C PHE O 88 -33.30 -8.86 41.83
N CYS O 89 -33.71 -9.56 40.79
CA CYS O 89 -32.98 -10.72 40.27
C CYS O 89 -32.24 -10.12 39.10
N ALA O 90 -30.99 -10.51 38.92
CA ALA O 90 -30.23 -9.93 37.81
C ALA O 90 -29.21 -10.88 37.24
N VAL O 91 -29.07 -10.82 35.92
CA VAL O 91 -28.09 -11.65 35.25
C VAL O 91 -27.12 -10.76 34.53
N SER O 92 -25.84 -11.11 34.62
CA SER O 92 -24.81 -10.35 33.93
C SER O 92 -25.16 -10.64 32.48
N ASP O 93 -25.68 -9.63 31.78
CA ASP O 93 -26.02 -9.80 30.38
C ASP O 93 -24.61 -9.76 29.79
N PRO O 94 -24.38 -9.06 28.67
CA PRO O 94 -22.95 -9.24 28.38
C PRO O 94 -22.08 -8.69 29.53
N PRO O 95 -21.28 -9.54 30.20
CA PRO O 95 -20.47 -8.93 31.26
C PRO O 95 -19.60 -7.87 30.59
N PRO O 96 -19.22 -6.80 31.31
CA PRO O 96 -19.54 -6.46 32.70
C PRO O 96 -20.82 -5.68 32.89
N LEU O 97 -21.76 -5.79 31.96
CA LEU O 97 -23.02 -5.08 32.10
C LEU O 97 -23.98 -5.97 32.89
N LEU O 98 -24.89 -5.33 33.61
CA LEU O 98 -25.85 -6.06 34.42
C LEU O 98 -27.27 -5.73 34.01
N THR O 99 -28.10 -6.74 33.81
CA THR O 99 -29.51 -6.53 33.42
C THR O 99 -30.42 -6.90 34.59
N PHE O 100 -31.19 -5.91 35.06
CA PHE O 100 -32.10 -6.09 36.19
C PHE O 100 -33.48 -6.59 35.82
N GLY O 101 -34.13 -7.25 36.77
CA GLY O 101 -35.47 -7.73 36.53
C GLY O 101 -36.43 -6.60 36.87
N SER O 102 -37.72 -6.84 36.69
CA SER O 102 -38.71 -5.82 36.97
C SER O 102 -38.87 -5.62 38.48
N GLY O 103 -38.25 -6.49 39.26
CA GLY O 103 -38.33 -6.37 40.70
C GLY O 103 -39.58 -6.95 41.30
N THR O 104 -39.50 -7.28 42.59
CA THR O 104 -40.63 -7.82 43.33
C THR O 104 -40.72 -7.11 44.66
N LYS O 105 -41.90 -6.58 44.97
CA LYS O 105 -42.13 -5.88 46.24
C LYS O 105 -42.56 -6.88 47.30
N VAL O 106 -41.83 -6.93 48.41
CA VAL O 106 -42.17 -7.86 49.48
C VAL O 106 -42.72 -7.11 50.69
N ILE O 107 -43.89 -7.53 51.15
CA ILE O 107 -44.56 -6.94 52.30
C ILE O 107 -44.76 -7.98 53.40
N VAL O 108 -44.19 -7.71 54.57
CA VAL O 108 -44.28 -8.61 55.72
C VAL O 108 -45.18 -7.97 56.81
N LEU O 109 -46.10 -8.77 57.35
CA LEU O 109 -47.10 -8.29 58.33
C LEU O 109 -46.83 -8.26 59.86
N GLU P 1 -22.24 -0.10 48.67
CA GLU P 1 -20.89 0.46 49.00
C GLU P 1 -20.87 1.94 49.38
N ALA P 2 -20.30 2.21 50.55
CA ALA P 2 -20.19 3.57 51.05
C ALA P 2 -19.14 4.28 50.20
N ALA P 3 -18.43 3.50 49.36
CA ALA P 3 -17.39 4.06 48.51
C ALA P 3 -18.01 4.83 47.34
N VAL P 4 -19.25 4.51 47.01
CA VAL P 4 -19.94 5.18 45.93
C VAL P 4 -20.84 6.29 46.47
N THR P 5 -20.50 7.53 46.12
CA THR P 5 -21.26 8.69 46.57
C THR P 5 -21.69 9.55 45.38
N GLN P 6 -22.99 9.83 45.29
CA GLN P 6 -23.52 10.64 44.21
C GLN P 6 -23.85 12.02 44.71
N SER P 7 -23.83 12.98 43.79
CA SER P 7 -24.10 14.36 44.14
C SER P 7 -24.89 15.06 43.04
N PRO P 8 -26.04 15.68 43.40
CA PRO P 8 -26.66 15.76 44.73
C PRO P 8 -27.64 14.62 44.96
N ARG P 9 -28.34 14.62 46.09
CA ARG P 9 -29.33 13.56 46.33
C ARG P 9 -30.66 14.00 45.75
N ASN P 10 -30.91 15.31 45.77
CA ASN P 10 -32.14 15.87 45.22
C ASN P 10 -31.86 17.08 44.37
N LYS P 11 -32.39 17.07 43.15
CA LYS P 11 -32.18 18.16 42.22
C LYS P 11 -33.45 18.42 41.43
N VAL P 12 -33.80 19.69 41.32
CA VAL P 12 -34.96 20.06 40.51
C VAL P 12 -34.35 20.89 39.40
N ALA P 13 -34.75 20.62 38.18
CA ALA P 13 -34.20 21.35 37.05
C ALA P 13 -35.30 21.94 36.21
N VAL P 14 -34.98 23.00 35.49
CA VAL P 14 -35.95 23.66 34.62
C VAL P 14 -35.77 23.07 33.23
N THR P 15 -36.84 23.06 32.43
CA THR P 15 -36.72 22.49 31.10
C THR P 15 -35.63 23.24 30.35
N GLY P 16 -34.71 22.51 29.72
CA GLY P 16 -33.63 23.14 28.98
C GLY P 16 -32.31 23.24 29.74
N GLU P 17 -32.39 23.17 31.07
CA GLU P 17 -31.20 23.24 31.94
C GLU P 17 -30.13 22.19 31.64
N LYS P 18 -28.86 22.58 31.74
CA LYS P 18 -27.80 21.63 31.50
C LYS P 18 -27.55 21.04 32.88
N VAL P 19 -27.85 19.76 33.06
CA VAL P 19 -27.67 19.11 34.35
C VAL P 19 -26.54 18.09 34.37
N THR P 20 -25.72 18.13 35.42
CA THR P 20 -24.62 17.18 35.53
C THR P 20 -24.59 16.46 36.87
N LEU P 21 -24.97 15.18 36.85
CA LEU P 21 -24.96 14.35 38.04
C LEU P 21 -23.52 13.84 38.24
N SER P 22 -23.02 13.90 39.47
CA SER P 22 -21.65 13.46 39.70
C SER P 22 -21.52 12.20 40.53
N CYS P 23 -20.55 11.37 40.19
CA CYS P 23 -20.34 10.16 40.96
C CYS P 23 -18.88 9.98 41.37
N ASN P 24 -18.67 9.51 42.59
CA ASN P 24 -17.33 9.29 43.07
C ASN P 24 -17.21 7.94 43.75
N GLN P 25 -16.18 7.17 43.37
CA GLN P 25 -15.98 5.86 44.00
C GLN P 25 -14.52 5.63 44.41
N THR P 26 -14.35 5.23 45.67
CA THR P 26 -13.02 4.95 46.17
C THR P 26 -12.85 3.43 46.29
N ASN P 27 -13.46 2.69 45.37
CA ASN P 27 -13.36 1.25 45.39
C ASN P 27 -12.21 0.81 44.50
N ASN P 28 -11.61 1.75 43.81
CA ASN P 28 -10.50 1.46 42.92
C ASN P 28 -10.96 0.51 41.81
N HIS P 29 -12.21 0.69 41.41
CA HIS P 29 -12.84 -0.08 40.35
C HIS P 29 -12.65 0.60 39.01
N ASN P 30 -12.55 -0.19 37.94
CA ASN P 30 -12.36 0.37 36.62
C ASN P 30 -13.72 0.67 35.97
N ASN P 31 -14.69 -0.21 36.20
CA ASN P 31 -16.02 -0.05 35.61
C ASN P 31 -16.95 0.78 36.47
N MET P 32 -17.60 1.74 35.84
CA MET P 32 -18.58 2.62 36.49
C MET P 32 -19.81 2.72 35.60
N TYR P 33 -20.97 2.81 36.23
CA TYR P 33 -22.23 2.87 35.49
C TYR P 33 -23.18 3.96 35.97
N TRP P 34 -24.17 4.25 35.13
CA TRP P 34 -25.21 5.22 35.43
C TRP P 34 -26.53 4.60 34.99
N TYR P 35 -27.37 4.24 35.96
CA TYR P 35 -28.67 3.67 35.66
C TYR P 35 -29.74 4.68 36.06
N ARG P 36 -30.97 4.45 35.61
CA ARG P 36 -32.11 5.30 35.98
C ARG P 36 -33.26 4.37 36.24
N GLN P 37 -34.00 4.65 37.31
CA GLN P 37 -35.13 3.85 37.72
C GLN P 37 -36.22 4.87 37.95
N ASP P 38 -37.39 4.66 37.35
CA ASP P 38 -38.44 5.66 37.52
C ASP P 38 -39.85 5.16 37.78
N THR P 39 -39.98 4.10 38.55
CA THR P 39 -41.28 3.54 38.90
C THR P 39 -41.03 2.58 40.03
N GLY P 40 -39.83 2.67 40.62
CA GLY P 40 -39.48 1.76 41.69
C GLY P 40 -39.25 0.39 41.07
N HIS P 41 -39.32 0.35 39.73
CA HIS P 41 -39.13 -0.87 38.97
C HIS P 41 -37.72 -1.07 38.45
N GLU P 42 -37.64 -1.63 37.26
CA GLU P 42 -36.37 -1.92 36.63
C GLU P 42 -35.45 -0.72 36.46
N LEU P 43 -34.17 -0.93 36.74
CA LEU P 43 -33.18 0.11 36.57
C LEU P 43 -32.63 -0.08 35.17
N ARG P 44 -32.54 0.98 34.39
CA ARG P 44 -32.03 0.84 33.04
C ARG P 44 -30.71 1.59 32.85
N LEU P 45 -29.77 0.93 32.18
CA LEU P 45 -28.44 1.48 31.93
C LEU P 45 -28.48 2.62 30.94
N ILE P 46 -27.78 3.70 31.27
CA ILE P 46 -27.74 4.87 30.42
C ILE P 46 -26.38 4.97 29.75
N TYR P 47 -25.35 4.95 30.58
CA TYR P 47 -23.96 5.05 30.13
C TYR P 47 -23.07 4.32 31.11
N TYR P 48 -21.97 3.77 30.61
CA TYR P 48 -21.02 3.11 31.51
C TYR P 48 -19.61 3.47 31.07
N SER P 49 -18.62 2.95 31.78
CA SER P 49 -17.23 3.23 31.47
C SER P 49 -16.29 2.11 31.91
N TYR P 50 -15.43 1.66 31.00
CA TYR P 50 -14.46 0.61 31.29
C TYR P 50 -13.28 1.14 32.13
N GLY P 51 -13.20 2.46 32.25
CA GLY P 51 -12.11 3.06 32.99
C GLY P 51 -11.93 4.49 32.56
N ALA P 52 -10.93 5.17 33.10
CA ALA P 52 -10.70 6.57 32.73
C ALA P 52 -10.58 6.70 31.23
N GLY P 53 -11.28 7.67 30.65
CA GLY P 53 -11.22 7.88 29.21
C GLY P 53 -12.25 7.07 28.42
N SER P 54 -12.90 6.11 29.06
CA SER P 54 -13.92 5.31 28.39
C SER P 54 -15.32 5.86 28.60
N THR P 55 -16.11 5.86 27.54
CA THR P 55 -17.48 6.35 27.61
C THR P 55 -18.32 5.51 26.64
N GLU P 56 -19.19 4.66 27.17
CA GLU P 56 -19.99 3.78 26.33
C GLU P 56 -21.47 3.96 26.56
N LYS P 57 -22.23 4.11 25.46
CA LYS P 57 -23.68 4.30 25.53
C LYS P 57 -24.40 3.06 26.00
N GLY P 58 -25.40 3.25 26.83
CA GLY P 58 -26.15 2.14 27.36
C GLY P 58 -27.27 1.77 26.41
N ASP P 59 -28.44 1.48 26.98
CA ASP P 59 -29.60 1.09 26.21
C ASP P 59 -30.45 2.31 25.87
N ILE P 60 -30.34 3.34 26.70
CA ILE P 60 -31.11 4.56 26.52
C ILE P 60 -30.17 5.74 26.71
N PRO P 61 -29.21 5.92 25.80
CA PRO P 61 -28.25 7.02 25.90
C PRO P 61 -28.69 8.37 25.31
N ASP P 62 -29.86 8.39 24.68
CA ASP P 62 -30.35 9.60 24.03
C ASP P 62 -30.69 10.74 24.97
N GLY P 63 -30.05 11.89 24.72
CA GLY P 63 -30.27 13.06 25.54
C GLY P 63 -29.21 13.15 26.61
N TYR P 64 -28.41 12.09 26.72
CA TYR P 64 -27.34 12.01 27.72
C TYR P 64 -25.94 11.99 27.11
N LYS P 65 -25.01 12.49 27.90
CA LYS P 65 -23.59 12.56 27.54
C LYS P 65 -22.89 12.09 28.81
N ALA P 66 -21.69 11.53 28.70
CA ALA P 66 -20.99 11.08 29.90
C ALA P 66 -19.52 11.47 29.86
N SER P 67 -18.87 11.40 31.01
CA SER P 67 -17.46 11.76 31.08
C SER P 67 -16.71 11.04 32.18
N ARG P 68 -15.63 10.35 31.80
CA ARG P 68 -14.82 9.62 32.78
C ARG P 68 -13.45 10.26 32.85
N PRO P 69 -13.37 11.46 33.45
CA PRO P 69 -12.11 12.17 33.58
C PRO P 69 -11.02 11.38 34.30
N SER P 70 -11.41 10.63 35.32
CA SER P 70 -10.45 9.86 36.10
C SER P 70 -10.97 8.49 36.52
N GLN P 71 -10.20 7.85 37.40
CA GLN P 71 -10.53 6.53 37.89
C GLN P 71 -11.80 6.55 38.70
N GLU P 72 -11.81 7.41 39.70
CA GLU P 72 -12.97 7.48 40.59
C GLU P 72 -14.11 8.42 40.23
N ASN P 73 -14.01 9.14 39.12
CA ASN P 73 -15.12 10.04 38.76
C ASN P 73 -15.78 9.80 37.42
N PHE P 74 -17.10 9.63 37.47
CA PHE P 74 -17.94 9.38 36.31
C PHE P 74 -19.19 10.25 36.44
N SER P 75 -19.33 11.23 35.54
CA SER P 75 -20.46 12.15 35.55
C SER P 75 -21.38 12.00 34.35
N LEU P 76 -22.68 12.06 34.61
CA LEU P 76 -23.68 11.95 33.56
C LEU P 76 -24.20 13.36 33.33
N THR P 77 -24.37 13.76 32.08
CA THR P 77 -24.87 15.09 31.80
C THR P 77 -26.08 15.08 30.91
N LEU P 78 -27.08 15.84 31.32
CA LEU P 78 -28.31 16.00 30.56
C LEU P 78 -28.04 17.33 29.90
N GLU P 79 -27.77 17.32 28.60
CA GLU P 79 -27.43 18.55 27.88
C GLU P 79 -28.55 19.59 27.94
N SER P 80 -29.79 19.13 27.84
CA SER P 80 -30.94 20.02 27.89
C SER P 80 -32.10 19.27 28.55
N ALA P 81 -32.24 19.48 29.85
CA ALA P 81 -33.28 18.84 30.62
C ALA P 81 -34.63 18.82 29.92
N THR P 82 -35.32 17.68 30.02
CA THR P 82 -36.64 17.47 29.46
C THR P 82 -37.38 16.55 30.44
N PRO P 83 -38.68 16.82 30.69
CA PRO P 83 -39.44 15.99 31.61
C PRO P 83 -39.27 14.47 31.45
N SER P 84 -38.95 14.02 30.25
CA SER P 84 -38.79 12.57 30.05
C SER P 84 -37.62 12.06 30.88
N GLN P 85 -36.78 13.00 31.31
CA GLN P 85 -35.63 12.62 32.09
C GLN P 85 -35.83 12.66 33.59
N THR P 86 -37.01 13.07 34.07
CA THR P 86 -37.21 13.08 35.51
C THR P 86 -37.30 11.61 35.94
N SER P 87 -36.43 11.25 36.88
CA SER P 87 -36.30 9.87 37.36
C SER P 87 -35.22 9.78 38.46
N VAL P 88 -35.02 8.60 39.02
CA VAL P 88 -33.99 8.47 40.04
C VAL P 88 -32.76 7.85 39.41
N TYR P 89 -31.65 8.59 39.47
CA TYR P 89 -30.41 8.14 38.86
C TYR P 89 -29.45 7.45 39.84
N PHE P 90 -28.98 6.28 39.45
CA PHE P 90 -28.06 5.52 40.26
C PHE P 90 -26.74 5.29 39.58
N CYS P 91 -25.69 5.44 40.36
CA CYS P 91 -24.34 5.25 39.90
C CYS P 91 -23.78 3.99 40.55
N ALA P 92 -22.99 3.24 39.80
CA ALA P 92 -22.40 2.02 40.33
C ALA P 92 -20.96 1.83 39.85
N SER P 93 -20.18 1.09 40.63
CA SER P 93 -18.81 0.80 40.26
C SER P 93 -18.64 -0.72 40.41
N GLY P 94 -17.64 -1.28 39.76
CA GLY P 94 -17.44 -2.72 39.87
C GLY P 94 -16.12 -3.10 39.25
N GLY P 95 -15.46 -4.08 39.85
CA GLY P 95 -14.17 -4.52 39.33
C GLY P 95 -14.32 -5.89 38.69
N GLY P 96 -15.47 -6.11 38.07
CA GLY P 96 -15.76 -7.39 37.47
C GLY P 96 -16.62 -8.16 38.47
N GLY P 97 -17.75 -8.66 38.00
CA GLY P 97 -18.64 -9.40 38.88
C GLY P 97 -19.66 -8.51 39.56
N THR P 98 -19.56 -8.39 40.88
CA THR P 98 -20.49 -7.58 41.64
C THR P 98 -20.44 -6.09 41.34
N LEU P 99 -21.61 -5.48 41.35
CA LEU P 99 -21.77 -4.04 41.11
C LEU P 99 -22.22 -3.40 42.43
N TYR P 100 -21.62 -2.26 42.78
CA TYR P 100 -21.94 -1.53 44.02
C TYR P 100 -22.55 -0.18 43.68
N PHE P 101 -23.76 0.04 44.19
CA PHE P 101 -24.52 1.27 43.92
C PHE P 101 -24.46 2.43 44.91
N GLY P 102 -24.72 3.62 44.39
CA GLY P 102 -24.75 4.82 45.20
C GLY P 102 -26.14 4.99 45.78
N ALA P 103 -26.30 5.97 46.66
CA ALA P 103 -27.59 6.21 47.31
C ALA P 103 -28.67 6.64 46.31
N GLY P 104 -28.24 7.21 45.18
CA GLY P 104 -29.17 7.66 44.18
C GLY P 104 -29.34 9.18 44.15
N THR P 105 -29.90 9.67 43.07
CA THR P 105 -30.11 11.10 42.90
C THR P 105 -31.49 11.27 42.29
N ARG P 106 -32.41 11.85 43.05
CA ARG P 106 -33.75 12.07 42.55
C ARG P 106 -33.74 13.40 41.80
N LEU P 107 -34.05 13.34 40.50
CA LEU P 107 -34.05 14.54 39.65
C LEU P 107 -35.39 14.74 39.00
N SER P 108 -35.97 15.90 39.24
CA SER P 108 -37.26 16.23 38.66
C SER P 108 -37.10 17.41 37.75
N VAL P 109 -37.84 17.41 36.65
CA VAL P 109 -37.80 18.49 35.68
C VAL P 109 -39.14 19.23 35.64
N LEU P 110 -39.10 20.49 36.07
CA LEU P 110 -40.26 21.35 36.12
C LEU P 110 -40.29 22.02 34.74
N SER P 111 -41.48 22.19 34.16
CA SER P 111 -41.57 22.83 32.84
C SER P 111 -41.54 24.35 32.96
N GLY Q 1 -10.84 37.49 -18.41
CA GLY Q 1 -9.73 36.79 -19.11
C GLY Q 1 -9.96 35.30 -19.37
N PRO Q 2 -9.29 34.73 -20.38
CA PRO Q 2 -9.39 33.32 -20.77
C PRO Q 2 -8.75 32.32 -19.80
N HIS Q 3 -9.23 31.08 -19.83
CA HIS Q 3 -8.74 30.00 -18.98
C HIS Q 3 -8.52 28.79 -19.87
N SER Q 4 -7.82 27.80 -19.36
CA SER Q 4 -7.57 26.62 -20.17
C SER Q 4 -7.41 25.35 -19.36
N MET Q 5 -7.70 24.23 -20.01
CA MET Q 5 -7.53 22.90 -19.42
C MET Q 5 -6.77 22.09 -20.46
N ARG Q 6 -5.88 21.21 -20.02
CA ARG Q 6 -5.10 20.46 -20.98
C ARG Q 6 -4.69 19.11 -20.40
N TYR Q 7 -4.80 18.06 -21.19
CA TYR Q 7 -4.39 16.73 -20.72
C TYR Q 7 -3.32 16.13 -21.63
N TYR Q 8 -2.31 15.54 -21.01
CA TYR Q 8 -1.21 14.92 -21.75
C TYR Q 8 -1.06 13.44 -21.41
N GLU Q 9 -1.39 12.58 -22.36
CA GLU Q 9 -1.25 11.16 -22.14
C GLU Q 9 -0.03 10.74 -22.97
N THR Q 10 0.89 10.02 -22.36
CA THR Q 10 2.09 9.56 -23.06
C THR Q 10 2.39 8.10 -22.74
N ALA Q 11 2.61 7.32 -23.78
CA ALA Q 11 2.92 5.90 -23.65
C ALA Q 11 4.31 5.69 -24.20
N THR Q 12 5.16 5.04 -23.41
CA THR Q 12 6.53 4.78 -23.81
C THR Q 12 6.91 3.32 -23.64
N SER Q 13 7.23 2.66 -24.75
CA SER Q 13 7.64 1.25 -24.71
C SER Q 13 9.17 1.25 -24.82
N ARG Q 14 9.83 0.42 -24.02
CA ARG Q 14 11.30 0.38 -24.03
C ARG Q 14 11.88 -1.04 -24.13
N ARG Q 15 12.84 -1.20 -25.05
CA ARG Q 15 13.53 -2.45 -25.36
C ARG Q 15 13.32 -3.65 -24.41
N GLY Q 16 12.52 -4.61 -24.86
CA GLY Q 16 12.25 -5.79 -24.08
C GLY Q 16 11.90 -5.57 -22.61
N LEU Q 17 11.47 -4.35 -22.27
CA LEU Q 17 11.09 -4.01 -20.90
C LEU Q 17 9.58 -4.17 -20.69
N GLY Q 18 9.01 -5.23 -21.27
CA GLY Q 18 7.58 -5.50 -21.14
C GLY Q 18 6.65 -4.51 -21.78
N GLU Q 19 5.44 -4.39 -21.22
CA GLU Q 19 4.43 -3.46 -21.74
C GLU Q 19 4.83 -2.00 -21.49
N PRO Q 20 4.44 -1.09 -22.39
CA PRO Q 20 4.76 0.33 -22.29
C PRO Q 20 4.31 0.97 -20.99
N ARG Q 21 4.92 2.11 -20.65
CA ARG Q 21 4.57 2.87 -19.46
C ARG Q 21 3.57 3.94 -19.87
N TYR Q 22 2.49 4.06 -19.11
CA TYR Q 22 1.46 5.02 -19.42
C TYR Q 22 1.31 6.06 -18.33
N THR Q 23 1.24 7.32 -18.74
CA THR Q 23 1.03 8.40 -17.78
C THR Q 23 0.08 9.41 -18.39
N SER Q 24 -0.67 10.07 -17.54
CA SER Q 24 -1.64 11.06 -17.97
C SER Q 24 -1.65 12.15 -16.93
N VAL Q 25 -1.43 13.38 -17.37
CA VAL Q 25 -1.45 14.50 -16.44
C VAL Q 25 -2.35 15.62 -16.97
N GLY Q 26 -3.12 16.21 -16.08
CA GLY Q 26 -4.01 17.29 -16.45
C GLY Q 26 -3.61 18.61 -15.83
N TYR Q 27 -3.83 19.67 -16.59
CA TYR Q 27 -3.50 21.02 -16.17
C TYR Q 27 -4.70 21.98 -16.31
N VAL Q 28 -4.95 22.77 -15.28
CA VAL Q 28 -6.00 23.79 -15.36
C VAL Q 28 -5.18 25.08 -15.38
N ASP Q 29 -5.43 25.93 -16.36
CA ASP Q 29 -4.64 27.14 -16.50
C ASP Q 29 -3.26 26.53 -16.60
N ASP Q 30 -2.29 26.88 -15.77
CA ASP Q 30 -1.02 26.20 -15.96
C ASP Q 30 -0.53 25.48 -14.75
N LYS Q 31 -1.46 24.85 -14.06
CA LYS Q 31 -1.13 24.13 -12.85
C LYS Q 31 -1.61 22.69 -12.99
N GLU Q 32 -0.74 21.74 -12.68
CA GLU Q 32 -1.09 20.33 -12.71
C GLU Q 32 -2.09 20.09 -11.56
N PHE Q 33 -3.20 19.42 -11.84
CA PHE Q 33 -4.20 19.19 -10.79
C PHE Q 33 -4.61 17.73 -10.66
N VAL Q 34 -4.25 16.92 -11.64
CA VAL Q 34 -4.61 15.51 -11.60
C VAL Q 34 -3.54 14.71 -12.33
N ARG Q 35 -3.32 13.47 -11.93
CA ARG Q 35 -2.28 12.66 -12.57
C ARG Q 35 -2.52 11.15 -12.43
N PHE Q 36 -1.99 10.39 -13.37
CA PHE Q 36 -2.12 8.93 -13.37
C PHE Q 36 -0.81 8.31 -13.88
N ASP Q 37 -0.34 7.28 -13.18
CA ASP Q 37 0.91 6.62 -13.55
C ASP Q 37 0.75 5.12 -13.51
N SER Q 38 1.02 4.44 -14.61
CA SER Q 38 0.88 2.99 -14.68
C SER Q 38 2.04 2.32 -13.94
N ASP Q 39 3.10 3.07 -13.72
CA ASP Q 39 4.28 2.55 -13.03
C ASP Q 39 4.01 2.53 -11.55
N ALA Q 40 2.88 3.11 -11.14
CA ALA Q 40 2.52 3.14 -9.75
C ALA Q 40 2.20 1.73 -9.27
N GLU Q 41 2.34 1.51 -7.97
CA GLU Q 41 2.05 0.21 -7.36
C GLU Q 41 0.57 -0.05 -7.52
N ASN Q 42 -0.20 1.03 -7.36
CA ASN Q 42 -1.65 1.01 -7.49
C ASN Q 42 -2.05 2.08 -8.52
N PRO Q 43 -2.03 1.72 -9.81
CA PRO Q 43 -2.40 2.67 -10.86
C PRO Q 43 -3.75 3.28 -10.56
N ARG Q 44 -3.78 4.59 -10.41
CA ARG Q 44 -5.00 5.31 -10.12
C ARG Q 44 -4.84 6.78 -10.44
N TYR Q 45 -5.93 7.43 -10.81
CA TYR Q 45 -5.89 8.85 -11.08
C TYR Q 45 -5.96 9.47 -9.70
N GLU Q 46 -5.09 10.44 -9.42
CA GLU Q 46 -5.10 11.07 -8.10
C GLU Q 46 -4.95 12.57 -8.14
N PRO Q 47 -5.51 13.26 -7.15
CA PRO Q 47 -5.47 14.71 -7.02
C PRO Q 47 -4.08 15.25 -6.72
N GLN Q 48 -3.65 16.26 -7.48
CA GLN Q 48 -2.32 16.84 -7.30
C GLN Q 48 -2.36 18.15 -6.52
N VAL Q 49 -3.57 18.61 -6.23
CA VAL Q 49 -3.75 19.83 -5.44
C VAL Q 49 -4.94 19.59 -4.51
N PRO Q 50 -4.91 20.17 -3.31
CA PRO Q 50 -6.01 19.99 -2.36
C PRO Q 50 -7.44 20.25 -2.83
N TRP Q 51 -7.70 21.31 -3.60
CA TRP Q 51 -9.08 21.56 -4.00
C TRP Q 51 -9.70 20.49 -4.89
N MET Q 52 -8.91 19.53 -5.34
CA MET Q 52 -9.45 18.47 -6.17
C MET Q 52 -9.93 17.33 -5.29
N GLU Q 53 -9.60 17.39 -4.00
CA GLU Q 53 -10.00 16.35 -3.07
C GLU Q 53 -11.49 16.41 -2.78
N GLN Q 54 -12.11 17.50 -3.22
CA GLN Q 54 -13.54 17.68 -3.01
C GLN Q 54 -14.37 17.07 -4.13
N GLU Q 55 -13.85 16.03 -4.75
CA GLU Q 55 -14.56 15.33 -5.82
C GLU Q 55 -14.89 13.96 -5.24
N GLY Q 56 -16.12 13.50 -5.47
CA GLY Q 56 -16.55 12.22 -4.94
C GLY Q 56 -15.69 11.02 -5.31
N PRO Q 57 -15.91 9.89 -4.64
CA PRO Q 57 -15.13 8.68 -4.92
C PRO Q 57 -15.53 8.11 -6.29
N GLU Q 58 -16.77 8.39 -6.68
CA GLU Q 58 -17.29 7.92 -7.96
C GLU Q 58 -16.53 8.58 -9.10
N TYR Q 59 -16.14 9.83 -8.87
CA TYR Q 59 -15.38 10.61 -9.84
C TYR Q 59 -14.04 9.93 -10.11
N TRP Q 60 -13.25 9.75 -9.06
CA TRP Q 60 -11.95 9.12 -9.17
C TRP Q 60 -12.04 7.72 -9.71
N GLU Q 61 -13.19 7.08 -9.54
CA GLU Q 61 -13.36 5.74 -10.04
C GLU Q 61 -13.43 5.67 -11.56
N ARG Q 62 -14.37 6.39 -12.16
CA ARG Q 62 -14.49 6.32 -13.61
C ARG Q 62 -13.33 6.97 -14.34
N ILE Q 63 -12.77 8.02 -13.73
CA ILE Q 63 -11.62 8.69 -14.30
C ILE Q 63 -10.52 7.62 -14.42
N THR Q 64 -10.33 6.87 -13.34
CA THR Q 64 -9.31 5.82 -13.31
C THR Q 64 -9.62 4.74 -14.34
N GLN Q 65 -10.90 4.36 -14.46
CA GLN Q 65 -11.29 3.36 -15.42
C GLN Q 65 -11.02 3.80 -16.86
N VAL Q 66 -11.16 5.09 -17.12
CA VAL Q 66 -10.90 5.61 -18.44
C VAL Q 66 -9.42 5.45 -18.74
N ALA Q 67 -8.60 5.76 -17.74
CA ALA Q 67 -7.15 5.66 -17.89
C ALA Q 67 -6.72 4.27 -18.26
N LYS Q 68 -7.32 3.27 -17.60
CA LYS Q 68 -6.96 1.88 -17.87
C LYS Q 68 -7.31 1.53 -19.30
N GLY Q 69 -8.43 2.06 -19.80
CA GLY Q 69 -8.82 1.79 -21.17
C GLY Q 69 -7.82 2.44 -22.10
N GLN Q 70 -7.46 3.68 -21.77
CA GLN Q 70 -6.51 4.45 -22.56
C GLN Q 70 -5.19 3.71 -22.65
N GLU Q 71 -4.79 3.08 -21.56
CA GLU Q 71 -3.55 2.34 -21.54
C GLU Q 71 -3.55 1.31 -22.67
N GLN Q 72 -4.69 0.65 -22.85
CA GLN Q 72 -4.80 -0.35 -23.90
C GLN Q 72 -4.75 0.30 -25.28
N TRP Q 73 -5.44 1.42 -25.44
CA TRP Q 73 -5.46 2.10 -26.73
C TRP Q 73 -4.05 2.34 -27.25
N PHE Q 74 -3.21 2.88 -26.37
CA PHE Q 74 -1.81 3.18 -26.69
C PHE Q 74 -1.04 1.91 -26.96
N ARG Q 75 -1.29 0.91 -26.13
CA ARG Q 75 -0.62 -0.37 -26.28
C ARG Q 75 -0.87 -0.87 -27.70
N VAL Q 76 -2.11 -0.75 -28.15
CA VAL Q 76 -2.48 -1.20 -29.49
C VAL Q 76 -1.96 -0.31 -30.60
N ASN Q 77 -2.22 0.99 -30.50
CA ASN Q 77 -1.80 1.90 -31.56
C ASN Q 77 -0.29 2.05 -31.70
N LEU Q 78 0.43 1.75 -30.63
CA LEU Q 78 1.88 1.83 -30.68
C LEU Q 78 2.33 0.82 -31.71
N ARG Q 79 1.61 -0.32 -31.71
CA ARG Q 79 1.87 -1.42 -32.65
C ARG Q 79 1.42 -1.07 -34.05
N THR Q 80 0.22 -0.53 -34.20
CA THR Q 80 -0.21 -0.23 -35.55
C THR Q 80 0.73 0.78 -36.18
N LEU Q 81 1.35 1.62 -35.36
CA LEU Q 81 2.31 2.61 -35.89
C LEU Q 81 3.63 1.95 -36.28
N LEU Q 82 4.00 0.88 -35.60
CA LEU Q 82 5.23 0.18 -35.96
C LEU Q 82 5.06 -0.23 -37.42
N GLY Q 83 3.90 -0.79 -37.73
CA GLY Q 83 3.62 -1.21 -39.08
C GLY Q 83 3.73 -0.05 -40.04
N TYR Q 84 2.89 0.96 -39.83
CA TYR Q 84 2.86 2.16 -40.67
C TYR Q 84 4.25 2.67 -41.08
N TYR Q 85 5.16 2.72 -40.12
CA TYR Q 85 6.51 3.19 -40.38
C TYR Q 85 7.49 2.06 -40.62
N ASN Q 86 6.97 0.84 -40.68
CA ASN Q 86 7.80 -0.34 -40.94
C ASN Q 86 9.03 -0.38 -40.03
N GLN Q 87 8.80 -0.57 -38.73
CA GLN Q 87 9.89 -0.62 -37.75
C GLN Q 87 9.95 -1.96 -37.04
N SER Q 88 11.00 -2.16 -36.24
CA SER Q 88 11.20 -3.41 -35.49
C SER Q 88 10.09 -3.67 -34.49
N ALA Q 89 10.34 -4.61 -33.58
CA ALA Q 89 9.36 -4.96 -32.56
C ALA Q 89 9.91 -4.70 -31.16
N GLY Q 90 11.13 -5.14 -30.93
CA GLY Q 90 11.75 -4.93 -29.63
C GLY Q 90 12.16 -3.49 -29.41
N GLY Q 91 12.06 -2.69 -30.48
CA GLY Q 91 12.42 -1.28 -30.44
C GLY Q 91 11.76 -0.48 -29.33
N THR Q 92 12.29 0.71 -29.09
CA THR Q 92 11.77 1.59 -28.07
C THR Q 92 11.09 2.80 -28.74
N HIS Q 93 9.82 3.04 -28.42
CA HIS Q 93 9.09 4.15 -29.01
C HIS Q 93 8.13 4.86 -28.07
N THR Q 94 7.64 6.00 -28.53
CA THR Q 94 6.72 6.80 -27.74
C THR Q 94 5.55 7.31 -28.55
N LEU Q 95 4.37 7.28 -27.95
CA LEU Q 95 3.16 7.78 -28.59
C LEU Q 95 2.43 8.63 -27.58
N GLN Q 96 2.12 9.86 -27.93
CA GLN Q 96 1.41 10.69 -26.97
C GLN Q 96 0.21 11.41 -27.55
N ARG Q 97 -0.72 11.73 -26.66
CA ARG Q 97 -1.94 12.42 -27.05
C ARG Q 97 -2.09 13.65 -26.19
N MET Q 98 -2.60 14.72 -26.79
CA MET Q 98 -2.81 15.96 -26.06
C MET Q 98 -4.13 16.53 -26.51
N TYR Q 99 -5.02 16.77 -25.55
CA TYR Q 99 -6.32 17.34 -25.85
C TYR Q 99 -6.64 18.33 -24.76
N GLY Q 100 -7.59 19.19 -25.04
CA GLY Q 100 -7.95 20.21 -24.08
C GLY Q 100 -8.87 21.26 -24.67
N CYS Q 101 -9.00 22.38 -23.96
CA CYS Q 101 -9.91 23.43 -24.36
C CYS Q 101 -9.66 24.72 -23.62
N ASP Q 102 -9.61 25.81 -24.38
CA ASP Q 102 -9.42 27.13 -23.82
C ASP Q 102 -10.82 27.73 -23.85
N VAL Q 103 -11.12 28.60 -22.90
CA VAL Q 103 -12.40 29.27 -22.87
C VAL Q 103 -12.18 30.77 -22.79
N GLY Q 104 -13.09 31.55 -23.35
CA GLY Q 104 -12.91 32.99 -23.31
C GLY Q 104 -13.46 33.54 -22.03
N SER Q 105 -13.39 34.85 -21.87
CA SER Q 105 -13.91 35.49 -20.66
C SER Q 105 -15.39 35.15 -20.40
N ASP Q 106 -16.13 34.80 -21.45
CA ASP Q 106 -17.53 34.46 -21.29
C ASP Q 106 -17.69 32.98 -20.93
N GLY Q 107 -16.57 32.32 -20.65
CA GLY Q 107 -16.62 30.91 -20.28
C GLY Q 107 -16.97 29.91 -21.37
N ARG Q 108 -17.24 30.38 -22.58
CA ARG Q 108 -17.58 29.52 -23.71
C ARG Q 108 -16.31 29.13 -24.48
N LEU Q 109 -16.32 27.98 -25.15
CA LEU Q 109 -15.13 27.52 -25.87
C LEU Q 109 -14.37 28.61 -26.64
N LEU Q 110 -13.06 28.46 -26.75
CA LEU Q 110 -12.22 29.43 -27.46
C LEU Q 110 -11.37 28.66 -28.45
N ARG Q 111 -11.02 27.44 -28.09
CA ARG Q 111 -10.22 26.60 -28.97
C ARG Q 111 -10.23 25.19 -28.41
N GLY Q 112 -10.43 24.22 -29.29
CA GLY Q 112 -10.44 22.83 -28.86
C GLY Q 112 -9.16 22.16 -29.30
N TYR Q 113 -8.80 21.08 -28.61
CA TYR Q 113 -7.57 20.36 -28.91
C TYR Q 113 -7.71 18.84 -28.92
N GLU Q 114 -6.97 18.23 -29.83
CA GLU Q 114 -6.92 16.78 -29.98
C GLU Q 114 -5.79 16.57 -30.97
N GLN Q 115 -4.69 15.98 -30.50
CA GLN Q 115 -3.56 15.76 -31.39
C GLN Q 115 -2.63 14.65 -30.92
N PHE Q 116 -1.90 14.06 -31.86
CA PHE Q 116 -1.02 12.97 -31.53
C PHE Q 116 0.38 13.16 -32.08
N ALA Q 117 1.37 12.72 -31.30
CA ALA Q 117 2.78 12.79 -31.66
C ALA Q 117 3.45 11.41 -31.43
N TYR Q 118 4.14 10.93 -32.44
CA TYR Q 118 4.82 9.64 -32.37
C TYR Q 118 6.34 9.84 -32.36
N ASP Q 119 7.00 9.21 -31.41
CA ASP Q 119 8.44 9.30 -31.29
C ASP Q 119 8.97 10.73 -31.24
N GLY Q 120 8.16 11.63 -30.67
CA GLY Q 120 8.57 13.01 -30.55
C GLY Q 120 8.18 13.89 -31.70
N CYS Q 121 7.85 13.30 -32.85
CA CYS Q 121 7.46 14.09 -34.02
C CYS Q 121 5.93 14.17 -34.18
N ASP Q 122 5.45 15.29 -34.72
CA ASP Q 122 4.01 15.47 -34.92
C ASP Q 122 3.47 14.36 -35.80
N TYR Q 123 2.21 14.00 -35.57
CA TYR Q 123 1.58 12.95 -36.36
C TYR Q 123 0.28 13.46 -36.98
N ILE Q 124 -0.69 13.82 -36.16
CA ILE Q 124 -1.94 14.33 -36.69
C ILE Q 124 -2.60 15.20 -35.61
N ALA Q 125 -3.24 16.28 -36.03
CA ALA Q 125 -3.88 17.18 -35.08
C ALA Q 125 -5.13 17.85 -35.62
N LEU Q 126 -6.14 17.93 -34.76
CA LEU Q 126 -7.41 18.55 -35.12
C LEU Q 126 -7.15 20.03 -35.29
N ASN Q 127 -7.56 20.59 -36.42
CA ASN Q 127 -7.35 22.01 -36.66
C ASN Q 127 -8.29 22.83 -35.79
N GLU Q 128 -8.04 24.12 -35.73
CA GLU Q 128 -8.84 25.03 -34.95
C GLU Q 128 -10.33 24.97 -35.25
N ASP Q 129 -10.68 24.64 -36.49
CA ASP Q 129 -12.08 24.57 -36.88
C ASP Q 129 -12.82 23.37 -36.29
N LEU Q 130 -12.07 22.41 -35.76
CA LEU Q 130 -12.67 21.22 -35.17
C LEU Q 130 -13.43 20.47 -36.27
N ARG Q 131 -12.96 20.61 -37.50
CA ARG Q 131 -13.58 19.99 -38.67
C ARG Q 131 -12.59 19.32 -39.60
N THR Q 132 -11.38 19.86 -39.68
CA THR Q 132 -10.36 19.29 -40.55
C THR Q 132 -9.14 18.80 -39.75
N TRP Q 133 -8.24 18.09 -40.40
CA TRP Q 133 -7.07 17.55 -39.72
C TRP Q 133 -5.79 17.87 -40.44
N THR Q 134 -4.68 17.94 -39.69
CA THR Q 134 -3.39 18.19 -40.29
C THR Q 134 -2.55 16.95 -40.10
N ALA Q 135 -2.11 16.37 -41.21
CA ALA Q 135 -1.33 15.15 -41.16
C ALA Q 135 0.14 15.39 -41.46
N ALA Q 136 0.97 15.19 -40.44
CA ALA Q 136 2.41 15.38 -40.55
C ALA Q 136 3.00 14.76 -41.81
N ASP Q 137 3.24 13.46 -41.77
CA ASP Q 137 3.83 12.75 -42.90
C ASP Q 137 2.83 11.89 -43.66
N MET Q 138 3.33 10.91 -44.40
CA MET Q 138 2.47 10.01 -45.18
C MET Q 138 1.75 8.99 -44.32
N ALA Q 139 2.41 8.46 -43.30
CA ALA Q 139 1.75 7.48 -42.45
C ALA Q 139 0.49 8.12 -41.86
N ALA Q 140 0.64 9.32 -41.30
CA ALA Q 140 -0.48 10.02 -40.71
C ALA Q 140 -1.57 10.27 -41.75
N GLN Q 141 -1.17 10.27 -43.01
CA GLN Q 141 -2.11 10.50 -44.11
C GLN Q 141 -3.17 9.40 -44.08
N ILE Q 142 -2.74 8.21 -43.73
CA ILE Q 142 -3.62 7.06 -43.62
C ILE Q 142 -4.68 7.28 -42.54
N THR Q 143 -4.23 7.68 -41.36
CA THR Q 143 -5.13 7.93 -40.25
C THR Q 143 -6.13 9.00 -40.69
N ARG Q 144 -5.61 10.12 -41.15
CA ARG Q 144 -6.43 11.24 -41.59
C ARG Q 144 -7.58 10.77 -42.45
N ARG Q 145 -7.24 9.92 -43.41
CA ARG Q 145 -8.21 9.39 -44.34
C ARG Q 145 -9.37 8.67 -43.63
N LYS Q 146 -9.09 7.65 -42.83
CA LYS Q 146 -10.16 6.95 -42.15
C LYS Q 146 -10.90 7.84 -41.16
N TRP Q 147 -10.19 8.79 -40.55
CA TRP Q 147 -10.79 9.69 -39.57
C TRP Q 147 -11.72 10.67 -40.25
N GLU Q 148 -11.45 10.97 -41.52
CA GLU Q 148 -12.29 11.87 -42.29
C GLU Q 148 -13.54 11.08 -42.68
N GLN Q 149 -13.33 9.81 -43.02
CA GLN Q 149 -14.41 8.92 -43.40
C GLN Q 149 -15.33 8.62 -42.22
N ALA Q 150 -14.75 8.32 -41.05
CA ALA Q 150 -15.53 8.00 -39.86
C ALA Q 150 -16.08 9.20 -39.10
N GLY Q 151 -15.75 10.41 -39.56
CA GLY Q 151 -16.21 11.62 -38.91
C GLY Q 151 -15.64 11.81 -37.52
N ALA Q 152 -14.36 11.49 -37.37
CA ALA Q 152 -13.68 11.60 -36.08
C ALA Q 152 -13.75 13.03 -35.53
N ALA Q 153 -13.63 14.02 -36.42
CA ALA Q 153 -13.69 15.41 -36.00
C ALA Q 153 -14.94 15.71 -35.21
N GLU Q 154 -16.10 15.29 -35.69
CA GLU Q 154 -17.34 15.54 -34.98
C GLU Q 154 -17.33 14.83 -33.63
N TYR Q 155 -16.76 13.62 -33.61
CA TYR Q 155 -16.68 12.82 -32.41
C TYR Q 155 -16.02 13.62 -31.29
N TYR Q 156 -14.77 14.04 -31.52
CA TYR Q 156 -14.00 14.83 -30.54
C TYR Q 156 -14.62 16.21 -30.28
N ARG Q 157 -15.05 16.89 -31.33
CA ARG Q 157 -15.68 18.20 -31.20
C ARG Q 157 -16.76 18.14 -30.12
N ALA Q 158 -17.60 17.11 -30.19
CA ALA Q 158 -18.68 16.91 -29.25
C ALA Q 158 -18.23 17.16 -27.82
N TYR Q 159 -17.11 16.54 -27.47
CA TYR Q 159 -16.52 16.66 -26.14
C TYR Q 159 -15.93 18.03 -25.91
N LEU Q 160 -15.02 18.42 -26.79
CA LEU Q 160 -14.36 19.71 -26.69
C LEU Q 160 -15.32 20.89 -26.47
N GLU Q 161 -16.42 20.89 -27.21
CA GLU Q 161 -17.41 21.95 -27.12
C GLU Q 161 -18.21 22.02 -25.84
N GLY Q 162 -18.52 20.87 -25.24
CA GLY Q 162 -19.35 20.95 -24.06
C GLY Q 162 -18.85 20.31 -22.79
N GLU Q 163 -18.69 19.00 -22.80
CA GLU Q 163 -18.23 18.31 -21.60
C GLU Q 163 -16.95 18.96 -21.08
N CYS Q 164 -15.97 19.17 -21.95
CA CYS Q 164 -14.74 19.77 -21.47
C CYS Q 164 -15.02 21.10 -20.78
N VAL Q 165 -15.51 22.06 -21.56
CA VAL Q 165 -15.77 23.39 -21.06
C VAL Q 165 -16.51 23.35 -19.73
N GLU Q 166 -17.51 22.49 -19.64
CA GLU Q 166 -18.28 22.40 -18.41
C GLU Q 166 -17.41 22.04 -17.22
N TRP Q 167 -16.55 21.06 -17.39
CA TRP Q 167 -15.68 20.65 -16.29
C TRP Q 167 -14.61 21.69 -15.96
N LEU Q 168 -14.02 22.32 -16.97
CA LEU Q 168 -13.02 23.35 -16.71
C LEU Q 168 -13.62 24.35 -15.73
N HIS Q 169 -14.94 24.55 -15.84
CA HIS Q 169 -15.64 25.45 -14.94
C HIS Q 169 -15.78 24.86 -13.55
N ARG Q 170 -16.17 23.59 -13.48
CA ARG Q 170 -16.33 22.88 -12.21
C ARG Q 170 -15.03 23.13 -11.43
N TYR Q 171 -13.89 22.92 -12.10
CA TYR Q 171 -12.60 23.09 -11.45
C TYR Q 171 -12.26 24.54 -11.11
N LEU Q 172 -12.62 25.47 -11.97
CA LEU Q 172 -12.31 26.88 -11.69
C LEU Q 172 -13.07 27.43 -10.49
N LYS Q 173 -14.26 26.90 -10.22
CA LYS Q 173 -15.03 27.34 -9.07
C LYS Q 173 -14.45 26.69 -7.80
N ASN Q 174 -13.99 25.45 -7.94
CA ASN Q 174 -13.38 24.65 -6.84
C ASN Q 174 -12.19 25.28 -6.12
N GLY Q 175 -11.59 26.31 -6.72
CA GLY Q 175 -10.45 26.96 -6.08
C GLY Q 175 -10.37 28.47 -6.25
N GLN R 1 -14.30 14.99 -16.26
CA GLN R 1 -14.49 14.02 -17.36
C GLN R 1 -13.50 14.18 -18.46
N LEU R 2 -12.98 13.06 -18.90
CA LEU R 2 -11.98 13.06 -19.95
C LEU R 2 -12.54 12.91 -21.36
N SER R 3 -11.66 13.03 -22.33
CA SER R 3 -12.05 12.90 -23.72
C SER R 3 -12.38 11.44 -23.90
N PRO R 4 -13.34 11.13 -24.77
CA PRO R 4 -13.73 9.73 -25.00
C PRO R 4 -12.62 8.89 -25.64
N PHE R 5 -12.73 7.57 -25.50
CA PHE R 5 -11.77 6.63 -26.11
C PHE R 5 -11.55 7.09 -27.57
N PRO R 6 -10.30 7.28 -28.00
CA PRO R 6 -10.04 7.72 -29.38
C PRO R 6 -10.17 6.66 -30.47
N PHE R 7 -10.32 7.10 -31.71
CA PHE R 7 -10.45 6.20 -32.84
C PHE R 7 -9.12 5.51 -33.12
N ASP R 8 -9.13 4.52 -33.99
CA ASP R 8 -7.90 3.81 -34.35
C ASP R 8 -7.03 4.63 -35.28
N LEU R 9 -5.71 4.57 -35.09
CA LEU R 9 -4.79 5.30 -35.95
C LEU R 9 -4.70 4.51 -37.26
N SER S 1 -27.55 4.48 -20.52
CA SER S 1 -29.02 4.18 -20.51
C SER S 1 -29.80 5.01 -21.54
N VAL S 2 -30.42 4.31 -22.49
CA VAL S 2 -31.26 4.92 -23.52
C VAL S 2 -32.62 4.25 -23.35
N THR S 3 -33.68 4.98 -23.69
CA THR S 3 -35.01 4.42 -23.53
C THR S 3 -35.91 4.56 -24.75
N GLN S 4 -36.50 3.44 -25.18
CA GLN S 4 -37.43 3.40 -26.29
C GLN S 4 -38.73 3.00 -25.60
N PRO S 5 -39.56 4.00 -25.27
CA PRO S 5 -40.84 3.86 -24.59
C PRO S 5 -41.88 2.92 -25.22
N ASP S 6 -41.79 2.70 -26.54
CA ASP S 6 -42.78 1.85 -27.21
C ASP S 6 -42.21 0.55 -27.74
N ALA S 7 -42.77 -0.55 -27.27
CA ALA S 7 -42.32 -1.89 -27.68
C ALA S 7 -42.70 -2.21 -29.13
N ARG S 8 -43.95 -1.92 -29.49
CA ARG S 8 -44.47 -2.18 -30.84
C ARG S 8 -45.15 -0.93 -31.40
N VAL S 9 -45.00 -0.74 -32.70
CA VAL S 9 -45.61 0.40 -33.39
C VAL S 9 -46.11 -0.11 -34.75
N THR S 10 -47.31 0.31 -35.12
CA THR S 10 -47.90 -0.09 -36.40
C THR S 10 -48.28 1.13 -37.22
N VAL S 11 -47.91 1.12 -38.50
CA VAL S 11 -48.23 2.24 -39.39
C VAL S 11 -48.73 1.75 -40.72
N SER S 12 -49.58 2.56 -41.35
CA SER S 12 -50.13 2.23 -42.66
C SER S 12 -49.07 2.54 -43.70
N GLU S 13 -48.78 1.57 -44.57
CA GLU S 13 -47.78 1.80 -45.60
C GLU S 13 -48.02 3.16 -46.23
N GLY S 14 -46.95 3.88 -46.54
CA GLY S 14 -47.10 5.19 -47.14
C GLY S 14 -47.11 6.33 -46.13
N ALA S 15 -47.54 6.03 -44.90
CA ALA S 15 -47.58 7.05 -43.84
C ALA S 15 -46.21 7.35 -43.25
N SER S 16 -46.15 8.38 -42.42
CA SER S 16 -44.90 8.75 -41.78
C SER S 16 -44.70 7.89 -40.52
N LEU S 17 -43.45 7.68 -40.13
CA LEU S 17 -43.15 6.90 -38.94
C LEU S 17 -42.24 7.70 -38.02
N GLN S 18 -42.49 7.59 -36.72
CA GLN S 18 -41.67 8.27 -35.72
C GLN S 18 -41.47 7.33 -34.55
N LEU S 19 -40.20 7.03 -34.24
CA LEU S 19 -39.86 6.16 -33.12
C LEU S 19 -39.18 7.03 -32.08
N ARG S 20 -39.73 7.08 -30.88
CA ARG S 20 -39.12 7.92 -29.86
C ARG S 20 -37.95 7.27 -29.13
N CYS S 21 -37.05 8.13 -28.66
CA CYS S 21 -35.89 7.69 -27.92
C CYS S 21 -35.42 8.76 -26.94
N LYS S 22 -35.36 8.38 -25.66
CA LYS S 22 -34.91 9.29 -24.64
C LYS S 22 -33.60 8.73 -24.11
N TYR S 23 -32.67 9.62 -23.76
CA TYR S 23 -31.40 9.16 -23.22
C TYR S 23 -31.10 9.89 -21.89
N SER S 24 -30.53 9.14 -20.95
CA SER S 24 -30.12 9.69 -19.67
C SER S 24 -28.66 9.26 -19.64
N TYR S 25 -27.78 10.22 -19.78
CA TYR S 25 -26.36 9.92 -19.81
C TYR S 25 -25.66 11.23 -19.54
N SER S 26 -24.86 11.24 -18.49
CA SER S 26 -24.13 12.43 -18.06
C SER S 26 -23.09 12.98 -19.05
N ALA S 27 -22.22 12.10 -19.54
CA ALA S 27 -21.16 12.48 -20.46
C ALA S 27 -21.63 12.89 -21.85
N THR S 28 -20.64 13.17 -22.72
CA THR S 28 -20.92 13.53 -24.10
C THR S 28 -21.71 12.40 -24.75
N PRO S 29 -22.93 12.72 -25.22
CA PRO S 29 -23.77 11.69 -25.87
C PRO S 29 -23.42 11.40 -27.32
N TYR S 30 -23.20 10.12 -27.61
CA TYR S 30 -22.91 9.68 -28.96
C TYR S 30 -24.05 8.72 -29.25
N LEU S 31 -25.08 9.25 -29.91
CA LEU S 31 -26.27 8.46 -30.20
C LEU S 31 -26.33 7.83 -31.60
N PHE S 32 -26.94 6.65 -31.68
CA PHE S 32 -27.07 5.95 -32.95
C PHE S 32 -28.43 5.28 -33.08
N TRP S 33 -28.75 4.90 -34.30
CA TRP S 33 -29.98 4.17 -34.56
C TRP S 33 -29.63 2.98 -35.46
N TYR S 34 -30.01 1.78 -35.00
CA TYR S 34 -29.75 0.57 -35.78
C TYR S 34 -31.08 -0.09 -36.13
N VAL S 35 -31.13 -0.73 -37.28
CA VAL S 35 -32.33 -1.43 -37.71
C VAL S 35 -31.91 -2.88 -37.79
N GLN S 36 -32.79 -3.79 -37.37
CA GLN S 36 -32.50 -5.21 -37.43
C GLN S 36 -33.58 -6.01 -38.17
N TYR S 37 -33.28 -6.40 -39.40
CA TYR S 37 -34.22 -7.16 -40.22
C TYR S 37 -34.11 -8.64 -39.81
N PRO S 38 -35.23 -9.38 -39.78
CA PRO S 38 -35.30 -10.79 -39.41
C PRO S 38 -34.12 -11.68 -39.78
N ARG S 39 -33.65 -12.45 -38.81
CA ARG S 39 -32.52 -13.36 -38.98
C ARG S 39 -31.25 -12.65 -39.44
N GLN S 40 -31.04 -11.41 -39.00
CA GLN S 40 -29.87 -10.63 -39.37
C GLN S 40 -29.31 -9.83 -38.21
N GLY S 41 -28.13 -9.27 -38.40
CA GLY S 41 -27.54 -8.48 -37.35
C GLY S 41 -28.01 -7.03 -37.45
N PRO S 42 -27.69 -6.18 -36.45
CA PRO S 42 -28.10 -4.77 -36.46
C PRO S 42 -27.30 -4.00 -37.50
N GLN S 43 -27.99 -3.12 -38.23
CA GLN S 43 -27.35 -2.30 -39.26
C GLN S 43 -27.48 -0.83 -38.90
N LEU S 44 -26.39 -0.08 -39.08
CA LEU S 44 -26.41 1.32 -38.76
C LEU S 44 -27.32 2.09 -39.70
N LEU S 45 -28.16 2.92 -39.08
CA LEU S 45 -29.11 3.74 -39.82
C LEU S 45 -28.54 5.14 -39.89
N LEU S 46 -28.24 5.70 -38.72
CA LEU S 46 -27.66 7.03 -38.62
C LEU S 46 -27.03 7.24 -37.26
N LYS S 47 -26.21 8.28 -37.15
CA LYS S 47 -25.52 8.57 -35.91
C LYS S 47 -25.36 10.07 -35.76
N TYR S 48 -25.17 10.53 -34.53
CA TYR S 48 -24.99 11.95 -34.23
C TYR S 48 -23.85 12.17 -33.23
N TYR S 49 -22.86 12.98 -33.64
CA TYR S 49 -21.74 13.29 -32.77
C TYR S 49 -21.85 14.75 -32.31
N SER S 50 -21.81 15.68 -33.26
CA SER S 50 -21.95 17.11 -32.97
C SER S 50 -22.43 17.86 -34.24
N GLY S 51 -22.58 19.17 -34.17
CA GLY S 51 -23.03 19.90 -35.35
C GLY S 51 -24.53 19.88 -35.57
N ASP S 52 -24.95 19.78 -36.84
CA ASP S 52 -26.38 19.75 -37.19
C ASP S 52 -27.12 18.74 -36.29
N PRO S 53 -28.04 19.23 -35.44
CA PRO S 53 -28.82 18.40 -34.53
C PRO S 53 -29.73 17.45 -35.28
N VAL S 54 -29.84 17.67 -36.59
CA VAL S 54 -30.64 16.81 -37.43
C VAL S 54 -29.72 16.06 -38.38
N VAL S 55 -29.67 14.74 -38.18
CA VAL S 55 -28.82 13.88 -38.97
C VAL S 55 -29.64 13.07 -39.97
N GLN S 56 -29.04 12.78 -41.12
CA GLN S 56 -29.70 12.02 -42.18
C GLN S 56 -29.08 10.64 -42.28
N GLY S 57 -29.89 9.64 -42.60
CA GLY S 57 -29.36 8.30 -42.73
C GLY S 57 -29.79 7.62 -44.01
N VAL S 58 -29.48 6.33 -44.10
CA VAL S 58 -29.84 5.54 -45.26
C VAL S 58 -31.39 5.36 -45.31
N ASN S 59 -31.91 4.93 -46.45
CA ASN S 59 -33.34 4.68 -46.63
C ASN S 59 -34.31 5.78 -46.19
N GLY S 60 -33.95 7.03 -46.47
CA GLY S 60 -34.82 8.13 -46.09
C GLY S 60 -35.13 8.21 -44.61
N PHE S 61 -34.14 7.91 -43.79
CA PHE S 61 -34.31 7.98 -42.35
C PHE S 61 -33.60 9.20 -41.82
N GLU S 62 -34.12 9.76 -40.74
CA GLU S 62 -33.50 10.91 -40.12
C GLU S 62 -33.89 10.95 -38.66
N ALA S 63 -33.04 11.58 -37.87
CA ALA S 63 -33.29 11.71 -36.45
C ALA S 63 -32.82 13.10 -36.02
N GLU S 64 -33.34 13.52 -34.88
CA GLU S 64 -32.99 14.81 -34.34
C GLU S 64 -32.59 14.73 -32.89
N PHE S 65 -31.40 15.25 -32.62
CA PHE S 65 -30.84 15.28 -31.29
C PHE S 65 -31.31 16.54 -30.56
N SER S 66 -31.84 16.33 -29.35
CA SER S 66 -32.32 17.44 -28.53
C SER S 66 -31.74 17.35 -27.13
N LYS S 67 -30.67 18.12 -26.89
CA LYS S 67 -30.02 18.12 -25.58
C LYS S 67 -31.06 18.50 -24.53
N SER S 68 -31.83 19.54 -24.83
CA SER S 68 -32.85 20.01 -23.91
C SER S 68 -33.83 18.89 -23.57
N ASN S 69 -34.53 18.40 -24.58
CA ASN S 69 -35.51 17.34 -24.37
C ASN S 69 -34.88 15.95 -24.06
N SER S 70 -33.57 15.83 -24.20
CA SER S 70 -32.87 14.56 -23.95
C SER S 70 -33.40 13.44 -24.83
N SER S 71 -33.65 13.75 -26.08
CA SER S 71 -34.18 12.76 -26.98
C SER S 71 -33.37 12.67 -28.26
N PHE S 72 -33.64 11.62 -29.01
CA PHE S 72 -32.98 11.38 -30.28
C PHE S 72 -33.97 10.54 -31.06
N HIS S 73 -35.14 11.14 -31.31
CA HIS S 73 -36.23 10.49 -32.06
C HIS S 73 -35.93 10.28 -33.54
N LEU S 74 -36.38 9.14 -34.04
CA LEU S 74 -36.17 8.77 -35.43
C LEU S 74 -37.41 9.07 -36.26
N ARG S 75 -37.22 9.32 -37.55
CA ARG S 75 -38.36 9.60 -38.41
C ARG S 75 -38.12 9.22 -39.87
N LYS S 76 -39.19 8.78 -40.52
CA LYS S 76 -39.19 8.45 -41.94
C LYS S 76 -40.50 9.03 -42.46
N ALA S 77 -40.44 9.79 -43.56
CA ALA S 77 -41.61 10.46 -44.11
C ALA S 77 -42.68 9.55 -44.72
N SER S 78 -42.22 8.48 -45.35
CA SER S 78 -43.14 7.55 -45.99
C SER S 78 -42.56 6.13 -45.89
N VAL S 79 -43.14 5.32 -45.01
CA VAL S 79 -42.69 3.95 -44.81
C VAL S 79 -43.25 2.97 -45.84
N HIS S 80 -42.50 1.90 -46.09
CA HIS S 80 -42.92 0.88 -47.04
C HIS S 80 -42.88 -0.45 -46.34
N ARG S 81 -43.33 -1.51 -47.02
CA ARG S 81 -43.33 -2.83 -46.42
C ARG S 81 -41.94 -3.19 -45.95
N SER S 82 -40.95 -2.85 -46.77
CA SER S 82 -39.55 -3.13 -46.48
C SER S 82 -39.09 -2.68 -45.09
N ASP S 83 -39.70 -1.61 -44.57
CA ASP S 83 -39.29 -1.07 -43.29
C ASP S 83 -39.72 -1.84 -42.05
N SER S 84 -40.58 -2.85 -42.22
CA SER S 84 -41.01 -3.61 -41.05
C SER S 84 -39.78 -4.31 -40.49
N ALA S 85 -39.45 -4.02 -39.24
CA ALA S 85 -38.28 -4.60 -38.61
C ALA S 85 -38.20 -4.13 -37.16
N VAL S 86 -37.07 -4.42 -36.52
CA VAL S 86 -36.87 -3.97 -35.14
C VAL S 86 -35.83 -2.85 -35.13
N TYR S 87 -36.24 -1.70 -34.59
CA TYR S 87 -35.38 -0.50 -34.53
C TYR S 87 -34.76 -0.21 -33.17
N PHE S 88 -33.44 -0.10 -33.14
CA PHE S 88 -32.71 0.14 -31.92
C PHE S 88 -32.06 1.50 -31.81
N CYS S 89 -32.28 2.13 -30.66
CA CYS S 89 -31.68 3.41 -30.33
C CYS S 89 -30.50 3.02 -29.47
N ALA S 90 -29.38 3.70 -29.64
CA ALA S 90 -28.24 3.32 -28.84
C ALA S 90 -27.33 4.49 -28.54
N VAL S 91 -26.78 4.50 -27.33
CA VAL S 91 -25.85 5.56 -26.94
C VAL S 91 -24.54 4.91 -26.58
N SER S 92 -23.46 5.53 -27.03
CA SER S 92 -22.14 5.04 -26.72
C SER S 92 -22.09 5.26 -25.21
N ASP S 93 -22.13 4.17 -24.44
CA ASP S 93 -22.05 4.32 -23.00
C ASP S 93 -20.58 4.63 -22.85
N PRO S 94 -19.86 4.06 -21.86
CA PRO S 94 -18.50 4.58 -22.00
C PRO S 94 -17.93 4.20 -23.37
N PRO S 95 -17.54 5.18 -24.22
CA PRO S 95 -17.00 4.70 -25.49
C PRO S 95 -15.75 3.86 -25.15
N PRO S 96 -15.38 2.90 -26.00
CA PRO S 96 -15.98 2.48 -27.27
C PRO S 96 -17.07 1.42 -27.12
N LEU S 97 -17.65 1.32 -25.94
CA LEU S 97 -18.71 0.34 -25.74
C LEU S 97 -20.02 1.01 -26.16
N LEU S 98 -20.97 0.18 -26.59
CA LEU S 98 -22.29 0.65 -27.06
C LEU S 98 -23.45 0.03 -26.28
N THR S 99 -24.34 0.86 -25.77
CA THR S 99 -25.50 0.35 -25.03
C THR S 99 -26.77 0.45 -25.87
N PHE S 100 -27.41 -0.69 -26.11
CA PHE S 100 -28.62 -0.73 -26.91
C PHE S 100 -29.89 -0.52 -26.09
N GLY S 101 -30.95 -0.10 -26.78
CA GLY S 101 -32.23 0.12 -26.15
C GLY S 101 -32.96 -1.21 -26.22
N SER S 102 -34.17 -1.25 -25.65
CA SER S 102 -34.96 -2.47 -25.65
C SER S 102 -35.52 -2.80 -27.02
N GLY S 103 -35.36 -1.84 -27.94
CA GLY S 103 -35.86 -2.02 -29.30
C GLY S 103 -37.33 -1.70 -29.48
N THR S 104 -37.72 -1.48 -30.73
CA THR S 104 -39.09 -1.19 -31.05
C THR S 104 -39.39 -1.94 -32.34
N LYS S 105 -40.48 -2.71 -32.34
CA LYS S 105 -40.87 -3.49 -33.50
C LYS S 105 -41.84 -2.68 -34.34
N VAL S 106 -41.50 -2.49 -35.61
CA VAL S 106 -42.36 -1.70 -36.48
C VAL S 106 -43.06 -2.57 -37.51
N ILE S 107 -44.38 -2.44 -37.55
CA ILE S 107 -45.22 -3.20 -38.48
C ILE S 107 -45.94 -2.26 -39.45
N VAL S 108 -45.68 -2.43 -40.75
CA VAL S 108 -46.30 -1.62 -41.81
C VAL S 108 -47.34 -2.48 -42.58
N LEU S 109 -48.52 -1.91 -42.78
CA LEU S 109 -49.63 -2.63 -43.41
C LEU S 109 -49.80 -2.68 -44.95
N GLU T 1 -21.78 -4.92 -42.04
CA GLU T 1 -20.48 -5.11 -42.75
C GLU T 1 -20.27 -6.55 -43.15
N ALA T 2 -19.94 -6.75 -44.42
CA ALA T 2 -19.70 -8.09 -44.94
C ALA T 2 -18.33 -8.51 -44.43
N ALA T 3 -17.61 -7.55 -43.86
CA ALA T 3 -16.27 -7.82 -43.34
C ALA T 3 -16.30 -8.66 -42.07
N VAL T 4 -17.44 -8.67 -41.40
CA VAL T 4 -17.61 -9.44 -40.17
C VAL T 4 -18.36 -10.74 -40.46
N THR T 5 -17.67 -11.86 -40.26
CA THR T 5 -18.25 -13.18 -40.51
C THR T 5 -18.11 -14.08 -39.29
N GLN T 6 -19.24 -14.59 -38.81
CA GLN T 6 -19.28 -15.48 -37.66
C GLN T 6 -19.42 -16.94 -38.09
N SER T 7 -18.92 -17.84 -37.25
CA SER T 7 -18.97 -19.26 -37.53
C SER T 7 -19.21 -20.06 -36.26
N PRO T 8 -20.23 -20.95 -36.30
CA PRO T 8 -21.14 -21.20 -37.42
C PRO T 8 -22.38 -20.31 -37.32
N ARG T 9 -23.37 -20.50 -38.20
CA ARG T 9 -24.59 -19.69 -38.11
C ARG T 9 -25.57 -20.36 -37.18
N ASN T 10 -25.48 -21.69 -37.15
CA ASN T 10 -26.35 -22.49 -36.28
C ASN T 10 -25.55 -23.58 -35.60
N LYS T 11 -25.72 -23.65 -34.28
CA LYS T 11 -25.01 -24.64 -33.47
C LYS T 11 -25.93 -25.14 -32.36
N VAL T 12 -25.94 -26.46 -32.19
CA VAL T 12 -26.70 -27.08 -31.11
C VAL T 12 -25.63 -27.74 -30.25
N ALA T 13 -25.69 -27.51 -28.95
CA ALA T 13 -24.69 -28.07 -28.06
C ALA T 13 -25.35 -28.87 -26.97
N VAL T 14 -24.60 -29.80 -26.40
CA VAL T 14 -25.12 -30.62 -25.32
C VAL T 14 -24.68 -29.99 -24.01
N THR T 15 -25.47 -30.18 -22.95
CA THR T 15 -25.11 -29.56 -21.68
C THR T 15 -23.70 -29.98 -21.33
N GLY T 16 -22.85 -29.02 -20.97
CA GLY T 16 -21.48 -29.33 -20.61
C GLY T 16 -20.46 -29.12 -21.72
N GLU T 17 -20.92 -29.21 -22.97
CA GLU T 17 -20.03 -29.05 -24.14
C GLU T 17 -19.22 -27.76 -24.09
N LYS T 18 -17.97 -27.84 -24.57
CA LYS T 18 -17.12 -26.66 -24.62
C LYS T 18 -17.41 -26.12 -26.00
N VAL T 19 -18.03 -24.94 -26.06
CA VAL T 19 -18.37 -24.31 -27.34
C VAL T 19 -17.55 -23.05 -27.61
N THR T 20 -17.07 -22.92 -28.84
CA THR T 20 -16.29 -21.76 -29.22
C THR T 20 -16.85 -21.11 -30.49
N LEU T 21 -17.42 -19.93 -30.34
CA LEU T 21 -17.96 -19.20 -31.48
C LEU T 21 -16.79 -18.40 -32.07
N SER T 22 -16.66 -18.40 -33.39
CA SER T 22 -15.55 -17.70 -34.01
C SER T 22 -15.94 -16.48 -34.80
N CYS T 23 -15.15 -15.41 -34.67
CA CYS T 23 -15.42 -14.19 -35.43
C CYS T 23 -14.21 -13.74 -36.22
N ASN T 24 -14.46 -13.22 -37.42
CA ASN T 24 -13.39 -12.73 -38.27
C ASN T 24 -13.80 -11.41 -38.90
N GLN T 25 -12.90 -10.43 -38.89
CA GLN T 25 -13.20 -9.14 -39.50
C GLN T 25 -12.02 -8.58 -40.30
N THR T 26 -12.29 -8.24 -41.54
CA THR T 26 -11.28 -7.67 -42.42
C THR T 26 -11.49 -6.17 -42.55
N ASN T 27 -11.95 -5.56 -41.47
CA ASN T 27 -12.16 -4.13 -41.46
C ASN T 27 -10.92 -3.39 -40.94
N ASN T 28 -9.97 -4.16 -40.43
CA ASN T 28 -8.74 -3.60 -39.89
C ASN T 28 -9.07 -2.75 -38.67
N HIS T 29 -10.09 -3.19 -37.94
CA HIS T 29 -10.55 -2.52 -36.73
C HIS T 29 -9.84 -3.09 -35.53
N ASN T 30 -9.63 -2.28 -34.50
CA ASN T 30 -8.95 -2.74 -33.30
C ASN T 30 -9.97 -3.31 -32.30
N ASN T 31 -11.13 -2.67 -32.21
CA ASN T 31 -12.17 -3.11 -31.28
C ASN T 31 -13.13 -4.17 -31.86
N MET T 32 -13.32 -5.23 -31.10
CA MET T 32 -14.22 -6.32 -31.47
C MET T 32 -15.07 -6.65 -30.25
N TYR T 33 -16.32 -7.01 -30.50
CA TYR T 33 -17.25 -7.29 -29.41
C TYR T 33 -18.03 -8.59 -29.64
N TRP T 34 -18.64 -9.08 -28.56
CA TRP T 34 -19.49 -10.29 -28.58
C TRP T 34 -20.75 -9.98 -27.77
N TYR T 35 -21.88 -9.81 -28.45
CA TYR T 35 -23.15 -9.54 -27.79
C TYR T 35 -24.03 -10.77 -27.87
N ARG T 36 -25.09 -10.80 -27.07
CA ARG T 36 -26.04 -11.90 -27.12
C ARG T 36 -27.40 -11.24 -27.01
N GLN T 37 -28.32 -11.73 -27.82
CA GLN T 37 -29.67 -11.20 -27.88
C GLN T 37 -30.54 -12.43 -27.81
N ASP T 38 -31.47 -12.48 -26.87
CA ASP T 38 -32.29 -13.68 -26.76
C ASP T 38 -33.78 -13.52 -26.57
N THR T 39 -34.37 -12.55 -27.25
CA THR T 39 -35.80 -12.30 -27.18
C THR T 39 -36.11 -11.36 -28.34
N GLY T 40 -35.13 -11.19 -29.22
CA GLY T 40 -35.32 -10.27 -30.34
C GLY T 40 -35.22 -8.86 -29.77
N HIS T 41 -34.91 -8.79 -28.48
CA HIS T 41 -34.80 -7.53 -27.77
C HIS T 41 -33.37 -7.03 -27.68
N GLU T 42 -33.09 -6.39 -26.55
CA GLU T 42 -31.79 -5.81 -26.29
C GLU T 42 -30.63 -6.79 -26.43
N LEU T 43 -29.56 -6.33 -27.06
CA LEU T 43 -28.38 -7.15 -27.19
C LEU T 43 -27.52 -6.76 -26.01
N ARG T 44 -26.95 -7.74 -25.32
CA ARG T 44 -26.11 -7.41 -24.17
C ARG T 44 -24.65 -7.83 -24.38
N LEU T 45 -23.74 -6.95 -23.99
CA LEU T 45 -22.31 -7.19 -24.16
C LEU T 45 -21.78 -8.29 -23.27
N ILE T 46 -21.01 -9.20 -23.85
CA ILE T 46 -20.45 -10.30 -23.09
C ILE T 46 -18.98 -10.04 -22.83
N TYR T 47 -18.23 -9.88 -23.91
CA TYR T 47 -16.80 -9.66 -23.89
C TYR T 47 -16.43 -8.79 -25.08
N TYR T 48 -15.40 -7.96 -24.92
CA TYR T 48 -14.92 -7.13 -26.02
C TYR T 48 -13.40 -7.12 -26.00
N SER T 49 -12.78 -6.49 -26.99
CA SER T 49 -11.32 -6.42 -27.09
C SER T 49 -10.82 -5.14 -27.76
N TYR T 50 -9.87 -4.47 -27.11
CA TYR T 50 -9.28 -3.22 -27.63
C TYR T 50 -8.31 -3.49 -28.77
N GLY T 51 -7.94 -4.75 -28.95
CA GLY T 51 -7.01 -5.12 -30.00
C GLY T 51 -6.41 -6.48 -29.66
N ALA T 52 -5.45 -6.94 -30.47
CA ALA T 52 -4.82 -8.23 -30.22
C ALA T 52 -4.26 -8.24 -28.80
N GLY T 53 -4.46 -9.35 -28.11
CA GLY T 53 -3.96 -9.48 -26.75
C GLY T 53 -4.92 -8.97 -25.69
N SER T 54 -5.89 -8.17 -26.11
CA SER T 54 -6.89 -7.61 -25.19
C SER T 54 -8.12 -8.49 -25.00
N THR T 55 -8.58 -8.61 -23.76
CA THR T 55 -9.76 -9.38 -23.44
C THR T 55 -10.44 -8.73 -22.26
N GLU T 56 -11.59 -8.09 -22.50
CA GLU T 56 -12.30 -7.39 -21.44
C GLU T 56 -13.72 -7.90 -21.20
N LYS T 57 -14.04 -8.16 -19.94
CA LYS T 57 -15.36 -8.66 -19.56
C LYS T 57 -16.44 -7.61 -19.77
N GLY T 58 -17.58 -8.05 -20.30
CA GLY T 58 -18.68 -7.15 -20.52
C GLY T 58 -19.55 -7.03 -19.28
N ASP T 59 -20.86 -7.07 -19.46
CA ASP T 59 -21.81 -6.95 -18.37
C ASP T 59 -22.21 -8.31 -17.84
N ILE T 60 -22.15 -9.31 -18.71
CA ILE T 60 -22.54 -10.66 -18.34
C ILE T 60 -21.45 -11.60 -18.82
N PRO T 61 -20.25 -11.50 -18.23
CA PRO T 61 -19.16 -12.38 -18.64
C PRO T 61 -19.14 -13.77 -18.04
N ASP T 62 -20.01 -14.02 -17.06
CA ASP T 62 -20.05 -15.31 -16.36
C ASP T 62 -20.37 -16.54 -17.20
N GLY T 63 -19.41 -17.47 -17.20
CA GLY T 63 -19.54 -18.70 -17.95
C GLY T 63 -18.84 -18.58 -19.28
N TYR T 64 -18.38 -17.36 -19.59
CA TYR T 64 -17.71 -17.09 -20.86
C TYR T 64 -16.25 -16.74 -20.69
N LYS T 65 -15.48 -17.11 -21.70
CA LYS T 65 -14.05 -16.85 -21.75
C LYS T 65 -13.85 -16.27 -23.16
N ALA T 66 -12.87 -15.40 -23.35
CA ALA T 66 -12.66 -14.84 -24.68
C ALA T 66 -11.19 -14.90 -25.08
N SER T 67 -10.93 -14.73 -26.37
CA SER T 67 -9.57 -14.78 -26.88
C SER T 67 -9.35 -13.90 -28.13
N ARG T 68 -8.37 -13.00 -28.05
CA ARG T 68 -8.04 -12.12 -29.18
C ARG T 68 -6.65 -12.46 -29.73
N PRO T 69 -6.49 -13.65 -30.32
CA PRO T 69 -5.18 -14.06 -30.86
C PRO T 69 -4.57 -13.07 -31.85
N SER T 70 -5.40 -12.45 -32.67
CA SER T 70 -4.87 -11.52 -33.64
C SER T 70 -5.74 -10.30 -33.84
N GLN T 71 -5.45 -9.58 -34.92
CA GLN T 71 -6.19 -8.38 -35.26
C GLN T 71 -7.62 -8.69 -35.68
N GLU T 72 -7.76 -9.60 -36.64
CA GLU T 72 -9.07 -9.93 -37.16
C GLU T 72 -9.83 -11.07 -36.52
N ASN T 73 -9.24 -11.76 -35.54
CA ASN T 73 -9.98 -12.86 -34.92
C ASN T 73 -10.24 -12.72 -33.43
N PHE T 74 -11.52 -12.83 -33.06
CA PHE T 74 -11.97 -12.73 -31.68
C PHE T 74 -12.94 -13.89 -31.46
N SER T 75 -12.59 -14.79 -30.54
CA SER T 75 -13.44 -15.95 -30.27
C SER T 75 -14.02 -15.97 -28.87
N LEU T 76 -15.29 -16.36 -28.77
CA LEU T 76 -15.97 -16.43 -27.49
C LEU T 76 -16.09 -17.91 -27.17
N THR T 77 -15.76 -18.29 -25.92
CA THR T 77 -15.85 -19.69 -25.52
C THR T 77 -16.74 -19.90 -24.32
N LEU T 78 -17.66 -20.85 -24.45
CA LEU T 78 -18.56 -21.25 -23.38
C LEU T 78 -17.84 -22.49 -22.86
N GLU T 79 -17.18 -22.37 -21.71
CA GLU T 79 -16.41 -23.48 -21.16
C GLU T 79 -17.23 -24.74 -20.93
N SER T 80 -18.45 -24.58 -20.43
CA SER T 80 -19.33 -25.72 -20.19
C SER T 80 -20.74 -25.24 -20.48
N ALA T 81 -21.22 -25.60 -21.65
CA ALA T 81 -22.56 -25.23 -22.10
C ALA T 81 -23.65 -25.49 -21.07
N THR T 82 -24.52 -24.50 -20.90
CA THR T 82 -25.66 -24.58 -20.00
C THR T 82 -26.82 -23.88 -20.71
N PRO T 83 -28.06 -24.37 -20.51
CA PRO T 83 -29.25 -23.78 -21.13
C PRO T 83 -29.42 -22.27 -20.99
N SER T 84 -28.87 -21.68 -19.93
CA SER T 84 -28.97 -20.24 -19.74
C SER T 84 -28.20 -19.55 -20.87
N GLN T 85 -27.32 -20.29 -21.53
CA GLN T 85 -26.55 -19.73 -22.61
C GLN T 85 -27.17 -19.86 -23.99
N THR T 86 -28.31 -20.55 -24.14
CA THR T 86 -28.90 -20.62 -25.47
C THR T 86 -29.43 -19.22 -25.79
N SER T 87 -28.96 -18.67 -26.92
CA SER T 87 -29.28 -17.31 -27.34
C SER T 87 -28.63 -17.04 -28.71
N VAL T 88 -28.88 -15.86 -29.28
CA VAL T 88 -28.26 -15.54 -30.56
C VAL T 88 -27.03 -14.65 -30.29
N TYR T 89 -25.88 -15.11 -30.73
CA TYR T 89 -24.64 -14.38 -30.50
C TYR T 89 -24.16 -13.53 -31.67
N PHE T 90 -23.90 -12.26 -31.39
CA PHE T 90 -23.43 -11.34 -32.40
C PHE T 90 -22.06 -10.80 -32.10
N CYS T 91 -21.28 -10.72 -33.16
CA CYS T 91 -19.94 -10.23 -33.12
C CYS T 91 -19.91 -8.90 -33.88
N ALA T 92 -19.10 -7.97 -33.40
CA ALA T 92 -19.00 -6.66 -34.04
C ALA T 92 -17.57 -6.17 -33.98
N SER T 93 -17.22 -5.30 -34.92
CA SER T 93 -15.88 -4.72 -34.95
C SER T 93 -16.12 -3.23 -35.07
N GLY T 94 -15.10 -2.44 -34.75
CA GLY T 94 -15.25 -1.00 -34.85
C GLY T 94 -13.94 -0.30 -34.66
N GLY T 95 -13.75 0.80 -35.38
CA GLY T 95 -12.51 1.56 -35.26
C GLY T 95 -12.79 2.88 -34.58
N GLY T 96 -13.68 2.85 -33.59
CA GLY T 96 -14.07 4.05 -32.89
C GLY T 96 -15.33 4.55 -33.58
N GLY T 97 -16.36 4.87 -32.79
CA GLY T 97 -17.59 5.34 -33.38
C GLY T 97 -18.51 4.21 -33.75
N THR T 98 -18.79 4.07 -35.04
CA THR T 98 -19.70 3.03 -35.52
C THR T 98 -19.23 1.61 -35.29
N LEU T 99 -20.19 0.74 -34.96
CA LEU T 99 -19.96 -0.69 -34.73
C LEU T 99 -20.63 -1.51 -35.86
N TYR T 100 -19.87 -2.43 -36.44
CA TYR T 100 -20.38 -3.27 -37.53
C TYR T 100 -20.58 -4.72 -37.10
N PHE T 101 -21.82 -5.18 -37.20
CA PHE T 101 -22.20 -6.53 -36.78
C PHE T 101 -22.16 -7.69 -37.79
N GLY T 102 -21.96 -8.90 -37.25
CA GLY T 102 -21.94 -10.11 -38.06
C GLY T 102 -23.36 -10.64 -38.21
N ALA T 103 -23.56 -11.64 -39.06
CA ALA T 103 -24.88 -12.21 -39.29
C ALA T 103 -25.50 -12.83 -38.03
N GLY T 104 -24.64 -13.23 -37.10
CA GLY T 104 -25.13 -13.84 -35.88
C GLY T 104 -24.96 -15.34 -35.86
N THR T 105 -25.03 -15.92 -34.68
CA THR T 105 -24.88 -17.35 -34.51
C THR T 105 -25.95 -17.80 -33.54
N ARG T 106 -26.88 -18.62 -34.02
CA ARG T 106 -27.96 -19.12 -33.17
C ARG T 106 -27.47 -20.39 -32.48
N LEU T 107 -27.36 -20.33 -31.16
CA LEU T 107 -26.88 -21.44 -30.36
C LEU T 107 -27.91 -21.91 -29.36
N SER T 108 -28.24 -23.19 -29.44
CA SER T 108 -29.21 -23.79 -28.53
C SER T 108 -28.53 -24.88 -27.72
N VAL T 109 -28.92 -25.00 -26.46
CA VAL T 109 -28.34 -26.02 -25.60
C VAL T 109 -29.38 -27.04 -25.22
N LEU T 110 -29.17 -28.26 -25.70
CA LEU T 110 -30.06 -29.37 -25.43
C LEU T 110 -29.53 -30.03 -24.15
N SER T 111 -30.43 -30.38 -23.22
CA SER T 111 -29.99 -31.00 -21.95
C SER T 111 -29.63 -32.48 -22.13
N GLY U 1 11.35 -27.70 35.85
CA GLY U 1 10.13 -27.93 34.98
C GLY U 1 10.36 -27.68 33.49
N PRO U 2 9.53 -28.29 32.61
CA PRO U 2 9.63 -28.13 31.16
C PRO U 2 9.24 -26.77 30.59
N HIS U 3 9.75 -26.46 29.41
CA HIS U 3 9.48 -25.20 28.71
C HIS U 3 9.18 -25.54 27.26
N SER U 4 8.66 -24.57 26.51
CA SER U 4 8.31 -24.84 25.12
C SER U 4 8.36 -23.60 24.23
N MET U 5 8.56 -23.84 22.94
CA MET U 5 8.57 -22.77 21.97
C MET U 5 7.69 -23.29 20.86
N ARG U 6 6.90 -22.42 20.25
CA ARG U 6 5.99 -22.88 19.21
C ARG U 6 5.79 -21.78 18.19
N TYR U 7 5.79 -22.14 16.91
CA TYR U 7 5.57 -21.15 15.85
C TYR U 7 4.40 -21.58 15.01
N TYR U 8 3.55 -20.63 14.67
CA TYR U 8 2.38 -20.89 13.84
C TYR U 8 2.36 -19.99 12.60
N GLU U 9 2.54 -20.60 11.43
CA GLU U 9 2.51 -19.85 10.17
C GLU U 9 1.18 -20.23 9.52
N THR U 10 0.43 -19.23 9.05
CA THR U 10 -0.86 -19.50 8.40
C THR U 10 -1.03 -18.63 7.17
N ALA U 11 -1.39 -19.27 6.06
CA ALA U 11 -1.61 -18.56 4.82
C ALA U 11 -3.08 -18.73 4.45
N THR U 12 -3.73 -17.62 4.15
CA THR U 12 -5.13 -17.63 3.80
C THR U 12 -5.40 -16.90 2.49
N SER U 13 -5.86 -17.62 1.49
CA SER U 13 -6.19 -16.99 0.21
C SER U 13 -7.71 -16.80 0.20
N ARG U 14 -8.20 -15.67 -0.34
CA ARG U 14 -9.64 -15.42 -0.37
C ARG U 14 -10.18 -14.89 -1.70
N ARG U 15 -11.27 -15.50 -2.15
CA ARG U 15 -11.95 -15.17 -3.41
C ARG U 15 -11.48 -13.91 -4.15
N GLY U 16 -10.73 -14.14 -5.23
CA GLY U 16 -10.20 -13.05 -6.06
C GLY U 16 -9.61 -11.86 -5.33
N LEU U 17 -9.23 -12.05 -4.06
CA LEU U 17 -8.65 -10.96 -3.27
C LEU U 17 -7.11 -10.99 -3.37
N GLY U 18 -6.60 -11.27 -4.57
CA GLY U 18 -5.18 -11.33 -4.79
C GLY U 18 -4.43 -12.44 -4.08
N GLU U 19 -3.14 -12.22 -3.84
CA GLU U 19 -2.29 -13.20 -3.18
C GLU U 19 -2.71 -13.38 -1.73
N PRO U 20 -2.56 -14.61 -1.20
CA PRO U 20 -2.92 -14.96 0.18
C PRO U 20 -2.26 -14.10 1.25
N ARG U 21 -2.86 -14.09 2.44
CA ARG U 21 -2.33 -13.34 3.56
C ARG U 21 -1.48 -14.27 4.40
N TYR U 22 -0.27 -13.85 4.71
CA TYR U 22 0.65 -14.66 5.49
C TYR U 22 0.94 -14.06 6.85
N THR U 23 0.87 -14.88 7.88
CA THR U 23 1.20 -14.43 9.23
C THR U 23 1.98 -15.52 9.90
N SER U 24 2.81 -15.12 10.85
CA SER U 24 3.63 -16.05 11.59
C SER U 24 3.80 -15.52 13.00
N VAL U 25 3.42 -16.32 13.98
CA VAL U 25 3.58 -15.90 15.36
C VAL U 25 4.32 -16.95 16.17
N GLY U 26 5.18 -16.48 17.05
CA GLY U 26 5.95 -17.39 17.88
C GLY U 26 5.61 -17.22 19.36
N TYR U 27 5.65 -18.34 20.07
CA TYR U 27 5.33 -18.38 21.49
C TYR U 27 6.43 -19.09 22.30
N VAL U 28 6.85 -18.48 23.40
CA VAL U 28 7.80 -19.10 24.31
C VAL U 28 6.94 -19.42 25.53
N ASP U 29 6.95 -20.67 25.95
CA ASP U 29 6.08 -21.09 27.03
C ASP U 29 4.72 -20.73 26.45
N ASP U 30 3.92 -19.89 27.09
CA ASP U 30 2.65 -19.59 26.42
C ASP U 30 2.45 -18.12 26.21
N LYS U 31 3.55 -17.46 25.86
CA LYS U 31 3.52 -16.03 25.62
C LYS U 31 4.01 -15.72 24.21
N GLU U 32 3.24 -14.93 23.46
CA GLU U 32 3.63 -14.51 22.13
C GLU U 32 4.80 -13.54 22.30
N PHE U 33 5.91 -13.77 21.61
CA PHE U 33 7.07 -12.91 21.74
C PHE U 33 7.55 -12.33 20.40
N VAL U 34 7.08 -12.91 19.30
CA VAL U 34 7.49 -12.43 18.00
C VAL U 34 6.31 -12.64 17.04
N ARG U 35 6.26 -11.83 15.97
CA ARG U 35 5.16 -11.91 15.02
C ARG U 35 5.48 -11.26 13.68
N PHE U 36 4.82 -11.72 12.62
CA PHE U 36 5.03 -11.20 11.27
C PHE U 36 3.70 -11.19 10.53
N ASP U 37 3.43 -10.11 9.83
CA ASP U 37 2.16 -9.98 9.10
C ASP U 37 2.41 -9.42 7.70
N SER U 38 1.95 -10.15 6.67
CA SER U 38 2.15 -9.70 5.29
C SER U 38 1.18 -8.58 4.96
N ASP U 39 0.14 -8.43 5.79
CA ASP U 39 -0.86 -7.40 5.61
C ASP U 39 -0.34 -6.09 6.15
N ALA U 40 0.83 -6.14 6.75
CA ALA U 40 1.44 -4.94 7.29
C ALA U 40 1.94 -4.06 6.16
N GLU U 41 2.01 -2.76 6.40
CA GLU U 41 2.48 -1.79 5.41
C GLU U 41 3.93 -2.14 5.07
N ASN U 42 4.66 -2.54 6.11
CA ASN U 42 6.06 -2.91 6.01
C ASN U 42 6.23 -4.30 6.63
N PRO U 43 5.97 -5.35 5.83
CA PRO U 43 6.11 -6.72 6.33
C PRO U 43 7.47 -6.91 6.97
N ARG U 44 7.47 -7.28 8.25
CA ARG U 44 8.69 -7.50 9.00
C ARG U 44 8.39 -8.30 10.25
N TYR U 45 9.36 -9.07 10.72
CA TYR U 45 9.20 -9.81 11.95
C TYR U 45 9.51 -8.80 13.04
N GLU U 46 8.63 -8.68 14.04
CA GLU U 46 8.86 -7.72 15.12
C GLU U 46 8.63 -8.27 16.51
N PRO U 47 9.32 -7.70 17.49
CA PRO U 47 9.21 -8.12 18.89
C PRO U 47 7.86 -7.76 19.50
N GLN U 48 7.23 -8.71 20.18
CA GLN U 48 5.94 -8.48 20.81
C GLN U 48 6.06 -8.24 22.30
N VAL U 49 7.28 -8.37 22.83
CA VAL U 49 7.55 -8.14 24.23
C VAL U 49 8.90 -7.45 24.31
N PRO U 50 9.09 -6.57 25.29
CA PRO U 50 10.35 -5.85 25.46
C PRO U 50 11.65 -6.66 25.49
N TRP U 51 11.71 -7.77 26.23
CA TRP U 51 12.98 -8.50 26.28
C TRP U 51 13.49 -9.03 24.94
N MET U 52 12.66 -8.98 23.91
CA MET U 52 13.09 -9.45 22.60
C MET U 52 13.80 -8.34 21.84
N GLU U 53 13.69 -7.11 22.36
CA GLU U 53 14.31 -5.95 21.75
C GLU U 53 15.83 -6.01 21.89
N GLN U 54 16.31 -6.91 22.75
CA GLN U 54 17.74 -7.03 22.96
C GLN U 54 18.39 -7.99 21.96
N GLU U 55 17.80 -8.09 20.77
CA GLU U 55 18.34 -8.94 19.71
C GLU U 55 18.85 -8.01 18.63
N GLY U 56 20.04 -8.29 18.11
CA GLY U 56 20.64 -7.47 17.08
C GLY U 56 19.79 -7.19 15.85
N PRO U 57 20.16 -6.19 15.03
CA PRO U 57 19.40 -5.85 13.81
C PRO U 57 19.59 -6.96 12.78
N GLU U 58 20.72 -7.65 12.88
CA GLU U 58 21.00 -8.74 11.96
C GLU U 58 20.00 -9.86 12.19
N TYR U 59 19.61 -10.03 13.44
CA TYR U 59 18.64 -11.06 13.82
C TYR U 59 17.34 -10.81 13.10
N TRP U 60 16.75 -9.65 13.37
CA TRP U 60 15.48 -9.29 12.76
C TRP U 60 15.55 -9.30 11.25
N GLU U 61 16.76 -9.15 10.72
CA GLU U 61 16.90 -9.14 9.28
C GLU U 61 16.69 -10.48 8.64
N ARG U 62 17.46 -11.48 9.07
CA ARG U 62 17.33 -12.79 8.46
C ARG U 62 16.01 -13.46 8.85
N ILE U 63 15.53 -13.21 10.06
CA ILE U 63 14.27 -13.78 10.49
C ILE U 63 13.21 -13.30 9.48
N THR U 64 13.24 -12.00 9.18
CA THR U 64 12.31 -11.41 8.24
C THR U 64 12.48 -12.00 6.86
N GLN U 65 13.73 -12.24 6.46
CA GLN U 65 13.98 -12.81 5.15
C GLN U 65 13.39 -14.22 5.04
N VAL U 66 13.46 -14.97 6.13
CA VAL U 66 12.91 -16.32 6.15
C VAL U 66 11.41 -16.24 5.90
N ALA U 67 10.78 -15.29 6.59
CA ALA U 67 9.34 -15.09 6.49
C ALA U 67 8.91 -14.82 5.07
N LYS U 68 9.71 -14.03 4.35
CA LYS U 68 9.39 -13.68 2.96
C LYS U 68 9.47 -14.92 2.10
N GLY U 69 10.43 -15.79 2.39
CA GLY U 69 10.58 -17.00 1.62
C GLY U 69 9.39 -17.92 1.92
N GLN U 70 9.04 -17.98 3.21
CA GLN U 70 7.93 -18.81 3.66
C GLN U 70 6.62 -18.38 3.01
N GLU U 71 6.47 -17.07 2.80
CA GLU U 71 5.28 -16.57 2.16
C GLU U 71 5.13 -17.24 0.80
N GLN U 72 6.24 -17.35 0.08
CA GLN U 72 6.22 -17.98 -1.22
C GLN U 72 5.90 -19.46 -1.13
N TRP U 73 6.48 -20.14 -0.15
CA TRP U 73 6.26 -21.57 0.00
C TRP U 73 4.77 -21.89 0.09
N PHE U 74 4.05 -21.11 0.90
CA PHE U 74 2.61 -21.26 1.08
C PHE U 74 1.86 -20.91 -0.19
N ARG U 75 2.26 -19.82 -0.81
CA ARG U 75 1.65 -19.37 -2.06
C ARG U 75 1.70 -20.54 -3.05
N VAL U 76 2.84 -21.21 -3.12
CA VAL U 76 2.99 -22.33 -4.03
C VAL U 76 2.23 -23.57 -3.59
N ASN U 77 2.47 -24.02 -2.36
CA ASN U 77 1.81 -25.23 -1.92
C ASN U 77 0.29 -25.13 -1.78
N LEU U 78 -0.22 -23.92 -1.61
CA LEU U 78 -1.65 -23.74 -1.54
C LEU U 78 -2.21 -24.24 -2.86
N ARG U 79 -1.48 -23.93 -3.94
CA ARG U 79 -1.86 -24.33 -5.28
C ARG U 79 -1.72 -25.84 -5.49
N THR U 80 -0.57 -26.40 -5.12
CA THR U 80 -0.40 -27.82 -5.31
C THR U 80 -1.51 -28.58 -4.59
N LEU U 81 -2.00 -28.03 -3.48
CA LEU U 81 -3.08 -28.70 -2.73
C LEU U 81 -4.41 -28.56 -3.43
N LEU U 82 -4.59 -27.50 -4.21
CA LEU U 82 -5.82 -27.32 -4.95
C LEU U 82 -5.91 -28.52 -5.89
N GLY U 83 -4.78 -28.85 -6.51
CA GLY U 83 -4.74 -29.99 -7.41
C GLY U 83 -5.07 -31.28 -6.69
N TYR U 84 -4.27 -31.61 -5.70
CA TYR U 84 -4.44 -32.83 -4.89
C TYR U 84 -5.90 -33.11 -4.54
N TYR U 85 -6.63 -32.07 -4.15
CA TYR U 85 -8.02 -32.21 -3.76
C TYR U 85 -8.97 -31.85 -4.88
N ASN U 86 -8.41 -31.57 -6.05
CA ASN U 86 -9.22 -31.22 -7.21
C ASN U 86 -10.27 -30.14 -6.89
N GLN U 87 -9.81 -28.93 -6.60
CA GLN U 87 -10.71 -27.83 -6.26
C GLN U 87 -10.55 -26.68 -7.25
N SER U 88 -11.42 -25.68 -7.15
CA SER U 88 -11.39 -24.51 -8.05
C SER U 88 -10.10 -23.70 -7.94
N ALA U 89 -10.15 -22.48 -8.43
CA ALA U 89 -8.99 -21.61 -8.39
C ALA U 89 -9.30 -20.32 -7.63
N GLY U 90 -10.43 -19.70 -7.96
CA GLY U 90 -10.80 -18.47 -7.28
C GLY U 90 -11.26 -18.73 -5.86
N GLY U 91 -11.37 -20.01 -5.51
CA GLY U 91 -11.81 -20.39 -4.18
C GLY U 91 -11.01 -19.80 -3.04
N THR U 92 -11.54 -19.95 -1.83
CA THR U 92 -10.89 -19.44 -0.63
C THR U 92 -10.43 -20.61 0.23
N HIS U 93 -9.14 -20.64 0.55
CA HIS U 93 -8.56 -21.70 1.35
C HIS U 93 -7.49 -21.26 2.33
N THR U 94 -7.13 -22.19 3.22
CA THR U 94 -6.13 -21.92 4.22
C THR U 94 -5.15 -23.08 4.38
N LEU U 95 -3.88 -22.72 4.52
CA LEU U 95 -2.83 -23.71 4.72
C LEU U 95 -1.96 -23.22 5.87
N GLN U 96 -1.79 -24.04 6.90
CA GLN U 96 -0.97 -23.62 8.02
C GLN U 96 0.04 -24.66 8.47
N ARG U 97 1.11 -24.15 9.06
CA ARG U 97 2.22 -24.95 9.57
C ARG U 97 2.45 -24.61 11.02
N MET U 98 2.78 -25.63 11.80
CA MET U 98 3.06 -25.44 13.20
C MET U 98 4.25 -26.31 13.53
N TYR U 99 5.29 -25.71 14.11
CA TYR U 99 6.47 -26.44 14.50
C TYR U 99 6.93 -25.87 15.80
N GLY U 100 7.80 -26.60 16.49
CA GLY U 100 8.27 -26.16 17.77
C GLY U 100 9.02 -27.26 18.51
N CYS U 101 9.20 -27.04 19.81
CA CYS U 101 9.98 -27.95 20.63
C CYS U 101 9.80 -27.70 22.10
N ASP U 102 9.57 -28.79 22.83
CA ASP U 102 9.42 -28.72 24.28
C ASP U 102 10.75 -29.23 24.82
N VAL U 103 11.15 -28.74 25.97
CA VAL U 103 12.40 -29.22 26.57
C VAL U 103 12.10 -29.65 28.00
N GLY U 104 12.85 -30.62 28.50
CA GLY U 104 12.65 -31.11 29.85
C GLY U 104 13.41 -30.25 30.84
N SER U 105 13.31 -30.58 32.11
CA SER U 105 14.00 -29.81 33.14
C SER U 105 15.50 -29.72 32.91
N ASP U 106 16.04 -30.66 32.14
CA ASP U 106 17.46 -30.64 31.84
C ASP U 106 17.74 -29.79 30.59
N GLY U 107 16.71 -29.10 30.09
CA GLY U 107 16.88 -28.23 28.94
C GLY U 107 17.09 -28.91 27.60
N ARG U 108 17.11 -30.24 27.62
CA ARG U 108 17.31 -31.02 26.40
C ARG U 108 15.94 -31.35 25.80
N LEU U 109 15.88 -31.51 24.48
CA LEU U 109 14.62 -31.79 23.80
C LEU U 109 13.71 -32.79 24.54
N LEU U 110 12.40 -32.60 24.41
CA LEU U 110 11.42 -33.46 25.05
C LEU U 110 10.43 -33.94 23.97
N ARG U 111 10.21 -33.10 22.97
CA ARG U 111 9.30 -33.42 21.88
C ARG U 111 9.48 -32.39 20.77
N GLY U 112 9.54 -32.88 19.54
CA GLY U 112 9.71 -31.99 18.41
C GLY U 112 8.40 -31.89 17.64
N TYR U 113 8.24 -30.79 16.91
CA TYR U 113 7.02 -30.57 16.15
C TYR U 113 7.22 -30.06 14.73
N GLU U 114 6.38 -30.56 13.83
CA GLU U 114 6.37 -30.16 12.44
C GLU U 114 5.08 -30.76 11.92
N GLN U 115 4.14 -29.92 11.50
CA GLN U 115 2.87 -30.43 11.01
C GLN U 115 2.11 -29.42 10.19
N PHE U 116 1.24 -29.90 9.31
CA PHE U 116 0.50 -29.03 8.43
C PHE U 116 -0.99 -29.32 8.44
N ALA U 117 -1.79 -28.25 8.35
CA ALA U 117 -3.24 -28.36 8.32
C ALA U 117 -3.80 -27.54 7.15
N TYR U 118 -4.64 -28.18 6.33
CA TYR U 118 -5.25 -27.53 5.18
C TYR U 118 -6.73 -27.31 5.39
N ASP U 119 -7.18 -26.08 5.16
CA ASP U 119 -8.59 -25.73 5.30
C ASP U 119 -9.17 -26.10 6.66
N GLY U 120 -8.32 -26.09 7.69
CA GLY U 120 -8.79 -26.40 9.01
C GLY U 120 -8.61 -27.85 9.42
N CYS U 121 -8.51 -28.74 8.45
CA CYS U 121 -8.35 -30.16 8.76
C CYS U 121 -6.89 -30.63 8.73
N ASP U 122 -6.58 -31.62 9.56
CA ASP U 122 -5.20 -32.12 9.61
C ASP U 122 -4.75 -32.67 8.26
N TYR U 123 -3.47 -32.52 7.98
CA TYR U 123 -2.93 -33.00 6.71
C TYR U 123 -1.80 -33.99 6.93
N ILE U 124 -0.71 -33.55 7.55
CA ILE U 124 0.41 -34.44 7.81
C ILE U 124 1.23 -33.90 8.97
N ALA U 125 1.69 -34.80 9.84
CA ALA U 125 2.46 -34.38 11.01
C ALA U 125 3.57 -35.34 11.39
N LEU U 126 4.70 -34.76 11.81
CA LEU U 126 5.84 -35.55 12.23
C LEU U 126 5.50 -36.20 13.56
N ASN U 127 5.65 -37.51 13.64
CA ASN U 127 5.35 -38.24 14.86
C ASN U 127 6.40 -37.94 15.90
N GLU U 128 6.09 -38.31 17.14
CA GLU U 128 6.96 -38.06 18.28
C GLU U 128 8.38 -38.58 18.12
N ASP U 129 8.54 -39.62 17.30
CA ASP U 129 9.84 -40.23 17.06
C ASP U 129 10.74 -39.38 16.16
N LEU U 130 10.14 -38.40 15.48
CA LEU U 130 10.88 -37.54 14.55
C LEU U 130 11.49 -38.41 13.46
N ARG U 131 10.77 -39.49 13.13
CA ARG U 131 11.22 -40.44 12.12
C ARG U 131 10.08 -40.85 11.19
N THR U 132 8.86 -40.91 11.70
CA THR U 132 7.73 -41.31 10.87
C THR U 132 6.70 -40.20 10.72
N TRP U 133 5.75 -40.39 9.81
CA TRP U 133 4.73 -39.36 9.58
C TRP U 133 3.30 -39.88 9.66
N THR U 134 2.38 -39.01 10.05
CA THR U 134 0.99 -39.40 10.10
C THR U 134 0.27 -38.61 9.00
N ALA U 135 -0.37 -39.34 8.09
CA ALA U 135 -1.07 -38.71 6.98
C ALA U 135 -2.57 -38.79 7.11
N ALA U 136 -3.18 -37.63 7.33
CA ALA U 136 -4.63 -37.52 7.49
C ALA U 136 -5.39 -38.34 6.45
N ASP U 137 -5.56 -37.78 5.26
CA ASP U 137 -6.29 -38.45 4.20
C ASP U 137 -5.40 -39.01 3.09
N MET U 138 -6.00 -39.26 1.93
CA MET U 138 -5.27 -39.81 0.78
C MET U 138 -4.35 -38.80 0.12
N ALA U 139 -4.79 -37.56 0.01
CA ALA U 139 -3.95 -36.54 -0.59
C ALA U 139 -2.63 -36.47 0.18
N ALA U 140 -2.73 -36.36 1.50
CA ALA U 140 -1.57 -36.30 2.37
C ALA U 140 -0.69 -37.54 2.22
N GLN U 141 -1.31 -38.63 1.78
CA GLN U 141 -0.60 -39.89 1.58
C GLN U 141 0.51 -39.63 0.57
N ILE U 142 0.18 -38.84 -0.45
CA ILE U 142 1.12 -38.49 -1.50
C ILE U 142 2.36 -37.78 -0.94
N THR U 143 2.13 -36.74 -0.15
CA THR U 143 3.21 -35.99 0.49
C THR U 143 4.08 -36.93 1.32
N ARG U 144 3.42 -37.70 2.20
CA ARG U 144 4.11 -38.64 3.06
C ARG U 144 5.09 -39.48 2.28
N ARG U 145 4.63 -39.98 1.15
CA ARG U 145 5.44 -40.82 0.29
C ARG U 145 6.73 -40.13 -0.12
N LYS U 146 6.65 -38.98 -0.80
CA LYS U 146 7.87 -38.29 -1.23
C LYS U 146 8.72 -37.83 -0.06
N TRP U 147 8.08 -37.49 1.07
CA TRP U 147 8.81 -37.04 2.25
C TRP U 147 9.56 -38.21 2.90
N GLU U 148 9.02 -39.41 2.77
CA GLU U 148 9.67 -40.61 3.32
C GLU U 148 10.85 -40.91 2.42
N GLN U 149 10.64 -40.72 1.12
CA GLN U 149 11.68 -40.97 0.11
C GLN U 149 12.82 -39.94 0.24
N ALA U 150 12.49 -38.66 0.38
CA ALA U 150 13.48 -37.59 0.48
C ALA U 150 14.09 -37.39 1.85
N GLY U 151 13.65 -38.19 2.81
CA GLY U 151 14.20 -38.08 4.15
C GLY U 151 13.87 -36.78 4.85
N ALA U 152 12.67 -36.28 4.61
CA ALA U 152 12.22 -35.04 5.23
C ALA U 152 12.28 -35.09 6.75
N ALA U 153 11.98 -36.25 7.35
CA ALA U 153 12.01 -36.38 8.80
C ALA U 153 13.36 -35.99 9.37
N GLU U 154 14.44 -36.49 8.75
CA GLU U 154 15.79 -36.19 9.21
C GLU U 154 16.05 -34.71 9.05
N TYR U 155 15.51 -34.14 7.98
CA TYR U 155 15.70 -32.73 7.68
C TYR U 155 15.21 -31.87 8.84
N TYR U 156 13.93 -32.01 9.19
CA TYR U 156 13.33 -31.24 10.28
C TYR U 156 13.93 -31.64 11.65
N ARG U 157 14.09 -32.92 11.88
CA ARG U 157 14.67 -33.37 13.14
C ARG U 157 15.94 -32.56 13.43
N ALA U 158 16.81 -32.43 12.44
CA ALA U 158 18.06 -31.70 12.60
C ALA U 158 17.83 -30.40 13.37
N TYR U 159 16.83 -29.66 12.93
CA TYR U 159 16.49 -28.39 13.56
C TYR U 159 15.87 -28.57 14.93
N LEU U 160 14.79 -29.35 14.97
CA LEU U 160 14.10 -29.58 16.22
C LEU U 160 15.05 -29.96 17.36
N GLU U 161 15.97 -30.88 17.10
CA GLU U 161 16.92 -31.36 18.11
C GLU U 161 17.93 -30.36 18.64
N GLY U 162 18.41 -29.46 17.79
CA GLY U 162 19.43 -28.54 18.27
C GLY U 162 19.20 -27.06 18.13
N GLU U 163 19.12 -26.58 16.90
CA GLU U 163 18.92 -25.15 16.70
C GLU U 163 17.74 -24.65 17.51
N CYS U 164 16.62 -25.35 17.42
CA CYS U 164 15.46 -24.91 18.17
C CYS U 164 15.76 -24.79 19.67
N VAL U 165 16.05 -25.93 20.27
CA VAL U 165 16.32 -25.99 21.69
C VAL U 165 17.29 -24.92 22.14
N GLU U 166 18.35 -24.73 21.37
CA GLU U 166 19.34 -23.73 21.71
C GLU U 166 18.71 -22.35 21.80
N TRP U 167 17.89 -21.98 20.81
CA TRP U 167 17.26 -20.66 20.84
C TRP U 167 16.23 -20.54 21.96
N LEU U 168 15.46 -21.60 22.19
CA LEU U 168 14.46 -21.55 23.25
C LEU U 168 15.17 -21.11 24.54
N HIS U 169 16.43 -21.49 24.66
CA HIS U 169 17.24 -21.12 25.81
C HIS U 169 17.68 -19.66 25.75
N ARG U 170 18.11 -19.21 24.57
CA ARG U 170 18.53 -17.83 24.39
C ARG U 170 17.39 -16.97 24.94
N TYR U 171 16.16 -17.27 24.49
CA TYR U 171 14.99 -16.51 24.92
C TYR U 171 14.66 -16.66 26.40
N LEU U 172 14.77 -17.86 26.95
CA LEU U 172 14.46 -18.05 28.36
C LEU U 172 15.41 -17.29 29.30
N LYS U 173 16.64 -17.06 28.86
CA LYS U 173 17.59 -16.32 29.68
C LYS U 173 17.29 -14.83 29.57
N ASN U 174 16.86 -14.42 28.38
CA ASN U 174 16.53 -13.02 28.05
C ASN U 174 15.46 -12.36 28.91
N GLY U 175 14.69 -13.16 29.64
CA GLY U 175 13.65 -12.60 30.50
C GLY U 175 13.47 -13.30 31.84
N GLN V 1 16.05 -18.58 15.93
CA GLN V 1 16.02 -19.11 14.55
C GLN V 1 14.83 -19.97 14.29
N LEU V 2 14.39 -19.95 13.04
CA LEU V 2 13.22 -20.71 12.65
C LEU V 2 13.54 -22.04 12.00
N SER V 3 12.48 -22.78 11.73
CA SER V 3 12.61 -24.06 11.07
C SER V 3 12.97 -23.75 9.63
N PRO V 4 13.80 -24.58 9.01
CA PRO V 4 14.21 -24.35 7.63
C PRO V 4 13.06 -24.40 6.62
N PHE V 5 13.29 -23.85 5.43
CA PHE V 5 12.30 -23.84 4.36
C PHE V 5 11.82 -25.28 4.28
N PRO V 6 10.50 -25.52 4.24
CA PRO V 6 9.98 -26.89 4.15
C PRO V 6 9.97 -27.55 2.76
N PHE V 7 9.91 -28.88 2.73
CA PHE V 7 9.88 -29.61 1.47
C PHE V 7 8.58 -29.32 0.72
N ASP V 8 8.45 -29.84 -0.50
CA ASP V 8 7.25 -29.60 -1.28
C ASP V 8 6.17 -30.57 -0.87
N LEU V 9 4.92 -30.10 -0.86
CA LEU V 9 3.82 -30.98 -0.53
C LEU V 9 3.58 -31.87 -1.75
N SER W 1 28.54 -19.90 4.68
CA SER W 1 29.99 -19.96 4.36
C SER W 1 30.63 -21.33 4.72
N VAL W 2 31.23 -21.96 3.71
CA VAL W 2 31.91 -23.25 3.87
C VAL W 2 33.30 -23.00 3.32
N THR W 3 34.29 -23.73 3.83
CA THR W 3 35.65 -23.53 3.38
C THR W 3 36.41 -24.79 3.07
N GLN W 4 36.97 -24.84 1.87
CA GLN W 4 37.80 -25.94 1.38
C GLN W 4 39.19 -25.32 1.29
N PRO W 5 40.01 -25.53 2.33
CA PRO W 5 41.38 -25.01 2.46
C PRO W 5 42.38 -25.37 1.37
N ASP W 6 42.17 -26.48 0.68
CA ASP W 6 43.12 -26.90 -0.35
C ASP W 6 42.56 -26.79 -1.75
N ALA W 7 43.22 -25.98 -2.58
CA ALA W 7 42.79 -25.79 -3.96
C ALA W 7 43.02 -27.04 -4.82
N ARG W 8 44.21 -27.61 -4.72
CA ARG W 8 44.54 -28.80 -5.49
C ARG W 8 45.05 -29.88 -4.54
N VAL W 9 44.78 -31.14 -4.89
CA VAL W 9 45.25 -32.27 -4.10
C VAL W 9 45.60 -33.39 -5.07
N THR W 10 46.76 -33.99 -4.86
CA THR W 10 47.22 -35.07 -5.72
C THR W 10 47.43 -36.35 -4.92
N VAL W 11 46.94 -37.47 -5.46
CA VAL W 11 47.07 -38.77 -4.82
C VAL W 11 47.43 -39.87 -5.80
N SER W 12 48.14 -40.87 -5.29
CA SER W 12 48.55 -42.00 -6.11
C SER W 12 47.36 -42.93 -6.24
N GLU W 13 47.05 -43.34 -7.47
CA GLU W 13 45.94 -44.25 -7.69
C GLU W 13 46.04 -45.41 -6.70
N GLY W 14 44.90 -45.83 -6.15
CA GLY W 14 44.93 -46.92 -5.19
C GLY W 14 45.03 -46.43 -3.76
N ALA W 15 45.53 -45.22 -3.57
CA ALA W 15 45.67 -44.63 -2.25
C ALA W 15 44.37 -44.00 -1.75
N SER W 16 44.32 -43.69 -0.47
CA SER W 16 43.14 -43.09 0.14
C SER W 16 43.16 -41.59 -0.09
N LEU W 17 41.97 -41.00 -0.19
CA LEU W 17 41.84 -39.57 -0.40
C LEU W 17 41.02 -38.91 0.72
N GLN W 18 41.42 -37.70 1.07
CA GLN W 18 40.71 -36.95 2.10
C GLN W 18 40.68 -35.46 1.72
N LEU W 19 39.48 -34.92 1.53
CA LEU W 19 39.31 -33.51 1.17
C LEU W 19 38.70 -32.88 2.40
N ARG W 20 39.35 -31.84 2.90
CA ARG W 20 38.85 -31.18 4.10
C ARG W 20 37.82 -30.09 3.81
N CYS W 21 36.92 -29.90 4.76
CA CYS W 21 35.90 -28.87 4.64
C CYS W 21 35.46 -28.32 5.99
N LYS W 22 35.58 -27.02 6.16
CA LYS W 22 35.18 -26.41 7.41
C LYS W 22 33.99 -25.55 7.10
N TYR W 23 33.07 -25.44 8.04
CA TYR W 23 31.90 -24.61 7.83
C TYR W 23 31.75 -23.66 9.00
N SER W 24 31.26 -22.46 8.71
CA SER W 24 30.99 -21.44 9.72
C SER W 24 29.57 -21.06 9.36
N TYR W 25 28.61 -21.54 10.13
CA TYR W 25 27.24 -21.25 9.82
C TYR W 25 26.50 -21.43 11.13
N SER W 26 25.80 -20.38 11.53
CA SER W 26 25.08 -20.38 12.79
C SER W 26 23.91 -21.34 12.87
N ALA W 27 23.02 -21.30 11.88
CA ALA W 27 21.83 -22.15 11.87
C ALA W 27 22.12 -23.64 11.74
N THR W 28 21.05 -24.42 11.59
CA THR W 28 21.17 -25.86 11.41
C THR W 28 21.94 -26.16 10.12
N PRO W 29 23.11 -26.83 10.23
CA PRO W 29 23.91 -27.13 9.04
C PRO W 29 23.42 -28.29 8.20
N TYR W 30 23.12 -28.00 6.95
CA TYR W 30 22.72 -29.04 6.01
C TYR W 30 23.89 -29.03 5.03
N LEU W 31 24.79 -30.01 5.22
CA LEU W 31 25.98 -30.13 4.40
C LEU W 31 25.92 -31.14 3.25
N PHE W 32 26.56 -30.80 2.15
CA PHE W 32 26.62 -31.67 0.97
C PHE W 32 27.99 -31.71 0.34
N TRP W 33 28.19 -32.71 -0.51
CA TRP W 33 29.42 -32.85 -1.26
C TRP W 33 28.99 -33.20 -2.68
N TYR W 34 29.52 -32.42 -3.63
CA TYR W 34 29.25 -32.63 -5.04
C TYR W 34 30.56 -32.87 -5.78
N VAL W 35 30.50 -33.68 -6.82
CA VAL W 35 31.68 -33.95 -7.64
C VAL W 35 31.36 -33.40 -9.03
N GLN W 36 32.34 -32.78 -9.67
CA GLN W 36 32.13 -32.23 -10.99
C GLN W 36 33.19 -32.71 -11.96
N TYR W 37 32.79 -33.62 -12.84
CA TYR W 37 33.68 -34.16 -13.86
C TYR W 37 33.67 -33.20 -15.05
N PRO W 38 34.84 -33.01 -15.69
CA PRO W 38 35.02 -32.11 -16.84
C PRO W 38 33.82 -31.95 -17.77
N ARG W 39 33.55 -30.70 -18.13
CA ARG W 39 32.45 -30.35 -19.01
C ARG W 39 31.12 -30.92 -18.52
N GLN W 40 30.95 -30.98 -17.20
CA GLN W 40 29.71 -31.49 -16.63
C GLN W 40 29.21 -30.71 -15.44
N GLY W 41 27.94 -30.94 -15.12
CA GLY W 41 27.37 -30.25 -13.98
C GLY W 41 27.77 -30.91 -12.69
N PRO W 42 27.51 -30.27 -11.54
CA PRO W 42 27.86 -30.88 -10.26
C PRO W 42 26.92 -32.05 -9.98
N GLN W 43 27.46 -33.13 -9.42
CA GLN W 43 26.67 -34.31 -9.09
C GLN W 43 26.76 -34.60 -7.60
N LEU W 44 25.61 -34.89 -7.00
CA LEU W 44 25.57 -35.17 -5.58
C LEU W 44 26.31 -36.43 -5.20
N LEU W 45 27.18 -36.33 -4.20
CA LEU W 45 27.96 -37.45 -3.72
C LEU W 45 27.29 -37.99 -2.44
N LEU W 46 27.07 -37.11 -1.47
CA LEU W 46 26.45 -37.47 -0.22
C LEU W 46 25.99 -36.22 0.52
N LYS W 47 25.12 -36.40 1.49
CA LYS W 47 24.57 -35.29 2.25
C LYS W 47 24.35 -35.71 3.69
N TYR W 48 24.25 -34.72 4.57
CA TYR W 48 24.04 -35.01 5.97
C TYR W 48 22.99 -34.07 6.56
N TYR W 49 21.95 -34.63 7.16
CA TYR W 49 20.91 -33.82 7.79
C TYR W 49 21.01 -33.96 9.31
N SER W 50 20.85 -35.18 9.81
CA SER W 50 20.93 -35.48 11.24
C SER W 50 21.22 -36.98 11.42
N GLY W 51 21.26 -37.46 12.66
CA GLY W 51 21.54 -38.88 12.87
C GLY W 51 23.01 -39.28 12.82
N ASP W 52 23.29 -40.42 12.17
CA ASP W 52 24.67 -40.92 12.02
C ASP W 52 25.54 -39.81 11.41
N PRO W 53 26.53 -39.35 12.17
CA PRO W 53 27.47 -38.28 11.78
C PRO W 53 28.34 -38.68 10.61
N VAL W 54 28.34 -39.99 10.32
CA VAL W 54 29.10 -40.51 9.21
C VAL W 54 28.11 -40.98 8.15
N VAL W 55 28.14 -40.29 7.02
CA VAL W 55 27.25 -40.58 5.91
C VAL W 55 27.97 -41.27 4.76
N GLN W 56 27.25 -42.14 4.05
CA GLN W 56 27.80 -42.87 2.93
C GLN W 56 27.27 -42.32 1.62
N GLY W 57 28.14 -42.26 0.61
CA GLY W 57 27.73 -41.76 -0.69
C GLY W 57 28.08 -42.73 -1.80
N VAL W 58 27.76 -42.33 -3.03
CA VAL W 58 28.04 -43.13 -4.21
C VAL W 58 29.55 -43.25 -4.42
N ASN W 59 29.98 -44.20 -5.23
CA ASN W 59 31.39 -44.40 -5.52
C ASN W 59 32.34 -44.53 -4.34
N GLY W 60 31.98 -45.34 -3.35
CA GLY W 60 32.88 -45.51 -2.23
C GLY W 60 33.31 -44.18 -1.59
N PHE W 61 32.36 -43.26 -1.47
CA PHE W 61 32.62 -41.98 -0.83
C PHE W 61 31.87 -41.90 0.50
N GLU W 62 32.48 -41.22 1.47
CA GLU W 62 31.88 -41.03 2.77
C GLU W 62 32.43 -39.75 3.37
N ALA W 63 31.67 -39.18 4.28
CA ALA W 63 32.10 -37.96 4.93
C ALA W 63 31.63 -38.02 6.35
N GLU W 64 32.27 -37.22 7.20
CA GLU W 64 31.93 -37.18 8.61
C GLU W 64 31.69 -35.77 9.10
N PHE W 65 30.49 -35.59 9.64
CA PHE W 65 30.08 -34.32 10.20
C PHE W 65 30.59 -34.21 11.63
N SER W 66 31.18 -33.08 11.96
CA SER W 66 31.71 -32.85 13.31
C SER W 66 31.28 -31.50 13.85
N LYS W 67 30.19 -31.45 14.61
CA LYS W 67 29.73 -30.18 15.16
C LYS W 67 30.87 -29.50 15.89
N SER W 68 31.56 -30.24 16.76
CA SER W 68 32.67 -29.70 17.53
C SER W 68 33.75 -29.11 16.64
N ASN W 69 34.32 -29.92 15.76
CA ASN W 69 35.36 -29.44 14.86
C ASN W 69 34.85 -28.57 13.70
N SER W 70 33.53 -28.43 13.59
CA SER W 70 32.92 -27.63 12.53
C SER W 70 33.44 -28.02 11.14
N SER W 71 33.48 -29.32 10.89
CA SER W 71 33.94 -29.83 9.62
C SER W 71 33.01 -30.91 9.03
N PHE W 72 33.24 -31.23 7.78
CA PHE W 72 32.47 -32.23 7.04
C PHE W 72 33.43 -32.76 5.98
N HIS W 73 34.55 -33.31 6.44
CA HIS W 73 35.58 -33.86 5.57
C HIS W 73 35.14 -35.10 4.80
N LEU W 74 35.51 -35.11 3.53
CA LEU W 74 35.18 -36.22 2.64
C LEU W 74 36.31 -37.28 2.59
N ARG W 75 35.97 -38.53 2.32
CA ARG W 75 36.97 -39.59 2.24
C ARG W 75 36.62 -40.72 1.28
N LYS W 76 37.64 -41.31 0.69
CA LYS W 76 37.50 -42.47 -0.19
C LYS W 76 38.70 -43.32 0.15
N ALA W 77 38.49 -44.61 0.42
CA ALA W 77 39.59 -45.50 0.82
C ALA W 77 40.60 -45.81 -0.26
N SER W 78 40.15 -45.88 -1.50
CA SER W 78 41.06 -46.17 -2.60
C SER W 78 40.57 -45.48 -3.87
N VAL W 79 41.28 -44.44 -4.28
CA VAL W 79 40.92 -43.68 -5.48
C VAL W 79 41.43 -44.33 -6.75
N HIS W 80 40.71 -44.08 -7.85
CA HIS W 80 41.08 -44.61 -9.14
C HIS W 80 41.17 -43.43 -10.08
N ARG W 81 41.66 -43.66 -11.29
CA ARG W 81 41.77 -42.58 -12.26
C ARG W 81 40.44 -41.84 -12.42
N SER W 82 39.34 -42.60 -12.44
CA SER W 82 37.99 -42.05 -12.62
C SER W 82 37.64 -40.90 -11.66
N ASP W 83 38.21 -40.94 -10.45
CA ASP W 83 37.92 -39.93 -9.43
C ASP W 83 38.56 -38.56 -9.65
N SER W 84 39.42 -38.42 -10.66
CA SER W 84 40.04 -37.13 -10.92
C SER W 84 38.94 -36.17 -11.35
N ALA W 85 38.74 -35.12 -10.56
CA ALA W 85 37.71 -34.14 -10.84
C ALA W 85 37.80 -33.01 -9.84
N VAL W 86 36.78 -32.16 -9.82
CA VAL W 86 36.74 -31.07 -8.87
C VAL W 86 35.64 -31.42 -7.87
N TYR W 87 35.96 -31.34 -6.58
CA TYR W 87 35.01 -31.68 -5.53
C TYR W 87 34.53 -30.46 -4.74
N PHE W 88 33.20 -30.34 -4.61
CA PHE W 88 32.63 -29.21 -3.91
C PHE W 88 31.94 -29.55 -2.60
N CYS W 89 32.25 -28.76 -1.59
CA CYS W 89 31.65 -28.91 -0.28
C CYS W 89 30.58 -27.83 -0.28
N ALA W 90 29.40 -28.13 0.25
CA ALA W 90 28.36 -27.12 0.22
C ALA W 90 27.40 -27.17 1.39
N VAL W 91 27.04 -26.00 1.89
CA VAL W 91 26.11 -25.96 3.00
C VAL W 91 24.89 -25.19 2.58
N SER W 92 23.73 -25.73 2.94
CA SER W 92 22.50 -25.05 2.62
C SER W 92 22.64 -23.78 3.45
N ASP W 93 22.85 -22.65 2.78
CA ASP W 93 22.94 -21.39 3.50
C ASP W 93 21.46 -21.21 3.81
N PRO W 94 20.88 -20.00 3.67
CA PRO W 94 19.46 -20.15 4.04
C PRO W 94 18.73 -21.16 3.14
N PRO W 95 18.15 -22.23 3.72
CA PRO W 95 17.48 -23.15 2.79
C PRO W 95 16.34 -22.35 2.15
N PRO W 96 15.94 -22.72 0.94
CA PRO W 96 16.43 -23.80 0.09
C PRO W 96 17.58 -23.35 -0.82
N LEU W 97 18.35 -22.36 -0.39
CA LEU W 97 19.45 -21.89 -1.21
C LEU W 97 20.70 -22.65 -0.80
N LEU W 98 21.59 -22.89 -1.77
CA LEU W 98 22.82 -23.64 -1.54
C LEU W 98 24.06 -22.80 -1.79
N THR W 99 24.99 -22.81 -0.85
CA THR W 99 26.25 -22.07 -0.98
C THR W 99 27.44 -23.02 -1.20
N PHE W 100 28.09 -22.92 -2.35
CA PHE W 100 29.22 -23.77 -2.66
C PHE W 100 30.54 -23.29 -2.16
N GLY W 101 31.49 -24.22 -2.12
CA GLY W 101 32.83 -23.92 -1.69
C GLY W 101 33.62 -23.55 -2.92
N SER W 102 34.88 -23.18 -2.74
CA SER W 102 35.73 -22.78 -3.86
C SER W 102 36.09 -23.98 -4.71
N GLY W 103 35.87 -25.16 -4.14
CA GLY W 103 36.19 -26.40 -4.83
C GLY W 103 37.62 -26.84 -4.63
N THR W 104 37.85 -28.13 -4.92
CA THR W 104 39.17 -28.73 -4.80
C THR W 104 39.37 -29.65 -5.99
N LYS W 105 40.50 -29.45 -6.67
CA LYS W 105 40.80 -30.26 -7.84
C LYS W 105 41.60 -31.46 -7.39
N VAL W 106 41.12 -32.65 -7.73
CA VAL W 106 41.80 -33.87 -7.34
C VAL W 106 42.45 -34.55 -8.54
N ILE W 107 43.74 -34.79 -8.43
CA ILE W 107 44.49 -35.43 -9.49
C ILE W 107 45.03 -36.78 -9.03
N VAL W 108 44.68 -37.83 -9.75
CA VAL W 108 45.15 -39.17 -9.39
C VAL W 108 46.15 -39.65 -10.45
N LEU W 109 47.24 -40.29 -10.02
CA LEU W 109 48.33 -40.76 -10.89
C LEU W 109 48.35 -42.19 -11.50
N GLU X 1 20.94 -35.42 -11.57
CA GLU X 1 19.61 -35.89 -12.07
C GLU X 1 19.43 -35.79 -13.58
N ALA X 2 19.08 -36.91 -14.19
CA ALA X 2 18.84 -36.94 -15.63
C ALA X 2 17.53 -36.22 -15.88
N ALA X 3 16.81 -35.91 -14.80
CA ALA X 3 15.53 -35.23 -14.89
C ALA X 3 15.73 -33.78 -15.25
N VAL X 4 16.93 -33.27 -14.99
CA VAL X 4 17.24 -31.88 -15.32
C VAL X 4 17.97 -31.79 -16.65
N THR X 5 17.34 -31.13 -17.62
CA THR X 5 17.94 -30.98 -18.93
C THR X 5 17.95 -29.52 -19.37
N GLN X 6 19.13 -29.03 -19.74
CA GLN X 6 19.29 -27.65 -20.19
C GLN X 6 19.47 -27.62 -21.70
N SER X 7 19.12 -26.50 -22.31
CA SER X 7 19.25 -26.33 -23.74
C SER X 7 19.67 -24.92 -24.10
N PRO X 8 20.73 -24.76 -24.91
CA PRO X 8 21.57 -25.79 -25.54
C PRO X 8 22.77 -26.10 -24.66
N ARG X 9 23.63 -27.02 -25.09
CA ARG X 9 24.83 -27.34 -24.28
C ARG X 9 25.91 -26.32 -24.63
N ASN X 10 25.91 -25.91 -25.90
CA ASN X 10 26.88 -24.92 -26.36
C ASN X 10 26.20 -23.83 -27.15
N LYS X 11 26.55 -22.60 -26.82
CA LYS X 11 25.97 -21.45 -27.50
C LYS X 11 26.98 -20.33 -27.59
N VAL X 12 27.10 -19.76 -28.77
CA VAL X 12 27.99 -18.63 -28.96
C VAL X 12 27.03 -17.52 -29.30
N ALA X 13 27.13 -16.40 -28.60
CA ALA X 13 26.25 -15.28 -28.87
C ALA X 13 27.07 -14.06 -29.26
N VAL X 14 26.48 -13.19 -30.08
CA VAL X 14 27.15 -11.97 -30.51
C VAL X 14 26.80 -10.90 -29.49
N THR X 15 27.67 -9.91 -29.30
CA THR X 15 27.37 -8.85 -28.33
C THR X 15 26.01 -8.23 -28.67
N GLY X 16 25.17 -8.05 -27.66
CA GLY X 16 23.86 -7.47 -27.91
C GLY X 16 22.72 -8.45 -28.12
N GLU X 17 23.05 -9.67 -28.52
CA GLU X 17 22.05 -10.72 -28.77
C GLU X 17 21.20 -11.03 -27.54
N LYS X 18 19.91 -11.29 -27.77
CA LYS X 18 19.04 -11.64 -26.67
C LYS X 18 19.13 -13.16 -26.57
N VAL X 19 19.76 -13.65 -25.51
CA VAL X 19 19.92 -15.09 -25.35
C VAL X 19 18.99 -15.67 -24.30
N THR X 20 18.48 -16.86 -24.56
CA THR X 20 17.59 -17.48 -23.60
C THR X 20 17.96 -18.92 -23.37
N LEU X 21 18.46 -19.22 -22.17
CA LEU X 21 18.83 -20.57 -21.79
C LEU X 21 17.58 -21.24 -21.21
N SER X 22 17.30 -22.47 -21.63
CA SER X 22 16.12 -23.21 -21.19
C SER X 22 16.37 -24.40 -20.29
N CYS X 23 15.56 -24.51 -19.24
CA CYS X 23 15.70 -25.63 -18.31
C CYS X 23 14.41 -26.40 -18.13
N ASN X 24 14.53 -27.73 -18.14
CA ASN X 24 13.38 -28.61 -17.97
C ASN X 24 13.69 -29.67 -16.92
N GLN X 25 12.76 -29.86 -15.98
CA GLN X 25 12.93 -30.89 -14.96
C GLN X 25 11.65 -31.68 -14.74
N THR X 26 11.78 -33.01 -14.76
CA THR X 26 10.63 -33.88 -14.54
C THR X 26 10.76 -34.51 -13.16
N ASN X 27 11.26 -33.73 -12.22
CA ASN X 27 11.42 -34.18 -10.85
C ASN X 27 10.18 -33.81 -10.04
N ASN X 28 9.32 -32.98 -10.62
CA ASN X 28 8.11 -32.53 -9.94
C ASN X 28 8.51 -31.66 -8.73
N HIS X 29 9.64 -30.98 -8.86
CA HIS X 29 10.16 -30.11 -7.82
C HIS X 29 9.59 -28.71 -8.01
N ASN X 30 9.36 -28.00 -6.91
CA ASN X 30 8.82 -26.64 -7.04
C ASN X 30 9.96 -25.65 -7.23
N ASN X 31 11.06 -25.89 -6.54
CA ASN X 31 12.19 -24.98 -6.63
C ASN X 31 13.13 -25.28 -7.80
N MET X 32 13.50 -24.22 -8.51
CA MET X 32 14.42 -24.33 -9.64
C MET X 32 15.40 -23.17 -9.53
N TYR X 33 16.64 -23.39 -9.99
CA TYR X 33 17.68 -22.36 -9.90
C TYR X 33 18.51 -22.22 -11.18
N TRP X 34 19.22 -21.10 -11.28
CA TRP X 34 20.13 -20.84 -12.38
C TRP X 34 21.43 -20.32 -11.80
N TYR X 35 22.49 -21.10 -11.90
CA TYR X 35 23.79 -20.69 -11.40
C TYR X 35 24.77 -20.51 -12.57
N ARG X 36 25.86 -19.81 -12.32
CA ARG X 36 26.89 -19.64 -13.35
C ARG X 36 28.22 -19.89 -12.67
N GLN X 37 29.08 -20.64 -13.35
CA GLN X 37 30.39 -21.00 -12.85
C GLN X 37 31.32 -20.62 -13.98
N ASP X 38 32.35 -19.83 -13.68
CA ASP X 38 33.23 -19.41 -14.76
C ASP X 38 34.72 -19.40 -14.47
N THR X 39 35.21 -20.45 -13.82
CA THR X 39 36.64 -20.59 -13.50
C THR X 39 36.82 -22.01 -12.97
N GLY X 40 35.79 -22.82 -13.17
CA GLY X 40 35.81 -24.19 -12.67
C GLY X 40 35.69 -24.10 -11.18
N HIS X 41 35.45 -22.87 -10.70
CA HIS X 41 35.32 -22.58 -9.28
C HIS X 41 33.89 -22.50 -8.79
N GLU X 42 33.68 -21.64 -7.81
CA GLU X 42 32.38 -21.45 -7.19
C GLU X 42 31.27 -21.10 -8.17
N LEU X 43 30.14 -21.77 -8.01
CA LEU X 43 28.98 -21.49 -8.85
C LEU X 43 28.25 -20.41 -8.08
N ARG X 44 27.73 -19.40 -8.79
CA ARG X 44 27.03 -18.35 -8.11
C ARG X 44 25.58 -18.23 -8.60
N LEU X 45 24.66 -18.07 -7.65
CA LEU X 45 23.24 -17.97 -7.96
C LEU X 45 22.88 -16.69 -8.69
N ILE X 46 22.13 -16.85 -9.77
CA ILE X 46 21.69 -15.75 -10.61
C ILE X 46 20.22 -15.46 -10.30
N TYR X 47 19.37 -16.46 -10.54
CA TYR X 47 17.92 -16.39 -10.34
C TYR X 47 17.38 -17.74 -9.86
N TYR X 48 16.32 -17.72 -9.06
CA TYR X 48 15.71 -18.96 -8.62
C TYR X 48 14.19 -18.79 -8.64
N SER X 49 13.45 -19.88 -8.38
CA SER X 49 12.00 -19.83 -8.43
C SER X 49 11.36 -20.80 -7.44
N TYR X 50 10.40 -20.31 -6.65
CA TYR X 50 9.75 -21.14 -5.64
C TYR X 50 8.67 -22.04 -6.23
N GLY X 51 8.35 -21.79 -7.51
CA GLY X 51 7.33 -22.56 -8.20
C GLY X 51 6.85 -21.79 -9.42
N ALA X 52 5.81 -22.28 -10.09
CA ALA X 52 5.31 -21.58 -11.26
C ALA X 52 4.89 -20.16 -10.87
N GLY X 53 5.28 -19.18 -11.67
CA GLY X 53 4.92 -17.81 -11.36
C GLY X 53 5.94 -17.08 -10.52
N SER X 54 6.82 -17.82 -9.86
CA SER X 54 7.82 -17.18 -9.02
C SER X 54 9.13 -16.90 -9.74
N THR X 55 9.69 -15.72 -9.46
CA THR X 55 10.94 -15.30 -10.07
C THR X 55 11.65 -14.47 -9.03
N GLU X 56 12.76 -14.99 -8.52
CA GLU X 56 13.51 -14.27 -7.48
C GLU X 56 14.94 -14.01 -7.88
N LYS X 57 15.41 -12.78 -7.72
CA LYS X 57 16.78 -12.42 -8.05
C LYS X 57 17.77 -13.09 -7.10
N GLY X 58 18.91 -13.50 -7.63
CA GLY X 58 19.94 -14.12 -6.81
C GLY X 58 20.95 -13.11 -6.28
N ASP X 59 22.23 -13.47 -6.34
CA ASP X 59 23.30 -12.59 -5.85
C ASP X 59 23.86 -11.70 -6.96
N ILE X 60 23.68 -12.13 -8.21
CA ILE X 60 24.17 -11.39 -9.37
C ILE X 60 23.12 -11.42 -10.49
N PRO X 61 21.94 -10.82 -10.24
CA PRO X 61 20.85 -10.80 -11.22
C PRO X 61 20.95 -9.74 -12.31
N ASP X 62 21.91 -8.84 -12.19
CA ASP X 62 22.05 -7.78 -13.17
C ASP X 62 22.33 -8.25 -14.58
N GLY X 63 21.50 -7.80 -15.52
CA GLY X 63 21.67 -8.19 -16.91
C GLY X 63 20.86 -9.42 -17.23
N TYR X 64 20.27 -10.01 -16.18
CA TYR X 64 19.47 -11.20 -16.35
C TYR X 64 18.00 -11.01 -15.99
N LYS X 65 17.16 -11.81 -16.64
CA LYS X 65 15.72 -11.79 -16.44
C LYS X 65 15.42 -13.29 -16.36
N ALA X 66 14.36 -13.67 -15.64
CA ALA X 66 14.01 -15.08 -15.55
C ALA X 66 12.52 -15.29 -15.75
N SER X 67 12.11 -16.52 -16.02
CA SER X 67 10.70 -16.84 -16.24
C SER X 67 10.32 -18.28 -15.84
N ARG X 68 9.29 -18.40 -15.00
CA ARG X 68 8.84 -19.71 -14.56
C ARG X 68 7.42 -19.95 -15.06
N PRO X 69 7.26 -20.11 -16.37
CA PRO X 69 5.94 -20.34 -16.96
C PRO X 69 5.19 -21.52 -16.38
N SER X 70 5.90 -22.59 -16.07
CA SER X 70 5.25 -23.78 -15.54
C SER X 70 6.03 -24.44 -14.41
N GLN X 71 5.58 -25.64 -14.05
CA GLN X 71 6.22 -26.39 -13.00
C GLN X 71 7.60 -26.84 -13.41
N GLU X 72 7.69 -27.45 -14.60
CA GLU X 72 8.96 -27.97 -15.08
C GLU X 72 9.84 -27.09 -15.94
N ASN X 73 9.44 -25.85 -16.20
CA ASN X 73 10.29 -24.99 -17.02
C ASN X 73 10.69 -23.68 -16.39
N PHE X 74 11.99 -23.41 -16.39
CA PHE X 74 12.58 -22.20 -15.82
C PHE X 74 13.63 -21.70 -16.80
N SER X 75 13.39 -20.54 -17.40
CA SER X 75 14.33 -19.99 -18.38
C SER X 75 15.03 -18.72 -17.93
N LEU X 76 16.32 -18.64 -18.20
CA LEU X 76 17.13 -17.48 -17.84
C LEU X 76 17.36 -16.71 -19.15
N THR X 77 17.15 -15.39 -19.13
CA THR X 77 17.34 -14.60 -20.33
C THR X 77 18.34 -13.47 -20.19
N LEU X 78 19.31 -13.44 -21.12
CA LEU X 78 20.31 -12.38 -21.17
C LEU X 78 19.69 -11.42 -22.19
N GLU X 79 19.11 -10.33 -21.71
CA GLU X 79 18.45 -9.39 -22.60
C GLU X 79 19.37 -8.90 -23.72
N SER X 80 20.61 -8.54 -23.34
CA SER X 80 21.59 -8.06 -24.32
C SER X 80 22.96 -8.59 -23.96
N ALA X 81 23.36 -9.66 -24.65
CA ALA X 81 24.63 -10.30 -24.40
C ALA X 81 25.83 -9.36 -24.28
N THR X 82 26.65 -9.60 -23.25
CA THR X 82 27.87 -8.84 -23.03
C THR X 82 28.97 -9.83 -22.59
N PRO X 83 30.23 -9.58 -22.99
CA PRO X 83 31.33 -10.49 -22.63
C PRO X 83 31.41 -10.88 -21.15
N SER X 84 30.91 -10.04 -20.26
CA SER X 84 30.94 -10.35 -18.83
C SER X 84 30.07 -11.57 -18.52
N GLN X 85 29.14 -11.87 -19.42
CA GLN X 85 28.24 -12.99 -19.24
C GLN X 85 28.75 -14.32 -19.76
N THR X 86 29.89 -14.36 -20.43
CA THR X 86 30.36 -15.65 -20.90
C THR X 86 30.79 -16.45 -19.66
N SER X 87 30.23 -17.64 -19.54
CA SER X 87 30.47 -18.52 -18.39
C SER X 87 29.69 -19.82 -18.64
N VAL X 88 29.73 -20.76 -17.70
CA VAL X 88 28.97 -22.00 -17.86
C VAL X 88 27.75 -21.90 -16.92
N TYR X 89 26.57 -21.97 -17.51
CA TYR X 89 25.33 -21.86 -16.75
C TYR X 89 24.70 -23.19 -16.38
N PHE X 90 24.40 -23.33 -15.09
CA PHE X 90 23.80 -24.56 -14.60
C PHE X 90 22.44 -24.32 -14.02
N CYS X 91 21.56 -25.26 -14.27
CA CYS X 91 20.21 -25.20 -13.79
C CYS X 91 20.05 -26.31 -12.79
N ALA X 92 19.24 -26.07 -11.75
CA ALA X 92 19.02 -27.09 -10.74
C ALA X 92 17.58 -27.08 -10.27
N SER X 93 17.09 -28.22 -9.78
CA SER X 93 15.72 -28.29 -9.25
C SER X 93 15.84 -28.92 -7.87
N GLY X 94 14.82 -28.75 -7.05
CA GLY X 94 14.87 -29.31 -5.72
C GLY X 94 13.54 -29.22 -5.02
N GLY X 95 13.23 -30.24 -4.22
CA GLY X 95 11.97 -30.26 -3.50
C GLY X 95 12.22 -30.08 -2.02
N GLY X 96 13.22 -29.27 -1.69
CA GLY X 96 13.60 -29.02 -0.31
C GLY X 96 14.78 -29.93 0.01
N GLY X 97 15.84 -29.38 0.57
CA GLY X 97 17.00 -30.21 0.87
C GLY X 97 17.95 -30.29 -0.31
N THR X 98 18.12 -31.49 -0.87
CA THR X 98 19.03 -31.68 -1.99
C THR X 98 18.66 -30.95 -3.28
N LEU X 99 19.69 -30.45 -3.96
CA LEU X 99 19.56 -29.74 -5.25
C LEU X 99 20.16 -30.64 -6.36
N TYR X 100 19.46 -30.76 -7.48
CA TYR X 100 19.91 -31.60 -8.60
C TYR X 100 20.20 -30.73 -9.82
N PHE X 101 21.41 -30.85 -10.35
CA PHE X 101 21.85 -30.03 -11.48
C PHE X 101 21.79 -30.63 -12.87
N GLY X 102 21.70 -29.76 -13.87
CA GLY X 102 21.67 -30.17 -15.27
C GLY X 102 23.10 -30.27 -15.77
N ALA X 103 23.27 -30.76 -17.00
CA ALA X 103 24.61 -30.92 -17.59
C ALA X 103 25.37 -29.61 -17.75
N GLY X 104 24.64 -28.50 -17.74
CA GLY X 104 25.25 -27.19 -17.89
C GLY X 104 25.22 -26.69 -19.32
N THR X 105 25.32 -25.37 -19.48
CA THR X 105 25.31 -24.73 -20.79
C THR X 105 26.50 -23.81 -20.91
N ARG X 106 27.42 -24.15 -21.81
CA ARG X 106 28.61 -23.34 -22.03
C ARG X 106 28.25 -22.20 -23.00
N LEU X 107 28.22 -20.96 -22.50
CA LEU X 107 27.90 -19.79 -23.32
C LEU X 107 29.05 -18.83 -23.49
N SER X 108 29.43 -18.60 -24.75
CA SER X 108 30.50 -17.68 -25.06
C SER X 108 29.99 -16.48 -25.82
N VAL X 109 30.58 -15.32 -25.56
CA VAL X 109 30.19 -14.10 -26.22
C VAL X 109 31.32 -13.59 -27.11
N LEU X 110 31.03 -13.45 -28.40
CA LEU X 110 31.97 -12.91 -29.37
C LEU X 110 31.62 -11.42 -29.56
N SER X 111 32.60 -10.53 -29.41
CA SER X 111 32.40 -9.11 -29.56
C SER X 111 32.36 -8.66 -31.05
N GLY Y 1 -45.92 -22.30 60.59
CA GLY Y 1 -44.88 -21.98 61.63
C GLY Y 1 -43.70 -22.95 61.69
N PRO Y 2 -42.57 -22.52 62.28
CA PRO Y 2 -41.35 -23.31 62.42
C PRO Y 2 -41.40 -24.43 63.47
N HIS Y 3 -40.57 -25.45 63.26
CA HIS Y 3 -40.46 -26.61 64.16
C HIS Y 3 -38.98 -26.84 64.43
N SER Y 4 -38.68 -27.68 65.41
CA SER Y 4 -37.28 -27.93 65.72
C SER Y 4 -37.04 -29.30 66.32
N MET Y 5 -35.81 -29.78 66.16
CA MET Y 5 -35.41 -31.07 66.73
C MET Y 5 -34.08 -30.77 67.39
N ARG Y 6 -33.82 -31.37 68.55
CA ARG Y 6 -32.57 -31.08 69.24
C ARG Y 6 -32.14 -32.29 70.05
N TYR Y 7 -30.85 -32.58 70.04
CA TYR Y 7 -30.33 -33.70 70.80
C TYR Y 7 -29.24 -33.22 71.74
N TYR Y 8 -29.26 -33.78 72.96
CA TYR Y 8 -28.28 -33.39 73.96
C TYR Y 8 -27.58 -34.62 74.51
N GLU Y 9 -26.29 -34.76 74.18
CA GLU Y 9 -25.48 -35.86 74.68
C GLU Y 9 -24.57 -35.24 75.76
N THR Y 10 -24.50 -35.88 76.92
CA THR Y 10 -23.65 -35.39 78.00
C THR Y 10 -22.92 -36.54 78.67
N ALA Y 11 -21.61 -36.38 78.81
CA ALA Y 11 -20.79 -37.40 79.45
C ALA Y 11 -20.23 -36.77 80.72
N THR Y 12 -20.35 -37.47 81.83
CA THR Y 12 -19.88 -36.99 83.11
C THR Y 12 -19.02 -38.02 83.83
N SER Y 13 -17.74 -37.70 84.02
CA SER Y 13 -16.84 -38.61 84.74
C SER Y 13 -16.73 -38.06 86.16
N ARG Y 14 -16.71 -38.95 87.15
CA ARG Y 14 -16.61 -38.52 88.55
C ARG Y 14 -15.58 -39.29 89.38
N ARG Y 15 -14.79 -38.53 90.15
CA ARG Y 15 -13.71 -39.04 91.01
C ARG Y 15 -13.67 -40.56 91.25
N GLY Y 16 -12.70 -41.22 90.60
CA GLY Y 16 -12.52 -42.65 90.73
C GLY Y 16 -13.77 -43.51 90.68
N LEU Y 17 -14.85 -42.97 90.11
CA LEU Y 17 -16.10 -43.72 89.98
C LEU Y 17 -16.19 -44.41 88.61
N GLY Y 18 -15.06 -44.97 88.17
CA GLY Y 18 -15.00 -45.69 86.90
C GLY Y 18 -15.23 -44.85 85.65
N GLU Y 19 -15.71 -45.50 84.60
CA GLU Y 19 -15.98 -44.82 83.34
C GLU Y 19 -17.12 -43.82 83.49
N PRO Y 20 -17.06 -42.72 82.74
CA PRO Y 20 -18.07 -41.67 82.78
C PRO Y 20 -19.50 -42.15 82.49
N ARG Y 21 -20.49 -41.35 82.88
CA ARG Y 21 -21.87 -41.69 82.62
C ARG Y 21 -22.30 -40.96 81.35
N TYR Y 22 -22.96 -41.68 80.44
CA TYR Y 22 -23.39 -41.10 79.19
C TYR Y 22 -24.90 -41.12 79.03
N THR Y 23 -25.46 -39.99 78.62
CA THR Y 23 -26.89 -39.89 78.40
C THR Y 23 -27.11 -39.08 77.15
N SER Y 24 -28.21 -39.38 76.48
CA SER Y 24 -28.55 -38.67 75.27
C SER Y 24 -30.08 -38.56 75.22
N VAL Y 25 -30.56 -37.35 75.07
CA VAL Y 25 -32.00 -37.14 74.99
C VAL Y 25 -32.34 -36.29 73.75
N GLY Y 26 -33.43 -36.65 73.08
CA GLY Y 26 -33.85 -35.91 71.91
C GLY Y 26 -35.17 -35.21 72.14
N TYR Y 27 -35.33 -34.05 71.54
CA TYR Y 27 -36.54 -33.24 71.67
C TYR Y 27 -37.09 -32.82 70.31
N VAL Y 28 -38.38 -32.98 70.10
CA VAL Y 28 -39.01 -32.52 68.86
C VAL Y 28 -39.85 -31.36 69.36
N ASP Y 29 -39.67 -30.19 68.75
CA ASP Y 29 -40.34 -28.99 69.21
C ASP Y 29 -39.82 -28.91 70.65
N ASP Y 30 -40.67 -28.94 71.66
CA ASP Y 30 -40.06 -28.90 72.99
C ASP Y 30 -40.50 -30.03 73.87
N LYS Y 31 -40.64 -31.19 73.25
CA LYS Y 31 -41.07 -32.38 73.96
C LYS Y 31 -40.04 -33.49 73.77
N GLU Y 32 -39.61 -34.09 74.89
CA GLU Y 32 -38.66 -35.19 74.87
C GLU Y 32 -39.36 -36.40 74.25
N PHE Y 33 -38.74 -37.03 73.25
CA PHE Y 33 -39.37 -38.18 72.59
C PHE Y 33 -38.49 -39.43 72.55
N VAL Y 34 -37.21 -39.26 72.84
CA VAL Y 34 -36.31 -40.39 72.82
C VAL Y 34 -35.21 -40.13 73.85
N ARG Y 35 -34.65 -41.21 74.41
CA ARG Y 35 -33.64 -41.07 75.44
C ARG Y 35 -32.78 -42.33 75.62
N PHE Y 36 -31.54 -42.12 76.04
CA PHE Y 36 -30.56 -43.19 76.26
C PHE Y 36 -29.77 -42.94 77.53
N ASP Y 37 -29.60 -43.96 78.34
CA ASP Y 37 -28.86 -43.82 79.58
C ASP Y 37 -27.89 -44.99 79.75
N SER Y 38 -26.62 -44.69 79.93
CA SER Y 38 -25.60 -45.72 80.10
C SER Y 38 -25.68 -46.31 81.50
N ASP Y 39 -26.32 -45.58 82.41
CA ASP Y 39 -26.50 -46.02 83.80
C ASP Y 39 -27.60 -47.05 83.87
N ALA Y 40 -28.29 -47.25 82.75
CA ALA Y 40 -29.37 -48.22 82.70
C ALA Y 40 -28.79 -49.63 82.80
N GLU Y 41 -29.62 -50.55 83.27
CA GLU Y 41 -29.21 -51.95 83.40
C GLU Y 41 -28.93 -52.49 82.00
N ASN Y 42 -29.77 -52.05 81.07
CA ASN Y 42 -29.71 -52.44 79.67
C ASN Y 42 -29.66 -51.16 78.82
N PRO Y 43 -28.46 -50.57 78.67
CA PRO Y 43 -28.32 -49.36 77.88
C PRO Y 43 -28.97 -49.54 76.52
N ARG Y 44 -29.92 -48.67 76.21
CA ARG Y 44 -30.64 -48.73 74.94
C ARG Y 44 -31.37 -47.41 74.71
N TYR Y 45 -31.57 -47.06 73.45
CA TYR Y 45 -32.31 -45.86 73.12
C TYR Y 45 -33.76 -46.28 73.22
N GLU Y 46 -34.57 -45.51 73.95
CA GLU Y 46 -35.98 -45.87 74.08
C GLU Y 46 -36.97 -44.75 73.89
N PRO Y 47 -38.16 -45.08 73.39
CA PRO Y 47 -39.21 -44.10 73.15
C PRO Y 47 -39.76 -43.50 74.45
N GLN Y 48 -39.87 -42.17 74.48
CA GLN Y 48 -40.38 -41.47 75.65
C GLN Y 48 -41.83 -41.05 75.50
N VAL Y 49 -42.39 -41.26 74.33
CA VAL Y 49 -43.77 -40.91 74.06
C VAL Y 49 -44.31 -42.02 73.17
N PRO Y 50 -45.61 -42.35 73.31
CA PRO Y 50 -46.22 -43.41 72.50
C PRO Y 50 -46.04 -43.36 70.97
N TRP Y 51 -46.21 -42.19 70.33
CA TRP Y 51 -46.09 -42.18 68.88
C TRP Y 51 -44.73 -42.59 68.32
N MET Y 52 -43.74 -42.76 69.19
CA MET Y 52 -42.42 -43.17 68.73
C MET Y 52 -42.32 -44.69 68.72
N GLU Y 53 -43.33 -45.34 69.28
CA GLU Y 53 -43.35 -46.79 69.35
C GLU Y 53 -43.65 -47.37 67.97
N GLN Y 54 -44.04 -46.51 67.04
CA GLN Y 54 -44.36 -46.94 65.69
C GLN Y 54 -43.13 -46.93 64.78
N GLU Y 55 -41.96 -47.13 65.38
CA GLU Y 55 -40.72 -47.18 64.62
C GLU Y 55 -40.23 -48.63 64.73
N GLY Y 56 -39.77 -49.17 63.61
CA GLY Y 56 -39.31 -50.54 63.58
C GLY Y 56 -38.22 -50.91 64.57
N PRO Y 57 -37.99 -52.21 64.78
CA PRO Y 57 -36.97 -52.68 65.72
C PRO Y 57 -35.58 -52.35 65.16
N GLU Y 58 -35.49 -52.29 63.85
CA GLU Y 58 -34.25 -51.99 63.19
C GLU Y 58 -33.82 -50.58 63.52
N TYR Y 59 -34.83 -49.72 63.69
CA TYR Y 59 -34.60 -48.32 64.02
C TYR Y 59 -33.91 -48.21 65.37
N TRP Y 60 -34.57 -48.76 66.39
CA TRP Y 60 -34.03 -48.73 67.72
C TRP Y 60 -32.69 -49.41 67.81
N GLU Y 61 -32.42 -50.33 66.89
CA GLU Y 61 -31.16 -51.05 66.91
C GLU Y 61 -29.96 -50.19 66.53
N ARG Y 62 -30.00 -49.55 65.37
CA ARG Y 62 -28.88 -48.74 64.96
C ARG Y 62 -28.77 -47.46 65.79
N ILE Y 63 -29.90 -46.91 66.20
CA ILE Y 63 -29.90 -45.70 67.02
C ILE Y 63 -29.09 -46.06 68.27
N THR Y 64 -29.41 -47.22 68.84
CA THR Y 64 -28.71 -47.69 70.03
C THR Y 64 -27.22 -47.89 69.77
N GLN Y 65 -26.91 -48.46 68.60
CA GLN Y 65 -25.52 -48.70 68.25
C GLN Y 65 -24.73 -47.41 68.12
N VAL Y 66 -25.39 -46.36 67.65
CA VAL Y 66 -24.72 -45.07 67.50
C VAL Y 66 -24.38 -44.55 68.89
N ALA Y 67 -25.32 -44.71 69.80
CA ALA Y 67 -25.15 -44.26 71.18
C ALA Y 67 -23.94 -44.91 71.83
N LYS Y 68 -23.75 -46.20 71.55
CA LYS Y 68 -22.63 -46.93 72.15
C LYS Y 68 -21.31 -46.40 71.59
N GLY Y 69 -21.31 -46.05 70.32
CA GLY Y 69 -20.10 -45.51 69.72
C GLY Y 69 -19.83 -44.13 70.32
N GLN Y 70 -20.89 -43.33 70.47
CA GLN Y 70 -20.79 -41.98 71.03
C GLN Y 70 -20.24 -42.03 72.45
N GLU Y 71 -20.61 -43.08 73.19
CA GLU Y 71 -20.13 -43.23 74.55
C GLU Y 71 -18.62 -43.25 74.52
N GLN Y 72 -18.06 -44.00 73.57
CA GLN Y 72 -16.61 -44.09 73.44
C GLN Y 72 -15.98 -42.74 73.05
N TRP Y 73 -16.62 -42.04 72.11
CA TRP Y 73 -16.10 -40.75 71.65
C TRP Y 73 -15.88 -39.82 72.83
N PHE Y 74 -16.87 -39.75 73.72
CA PHE Y 74 -16.81 -38.90 74.91
C PHE Y 74 -15.74 -39.39 75.86
N ARG Y 75 -15.72 -40.70 76.07
CA ARG Y 75 -14.73 -41.30 76.94
C ARG Y 75 -13.35 -40.86 76.48
N VAL Y 76 -13.13 -40.86 75.17
CA VAL Y 76 -11.83 -40.47 74.63
C VAL Y 76 -11.59 -38.97 74.67
N ASN Y 77 -12.52 -38.18 74.15
CA ASN Y 77 -12.29 -36.77 74.13
C ASN Y 77 -12.25 -36.09 75.49
N LEU Y 78 -12.86 -36.74 76.48
CA LEU Y 78 -12.82 -36.20 77.84
C LEU Y 78 -11.35 -36.16 78.25
N ARG Y 79 -10.63 -37.19 77.81
CA ARG Y 79 -9.21 -37.32 78.11
C ARG Y 79 -8.39 -36.34 77.30
N THR Y 80 -8.65 -36.22 76.02
CA THR Y 80 -7.85 -35.28 75.25
C THR Y 80 -8.03 -33.86 75.79
N LEU Y 81 -9.19 -33.57 76.37
CA LEU Y 81 -9.43 -32.24 76.92
C LEU Y 81 -8.69 -32.06 78.25
N LEU Y 82 -8.48 -33.16 78.97
CA LEU Y 82 -7.75 -33.07 80.23
C LEU Y 82 -6.39 -32.53 79.87
N GLY Y 83 -5.83 -33.05 78.80
CA GLY Y 83 -4.52 -32.59 78.36
C GLY Y 83 -4.54 -31.13 77.99
N TYR Y 84 -5.40 -30.78 77.03
CA TYR Y 84 -5.54 -29.41 76.53
C TYR Y 84 -5.53 -28.37 77.65
N TYR Y 85 -6.29 -28.64 78.71
CA TYR Y 85 -6.38 -27.73 79.84
C TYR Y 85 -5.41 -28.09 80.96
N ASN Y 86 -4.59 -29.12 80.73
CA ASN Y 86 -3.60 -29.54 81.71
C ASN Y 86 -4.23 -29.76 83.10
N GLN Y 87 -5.07 -30.78 83.20
CA GLN Y 87 -5.75 -31.09 84.46
C GLN Y 87 -5.40 -32.48 84.96
N SER Y 88 -5.85 -32.81 86.18
CA SER Y 88 -5.58 -34.11 86.79
C SER Y 88 -6.17 -35.27 85.99
N ALA Y 89 -6.27 -36.43 86.64
CA ALA Y 89 -6.83 -37.61 85.99
C ALA Y 89 -8.03 -38.14 86.77
N GLY Y 90 -7.89 -38.24 88.08
CA GLY Y 90 -8.98 -38.73 88.90
C GLY Y 90 -10.07 -37.68 89.04
N GLY Y 91 -9.79 -36.49 88.52
CA GLY Y 91 -10.74 -35.40 88.60
C GLY Y 91 -12.10 -35.72 88.02
N THR Y 92 -13.07 -34.86 88.33
CA THR Y 92 -14.44 -35.02 87.86
C THR Y 92 -14.74 -33.92 86.83
N HIS Y 93 -15.19 -34.34 85.65
CA HIS Y 93 -15.50 -33.42 84.57
C HIS Y 93 -16.70 -33.78 83.71
N THR Y 94 -17.09 -32.84 82.88
CA THR Y 94 -18.24 -33.03 82.01
C THR Y 94 -17.98 -32.52 80.60
N LEU Y 95 -18.44 -33.29 79.62
CA LEU Y 95 -18.31 -32.91 78.22
C LEU Y 95 -19.65 -33.21 77.54
N GLN Y 96 -20.25 -32.18 76.94
CA GLN Y 96 -21.53 -32.39 76.27
C GLN Y 96 -21.57 -31.84 74.85
N ARG Y 97 -22.47 -32.43 74.07
CA ARG Y 97 -22.66 -32.06 72.69
C ARG Y 97 -24.13 -31.76 72.48
N MET Y 98 -24.41 -30.78 71.63
CA MET Y 98 -25.78 -30.43 71.32
C MET Y 98 -25.87 -30.12 69.83
N TYR Y 99 -26.75 -30.83 69.15
CA TYR Y 99 -26.92 -30.62 67.73
C TYR Y 99 -28.40 -30.69 67.44
N GLY Y 100 -28.78 -30.18 66.28
CA GLY Y 100 -30.18 -30.19 65.93
C GLY Y 100 -30.43 -29.34 64.70
N CYS Y 101 -31.70 -29.01 64.50
CA CYS Y 101 -32.11 -28.29 63.31
C CYS Y 101 -33.52 -27.75 63.44
N ASP Y 102 -33.67 -26.49 63.06
CA ASP Y 102 -34.97 -25.83 63.07
C ASP Y 102 -35.37 -25.78 61.61
N VAL Y 103 -36.66 -25.84 61.33
CA VAL Y 103 -37.12 -25.74 59.95
C VAL Y 103 -38.17 -24.64 59.89
N GLY Y 104 -38.28 -23.97 58.75
CA GLY Y 104 -39.28 -22.92 58.62
C GLY Y 104 -40.62 -23.50 58.21
N SER Y 105 -41.61 -22.64 58.02
CA SER Y 105 -42.94 -23.12 57.64
C SER Y 105 -42.93 -23.98 56.38
N ASP Y 106 -41.92 -23.80 55.53
CA ASP Y 106 -41.83 -24.61 54.31
C ASP Y 106 -41.13 -25.95 54.57
N GLY Y 107 -40.87 -26.25 55.83
CA GLY Y 107 -40.24 -27.52 56.18
C GLY Y 107 -38.77 -27.66 55.83
N ARG Y 108 -38.19 -26.63 55.21
CA ARG Y 108 -36.78 -26.65 54.82
C ARG Y 108 -35.93 -26.05 55.93
N LEU Y 109 -34.69 -26.50 56.04
CA LEU Y 109 -33.81 -26.02 57.11
C LEU Y 109 -33.93 -24.53 57.39
N LEU Y 110 -33.78 -24.15 58.65
CA LEU Y 110 -33.85 -22.76 59.10
C LEU Y 110 -32.58 -22.41 59.86
N ARG Y 111 -32.01 -23.42 60.53
CA ARG Y 111 -30.78 -23.23 61.29
C ARG Y 111 -30.24 -24.60 61.70
N GLY Y 112 -28.94 -24.79 61.54
CA GLY Y 112 -28.33 -26.06 61.92
C GLY Y 112 -27.56 -25.88 63.21
N TYR Y 113 -27.34 -26.98 63.93
CA TYR Y 113 -26.61 -26.94 65.19
C TYR Y 113 -25.61 -28.07 65.40
N GLU Y 114 -24.50 -27.72 66.03
CA GLU Y 114 -23.43 -28.65 66.36
C GLU Y 114 -22.54 -27.83 67.28
N GLN Y 115 -22.43 -28.23 68.54
CA GLN Y 115 -21.62 -27.47 69.47
C GLN Y 115 -21.24 -28.30 70.69
N PHE Y 116 -20.17 -27.89 71.33
CA PHE Y 116 -19.67 -28.61 72.48
C PHE Y 116 -19.35 -27.69 73.66
N ALA Y 117 -19.63 -28.21 74.86
CA ALA Y 117 -19.37 -27.49 76.10
C ALA Y 117 -18.62 -28.42 77.06
N TYR Y 118 -17.51 -27.92 77.61
CA TYR Y 118 -16.69 -28.67 78.56
C TYR Y 118 -16.79 -28.07 79.98
N ASP Y 119 -17.09 -28.91 80.95
CA ASP Y 119 -17.21 -28.49 82.34
C ASP Y 119 -18.20 -27.33 82.55
N GLY Y 120 -19.23 -27.28 81.71
CA GLY Y 120 -20.22 -26.24 81.84
C GLY Y 120 -19.95 -25.03 80.99
N CYS Y 121 -18.70 -24.82 80.57
CA CYS Y 121 -18.38 -23.66 79.76
C CYS Y 121 -18.35 -23.96 78.25
N ASP Y 122 -18.67 -22.96 77.43
CA ASP Y 122 -18.67 -23.14 75.98
C ASP Y 122 -17.29 -23.53 75.49
N TYR Y 123 -17.24 -24.35 74.44
CA TYR Y 123 -15.97 -24.78 73.89
C TYR Y 123 -15.89 -24.43 72.40
N ILE Y 124 -16.74 -25.03 71.59
CA ILE Y 124 -16.74 -24.72 70.17
C ILE Y 124 -18.13 -24.96 69.58
N ALA Y 125 -18.55 -24.08 68.67
CA ALA Y 125 -19.86 -24.23 68.06
C ALA Y 125 -19.90 -23.82 66.60
N LEU Y 126 -20.63 -24.58 65.81
CA LEU Y 126 -20.78 -24.30 64.39
C LEU Y 126 -21.64 -23.06 64.28
N ASN Y 127 -21.16 -22.07 63.55
CA ASN Y 127 -21.91 -20.84 63.37
C ASN Y 127 -23.12 -21.08 62.48
N GLU Y 128 -23.98 -20.08 62.41
CA GLU Y 128 -25.21 -20.16 61.63
C GLU Y 128 -25.01 -20.46 60.16
N ASP Y 129 -23.85 -20.07 59.62
CA ASP Y 129 -23.52 -20.32 58.21
C ASP Y 129 -23.19 -21.78 57.90
N LEU Y 130 -22.97 -22.58 58.94
CA LEU Y 130 -22.62 -23.99 58.79
C LEU Y 130 -21.34 -24.08 57.98
N ARG Y 131 -20.49 -23.07 58.14
CA ARG Y 131 -19.22 -22.97 57.44
C ARG Y 131 -18.05 -22.59 58.34
N THR Y 132 -18.32 -21.76 59.34
CA THR Y 132 -17.27 -21.32 60.26
C THR Y 132 -17.52 -21.80 61.70
N TRP Y 133 -16.52 -21.64 62.56
CA TRP Y 133 -16.62 -22.06 63.96
C TRP Y 133 -16.28 -20.97 64.94
N THR Y 134 -16.86 -21.04 66.14
CA THR Y 134 -16.58 -20.07 67.18
C THR Y 134 -15.89 -20.82 68.28
N ALA Y 135 -14.67 -20.39 68.61
CA ALA Y 135 -13.91 -21.08 69.63
C ALA Y 135 -13.81 -20.29 70.91
N ALA Y 136 -14.44 -20.81 71.95
CA ALA Y 136 -14.45 -20.19 73.26
C ALA Y 136 -13.08 -19.66 73.67
N ASP Y 137 -12.23 -20.53 74.22
CA ASP Y 137 -10.90 -20.15 74.67
C ASP Y 137 -9.79 -20.63 73.75
N MET Y 138 -8.57 -20.70 74.29
CA MET Y 138 -7.40 -21.12 73.51
C MET Y 138 -7.36 -22.61 73.21
N ALA Y 139 -7.78 -23.43 74.16
CA ALA Y 139 -7.77 -24.86 73.94
C ALA Y 139 -8.66 -25.16 72.72
N ALA Y 140 -9.87 -24.61 72.73
CA ALA Y 140 -10.80 -24.83 71.64
C ALA Y 140 -10.21 -24.31 70.32
N GLN Y 141 -9.27 -23.37 70.42
CA GLN Y 141 -8.63 -22.80 69.25
C GLN Y 141 -7.97 -23.93 68.46
N ILE Y 142 -7.42 -24.88 69.22
CA ILE Y 142 -6.75 -26.03 68.65
C ILE Y 142 -7.71 -26.88 67.82
N THR Y 143 -8.84 -27.23 68.42
CA THR Y 143 -9.86 -28.03 67.75
C THR Y 143 -10.29 -27.30 66.48
N ARG Y 144 -10.66 -26.04 66.61
CA ARG Y 144 -11.09 -25.23 65.47
C ARG Y 144 -10.14 -25.36 64.31
N ARG Y 145 -8.85 -25.25 64.60
CA ARG Y 145 -7.81 -25.35 63.60
C ARG Y 145 -7.89 -26.65 62.80
N LYS Y 146 -7.81 -27.79 63.49
CA LYS Y 146 -7.85 -29.06 62.78
C LYS Y 146 -9.20 -29.31 62.11
N TRP Y 147 -10.27 -28.76 62.69
CA TRP Y 147 -11.61 -28.92 62.14
C TRP Y 147 -11.79 -28.07 60.89
N GLU Y 148 -11.08 -26.94 60.83
CA GLU Y 148 -11.13 -26.08 59.65
C GLU Y 148 -10.33 -26.81 58.56
N GLN Y 149 -9.23 -27.43 58.96
CA GLN Y 149 -8.36 -28.16 58.04
C GLN Y 149 -9.05 -29.41 57.47
N ALA Y 150 -9.71 -30.18 58.35
CA ALA Y 150 -10.39 -31.40 57.95
C ALA Y 150 -11.77 -31.21 57.33
N GLY Y 151 -12.22 -29.96 57.26
CA GLY Y 151 -13.52 -29.68 56.68
C GLY Y 151 -14.68 -30.24 57.50
N ALA Y 152 -14.56 -30.14 58.83
CA ALA Y 152 -15.59 -30.64 59.72
C ALA Y 152 -16.95 -29.98 59.46
N ALA Y 153 -16.94 -28.67 59.20
CA ALA Y 153 -18.17 -27.96 58.93
C ALA Y 153 -18.99 -28.62 57.81
N GLU Y 154 -18.32 -29.00 56.73
CA GLU Y 154 -19.03 -29.62 55.62
C GLU Y 154 -19.59 -30.97 56.06
N TYR Y 155 -18.83 -31.64 56.91
CA TYR Y 155 -19.22 -32.95 57.42
C TYR Y 155 -20.56 -32.89 58.14
N TYR Y 156 -20.63 -32.04 59.18
CA TYR Y 156 -21.87 -31.87 59.94
C TYR Y 156 -22.97 -31.23 59.09
N ARG Y 157 -22.63 -30.21 58.31
CA ARG Y 157 -23.61 -29.56 57.45
C ARG Y 157 -24.40 -30.62 56.67
N ALA Y 158 -23.68 -31.57 56.09
CA ALA Y 158 -24.29 -32.64 55.30
C ALA Y 158 -25.51 -33.21 56.00
N TYR Y 159 -25.34 -33.51 57.28
CA TYR Y 159 -26.43 -34.07 58.09
C TYR Y 159 -27.49 -33.02 58.42
N LEU Y 160 -27.06 -31.91 59.00
CA LEU Y 160 -27.98 -30.84 59.36
C LEU Y 160 -28.95 -30.46 58.23
N GLU Y 161 -28.43 -30.29 57.02
CA GLU Y 161 -29.23 -29.90 55.87
C GLU Y 161 -30.25 -30.91 55.37
N GLY Y 162 -29.94 -32.18 55.46
CA GLY Y 162 -30.89 -33.13 54.93
C GLY Y 162 -31.40 -34.24 55.82
N GLU Y 163 -30.51 -35.12 56.25
CA GLU Y 163 -30.95 -36.22 57.09
C GLU Y 163 -31.73 -35.71 58.28
N CYS Y 164 -31.21 -34.71 58.97
CA CYS Y 164 -31.94 -34.21 60.11
C CYS Y 164 -33.35 -33.78 59.72
N VAL Y 165 -33.41 -32.75 58.87
CA VAL Y 165 -34.68 -32.20 58.45
C VAL Y 165 -35.66 -33.26 58.02
N GLU Y 166 -35.17 -34.25 57.29
CA GLU Y 166 -36.05 -35.31 56.83
C GLU Y 166 -36.67 -36.04 57.99
N TRP Y 167 -35.88 -36.40 58.99
CA TRP Y 167 -36.42 -37.11 60.15
C TRP Y 167 -37.33 -36.25 61.02
N LEU Y 168 -36.99 -34.98 61.19
CA LEU Y 168 -37.82 -34.10 62.00
C LEU Y 168 -39.23 -34.20 61.44
N HIS Y 169 -39.33 -34.39 60.14
CA HIS Y 169 -40.62 -34.52 59.47
C HIS Y 169 -41.27 -35.88 59.75
N ARG Y 170 -40.48 -36.95 59.66
CA ARG Y 170 -40.98 -38.29 59.93
C ARG Y 170 -41.70 -38.23 61.28
N TYR Y 171 -41.04 -37.62 62.27
CA TYR Y 171 -41.61 -37.51 63.61
C TYR Y 171 -42.82 -36.59 63.70
N LEU Y 172 -42.81 -35.47 62.98
CA LEU Y 172 -43.93 -34.55 63.03
C LEU Y 172 -45.20 -35.15 62.45
N LYS Y 173 -45.07 -36.04 61.49
CA LYS Y 173 -46.24 -36.69 60.90
C LYS Y 173 -46.77 -37.76 61.85
N ASN Y 174 -45.84 -38.43 62.54
CA ASN Y 174 -46.12 -39.51 63.51
C ASN Y 174 -47.05 -39.16 64.66
N GLY Y 175 -47.27 -37.86 64.90
CA GLY Y 175 -48.16 -37.45 65.98
C GLY Y 175 -49.01 -36.23 65.68
N GLN Z 1 -32.78 -40.63 62.78
CA GLN Z 1 -31.30 -40.71 62.61
C GLN Z 1 -30.57 -39.57 63.27
N LEU Z 2 -29.43 -39.93 63.83
CA LEU Z 2 -28.62 -38.99 64.55
C LEU Z 2 -27.47 -38.42 63.73
N SER Z 3 -26.80 -37.46 64.35
CA SER Z 3 -25.66 -36.84 63.73
C SER Z 3 -24.59 -37.91 63.68
N PRO Z 4 -23.75 -37.88 62.65
CA PRO Z 4 -22.69 -38.88 62.52
C PRO Z 4 -21.64 -38.76 63.62
N PHE Z 5 -20.84 -39.82 63.79
CA PHE Z 5 -19.77 -39.83 64.79
C PHE Z 5 -19.00 -38.52 64.56
N PRO Z 6 -18.70 -37.76 65.63
CA PRO Z 6 -17.96 -36.50 65.44
C PRO Z 6 -16.44 -36.63 65.28
N PHE Z 7 -15.81 -35.56 64.79
CA PHE Z 7 -14.37 -35.55 64.63
C PHE Z 7 -13.66 -35.51 65.97
N ASP Z 8 -12.33 -35.63 65.95
CA ASP Z 8 -11.54 -35.62 67.17
C ASP Z 8 -11.35 -34.19 67.64
N LEU Z 9 -11.45 -33.98 68.95
CA LEU Z 9 -11.24 -32.64 69.49
C LEU Z 9 -9.72 -32.37 69.42
N SER AA 1 -23.79 -49.97 52.33
CA SER AA 1 -23.63 -50.72 51.04
C SER AA 1 -23.39 -49.81 49.83
N VAL AA 2 -22.29 -50.07 49.11
CA VAL AA 2 -21.93 -49.32 47.90
C VAL AA 2 -21.73 -50.39 46.83
N THR AA 3 -22.04 -50.04 45.58
CA THR AA 3 -21.91 -51.01 44.51
C THR AA 3 -21.17 -50.56 43.28
N GLN AA 4 -20.11 -51.28 42.94
CA GLN AA 4 -19.32 -50.99 41.74
C GLN AA 4 -19.68 -52.13 40.79
N PRO AA 5 -20.62 -51.88 39.87
CA PRO AA 5 -21.12 -52.83 38.87
C PRO AA 5 -20.12 -53.54 37.98
N ASP AA 6 -19.03 -52.86 37.62
CA ASP AA 6 -18.04 -53.47 36.74
C ASP AA 6 -16.79 -53.91 37.48
N ALA AA 7 -16.42 -55.19 37.30
CA ALA AA 7 -15.25 -55.76 37.94
C ALA AA 7 -13.98 -55.27 37.25
N ARG AA 8 -13.99 -55.34 35.92
CA ARG AA 8 -12.85 -54.91 35.14
C ARG AA 8 -13.27 -53.91 34.06
N VAL AA 9 -12.37 -52.99 33.76
CA VAL AA 9 -12.61 -51.98 32.74
C VAL AA 9 -11.28 -51.71 32.07
N THR AA 10 -11.31 -51.60 30.75
CA THR AA 10 -10.10 -51.35 29.96
C THR AA 10 -10.28 -50.09 29.09
N VAL AA 11 -9.25 -49.24 29.06
CA VAL AA 11 -9.28 -48.01 28.28
C VAL AA 11 -7.99 -47.78 27.53
N SER AA 12 -8.09 -47.09 26.40
CA SER AA 12 -6.92 -46.78 25.60
C SER AA 12 -6.24 -45.60 26.23
N GLU AA 13 -4.93 -45.70 26.45
CA GLU AA 13 -4.19 -44.58 27.05
C GLU AA 13 -4.58 -43.28 26.34
N GLY AA 14 -4.80 -42.22 27.10
CA GLY AA 14 -5.17 -40.95 26.50
C GLY AA 14 -6.68 -40.70 26.47
N ALA AA 15 -7.47 -41.77 26.54
CA ALA AA 15 -8.93 -41.67 26.53
C ALA AA 15 -9.48 -41.35 27.91
N SER AA 16 -10.78 -41.07 27.97
CA SER AA 16 -11.44 -40.74 29.22
C SER AA 16 -11.84 -42.03 29.93
N LEU AA 17 -11.83 -41.98 31.25
CA LEU AA 17 -12.22 -43.11 32.08
C LEU AA 17 -13.41 -42.74 32.99
N GLN AA 18 -14.33 -43.69 33.13
CA GLN AA 18 -15.48 -43.47 33.99
C GLN AA 18 -15.78 -44.76 34.74
N LEU AA 19 -15.70 -44.71 36.07
CA LEU AA 19 -16.00 -45.86 36.91
C LEU AA 19 -17.29 -45.56 37.64
N ARG AA 20 -18.28 -46.41 37.45
CA ARG AA 20 -19.57 -46.19 38.10
C ARG AA 20 -19.63 -46.67 39.54
N CYS AA 21 -20.45 -45.98 40.33
CA CYS AA 21 -20.65 -46.33 41.72
C CYS AA 21 -22.04 -45.96 42.23
N LYS AA 22 -22.78 -46.96 42.71
CA LYS AA 22 -24.11 -46.74 43.23
C LYS AA 22 -24.10 -47.03 44.71
N TYR AA 23 -24.82 -46.23 45.47
CA TYR AA 23 -24.87 -46.45 46.90
C TYR AA 23 -26.31 -46.58 47.33
N SER AA 24 -26.51 -47.45 48.33
CA SER AA 24 -27.80 -47.67 48.94
C SER AA 24 -27.47 -47.49 50.41
N TYR AA 25 -27.81 -46.32 50.93
CA TYR AA 25 -27.50 -46.04 52.33
C TYR AA 25 -28.53 -45.01 52.76
N SER AA 26 -29.29 -45.33 53.80
CA SER AA 26 -30.33 -44.45 54.28
C SER AA 26 -29.85 -43.14 54.89
N ALA AA 27 -28.84 -43.23 55.75
CA ALA AA 27 -28.29 -42.04 56.42
C ALA AA 27 -27.54 -41.09 55.49
N THR AA 28 -26.97 -40.04 56.10
CA THR AA 28 -26.21 -39.04 55.37
C THR AA 28 -25.04 -39.75 54.69
N PRO AA 29 -24.99 -39.68 53.35
CA PRO AA 29 -23.90 -40.33 52.63
C PRO AA 29 -22.59 -39.58 52.62
N TYR AA 30 -21.56 -40.24 53.12
CA TYR AA 30 -20.22 -39.70 53.13
C TYR AA 30 -19.47 -40.63 52.18
N LEU AA 31 -19.34 -40.20 50.94
CA LEU AA 31 -18.70 -41.01 49.92
C LEU AA 31 -17.21 -40.70 49.62
N PHE AA 32 -16.46 -41.74 49.29
CA PHE AA 32 -15.04 -41.61 48.97
C PHE AA 32 -14.65 -42.50 47.81
N TRP AA 33 -13.48 -42.23 47.24
CA TRP AA 33 -12.91 -43.04 46.18
C TRP AA 33 -11.45 -43.22 46.54
N TYR AA 34 -11.01 -44.48 46.55
CA TYR AA 34 -9.62 -44.80 46.84
C TYR AA 34 -9.00 -45.54 45.65
N VAL AA 35 -7.72 -45.32 45.45
CA VAL AA 35 -7.00 -46.01 44.38
C VAL AA 35 -5.97 -46.91 45.06
N GLN AA 36 -5.81 -48.13 44.54
CA GLN AA 36 -4.85 -49.05 45.12
C GLN AA 36 -3.89 -49.59 44.08
N TYR AA 37 -2.66 -49.08 44.10
CA TYR AA 37 -1.63 -49.53 43.16
C TYR AA 37 -0.99 -50.81 43.72
N PRO AA 38 -0.66 -51.78 42.85
CA PRO AA 38 -0.05 -53.07 43.22
C PRO AA 38 0.88 -53.06 44.44
N ARG AA 39 0.66 -54.04 45.31
CA ARG AA 39 1.45 -54.21 46.53
C ARG AA 39 1.43 -52.94 47.37
N GLN AA 40 0.30 -52.25 47.40
CA GLN AA 40 0.18 -51.02 48.17
C GLN AA 40 -1.18 -50.85 48.83
N GLY AA 41 -1.21 -49.98 49.83
CA GLY AA 41 -2.46 -49.73 50.53
C GLY AA 41 -3.36 -48.81 49.75
N PRO AA 42 -4.64 -48.72 50.13
CA PRO AA 42 -5.54 -47.82 49.39
C PRO AA 42 -5.15 -46.37 49.67
N GLN AA 43 -5.21 -45.53 48.63
CA GLN AA 43 -4.89 -44.11 48.79
C GLN AA 43 -6.12 -43.30 48.46
N LEU AA 44 -6.36 -42.24 49.23
CA LEU AA 44 -7.52 -41.40 49.00
C LEU AA 44 -7.39 -40.58 47.72
N LEU AA 45 -8.43 -40.61 46.91
CA LEU AA 45 -8.48 -39.90 45.64
C LEU AA 45 -9.28 -38.61 45.86
N LEU AA 46 -10.50 -38.77 46.35
CA LEU AA 46 -11.38 -37.64 46.61
C LEU AA 46 -12.51 -38.09 47.52
N LYS AA 47 -13.23 -37.13 48.09
CA LYS AA 47 -14.33 -37.41 48.99
C LYS AA 47 -15.41 -36.36 48.83
N TYR AA 48 -16.62 -36.69 49.28
CA TYR AA 48 -17.73 -35.77 49.19
C TYR AA 48 -18.56 -35.74 50.48
N TYR AA 49 -18.68 -34.56 51.10
CA TYR AA 49 -19.46 -34.42 52.31
C TYR AA 49 -20.78 -33.70 52.00
N SER AA 50 -20.66 -32.44 51.56
CA SER AA 50 -21.81 -31.60 51.19
C SER AA 50 -21.33 -30.47 50.27
N GLY AA 51 -22.26 -29.65 49.80
CA GLY AA 51 -21.88 -28.56 48.92
C GLY AA 51 -21.82 -28.95 47.45
N ASP AA 52 -20.76 -28.48 46.78
CA ASP AA 52 -20.57 -28.77 45.36
C ASP AA 52 -20.66 -30.28 45.16
N PRO AA 53 -21.64 -30.72 44.37
CA PRO AA 53 -21.86 -32.14 44.07
C PRO AA 53 -20.75 -32.73 43.22
N VAL AA 54 -19.90 -31.86 42.70
CA VAL AA 54 -18.79 -32.30 41.89
C VAL AA 54 -17.51 -31.98 42.66
N VAL AA 55 -16.80 -33.04 43.05
CA VAL AA 55 -15.59 -32.87 43.84
C VAL AA 55 -14.36 -33.18 43.00
N GLN AA 56 -13.26 -32.49 43.33
CA GLN AA 56 -12.01 -32.69 42.62
C GLN AA 56 -11.00 -33.46 43.45
N GLY AA 57 -10.28 -34.38 42.82
CA GLY AA 57 -9.28 -35.15 43.55
C GLY AA 57 -7.89 -35.03 42.94
N VAL AA 58 -6.95 -35.77 43.51
CA VAL AA 58 -5.57 -35.78 43.04
C VAL AA 58 -5.51 -36.46 41.65
N ASN AA 59 -4.42 -36.26 40.93
CA ASN AA 59 -4.26 -36.88 39.62
C ASN AA 59 -5.38 -36.67 38.63
N GLY AA 60 -5.82 -35.43 38.45
CA GLY AA 60 -6.88 -35.18 37.50
C GLY AA 60 -8.08 -36.10 37.63
N PHE AA 61 -8.50 -36.38 38.86
CA PHE AA 61 -9.66 -37.21 39.13
C PHE AA 61 -10.77 -36.35 39.71
N GLU AA 62 -12.01 -36.69 39.35
CA GLU AA 62 -13.17 -35.99 39.85
C GLU AA 62 -14.33 -36.96 39.93
N ALA AA 63 -15.30 -36.63 40.77
CA ALA AA 63 -16.47 -37.48 40.91
C ALA AA 63 -17.69 -36.58 41.10
N GLU AA 64 -18.85 -37.15 40.82
CA GLU AA 64 -20.09 -36.42 40.96
C GLU AA 64 -21.12 -37.19 41.78
N PHE AA 65 -21.54 -36.56 42.88
CA PHE AA 65 -22.54 -37.10 43.79
C PHE AA 65 -23.93 -36.77 43.27
N SER AA 66 -24.77 -37.78 43.17
CA SER AA 66 -26.13 -37.56 42.69
C SER AA 66 -27.15 -38.20 43.62
N LYS AA 67 -27.71 -37.41 44.54
CA LYS AA 67 -28.69 -37.94 45.48
C LYS AA 67 -29.83 -38.65 44.74
N SER AA 68 -30.31 -38.03 43.67
CA SER AA 68 -31.40 -38.61 42.90
C SER AA 68 -31.01 -39.96 42.32
N ASN AA 69 -29.96 -39.98 41.52
CA ASN AA 69 -29.50 -41.21 40.89
C ASN AA 69 -28.83 -42.19 41.88
N SER AA 70 -28.54 -41.72 43.09
CA SER AA 70 -27.89 -42.55 44.12
C SER AA 70 -26.53 -43.06 43.64
N SER AA 71 -25.77 -42.18 42.99
CA SER AA 71 -24.46 -42.53 42.45
C SER AA 71 -23.38 -41.54 42.84
N PHE AA 72 -22.13 -41.97 42.65
CA PHE AA 72 -20.97 -41.16 42.94
C PHE AA 72 -19.90 -41.65 41.97
N HIS AA 73 -20.21 -41.52 40.68
CA HIS AA 73 -19.31 -41.95 39.61
C HIS AA 73 -18.02 -41.15 39.52
N LEU AA 74 -16.94 -41.87 39.26
CA LEU AA 74 -15.62 -41.28 39.15
C LEU AA 74 -15.26 -41.01 37.68
N ARG AA 75 -14.39 -40.03 37.44
CA ARG AA 75 -13.98 -39.72 36.07
C ARG AA 75 -12.61 -39.08 36.00
N LYS AA 76 -11.92 -39.36 34.89
CA LYS AA 76 -10.62 -38.80 34.59
C LYS AA 76 -10.69 -38.54 33.10
N ALA AA 77 -10.35 -37.32 32.66
CA ALA AA 77 -10.46 -36.96 31.25
C ALA AA 77 -9.48 -37.63 30.31
N SER AA 78 -8.29 -37.93 30.81
CA SER AA 78 -7.27 -38.56 29.99
C SER AA 78 -6.40 -39.46 30.85
N VAL AA 79 -6.61 -40.77 30.73
CA VAL AA 79 -5.82 -41.73 31.51
C VAL AA 79 -4.46 -42.05 30.90
N HIS AA 80 -3.51 -42.36 31.76
CA HIS AA 80 -2.17 -42.71 31.33
C HIS AA 80 -1.87 -44.08 31.88
N ARG AA 81 -0.70 -44.62 31.55
CA ARG AA 81 -0.33 -45.94 32.04
C ARG AA 81 -0.36 -45.99 33.56
N SER AA 82 0.11 -44.91 34.17
CA SER AA 82 0.18 -44.81 35.63
C SER AA 82 -1.16 -45.06 36.33
N ASP AA 83 -2.26 -44.85 35.63
CA ASP AA 83 -3.57 -45.02 36.23
C ASP AA 83 -4.07 -46.46 36.32
N SER AA 84 -3.30 -47.41 35.80
CA SER AA 84 -3.71 -48.81 35.89
C SER AA 84 -3.60 -49.24 37.35
N ALA AA 85 -4.74 -49.63 37.93
CA ALA AA 85 -4.81 -50.05 39.32
C ALA AA 85 -6.22 -50.49 39.68
N VAL AA 86 -6.48 -50.68 40.97
CA VAL AA 86 -7.81 -51.07 41.42
C VAL AA 86 -8.40 -49.85 42.13
N TYR AA 87 -9.61 -49.47 41.70
CA TYR AA 87 -10.28 -48.29 42.27
C TYR AA 87 -11.46 -48.66 43.15
N PHE AA 88 -11.46 -48.11 44.36
CA PHE AA 88 -12.53 -48.43 45.30
C PHE AA 88 -13.45 -47.28 45.62
N CYS AA 89 -14.75 -47.59 45.60
CA CYS AA 89 -15.78 -46.62 45.93
C CYS AA 89 -16.14 -46.99 47.37
N ALA AA 90 -16.28 -45.99 48.24
CA ALA AA 90 -16.61 -46.31 49.62
C ALA AA 90 -17.52 -45.28 50.27
N VAL AA 91 -18.40 -45.78 51.12
CA VAL AA 91 -19.32 -44.91 51.82
C VAL AA 91 -19.10 -45.14 53.29
N SER AA 92 -19.05 -44.06 54.04
CA SER AA 92 -18.89 -44.14 55.47
C SER AA 92 -20.17 -44.83 55.89
N ASP AA 93 -20.08 -46.11 56.27
CA ASP AA 93 -21.28 -46.80 56.73
C ASP AA 93 -21.45 -46.16 58.09
N PRO AA 94 -21.83 -46.89 59.15
CA PRO AA 94 -21.92 -45.97 60.29
C PRO AA 94 -20.60 -45.26 60.57
N PRO AA 95 -20.57 -43.91 60.53
CA PRO AA 95 -19.27 -43.30 60.81
C PRO AA 95 -18.87 -43.65 62.26
N PRO AA 96 -17.58 -43.74 62.55
CA PRO AA 96 -16.41 -43.53 61.70
C PRO AA 96 -15.94 -44.80 60.99
N LEU AA 97 -16.85 -45.74 60.74
CA LEU AA 97 -16.47 -46.97 60.06
C LEU AA 97 -16.65 -46.77 58.55
N LEU AA 98 -15.77 -47.37 57.77
CA LEU AA 98 -15.81 -47.27 56.31
C LEU AA 98 -16.16 -48.58 55.62
N THR AA 99 -17.05 -48.55 54.64
CA THR AA 99 -17.43 -49.77 53.91
C THR AA 99 -16.98 -49.67 52.45
N PHE AA 100 -16.07 -50.56 52.06
CA PHE AA 100 -15.53 -50.58 50.71
C PHE AA 100 -16.36 -51.34 49.71
N GLY AA 101 -16.15 -51.02 48.43
CA GLY AA 101 -16.85 -51.67 47.35
C GLY AA 101 -16.03 -52.88 46.96
N SER AA 102 -16.51 -53.63 45.97
CA SER AA 102 -15.79 -54.83 45.53
C SER AA 102 -14.56 -54.45 44.74
N GLY AA 103 -14.50 -53.18 44.34
CA GLY AA 103 -13.38 -52.69 43.57
C GLY AA 103 -13.50 -52.89 42.07
N THR AA 104 -12.77 -52.09 41.31
CA THR AA 104 -12.78 -52.19 39.86
C THR AA 104 -11.36 -52.10 39.39
N LYS AA 105 -10.99 -53.01 38.49
CA LYS AA 105 -9.63 -53.06 37.96
C LYS AA 105 -9.57 -52.30 36.65
N VAL AA 106 -8.70 -51.30 36.61
CA VAL AA 106 -8.54 -50.48 35.44
C VAL AA 106 -7.25 -50.80 34.68
N ILE AA 107 -7.40 -51.13 33.41
CA ILE AA 107 -6.27 -51.46 32.56
C ILE AA 107 -6.20 -50.47 31.40
N VAL AA 108 -5.06 -49.80 31.29
CA VAL AA 108 -4.83 -48.81 30.22
C VAL AA 108 -3.78 -49.36 29.24
N LEU AA 109 -4.06 -49.26 27.94
CA LEU AA 109 -3.19 -49.79 26.87
C LEU AA 109 -2.06 -48.94 26.24
N GLU BA 1 -1.51 -41.89 53.58
CA GLU BA 1 -0.68 -41.15 54.58
C GLU BA 1 0.63 -41.85 54.93
N ALA BA 2 1.71 -41.08 54.86
CA ALA BA 2 3.03 -41.59 55.19
C ALA BA 2 3.12 -41.69 56.70
N ALA BA 3 2.13 -41.12 57.38
CA ALA BA 3 2.10 -41.14 58.83
C ALA BA 3 1.75 -42.52 59.36
N VAL BA 4 1.08 -43.31 58.52
CA VAL BA 4 0.70 -44.67 58.88
C VAL BA 4 1.73 -45.68 58.38
N THR BA 5 2.39 -46.36 59.31
CA THR BA 5 3.40 -47.35 58.97
C THR BA 5 3.10 -48.69 59.68
N GLN BA 6 3.08 -49.77 58.90
CA GLN BA 6 2.82 -51.09 59.45
C GLN BA 6 4.11 -51.87 59.42
N SER BA 7 4.22 -52.86 60.29
CA SER BA 7 5.41 -53.69 60.36
C SER BA 7 5.03 -55.13 60.68
N PRO BA 8 5.54 -56.09 59.90
CA PRO BA 8 6.44 -55.96 58.74
C PRO BA 8 5.64 -55.83 57.47
N ARG BA 9 6.32 -55.76 56.32
CA ARG BA 9 5.59 -55.67 55.05
C ARG BA 9 5.31 -57.09 54.57
N ASN BA 10 6.24 -57.99 54.82
CA ASN BA 10 6.08 -59.38 54.43
C ASN BA 10 6.39 -60.28 55.59
N LYS BA 11 5.49 -61.22 55.87
CA LYS BA 11 5.67 -62.14 56.96
C LYS BA 11 5.10 -63.47 56.57
N VAL BA 12 5.83 -64.53 56.90
CA VAL BA 12 5.36 -65.87 56.63
C VAL BA 12 5.30 -66.45 58.01
N ALA BA 13 4.19 -67.09 58.34
CA ALA BA 13 4.03 -67.68 59.66
C ALA BA 13 3.77 -69.17 59.53
N VAL BA 14 4.12 -69.92 60.56
CA VAL BA 14 3.89 -71.37 60.54
C VAL BA 14 2.57 -71.59 61.25
N THR BA 15 1.85 -72.65 60.89
CA THR BA 15 0.56 -72.88 61.54
C THR BA 15 0.73 -72.92 63.05
N GLY BA 16 -0.14 -72.20 63.76
CA GLY BA 16 -0.04 -72.17 65.21
C GLY BA 16 0.77 -71.02 65.78
N GLU BA 17 1.63 -70.42 64.96
CA GLU BA 17 2.46 -69.30 65.41
C GLU BA 17 1.65 -68.12 65.95
N LYS BA 18 2.16 -67.46 66.98
CA LYS BA 18 1.48 -66.28 67.50
C LYS BA 18 2.08 -65.13 66.69
N VAL BA 19 1.26 -64.50 65.85
CA VAL BA 19 1.75 -63.40 65.05
C VAL BA 19 1.18 -62.07 65.49
N THR BA 20 2.02 -61.03 65.45
CA THR BA 20 1.58 -59.69 65.83
C THR BA 20 1.95 -58.61 64.83
N LEU BA 21 0.94 -58.12 64.12
CA LEU BA 21 1.14 -57.05 63.14
C LEU BA 21 1.10 -55.72 63.92
N SER BA 22 2.03 -54.83 63.60
CA SER BA 22 2.13 -53.55 64.29
C SER BA 22 1.84 -52.33 63.43
N CYS BA 23 1.08 -51.39 64.01
CA CYS BA 23 0.76 -50.14 63.29
C CYS BA 23 1.10 -48.92 64.09
N ASN BA 24 1.65 -47.91 63.40
CA ASN BA 24 2.03 -46.66 64.04
C ASN BA 24 1.56 -45.49 63.19
N GLN BA 25 0.94 -44.51 63.83
CA GLN BA 25 0.48 -43.34 63.10
C GLN BA 25 0.79 -42.06 63.84
N THR BA 26 1.43 -41.14 63.15
CA THR BA 26 1.77 -39.85 63.73
C THR BA 26 0.81 -38.79 63.19
N ASN BA 27 -0.44 -39.18 63.00
CA ASN BA 27 -1.46 -38.27 62.51
C ASN BA 27 -2.19 -37.65 63.69
N ASN BA 28 -1.93 -38.16 64.88
CA ASN BA 28 -2.58 -37.68 66.09
C ASN BA 28 -4.09 -37.97 66.03
N HIS BA 29 -4.43 -39.05 65.33
CA HIS BA 29 -5.81 -39.48 65.18
C HIS BA 29 -6.18 -40.39 66.33
N ASN BA 30 -7.46 -40.40 66.69
CA ASN BA 30 -7.89 -41.25 67.80
C ASN BA 30 -8.30 -42.60 67.27
N ASN BA 31 -8.97 -42.59 66.14
CA ASN BA 31 -9.45 -43.81 65.53
C ASN BA 31 -8.40 -44.54 64.69
N MET BA 32 -8.30 -45.85 64.91
CA MET BA 32 -7.38 -46.72 64.18
C MET BA 32 -8.11 -48.00 63.81
N TYR BA 33 -7.78 -48.55 62.66
CA TYR BA 33 -8.43 -49.76 62.16
C TYR BA 33 -7.47 -50.82 61.59
N TRP BA 34 -7.96 -52.06 61.53
CA TRP BA 34 -7.21 -53.16 60.95
C TRP BA 34 -8.15 -53.88 59.97
N TYR BA 35 -7.84 -53.77 58.68
CA TYR BA 35 -8.63 -54.42 57.64
C TYR BA 35 -7.80 -55.52 57.00
N ARG BA 36 -8.48 -56.42 56.30
CA ARG BA 36 -7.80 -57.49 55.58
C ARG BA 36 -8.45 -57.60 54.20
N GLN BA 37 -7.60 -57.69 53.19
CA GLN BA 37 -8.06 -57.79 51.81
C GLN BA 37 -7.35 -59.02 51.29
N ASP BA 38 -8.08 -59.95 50.70
CA ASP BA 38 -7.43 -61.16 50.22
C ASP BA 38 -7.86 -61.69 48.87
N THR BA 39 -8.08 -60.80 47.92
CA THR BA 39 -8.47 -61.17 46.56
C THR BA 39 -8.29 -59.93 45.70
N GLY BA 40 -7.68 -58.90 46.28
CA GLY BA 40 -7.49 -57.67 45.56
C GLY BA 40 -8.84 -57.01 45.54
N HIS BA 41 -9.77 -57.60 46.29
CA HIS BA 41 -11.14 -57.13 46.40
C HIS BA 41 -11.43 -56.34 47.66
N GLU BA 42 -12.67 -56.47 48.12
CA GLU BA 42 -13.13 -55.75 49.30
C GLU BA 42 -12.26 -55.94 50.53
N LEU BA 43 -11.99 -54.84 51.23
CA LEU BA 43 -11.22 -54.93 52.45
C LEU BA 43 -12.26 -55.10 53.53
N ARG BA 44 -12.02 -55.97 54.49
CA ARG BA 44 -12.98 -56.18 55.54
C ARG BA 44 -12.40 -55.86 56.91
N LEU BA 45 -13.18 -55.16 57.71
CA LEU BA 45 -12.77 -54.73 59.05
C LEU BA 45 -12.67 -55.89 60.04
N ILE BA 46 -11.53 -55.95 60.72
CA ILE BA 46 -11.24 -56.98 61.71
C ILE BA 46 -11.44 -56.44 63.13
N TYR BA 47 -10.73 -55.35 63.42
CA TYR BA 47 -10.76 -54.68 64.71
C TYR BA 47 -10.50 -53.18 64.51
N TYR BA 48 -11.05 -52.37 65.42
CA TYR BA 48 -10.81 -50.94 65.36
C TYR BA 48 -10.67 -50.41 66.78
N SER BA 49 -10.36 -49.12 66.91
CA SER BA 49 -10.16 -48.50 68.22
C SER BA 49 -10.53 -47.01 68.24
N TYR BA 50 -11.35 -46.60 69.21
CA TYR BA 50 -11.77 -45.21 69.34
C TYR BA 50 -10.67 -44.33 69.97
N GLY BA 51 -9.64 -44.98 70.50
CA GLY BA 51 -8.55 -44.26 71.12
C GLY BA 51 -7.79 -45.18 72.05
N ALA BA 52 -6.76 -44.65 72.72
CA ALA BA 52 -5.96 -45.44 73.63
C ALA BA 52 -6.84 -46.20 74.59
N GLY BA 53 -6.62 -47.50 74.72
CA GLY BA 53 -7.45 -48.28 75.63
C GLY BA 53 -8.73 -48.84 75.03
N SER BA 54 -9.05 -48.44 73.80
CA SER BA 54 -10.25 -48.94 73.16
C SER BA 54 -9.94 -50.08 72.20
N THR BA 55 -10.77 -51.12 72.25
CA THR BA 55 -10.58 -52.27 71.38
C THR BA 55 -11.96 -52.81 71.00
N GLU BA 56 -12.33 -52.60 69.75
CA GLU BA 56 -13.66 -53.04 69.29
C GLU BA 56 -13.60 -54.05 68.16
N LYS BA 57 -14.38 -55.13 68.30
CA LYS BA 57 -14.40 -56.18 67.29
C LYS BA 57 -15.08 -55.69 66.03
N GLY BA 58 -14.56 -56.12 64.89
CA GLY BA 58 -15.11 -55.74 63.60
C GLY BA 58 -16.16 -56.71 63.09
N ASP BA 59 -16.11 -57.01 61.80
CA ASP BA 59 -17.07 -57.93 61.18
C ASP BA 59 -16.58 -59.37 61.23
N ILE BA 60 -15.26 -59.52 61.34
CA ILE BA 60 -14.62 -60.82 61.36
C ILE BA 60 -13.49 -60.81 62.38
N PRO BA 61 -13.83 -60.69 63.68
CA PRO BA 61 -12.85 -60.65 64.77
C PRO BA 61 -12.37 -62.02 65.29
N ASP BA 62 -12.97 -63.09 64.79
CA ASP BA 62 -12.62 -64.43 65.24
C ASP BA 62 -11.18 -64.84 64.92
N GLY BA 63 -10.46 -65.25 65.96
CA GLY BA 63 -9.10 -65.67 65.79
C GLY BA 63 -8.15 -64.50 65.97
N TYR BA 64 -8.73 -63.31 66.09
CA TYR BA 64 -7.92 -62.11 66.25
C TYR BA 64 -8.12 -61.46 67.61
N LYS BA 65 -7.06 -60.78 68.06
CA LYS BA 65 -7.05 -60.06 69.33
C LYS BA 65 -6.44 -58.70 68.96
N ALA BA 66 -6.80 -57.63 69.66
CA ALA BA 66 -6.24 -56.32 69.32
C ALA BA 66 -5.78 -55.58 70.55
N SER BA 67 -4.91 -54.59 70.37
CA SER BA 67 -4.42 -53.82 71.50
C SER BA 67 -4.08 -52.37 71.13
N ARG BA 68 -4.63 -51.43 71.89
CA ARG BA 68 -4.37 -50.01 71.65
C ARG BA 68 -3.65 -49.42 72.87
N PRO BA 69 -2.38 -49.82 73.06
CA PRO BA 69 -1.59 -49.33 74.21
C PRO BA 69 -1.48 -47.82 74.32
N SER BA 70 -1.38 -47.14 73.19
CA SER BA 70 -1.24 -45.70 73.19
C SER BA 70 -2.04 -45.02 72.08
N GLN BA 71 -1.76 -43.75 71.88
CA GLN BA 71 -2.44 -42.97 70.86
C GLN BA 71 -2.03 -43.46 69.46
N GLU BA 72 -0.73 -43.54 69.21
CA GLU BA 72 -0.23 -43.92 67.91
C GLU BA 72 0.04 -45.38 67.61
N ASN BA 73 -0.22 -46.29 68.55
CA ASN BA 73 0.03 -47.69 68.26
C ASN BA 73 -1.15 -48.62 68.43
N PHE BA 74 -1.45 -49.37 67.38
CA PHE BA 74 -2.57 -50.31 67.37
C PHE BA 74 -2.06 -51.61 66.75
N SER BA 75 -2.02 -52.68 67.54
CA SER BA 75 -1.50 -53.97 67.06
C SER BA 75 -2.56 -55.05 66.99
N LEU BA 76 -2.53 -55.81 65.89
CA LEU BA 76 -3.47 -56.90 65.68
C LEU BA 76 -2.67 -58.17 65.95
N THR BA 77 -3.27 -59.11 66.67
CA THR BA 77 -2.58 -60.36 66.99
C THR BA 77 -3.36 -61.60 66.59
N LEU BA 78 -2.67 -62.49 65.88
CA LEU BA 78 -3.24 -63.76 65.47
C LEU BA 78 -2.70 -64.67 66.56
N GLU BA 79 -3.56 -65.06 67.51
CA GLU BA 79 -3.12 -65.90 68.62
C GLU BA 79 -2.49 -67.20 68.13
N SER BA 80 -3.13 -67.84 67.15
CA SER BA 80 -2.62 -69.09 66.60
C SER BA 80 -2.87 -69.10 65.10
N ALA BA 81 -1.83 -68.79 64.35
CA ALA BA 81 -1.91 -68.73 62.90
C ALA BA 81 -2.59 -69.92 62.27
N THR BA 82 -3.49 -69.65 61.34
CA THR BA 82 -4.19 -70.68 60.59
C THR BA 82 -4.27 -70.19 59.13
N PRO BA 83 -4.17 -71.11 58.15
CA PRO BA 83 -4.23 -70.72 56.74
C PRO BA 83 -5.38 -69.80 56.34
N SER BA 84 -6.50 -69.85 57.06
CA SER BA 84 -7.61 -68.97 56.71
C SER BA 84 -7.20 -67.51 56.93
N GLN BA 85 -6.13 -67.30 57.68
CA GLN BA 85 -5.68 -65.97 57.98
C GLN BA 85 -4.66 -65.41 57.00
N THR BA 86 -4.26 -66.19 56.00
CA THR BA 86 -3.32 -65.63 55.06
C THR BA 86 -4.10 -64.61 54.20
N SER BA 87 -3.57 -63.39 54.15
CA SER BA 87 -4.21 -62.28 53.43
C SER BA 87 -3.31 -61.04 53.54
N VAL BA 88 -3.79 -59.90 53.01
CA VAL BA 88 -3.02 -58.66 53.11
C VAL BA 88 -3.75 -57.76 54.11
N TYR BA 89 -3.06 -57.48 55.22
CA TYR BA 89 -3.59 -56.66 56.31
C TYR BA 89 -3.28 -55.17 56.17
N PHE BA 90 -4.32 -54.34 56.32
CA PHE BA 90 -4.14 -52.90 56.22
C PHE BA 90 -4.55 -52.18 57.48
N CYS BA 91 -3.72 -51.24 57.87
CA CYS BA 91 -3.97 -50.45 59.05
C CYS BA 91 -4.31 -49.05 58.59
N ALA BA 92 -5.27 -48.42 59.27
CA ALA BA 92 -5.69 -47.06 58.93
C ALA BA 92 -5.89 -46.21 60.18
N SER BA 93 -5.82 -44.88 60.03
CA SER BA 93 -6.06 -43.98 61.15
C SER BA 93 -7.02 -42.92 60.64
N GLY BA 94 -7.73 -42.26 61.54
CA GLY BA 94 -8.66 -41.24 61.09
C GLY BA 94 -9.20 -40.40 62.20
N GLY BA 95 -9.29 -39.09 61.99
CA GLY BA 95 -9.82 -38.20 63.01
C GLY BA 95 -11.25 -37.77 62.75
N GLY BA 96 -12.01 -38.67 62.13
CA GLY BA 96 -13.40 -38.39 61.79
C GLY BA 96 -13.40 -38.10 60.30
N GLY BA 97 -14.32 -38.72 59.57
CA GLY BA 97 -14.35 -38.52 58.12
C GLY BA 97 -13.38 -39.43 57.40
N THR BA 98 -12.39 -38.84 56.73
CA THR BA 98 -11.40 -39.59 55.97
C THR BA 98 -10.49 -40.54 56.75
N LEU BA 99 -10.26 -41.71 56.16
CA LEU BA 99 -9.40 -42.76 56.72
C LEU BA 99 -8.11 -42.85 55.88
N TYR BA 100 -6.96 -42.91 56.55
CA TYR BA 100 -5.65 -42.99 55.86
C TYR BA 100 -5.01 -44.36 56.13
N PHE BA 101 -4.69 -45.09 55.06
CA PHE BA 101 -4.11 -46.43 55.14
C PHE BA 101 -2.61 -46.56 55.03
N GLY BA 102 -2.07 -47.60 55.68
CA GLY BA 102 -0.65 -47.90 55.65
C GLY BA 102 -0.36 -48.74 54.42
N ALA BA 103 0.93 -48.97 54.12
CA ALA BA 103 1.33 -49.74 52.94
C ALA BA 103 0.80 -51.18 52.86
N GLY BA 104 0.38 -51.72 54.00
CA GLY BA 104 -0.13 -53.07 54.03
C GLY BA 104 0.90 -54.08 54.48
N THR BA 105 0.44 -55.22 54.99
CA THR BA 105 1.29 -56.31 55.46
C THR BA 105 0.82 -57.60 54.82
N ARG BA 106 1.65 -58.16 53.95
CA ARG BA 106 1.30 -59.40 53.27
C ARG BA 106 1.69 -60.54 54.21
N LEU BA 107 0.70 -61.29 54.69
CA LEU BA 107 0.95 -62.41 55.60
C LEU BA 107 0.49 -63.74 55.04
N SER BA 108 1.45 -64.66 54.88
CA SER BA 108 1.18 -65.99 54.37
C SER BA 108 1.40 -67.03 55.45
N VAL BA 109 0.54 -68.06 55.45
CA VAL BA 109 0.66 -69.11 56.44
C VAL BA 109 1.08 -70.40 55.77
N LEU BA 110 2.17 -70.98 56.27
CA LEU BA 110 2.68 -72.26 55.80
C LEU BA 110 2.21 -73.33 56.80
N SER BA 111 1.59 -74.39 56.30
CA SER BA 111 1.08 -75.47 57.14
C SER BA 111 2.21 -76.47 57.49
N GLY CA 1 6.87 29.99 -38.64
CA GLY CA 1 5.99 29.93 -37.42
C GLY CA 1 6.70 29.78 -36.07
N PRO CA 2 6.07 30.18 -34.95
CA PRO CA 2 6.62 30.10 -33.60
C PRO CA 2 6.72 28.71 -32.98
N HIS CA 3 7.65 28.56 -32.05
CA HIS CA 3 7.88 27.30 -31.36
C HIS CA 3 7.93 27.60 -29.88
N SER CA 4 7.90 26.57 -29.05
CA SER CA 4 7.95 26.79 -27.60
C SER CA 4 8.52 25.63 -26.82
N MET CA 5 9.10 25.95 -25.66
CA MET CA 5 9.63 24.94 -24.77
C MET CA 5 9.02 25.29 -23.43
N ARG CA 6 8.68 24.27 -22.64
CA ARG CA 6 8.07 24.53 -21.36
C ARG CA 6 8.45 23.44 -20.36
N TYR CA 7 8.74 23.82 -19.13
CA TYR CA 7 9.09 22.86 -18.10
C TYR CA 7 8.16 23.05 -16.92
N TYR CA 8 7.68 21.92 -16.39
CA TYR CA 8 6.77 21.93 -15.23
C TYR CA 8 7.34 21.09 -14.10
N GLU CA 9 7.72 21.75 -13.00
CA GLU CA 9 8.24 21.06 -11.83
C GLU CA 9 7.13 21.13 -10.78
N THR CA 10 6.81 20.02 -10.16
CA THR CA 10 5.75 20.00 -9.15
C THR CA 10 6.15 19.15 -7.95
N ALA CA 11 6.03 19.73 -6.76
CA ALA CA 11 6.37 19.04 -5.53
C ALA CA 11 5.08 18.85 -4.74
N THR CA 12 4.84 17.64 -4.28
CA THR CA 12 3.63 17.35 -3.53
C THR CA 12 3.94 16.62 -2.24
N SER CA 13 3.61 17.22 -1.10
CA SER CA 13 3.85 16.57 0.19
C SER CA 13 2.49 16.00 0.60
N ARG CA 14 2.46 14.80 1.17
CA ARG CA 14 1.19 14.17 1.59
C ARG CA 14 1.17 13.53 2.99
N ARG CA 15 0.25 14.00 3.83
CA ARG CA 15 0.05 13.57 5.24
C ARG CA 15 0.98 12.47 5.77
N GLY CA 16 1.96 12.89 6.57
CA GLY CA 16 2.92 11.98 7.17
C GLY CA 16 3.52 10.94 6.24
N LEU CA 17 3.46 11.19 4.94
CA LEU CA 17 4.01 10.25 3.96
C LEU CA 17 5.45 10.64 3.60
N GLY CA 18 6.23 11.04 4.61
CA GLY CA 18 7.62 11.42 4.39
C GLY CA 18 7.84 12.67 3.55
N GLU CA 19 9.01 12.74 2.90
CA GLU CA 19 9.37 13.87 2.05
C GLU CA 19 8.49 13.90 0.81
N PRO CA 20 8.18 15.11 0.32
CA PRO CA 20 7.35 15.33 -0.86
C PRO CA 20 7.82 14.63 -2.11
N ARG CA 21 6.91 14.47 -3.07
CA ARG CA 21 7.25 13.82 -4.34
C ARG CA 21 7.58 14.89 -5.35
N TYR CA 22 8.70 14.73 -6.05
CA TYR CA 22 9.12 15.72 -7.02
C TYR CA 22 9.15 15.16 -8.43
N THR CA 23 8.58 15.91 -9.37
CA THR CA 23 8.57 15.52 -10.75
C THR CA 23 8.84 16.74 -11.60
N SER CA 24 9.41 16.50 -12.77
CA SER CA 24 9.74 17.57 -13.68
C SER CA 24 9.59 17.04 -15.10
N VAL CA 25 8.76 17.71 -15.88
CA VAL CA 25 8.57 17.28 -17.25
C VAL CA 25 8.78 18.47 -18.21
N GLY CA 26 9.45 18.19 -19.32
CA GLY CA 26 9.71 19.21 -20.31
C GLY CA 26 8.98 18.94 -21.61
N TYR CA 27 8.55 20.02 -22.26
CA TYR CA 27 7.80 19.95 -23.50
C TYR CA 27 8.39 20.85 -24.59
N VAL CA 28 8.58 20.31 -25.78
CA VAL CA 28 9.04 21.11 -26.92
C VAL CA 28 7.80 21.18 -27.80
N ASP CA 29 7.38 22.39 -28.15
CA ASP CA 29 6.15 22.59 -28.90
C ASP CA 29 5.17 21.92 -27.98
N ASP CA 30 4.44 20.90 -28.39
CA ASP CA 30 3.56 20.34 -27.36
C ASP CA 30 3.77 18.88 -27.16
N LYS CA 31 5.03 18.49 -27.17
CA LYS CA 31 5.40 17.10 -27.00
C LYS CA 31 6.38 16.95 -25.84
N GLU CA 32 6.07 16.02 -24.92
CA GLU CA 32 6.93 15.75 -23.79
C GLU CA 32 8.19 15.08 -24.34
N PHE CA 33 9.36 15.58 -23.96
CA PHE CA 33 10.60 15.00 -24.48
C PHE CA 33 11.57 14.57 -23.38
N VAL CA 34 11.34 15.06 -22.18
CA VAL CA 34 12.23 14.70 -21.07
C VAL CA 34 11.39 14.68 -19.79
N ARG CA 35 11.82 13.90 -18.81
CA ARG CA 35 11.07 13.76 -17.57
C ARG CA 35 11.91 13.24 -16.41
N PHE CA 36 11.54 13.63 -15.19
CA PHE CA 36 12.24 13.22 -13.97
C PHE CA 36 11.23 12.92 -12.86
N ASP CA 37 11.43 11.81 -12.16
CA ASP CA 37 10.51 11.42 -11.10
C ASP CA 37 11.27 10.98 -9.86
N SER CA 38 11.01 11.62 -8.74
CA SER CA 38 11.69 11.26 -7.49
C SER CA 38 11.17 9.94 -6.94
N ASP CA 39 9.99 9.54 -7.40
CA ASP CA 39 9.33 8.29 -6.99
C ASP CA 39 9.95 7.13 -7.72
N ALA CA 40 10.85 7.43 -8.65
CA ALA CA 40 11.52 6.37 -9.38
C ALA CA 40 12.52 5.67 -8.48
N GLU CA 41 12.81 4.43 -8.80
CA GLU CA 41 13.78 3.62 -8.04
C GLU CA 41 15.14 4.31 -8.14
N ASN CA 42 15.42 4.81 -9.34
CA ASN CA 42 16.66 5.50 -9.63
C ASN CA 42 16.31 6.87 -10.22
N PRO CA 43 16.07 7.86 -9.35
CA PRO CA 43 15.72 9.20 -9.80
C PRO CA 43 16.74 9.70 -10.82
N ARG CA 44 16.27 10.02 -12.01
CA ARG CA 44 17.13 10.49 -13.07
C ARG CA 44 16.30 11.15 -14.16
N TYR CA 45 16.89 12.10 -14.85
CA TYR CA 45 16.21 12.76 -15.94
C TYR CA 45 16.38 11.81 -17.13
N GLU CA 46 15.29 11.48 -17.81
CA GLU CA 46 15.37 10.57 -18.95
C GLU CA 46 14.61 11.00 -20.18
N PRO CA 47 15.11 10.59 -21.36
CA PRO CA 47 14.49 10.93 -22.64
C PRO CA 47 13.15 10.23 -22.84
N GLN CA 48 12.15 10.99 -23.25
CA GLN CA 48 10.81 10.46 -23.47
C GLN CA 48 10.54 10.22 -24.95
N VAL CA 49 11.49 10.62 -25.79
CA VAL CA 49 11.37 10.42 -27.23
C VAL CA 49 12.75 10.05 -27.75
N PRO CA 50 12.80 9.19 -28.77
CA PRO CA 50 14.09 8.77 -29.32
C PRO CA 50 15.10 9.86 -29.70
N TRP CA 51 14.68 10.92 -30.41
CA TRP CA 51 15.67 11.91 -30.80
C TRP CA 51 16.45 12.57 -29.67
N MET CA 52 15.99 12.41 -28.43
CA MET CA 52 16.70 13.00 -27.31
C MET CA 52 17.82 12.09 -26.84
N GLU CA 53 17.85 10.86 -27.37
CA GLU CA 53 18.86 9.89 -26.98
C GLU CA 53 20.21 10.29 -27.58
N GLN CA 54 20.19 11.25 -28.49
CA GLN CA 54 21.41 11.68 -29.12
C GLN CA 54 22.09 12.80 -28.34
N GLU CA 55 21.89 12.80 -27.01
CA GLU CA 55 22.50 13.78 -26.13
C GLU CA 55 23.52 13.02 -25.29
N GLY CA 56 24.70 13.59 -25.11
CA GLY CA 56 25.76 12.94 -24.36
C GLY CA 56 25.43 12.52 -22.95
N PRO CA 57 26.24 11.64 -22.35
CA PRO CA 57 26.00 11.18 -20.97
C PRO CA 57 26.21 12.33 -20.00
N GLU CA 58 27.05 13.27 -20.39
CA GLU CA 58 27.35 14.42 -19.57
C GLU CA 58 26.11 15.29 -19.42
N TYR CA 59 25.32 15.32 -20.49
CA TYR CA 59 24.07 16.09 -20.51
C TYR CA 59 23.14 15.56 -19.45
N TRP CA 60 22.80 14.27 -19.57
CA TRP CA 60 21.89 13.66 -18.62
C TRP CA 60 22.41 13.73 -17.20
N GLU CA 61 23.72 13.87 -17.05
CA GLU CA 61 24.29 13.93 -15.72
C GLU CA 61 24.00 15.23 -14.99
N ARG CA 62 24.31 16.37 -15.62
CA ARG CA 62 24.07 17.63 -14.95
C ARG CA 62 22.59 17.98 -14.90
N ILE CA 63 21.85 17.55 -15.90
CA ILE CA 63 20.41 17.79 -15.92
C ILE CA 63 19.85 17.13 -14.66
N THR CA 64 20.28 15.89 -14.44
CA THR CA 64 19.83 15.14 -13.28
C THR CA 64 20.27 15.81 -11.99
N GLN CA 65 21.49 16.32 -11.98
CA GLN CA 65 21.98 16.98 -10.77
C GLN CA 65 21.17 18.23 -10.43
N VAL CA 66 20.71 18.94 -11.45
CA VAL CA 66 19.90 20.12 -11.24
C VAL CA 66 18.60 19.69 -10.58
N ALA CA 67 18.02 18.63 -11.11
CA ALA CA 67 16.78 18.09 -10.59
C ALA CA 67 16.86 17.76 -9.10
N LYS CA 68 17.97 17.18 -8.67
CA LYS CA 68 18.17 16.82 -7.28
C LYS CA 68 18.25 18.08 -6.41
N GLY CA 69 18.87 19.13 -6.95
CA GLY CA 69 18.97 20.37 -6.22
C GLY CA 69 17.58 20.99 -6.09
N GLN CA 70 16.84 20.95 -7.21
CA GLN CA 70 15.48 21.49 -7.28
C GLN CA 70 14.58 20.77 -6.28
N GLU CA 71 14.82 19.48 -6.08
CA GLU CA 71 14.01 18.71 -5.14
C GLU CA 71 14.13 19.38 -3.79
N GLN CA 72 15.35 19.77 -3.42
CA GLN CA 72 15.57 20.43 -2.15
C GLN CA 72 14.92 21.81 -2.06
N TRP CA 73 15.02 22.58 -3.14
CA TRP CA 73 14.43 23.91 -3.17
C TRP CA 73 12.95 23.85 -2.79
N PHE CA 74 12.23 22.90 -3.39
CA PHE CA 74 10.80 22.71 -3.14
C PHE CA 74 10.56 22.24 -1.71
N ARG CA 75 11.39 21.29 -1.28
CA ARG CA 75 11.28 20.75 0.07
C ARG CA 75 11.34 21.91 1.05
N VAL CA 76 12.26 22.85 0.81
CA VAL CA 76 12.40 24.00 1.68
C VAL CA 76 11.28 25.01 1.53
N ASN CA 77 11.04 25.46 0.31
CA ASN CA 77 10.01 26.46 0.13
C ASN CA 77 8.61 26.02 0.45
N LEU CA 78 8.37 24.72 0.41
CA LEU CA 78 7.05 24.22 0.76
C LEU CA 78 6.82 24.62 2.21
N ARG CA 79 7.90 24.55 2.98
CA ARG CA 79 7.88 24.89 4.39
C ARG CA 79 7.75 26.39 4.61
N THR CA 80 8.56 27.18 3.92
CA THR CA 80 8.44 28.61 4.13
C THR CA 80 7.03 29.07 3.78
N LEU CA 81 6.36 28.37 2.86
CA LEU CA 81 5.00 28.75 2.50
C LEU CA 81 4.01 28.36 3.59
N LEU CA 82 4.29 27.28 4.32
CA LEU CA 82 3.42 26.87 5.40
C LEU CA 82 3.36 28.06 6.35
N GLY CA 83 4.53 28.62 6.64
CA GLY CA 83 4.57 29.76 7.54
C GLY CA 83 3.75 30.91 6.99
N TYR CA 84 4.13 31.40 5.82
CA TYR CA 84 3.44 32.51 5.15
C TYR CA 84 1.92 32.45 5.27
N TYR CA 85 1.35 31.27 5.05
CA TYR CA 85 -0.10 31.09 5.11
C TYR CA 85 -0.57 30.56 6.46
N ASN CA 86 0.37 30.40 7.39
CA ASN CA 86 0.05 29.93 8.73
C ASN CA 86 -0.77 28.62 8.70
N GLN CA 87 -0.15 27.54 8.25
CA GLN CA 87 -0.81 26.26 8.14
C GLN CA 87 -0.12 25.20 8.99
N SER CA 88 -0.73 24.03 9.11
CA SER CA 88 -0.17 22.93 9.90
C SER CA 88 1.16 22.43 9.38
N ALA CA 89 1.55 21.25 9.82
CA ALA CA 89 2.81 20.68 9.39
C ALA CA 89 2.61 19.33 8.71
N GLY CA 90 1.77 18.50 9.33
CA GLY CA 90 1.49 17.19 8.76
C GLY CA 90 0.58 17.30 7.57
N GLY CA 91 0.08 18.51 7.31
CA GLY CA 91 -0.81 18.74 6.19
C GLY CA 91 -0.26 18.32 4.84
N THR CA 92 -1.15 18.27 3.84
CA THR CA 92 -0.79 17.89 2.49
C THR CA 92 -0.89 19.11 1.57
N HIS CA 93 0.21 19.44 0.90
CA HIS CA 93 0.26 20.58 -0.01
C HIS CA 93 1.06 20.37 -1.29
N THR CA 94 0.92 21.33 -2.19
CA THR CA 94 1.61 21.29 -3.46
C THR CA 94 2.20 22.63 -3.85
N LEU CA 95 3.41 22.57 -4.43
CA LEU CA 95 4.10 23.76 -4.87
C LEU CA 95 4.68 23.44 -6.24
N GLN CA 96 4.33 24.24 -7.26
CA GLN CA 96 4.85 24.00 -8.58
C GLN CA 96 5.44 25.22 -9.26
N ARG CA 97 6.35 24.94 -10.19
CA ARG CA 97 7.03 25.97 -10.94
C ARG CA 97 6.86 25.66 -12.41
N MET CA 98 6.73 26.70 -13.21
CA MET CA 98 6.60 26.54 -14.64
C MET CA 98 7.40 27.64 -15.30
N TYR CA 99 8.34 27.26 -16.16
CA TYR CA 99 9.15 28.23 -16.86
C TYR CA 99 9.32 27.73 -18.27
N GLY CA 100 9.74 28.62 -19.15
CA GLY CA 100 9.90 28.27 -20.55
C GLY CA 100 10.10 29.48 -21.43
N CYS CA 101 9.95 29.28 -22.73
CA CYS CA 101 10.20 30.33 -23.70
C CYS CA 101 9.62 30.00 -25.05
N ASP CA 102 8.95 30.98 -25.63
CA ASP CA 102 8.39 30.84 -26.96
C ASP CA 102 9.32 31.64 -27.85
N VAL CA 103 9.47 31.22 -29.10
CA VAL CA 103 10.33 31.95 -30.04
C VAL CA 103 9.51 32.27 -31.29
N GLY CA 104 9.83 33.37 -31.94
CA GLY CA 104 9.12 33.74 -33.15
C GLY CA 104 9.74 33.05 -34.33
N SER CA 105 9.18 33.29 -35.51
CA SER CA 105 9.71 32.66 -36.73
C SER CA 105 11.20 32.92 -36.93
N ASP CA 106 11.71 34.01 -36.37
CA ASP CA 106 13.13 34.32 -36.51
C ASP CA 106 13.94 33.59 -35.43
N GLY CA 107 13.30 32.68 -34.70
CA GLY CA 107 14.00 31.92 -33.68
C GLY CA 107 14.42 32.70 -32.45
N ARG CA 108 14.15 34.00 -32.41
CA ARG CA 108 14.52 34.85 -31.28
C ARG CA 108 13.38 34.85 -30.26
N LEU CA 109 13.70 35.05 -28.98
CA LEU CA 109 12.68 35.03 -27.93
C LEU CA 109 11.40 35.77 -28.32
N LEU CA 110 10.27 35.27 -27.83
CA LEU CA 110 8.95 35.85 -28.11
C LEU CA 110 8.24 36.12 -26.79
N ARG CA 111 8.53 35.29 -25.79
CA ARG CA 111 7.93 35.41 -24.47
C ARG CA 111 8.67 34.52 -23.50
N GLY CA 112 9.01 35.06 -22.33
CA GLY CA 112 9.71 34.27 -21.33
C GLY CA 112 8.76 33.90 -20.22
N TYR CA 113 9.06 32.82 -19.52
CA TYR CA 113 8.20 32.35 -18.43
C TYR CA 113 8.93 31.94 -17.16
N GLU CA 114 8.30 32.25 -16.03
CA GLU CA 114 8.82 31.89 -14.72
C GLU CA 114 7.66 32.19 -13.79
N GLN CA 115 7.06 31.17 -13.20
CA GLN CA 115 5.93 31.40 -12.31
C GLN CA 115 5.73 30.27 -11.31
N PHE CA 116 5.06 30.58 -10.21
CA PHE CA 116 4.85 29.58 -9.19
C PHE CA 116 3.40 29.56 -8.74
N ALA CA 117 2.92 28.35 -8.43
CA ALA CA 117 1.54 28.10 -7.97
C ALA CA 117 1.58 27.21 -6.73
N TYR CA 118 0.91 27.67 -5.67
CA TYR CA 118 0.85 26.92 -4.42
C TYR CA 118 -0.55 26.35 -4.19
N ASP CA 119 -0.61 25.06 -3.88
CA ASP CA 119 -1.86 24.38 -3.60
C ASP CA 119 -2.91 24.55 -4.70
N GLY CA 120 -2.43 24.70 -5.94
CA GLY CA 120 -3.34 24.85 -7.06
C GLY CA 120 -3.63 26.28 -7.44
N CYS CA 121 -3.41 27.21 -6.53
CA CYS CA 121 -3.67 28.61 -6.80
C CYS CA 121 -2.41 29.39 -7.21
N ASP CA 122 -2.59 30.41 -8.04
CA ASP CA 122 -1.45 31.23 -8.49
C ASP CA 122 -0.78 31.90 -7.31
N TYR CA 123 0.53 32.06 -7.42
CA TYR CA 123 1.28 32.69 -6.36
C TYR CA 123 2.02 33.92 -6.88
N ILE CA 124 2.97 33.70 -7.79
CA ILE CA 124 3.73 34.81 -8.34
C ILE CA 124 4.22 34.44 -9.73
N ALA CA 125 4.23 35.40 -10.64
CA ALA CA 125 4.67 35.12 -12.01
C ALA CA 125 5.37 36.30 -12.66
N LEU CA 126 6.42 35.99 -13.40
CA LEU CA 126 7.17 37.02 -14.10
C LEU CA 126 6.28 37.53 -15.22
N ASN CA 127 6.14 38.85 -15.32
CA ASN CA 127 5.33 39.44 -16.36
C ASN CA 127 6.06 39.36 -17.71
N GLU CA 128 5.31 39.62 -18.77
CA GLU CA 128 5.82 39.54 -20.12
C GLU CA 128 7.08 40.38 -20.33
N ASP CA 129 7.19 41.47 -19.59
CA ASP CA 129 8.34 42.35 -19.73
C ASP CA 129 9.63 41.77 -19.18
N LEU CA 130 9.52 40.68 -18.41
CA LEU CA 130 10.67 40.03 -17.80
C LEU CA 130 11.36 41.05 -16.89
N ARG CA 131 10.55 41.97 -16.35
CA ARG CA 131 11.06 43.01 -15.47
C ARG CA 131 10.22 43.17 -14.22
N THR CA 132 8.92 42.92 -14.31
CA THR CA 132 8.03 43.08 -13.16
C THR CA 132 7.37 41.77 -12.75
N TRP CA 133 6.72 41.77 -11.59
CA TRP CA 133 6.07 40.56 -11.10
C TRP CA 133 4.61 40.75 -10.73
N THR CA 134 3.83 39.68 -10.81
CA THR CA 134 2.43 39.75 -10.43
C THR CA 134 2.27 38.85 -9.21
N ALA CA 135 1.82 39.44 -8.13
CA ALA CA 135 1.65 38.69 -6.90
C ALA CA 135 0.18 38.42 -6.60
N ALA CA 136 -0.18 37.14 -6.65
CA ALA CA 136 -1.55 36.71 -6.40
C ALA CA 136 -2.14 37.37 -5.15
N ASP CA 137 -1.83 36.81 -3.98
CA ASP CA 137 -2.34 37.33 -2.72
C ASP CA 137 -1.30 38.11 -1.92
N MET CA 138 -1.54 38.23 -0.61
CA MET CA 138 -0.64 38.96 0.28
C MET CA 138 0.65 38.22 0.58
N ALA CA 139 0.56 36.90 0.78
CA ALA CA 139 1.76 36.14 1.07
C ALA CA 139 2.75 36.36 -0.07
N ALA CA 140 2.29 36.17 -1.30
CA ALA CA 140 3.13 36.33 -2.46
C ALA CA 140 3.72 37.75 -2.53
N GLN CA 141 3.03 38.68 -1.90
CA GLN CA 141 3.45 40.08 -1.88
C GLN CA 141 4.84 40.13 -1.24
N ILE CA 142 5.04 39.29 -0.22
CA ILE CA 142 6.30 39.20 0.49
C ILE CA 142 7.43 38.78 -0.44
N THR CA 143 7.20 37.70 -1.18
CA THR CA 143 8.18 37.20 -2.14
C THR CA 143 8.50 38.29 -3.14
N ARG CA 144 7.47 38.86 -3.75
CA ARG CA 144 7.62 39.91 -4.76
C ARG CA 144 8.58 40.98 -4.27
N ARG CA 145 8.38 41.38 -3.02
CA ARG CA 145 9.20 42.40 -2.41
C ARG CA 145 10.68 42.06 -2.44
N LYS CA 146 11.07 40.94 -1.82
CA LYS CA 146 12.47 40.56 -1.81
C LYS CA 146 13.02 40.27 -3.19
N TRP CA 147 12.17 39.75 -4.08
CA TRP CA 147 12.58 39.45 -5.46
C TRP CA 147 12.82 40.72 -6.26
N GLU CA 148 12.09 41.79 -5.90
CA GLU CA 148 12.25 43.08 -6.58
C GLU CA 148 13.55 43.67 -6.05
N GLN CA 149 13.80 43.47 -4.76
CA GLN CA 149 14.99 43.97 -4.11
C GLN CA 149 16.25 43.26 -4.61
N ALA CA 150 16.18 41.93 -4.72
CA ALA CA 150 17.33 41.13 -5.15
C ALA CA 150 17.51 41.05 -6.65
N GLY CA 151 16.65 41.71 -7.41
CA GLY CA 151 16.77 41.66 -8.85
C GLY CA 151 16.54 40.28 -9.45
N ALA CA 152 15.58 39.54 -8.91
CA ALA CA 152 15.30 38.21 -9.40
C ALA CA 152 14.89 38.24 -10.88
N ALA CA 153 14.15 39.25 -11.30
CA ALA CA 153 13.73 39.31 -12.70
C ALA CA 153 14.92 39.26 -13.67
N GLU CA 154 15.97 40.01 -13.37
CA GLU CA 154 17.14 40.03 -14.23
C GLU CA 154 17.78 38.65 -14.21
N TYR CA 155 17.74 38.02 -13.05
CA TYR CA 155 18.32 36.69 -12.87
C TYR CA 155 17.70 35.69 -13.88
N TYR CA 156 16.38 35.52 -13.79
CA TYR CA 156 15.67 34.61 -14.69
C TYR CA 156 15.72 35.07 -16.15
N ARG CA 157 15.54 36.37 -16.37
CA ARG CA 157 15.59 36.92 -17.72
C ARG CA 157 16.84 36.40 -18.42
N ALA CA 158 17.97 36.50 -17.74
CA ALA CA 158 19.24 36.04 -18.29
C ALA CA 158 19.10 34.71 -19.01
N TYR CA 159 18.45 33.77 -18.33
CA TYR CA 159 18.25 32.44 -18.88
C TYR CA 159 17.20 32.43 -19.99
N LEU CA 160 16.03 32.96 -19.68
CA LEU CA 160 14.96 33.00 -20.66
C LEU CA 160 15.39 33.56 -22.01
N GLU CA 161 16.13 34.66 -22.00
CA GLU CA 161 16.61 35.31 -23.22
C GLU CA 161 17.62 34.56 -24.06
N GLY CA 162 18.49 33.80 -23.45
CA GLY CA 162 19.49 33.13 -24.26
C GLY CA 162 19.66 31.64 -24.13
N GLU CA 163 20.08 31.18 -22.95
CA GLU CA 163 20.28 29.75 -22.76
C GLU CA 163 19.05 28.99 -23.20
N CYS CA 164 17.88 29.42 -22.75
CA CYS CA 164 16.68 28.70 -23.13
C CYS CA 164 16.56 28.60 -24.65
N VAL CA 165 16.35 29.75 -25.27
CA VAL CA 165 16.17 29.86 -26.70
C VAL CA 165 17.17 29.02 -27.45
N GLU CA 166 18.43 29.09 -27.03
CA GLU CA 166 19.48 28.32 -27.68
C GLU CA 166 19.19 26.83 -27.65
N TRP CA 167 18.81 26.32 -26.48
CA TRP CA 167 18.50 24.90 -26.37
C TRP CA 167 17.23 24.51 -27.12
N LEU CA 168 16.21 25.36 -27.09
CA LEU CA 168 14.99 25.06 -27.82
C LEU CA 168 15.36 24.76 -29.26
N HIS CA 169 16.40 25.42 -29.74
CA HIS CA 169 16.87 25.21 -31.10
C HIS CA 169 17.60 23.87 -31.22
N ARG CA 170 18.49 23.58 -30.27
CA ARG CA 170 19.25 22.32 -30.28
C ARG CA 170 18.22 21.21 -30.50
N TYR CA 171 17.15 21.23 -29.72
CA TYR CA 171 16.10 20.21 -29.79
C TYR CA 171 15.30 20.23 -31.08
N LEU CA 172 15.00 21.41 -31.60
CA LEU CA 172 14.24 21.48 -32.83
C LEU CA 172 15.01 20.93 -34.04
N LYS CA 173 16.34 21.02 -34.01
CA LYS CA 173 17.14 20.49 -35.11
C LYS CA 173 17.23 18.98 -34.96
N ASN CA 174 17.28 18.51 -33.70
CA ASN CA 174 17.39 17.10 -33.34
C ASN CA 174 16.27 16.18 -33.85
N GLY CA 175 15.17 16.77 -34.31
CA GLY CA 175 14.08 15.96 -34.83
C GLY CA 175 13.36 16.57 -36.04
N GLN DA 1 19.32 22.64 -21.36
CA GLN DA 1 19.65 23.21 -20.03
C GLN DA 1 18.43 23.80 -19.41
N LEU DA 2 18.39 23.70 -18.09
CA LEU DA 2 17.26 24.18 -17.35
C LEU DA 2 17.47 25.57 -16.77
N SER DA 3 16.41 26.07 -16.17
CA SER DA 3 16.46 27.36 -15.53
C SER DA 3 17.32 27.14 -14.28
N PRO DA 4 18.10 28.16 -13.90
CA PRO DA 4 18.96 28.07 -12.72
C PRO DA 4 18.16 27.88 -11.44
N PHE DA 5 18.85 27.48 -10.36
CA PHE DA 5 18.24 27.31 -9.05
C PHE DA 5 17.46 28.62 -8.75
N PRO DA 6 16.20 28.52 -8.31
CA PRO DA 6 15.43 29.76 -8.02
C PRO DA 6 15.70 30.44 -6.68
N PHE DA 7 15.33 31.72 -6.59
CA PHE DA 7 15.52 32.45 -5.35
C PHE DA 7 14.60 31.92 -4.27
N ASP DA 8 14.77 32.41 -3.04
CA ASP DA 8 13.93 31.96 -1.92
C ASP DA 8 12.59 32.66 -1.96
N LEU DA 9 11.52 31.95 -1.64
CA LEU DA 9 10.21 32.58 -1.61
C LEU DA 9 10.21 33.45 -0.35
N SER EA 1 33.94 26.97 -14.33
CA SER EA 1 35.37 27.38 -14.42
C SER EA 1 35.56 28.85 -14.86
N VAL EA 2 36.29 29.61 -14.05
CA VAL EA 2 36.61 31.01 -14.35
C VAL EA 2 38.13 31.09 -14.24
N THR EA 3 38.73 31.99 -15.00
CA THR EA 3 40.17 32.12 -15.01
C THR EA 3 40.68 33.55 -14.87
N GLN EA 4 41.58 33.74 -13.91
CA GLN EA 4 42.23 35.02 -13.66
C GLN EA 4 43.67 34.70 -14.01
N PRO EA 5 44.10 35.07 -15.23
CA PRO EA 5 45.43 34.86 -15.79
C PRO EA 5 46.63 35.47 -15.07
N ASP EA 6 46.42 36.50 -14.26
CA ASP EA 6 47.54 37.15 -13.56
C ASP EA 6 47.46 36.96 -12.07
N ALA EA 7 48.51 36.38 -11.50
CA ALA EA 7 48.58 36.12 -10.06
C ALA EA 7 48.78 37.41 -9.25
N ARG EA 8 49.74 38.22 -9.69
CA ARG EA 8 50.03 39.48 -9.03
C ARG EA 8 49.98 40.61 -10.04
N VAL EA 9 49.53 41.79 -9.59
CA VAL EA 9 49.48 42.96 -10.44
C VAL EA 9 49.87 44.16 -9.59
N THR EA 10 50.72 45.02 -10.14
CA THR EA 10 51.16 46.20 -9.41
C THR EA 10 50.84 47.49 -10.16
N VAL EA 11 50.26 48.47 -9.46
CA VAL EA 11 49.90 49.76 -10.05
C VAL EA 11 50.31 50.94 -9.20
N SER EA 12 50.62 52.03 -9.86
CA SER EA 12 51.00 53.25 -9.15
C SER EA 12 49.75 53.90 -8.61
N GLU EA 13 49.75 54.26 -7.34
CA GLU EA 13 48.58 54.90 -6.77
C GLU EA 13 48.10 56.02 -7.72
N GLY EA 14 46.79 56.12 -7.92
CA GLY EA 14 46.28 57.16 -8.80
C GLY EA 14 46.06 56.70 -10.23
N ALA EA 15 46.74 55.62 -10.60
CA ALA EA 15 46.61 55.06 -11.94
C ALA EA 15 45.38 54.16 -12.05
N SER EA 16 45.06 53.79 -13.27
CA SER EA 16 43.91 52.93 -13.51
C SER EA 16 44.32 51.47 -13.34
N LEU EA 17 43.38 50.67 -12.85
CA LEU EA 17 43.62 49.24 -12.65
C LEU EA 17 42.66 48.40 -13.50
N GLN EA 18 43.18 47.31 -14.06
CA GLN EA 18 42.36 46.42 -14.85
C GLN EA 18 42.72 44.97 -14.51
N LEU EA 19 41.75 44.21 -14.00
CA LEU EA 19 41.96 42.82 -13.65
C LEU EA 19 41.19 41.94 -14.64
N ARG EA 20 41.91 41.11 -15.39
CA ARG EA 20 41.29 40.25 -16.38
C ARG EA 20 40.66 38.97 -15.83
N CYS EA 21 39.57 38.57 -16.45
CA CYS EA 21 38.87 37.36 -16.05
C CYS EA 21 38.16 36.72 -17.22
N LYS EA 22 38.48 35.46 -17.49
CA LYS EA 22 37.85 34.74 -18.58
C LYS EA 22 36.99 33.66 -17.98
N TYR EA 23 35.90 33.30 -18.64
CA TYR EA 23 35.08 32.24 -18.11
C TYR EA 23 34.78 31.22 -19.17
N SER EA 24 34.73 29.96 -18.78
CA SER EA 24 34.39 28.87 -19.69
C SER EA 24 33.26 28.18 -18.96
N TYR EA 25 32.05 28.42 -19.40
CA TYR EA 25 30.92 27.85 -18.71
C TYR EA 25 29.82 27.81 -19.74
N SER EA 26 29.28 26.63 -19.98
CA SER EA 26 28.25 26.47 -20.99
C SER EA 26 26.92 27.14 -20.67
N ALA EA 27 26.40 26.94 -19.46
CA ALA EA 27 25.12 27.51 -19.08
C ALA EA 27 25.09 29.04 -18.95
N THR EA 28 23.96 29.56 -18.47
CA THR EA 28 23.80 31.00 -18.28
C THR EA 28 24.83 31.48 -17.27
N PRO EA 29 25.73 32.38 -17.69
CA PRO EA 29 26.77 32.89 -16.79
C PRO EA 29 26.30 33.94 -15.82
N TYR EA 30 26.51 33.67 -14.54
CA TYR EA 30 26.18 34.61 -13.48
C TYR EA 30 27.55 34.92 -12.89
N LEU EA 31 28.10 36.05 -13.27
CA LEU EA 31 29.44 36.45 -12.83
C LEU EA 31 29.48 37.48 -11.69
N PHE EA 32 30.51 37.33 -10.85
CA PHE EA 32 30.71 38.21 -9.70
C PHE EA 32 32.18 38.55 -9.51
N TRP EA 33 32.42 39.62 -8.77
CA TRP EA 33 33.77 40.04 -8.40
C TRP EA 33 33.74 40.31 -6.90
N TYR EA 34 34.64 39.66 -6.18
CA TYR EA 34 34.76 39.85 -4.75
C TYR EA 34 36.15 40.41 -4.42
N VAL EA 35 36.21 41.23 -3.39
CA VAL EA 35 37.48 41.79 -2.95
C VAL EA 35 37.72 41.23 -1.55
N GLN EA 36 38.96 40.87 -1.26
CA GLN EA 36 39.28 40.30 0.05
C GLN EA 36 40.44 41.02 0.69
N TYR EA 37 40.13 41.84 1.69
CA TYR EA 37 41.15 42.60 2.41
C TYR EA 37 41.71 41.70 3.51
N PRO EA 38 43.04 41.78 3.76
CA PRO EA 38 43.77 41.00 4.77
C PRO EA 38 42.98 40.63 6.01
N ARG EA 39 43.09 39.34 6.37
CA ARG EA 39 42.42 38.79 7.54
C ARG EA 39 40.90 39.03 7.50
N GLN EA 40 40.33 39.03 6.31
CA GLN EA 40 38.90 39.23 6.17
C GLN EA 40 38.25 38.32 5.14
N GLY EA 41 36.93 38.27 5.17
CA GLY EA 41 36.21 37.42 4.24
C GLY EA 41 36.04 38.15 2.92
N PRO EA 42 35.64 37.43 1.87
CA PRO EA 42 35.44 38.07 0.58
C PRO EA 42 34.22 38.99 0.62
N GLN EA 43 34.33 40.17 0.01
CA GLN EA 43 33.21 41.12 -0.02
C GLN EA 43 32.75 41.34 -1.45
N LEU EA 44 31.44 41.43 -1.66
CA LEU EA 44 30.93 41.63 -3.01
C LEU EA 44 31.21 43.01 -3.56
N LEU EA 45 31.80 43.06 -4.76
CA LEU EA 45 32.13 44.28 -5.45
C LEU EA 45 31.01 44.60 -6.43
N LEU EA 46 30.73 43.66 -7.31
CA LEU EA 46 29.68 43.81 -8.32
C LEU EA 46 29.28 42.45 -8.88
N LYS EA 47 28.19 42.43 -9.62
CA LYS EA 47 27.69 41.20 -10.20
C LYS EA 47 27.00 41.51 -11.52
N TYR EA 48 26.85 40.51 -12.37
CA TYR EA 48 26.17 40.70 -13.62
C TYR EA 48 25.23 39.54 -13.91
N TYR EA 49 23.94 39.85 -14.14
CA TYR EA 49 22.95 38.81 -14.46
C TYR EA 49 22.56 38.95 -15.95
N SER EA 50 21.92 40.06 -16.29
CA SER EA 50 21.53 40.34 -17.67
C SER EA 50 21.40 41.85 -17.87
N GLY EA 51 21.07 42.30 -19.07
CA GLY EA 51 20.93 43.72 -19.31
C GLY EA 51 22.22 44.45 -19.67
N ASP EA 52 22.40 45.65 -19.11
CA ASP EA 52 23.61 46.44 -19.36
C ASP EA 52 24.83 45.58 -19.10
N PRO EA 53 25.64 45.34 -20.14
CA PRO EA 53 26.86 44.52 -20.06
C PRO EA 53 27.92 45.16 -19.20
N VAL EA 54 27.71 46.43 -18.86
CA VAL EA 54 28.64 47.14 -18.01
C VAL EA 54 27.96 47.38 -16.69
N VAL EA 55 28.45 46.72 -15.64
CA VAL EA 55 27.88 46.85 -14.32
C VAL EA 55 28.74 47.73 -13.42
N GLN EA 56 28.12 48.41 -12.47
CA GLN EA 56 28.84 49.28 -11.54
C GLN EA 56 28.86 48.68 -10.14
N GLY EA 57 29.98 48.83 -9.44
CA GLY EA 57 30.06 48.30 -8.09
C GLY EA 57 30.46 49.35 -7.09
N VAL EA 58 30.69 48.93 -5.86
CA VAL EA 58 31.10 49.83 -4.78
C VAL EA 58 32.53 50.28 -5.03
N ASN EA 59 32.97 51.34 -4.33
CA ASN EA 59 34.33 51.84 -4.48
C ASN EA 59 34.83 52.15 -5.90
N GLY EA 60 33.99 52.78 -6.70
CA GLY EA 60 34.42 53.13 -8.05
C GLY EA 60 34.95 51.94 -8.83
N PHE EA 61 34.26 50.82 -8.72
CA PHE EA 61 34.62 49.62 -9.46
C PHE EA 61 33.55 49.32 -10.51
N GLU EA 62 33.99 48.81 -11.65
CA GLU EA 62 33.06 48.46 -12.70
C GLU EA 62 33.65 47.28 -13.44
N ALA EA 63 32.78 46.54 -14.09
CA ALA EA 63 33.21 45.39 -14.85
C ALA EA 63 32.34 45.32 -16.09
N GLU EA 64 32.87 44.67 -17.13
CA GLU EA 64 32.15 44.51 -18.38
C GLU EA 64 32.11 43.06 -18.81
N PHE EA 65 30.89 42.58 -19.02
CA PHE EA 65 30.62 41.23 -19.46
C PHE EA 65 30.71 41.20 -20.98
N SER EA 66 31.35 40.17 -21.52
CA SER EA 66 31.48 40.03 -22.96
C SER EA 66 31.23 38.59 -23.41
N LYS EA 67 29.99 38.29 -23.78
CA LYS EA 67 29.66 36.95 -24.23
C LYS EA 67 30.67 36.53 -25.30
N SER EA 68 30.86 37.38 -26.30
CA SER EA 68 31.79 37.08 -27.38
C SER EA 68 33.21 36.73 -26.90
N ASN EA 69 33.84 37.65 -26.19
CA ASN EA 69 35.19 37.45 -25.68
C ASN EA 69 35.24 36.50 -24.46
N SER EA 70 34.08 36.11 -23.94
CA SER EA 70 34.00 35.22 -22.77
C SER EA 70 34.78 35.79 -21.59
N SER EA 71 34.65 37.09 -21.38
CA SER EA 71 35.36 37.75 -20.30
C SER EA 71 34.45 38.60 -19.44
N PHE EA 72 34.95 38.95 -18.25
CA PHE EA 72 34.23 39.78 -17.30
C PHE EA 72 35.31 40.53 -16.55
N HIS EA 73 36.08 41.31 -17.29
CA HIS EA 73 37.18 42.11 -16.74
C HIS EA 73 36.74 43.24 -15.83
N LEU EA 74 37.49 43.43 -14.75
CA LEU EA 74 37.21 44.47 -13.76
C LEU EA 74 38.06 45.72 -14.00
N ARG EA 75 37.56 46.87 -13.58
CA ARG EA 75 38.29 48.11 -13.77
C ARG EA 75 37.97 49.16 -12.73
N LYS EA 76 38.97 49.97 -12.42
CA LYS EA 76 38.85 51.10 -11.50
C LYS EA 76 39.67 52.19 -12.17
N ALA EA 77 39.10 53.38 -12.31
CA ALA EA 77 39.79 54.47 -12.99
C ALA EA 77 40.98 55.05 -12.25
N SER EA 78 40.90 55.06 -10.93
CA SER EA 78 41.98 55.61 -10.13
C SER EA 78 42.10 54.87 -8.80
N VAL EA 79 43.09 53.98 -8.68
CA VAL EA 79 43.29 53.21 -7.45
C VAL EA 79 44.01 54.00 -6.36
N HIS EA 80 43.72 53.65 -5.10
CA HIS EA 80 44.33 54.27 -3.95
C HIS EA 80 44.96 53.15 -3.12
N ARG EA 81 45.72 53.52 -2.10
CA ARG EA 81 46.36 52.53 -1.25
C ARG EA 81 45.34 51.53 -0.74
N SER EA 82 44.18 52.04 -0.33
CA SER EA 82 43.09 51.22 0.20
C SER EA 82 42.78 49.98 -0.64
N ASP EA 83 42.85 50.14 -1.96
CA ASP EA 83 42.55 49.06 -2.89
C ASP EA 83 43.49 47.86 -2.93
N SER EA 84 44.63 47.93 -2.22
CA SER EA 84 45.56 46.79 -2.20
C SER EA 84 44.86 45.64 -1.51
N ALA EA 85 44.66 44.55 -2.24
CA ALA EA 85 43.99 43.39 -1.69
C ALA EA 85 43.99 42.28 -2.71
N VAL EA 86 43.27 41.21 -2.42
CA VAL EA 86 43.18 40.10 -3.38
C VAL EA 86 41.79 40.16 -3.97
N TYR EA 87 41.73 40.13 -5.31
CA TYR EA 87 40.46 40.21 -6.03
C TYR EA 87 40.04 38.91 -6.69
N PHE EA 88 38.82 38.50 -6.41
CA PHE EA 88 38.30 37.25 -6.95
C PHE EA 88 37.20 37.41 -7.96
N CYS EA 89 37.31 36.65 -9.05
CA CYS EA 89 36.33 36.64 -10.11
C CYS EA 89 35.61 35.34 -9.84
N ALA EA 90 34.29 35.34 -9.99
CA ALA EA 90 33.55 34.12 -9.70
C ALA EA 90 32.30 33.94 -10.54
N VAL EA 91 32.05 32.70 -10.93
CA VAL EA 91 30.86 32.43 -11.73
C VAL EA 91 30.05 31.43 -10.97
N SER EA 92 28.75 31.68 -10.94
CA SER EA 92 27.85 30.76 -10.28
C SER EA 92 28.02 29.52 -11.15
N ASP EA 93 28.63 28.48 -10.62
CA ASP EA 93 28.79 27.25 -11.39
C ASP EA 93 27.35 26.74 -11.28
N PRO EA 94 27.11 25.44 -11.02
CA PRO EA 94 25.65 25.26 -10.97
C PRO EA 94 25.03 26.12 -9.85
N PRO EA 95 24.14 27.06 -10.19
CA PRO EA 95 23.62 27.81 -9.04
C PRO EA 95 22.90 26.81 -8.13
N PRO EA 96 22.78 27.12 -6.83
CA PRO EA 96 23.24 28.31 -6.14
C PRO EA 96 24.67 28.18 -5.63
N LEU EA 97 25.48 27.34 -6.27
CA LEU EA 97 26.86 27.15 -5.87
C LEU EA 97 27.74 28.16 -6.58
N LEU EA 98 28.82 28.59 -5.92
CA LEU EA 98 29.73 29.58 -6.48
C LEU EA 98 31.14 29.02 -6.66
N THR EA 99 31.71 29.23 -7.83
CA THR EA 99 33.08 28.76 -8.11
C THR EA 99 34.01 29.98 -8.20
N PHE EA 100 34.99 30.03 -7.30
CA PHE EA 100 35.93 31.15 -7.30
C PHE EA 100 37.12 31.00 -8.23
N GLY EA 101 37.80 32.11 -8.49
CA GLY EA 101 38.97 32.09 -9.35
C GLY EA 101 40.15 31.91 -8.42
N SER EA 102 41.36 31.82 -8.99
CA SER EA 102 42.55 31.62 -8.18
C SER EA 102 42.90 32.89 -7.46
N GLY EA 103 42.29 33.99 -7.88
CA GLY EA 103 42.54 35.28 -7.26
C GLY EA 103 43.69 36.06 -7.87
N THR EA 104 43.69 37.35 -7.62
CA THR EA 104 44.75 38.22 -8.12
C THR EA 104 45.11 39.18 -7.00
N LYS EA 105 46.40 39.29 -6.70
CA LYS EA 105 46.86 40.16 -5.64
C LYS EA 105 47.20 41.50 -6.26
N VAL EA 106 46.58 42.57 -5.74
CA VAL EA 106 46.82 43.91 -6.27
C VAL EA 106 47.64 44.75 -5.30
N ILE EA 107 48.76 45.26 -5.79
CA ILE EA 107 49.63 46.09 -4.98
C ILE EA 107 49.72 47.50 -5.53
N VAL EA 108 49.34 48.49 -4.72
CA VAL EA 108 49.37 49.87 -5.15
C VAL EA 108 50.49 50.63 -4.41
N LEU EA 109 51.27 51.43 -5.14
CA LEU EA 109 52.42 52.16 -4.58
C LEU EA 109 52.29 53.59 -3.96
N GLU FA 1 28.40 40.94 4.02
CA GLU FA 1 27.21 41.15 4.90
C GLU FA 1 27.52 41.07 6.38
N ALA FA 2 27.08 42.08 7.12
CA ALA FA 2 27.28 42.12 8.56
C ALA FA 2 26.33 41.13 9.18
N ALA FA 3 25.42 40.61 8.35
CA ALA FA 3 24.44 39.64 8.81
C ALA FA 3 25.07 38.29 9.05
N VAL FA 4 26.21 38.05 8.41
CA VAL FA 4 26.93 36.78 8.57
C VAL FA 4 28.05 36.91 9.60
N THR FA 5 27.90 36.20 10.72
CA THR FA 5 28.88 36.24 11.79
C THR FA 5 29.35 34.81 12.15
N GLN FA 6 30.67 34.62 12.15
CA GLN FA 6 31.21 33.30 12.47
C GLN FA 6 31.83 33.35 13.85
N SER FA 7 31.96 32.20 14.49
CA SER FA 7 32.56 32.12 15.81
C SER FA 7 33.36 30.83 15.95
N PRO FA 8 34.63 30.91 16.38
CA PRO FA 8 35.37 32.13 16.75
C PRO FA 8 36.15 32.67 15.57
N ARG FA 9 36.88 33.77 15.76
CA ARG FA 9 37.68 34.33 14.66
C ARG FA 9 39.03 33.59 14.63
N ASN FA 10 39.53 33.25 15.81
CA ASN FA 10 40.79 32.54 15.92
C ASN FA 10 40.63 31.36 16.85
N LYS FA 11 41.11 30.21 16.40
CA LYS FA 11 41.01 28.98 17.18
C LYS FA 11 42.23 28.13 16.93
N VAL FA 12 42.81 27.60 18.00
CA VAL FA 12 43.95 26.72 17.84
C VAL FA 12 43.44 25.42 18.42
N ALA FA 13 43.59 24.34 17.66
CA ALA FA 13 43.12 23.05 18.14
C ALA FA 13 44.27 22.06 18.27
N VAL FA 14 44.09 21.08 19.14
CA VAL FA 14 45.09 20.05 19.33
C VAL FA 14 44.70 18.88 18.42
N THR FA 15 45.68 18.10 17.97
CA THR FA 15 45.36 16.99 17.08
C THR FA 15 44.37 16.09 17.76
N GLY FA 16 43.29 15.76 17.06
CA GLY FA 16 42.27 14.89 17.62
C GLY FA 16 41.06 15.60 18.22
N GLU FA 17 41.23 16.87 18.56
CA GLU FA 17 40.14 17.68 19.14
C GLU FA 17 38.91 17.75 18.24
N LYS FA 18 37.73 17.72 18.85
CA LYS FA 18 36.49 17.84 18.08
C LYS FA 18 36.22 19.33 18.02
N VAL FA 19 36.35 19.91 16.82
CA VAL FA 19 36.12 21.34 16.66
C VAL FA 19 34.82 21.69 15.94
N THR FA 20 34.14 22.73 16.42
CA THR FA 20 32.89 23.13 15.79
C THR FA 20 32.80 24.62 15.53
N LEU FA 21 32.97 24.99 14.25
CA LEU FA 21 32.88 26.38 13.83
C LEU FA 21 31.39 26.71 13.68
N SER FA 22 30.99 27.87 14.16
CA SER FA 22 29.59 28.27 14.12
C SER FA 22 29.29 29.47 13.25
N CYS FA 23 28.18 29.37 12.51
CA CYS FA 23 27.78 30.46 11.65
C CYS FA 23 26.35 30.92 11.88
N ASN FA 24 26.16 32.23 11.92
CA ASN FA 24 24.84 32.80 12.12
C ASN FA 24 24.57 33.88 11.08
N GLN FA 25 23.38 33.84 10.47
CA GLN FA 25 23.02 34.85 9.49
C GLN FA 25 21.58 35.36 9.68
N THR FA 26 21.43 36.67 9.73
CA THR FA 26 20.12 37.26 9.88
C THR FA 26 19.67 37.87 8.55
N ASN FA 27 20.03 37.19 7.47
CA ASN FA 27 19.67 37.63 6.13
C ASN FA 27 18.36 36.96 5.73
N ASN FA 28 17.96 35.96 6.50
CA ASN FA 28 16.75 35.23 6.20
C ASN FA 28 16.92 34.43 4.91
N HIS FA 29 18.16 34.03 4.66
CA HIS FA 29 18.53 33.24 3.49
C HIS FA 29 18.38 31.76 3.76
N ASN FA 30 17.97 31.00 2.76
CA ASN FA 30 17.81 29.57 2.94
C ASN FA 30 19.13 28.84 2.79
N ASN FA 31 19.92 29.29 1.81
CA ASN FA 31 21.19 28.67 1.52
C ASN FA 31 22.36 29.19 2.35
N MET FA 32 23.12 28.26 2.91
CA MET FA 32 24.30 28.57 3.71
C MET FA 32 25.44 27.67 3.24
N TYR FA 33 26.68 28.17 3.34
CA TYR FA 33 27.87 27.45 2.88
C TYR FA 33 29.09 27.54 3.82
N TRP FA 34 29.99 26.58 3.70
CA TRP FA 34 31.21 26.58 4.49
C TRP FA 34 32.35 26.34 3.53
N TYR FA 35 33.20 27.35 3.34
CA TYR FA 35 34.35 27.23 2.44
C TYR FA 35 35.62 27.30 3.27
N ARG FA 36 36.73 26.89 2.67
CA ARG FA 36 38.03 26.98 3.32
C ARG FA 36 39.04 27.49 2.30
N GLN FA 37 39.83 28.46 2.73
CA GLN FA 37 40.83 29.07 1.90
C GLN FA 37 42.13 28.95 2.68
N ASP FA 38 43.16 28.39 2.08
CA ASP FA 38 44.40 28.22 2.81
C ASP FA 38 45.70 28.54 2.08
N THR FA 39 45.70 29.64 1.34
CA THR FA 39 46.89 30.10 0.61
C THR FA 39 46.57 31.48 0.11
N GLY FA 40 45.53 32.08 0.68
CA GLY FA 40 45.11 33.41 0.23
C GLY FA 40 44.60 33.21 -1.19
N HIS FA 41 44.48 31.95 -1.59
CA HIS FA 41 44.01 31.58 -2.92
C HIS FA 41 42.55 31.16 -2.97
N GLU FA 42 42.25 30.25 -3.88
CA GLU FA 42 40.90 29.74 -4.09
C GLU FA 42 40.20 29.20 -2.84
N LEU FA 43 38.96 29.63 -2.62
CA LEU FA 43 38.17 29.13 -1.51
C LEU FA 43 37.48 27.89 -2.04
N ARG FA 44 37.47 26.82 -1.26
CA ARG FA 44 36.84 25.59 -1.73
C ARG FA 44 35.69 25.16 -0.84
N LEU FA 45 34.57 24.80 -1.48
CA LEU FA 45 33.36 24.40 -0.77
C LEU FA 45 33.52 23.10 -0.01
N ILE FA 46 33.12 23.12 1.25
CA ILE FA 46 33.23 21.96 2.11
C ILE FA 46 31.85 21.30 2.25
N TYR FA 47 30.90 22.10 2.74
CA TYR FA 47 29.52 21.68 2.99
C TYR FA 47 28.60 22.87 2.76
N TYR FA 48 27.37 22.60 2.32
CA TYR FA 48 26.39 23.66 2.14
C TYR FA 48 25.03 23.17 2.59
N SER FA 49 24.04 24.06 2.62
CA SER FA 49 22.69 23.71 3.08
C SER FA 49 21.59 24.51 2.35
N TYR FA 50 20.57 23.79 1.87
CA TYR FA 50 19.45 24.39 1.14
C TYR FA 50 18.44 25.04 2.08
N GLY FA 51 18.57 24.74 3.38
CA GLY FA 51 17.67 25.29 4.38
C GLY FA 51 17.74 24.44 5.64
N ALA FA 52 16.93 24.77 6.64
CA ALA FA 52 16.96 23.98 7.87
C ALA FA 52 16.74 22.49 7.59
N GLY FA 53 17.60 21.64 8.14
CA GLY FA 53 17.44 20.23 7.90
C GLY FA 53 18.27 19.73 6.74
N SER FA 54 18.77 20.64 5.90
CA SER FA 54 19.58 20.23 4.76
C SER FA 54 21.08 20.25 5.02
N THR FA 55 21.76 19.22 4.56
CA THR FA 55 23.20 19.12 4.74
C THR FA 55 23.73 18.42 3.51
N GLU FA 56 24.50 19.15 2.71
CA GLU FA 56 25.05 18.59 1.48
C GLU FA 56 26.56 18.70 1.39
N LYS FA 57 27.22 17.58 1.08
CA LYS FA 57 28.67 17.54 0.97
C LYS FA 57 29.18 18.37 -0.20
N GLY FA 58 30.28 19.10 0.03
CA GLY FA 58 30.86 19.93 -1.01
C GLY FA 58 31.85 19.14 -1.84
N ASP FA 59 32.97 19.77 -2.18
CA ASP FA 59 34.01 19.13 -2.98
C ASP FA 59 35.04 18.38 -2.13
N ILE FA 60 35.16 18.80 -0.88
CA ILE FA 60 36.12 18.22 0.05
C ILE FA 60 35.48 18.02 1.41
N PRO FA 61 34.43 17.18 1.48
CA PRO FA 61 33.73 16.93 2.74
C PRO FA 61 34.37 15.93 3.71
N ASP FA 62 35.46 15.31 3.29
CA ASP FA 62 36.11 14.32 4.15
C ASP FA 62 36.72 14.90 5.40
N GLY FA 63 36.32 14.33 6.53
CA GLY FA 63 36.82 14.79 7.81
C GLY FA 63 35.89 15.81 8.41
N TYR FA 64 34.88 16.21 7.65
CA TYR FA 64 33.92 17.20 8.09
C TYR FA 64 32.50 16.66 8.19
N LYS FA 65 31.73 17.29 9.07
CA LYS FA 65 30.35 16.96 9.34
C LYS FA 65 29.68 18.32 9.41
N ALA FA 66 28.41 18.42 9.04
CA ALA FA 66 27.73 19.72 9.11
C ALA FA 66 26.37 19.59 9.76
N SER FA 67 25.80 20.71 10.18
CA SER FA 67 24.50 20.69 10.82
C SER FA 67 23.72 22.00 10.59
N ARG FA 68 22.50 21.87 10.11
CA ARG FA 68 21.65 23.03 9.87
C ARG FA 68 20.43 22.93 10.78
N PRO FA 69 20.64 23.15 12.08
CA PRO FA 69 19.54 23.07 13.06
C PRO FA 69 18.39 24.04 12.77
N SER FA 70 18.72 25.25 12.34
CA SER FA 70 17.70 26.24 12.06
C SER FA 70 17.96 27.06 10.80
N GLN FA 71 17.12 28.05 10.58
CA GLN FA 71 17.27 28.91 9.43
C GLN FA 71 18.60 29.65 9.45
N GLU FA 72 18.87 30.34 10.54
CA GLU FA 72 20.08 31.15 10.63
C GLU FA 72 21.35 30.53 11.15
N ASN FA 73 21.31 29.24 11.50
CA ASN FA 73 22.52 28.62 12.02
C ASN FA 73 23.01 27.40 11.26
N PHE FA 74 24.28 27.44 10.87
CA PHE FA 74 24.91 26.36 10.11
C PHE FA 74 26.30 26.14 10.72
N SER FA 75 26.52 24.97 11.30
CA SER FA 75 27.81 24.69 11.92
C SER FA 75 28.60 23.60 11.22
N LEU FA 76 29.90 23.81 11.11
CA LEU FA 76 30.78 22.83 10.48
C LEU FA 76 31.58 22.17 11.60
N THR FA 77 31.64 20.84 11.60
CA THR FA 77 32.36 20.14 12.65
C THR FA 77 33.53 19.28 12.16
N LEU FA 78 34.70 19.48 12.77
CA LEU FA 78 35.88 18.68 12.47
C LEU FA 78 35.82 17.63 13.56
N GLU FA 79 35.37 16.42 13.23
CA GLU FA 79 35.23 15.37 14.24
C GLU FA 79 36.52 15.14 15.01
N SER FA 80 37.64 15.08 14.29
CA SER FA 80 38.94 14.84 14.90
C SER FA 80 40.00 15.68 14.18
N ALA FA 81 40.33 16.82 14.76
CA ALA FA 81 41.31 17.73 14.18
C ALA FA 81 42.59 17.09 13.69
N THR FA 82 43.00 17.47 12.49
CA THR FA 82 44.24 16.99 11.88
C THR FA 82 44.88 18.20 11.17
N PRO FA 83 46.23 18.26 11.13
CA PRO FA 83 46.94 19.38 10.49
C PRO FA 83 46.53 19.71 9.06
N SER FA 84 45.91 18.76 8.36
CA SER FA 84 45.50 19.04 6.99
C SER FA 84 44.34 20.04 7.01
N GLN FA 85 43.67 20.13 8.16
CA GLN FA 85 42.53 21.02 8.30
C GLN FA 85 42.86 22.44 8.70
N THR FA 86 44.12 22.74 9.00
CA THR FA 86 44.44 24.11 9.36
C THR FA 86 44.21 24.94 8.10
N SER FA 87 43.44 26.01 8.23
CA SER FA 87 43.10 26.85 7.09
C SER FA 87 42.17 27.95 7.60
N VAL FA 88 41.73 28.83 6.70
CA VAL FA 88 40.78 29.88 7.09
C VAL FA 88 39.40 29.49 6.55
N TYR FA 89 38.47 29.27 7.48
CA TYR FA 89 37.12 28.87 7.11
C TYR FA 89 36.16 30.03 6.97
N PHE FA 90 35.42 30.02 5.86
CA PHE FA 90 34.44 31.06 5.60
C PHE FA 90 33.05 30.50 5.46
N CYS FA 91 32.11 31.25 6.02
CA CYS FA 91 30.71 30.91 5.98
C CYS FA 91 30.02 31.95 5.11
N ALA FA 92 29.05 31.52 4.32
CA ALA FA 92 28.31 32.44 3.45
C ALA FA 92 26.82 32.09 3.43
N SER FA 93 25.97 33.08 3.15
CA SER FA 93 24.54 32.84 3.06
C SER FA 93 24.07 33.42 1.73
N GLY FA 94 22.94 32.93 1.24
CA GLY FA 94 22.45 33.45 -0.01
C GLY FA 94 21.03 33.03 -0.28
N GLY FA 95 20.25 33.96 -0.84
CA GLY FA 95 18.86 33.69 -1.16
C GLY FA 95 18.69 33.56 -2.67
N GLY FA 96 19.71 33.00 -3.31
CA GLY FA 96 19.70 32.84 -4.76
C GLY FA 96 20.53 33.97 -5.35
N GLY FA 97 21.42 33.63 -6.27
CA GLY FA 97 22.27 34.66 -6.85
C GLY FA 97 23.48 34.95 -5.99
N THR FA 98 23.55 36.18 -5.49
CA THR FA 98 24.67 36.61 -4.66
C THR FA 98 24.88 35.88 -3.34
N LEU FA 99 26.15 35.59 -3.03
CA LEU FA 99 26.57 34.95 -1.79
C LEU FA 99 27.28 35.97 -0.88
N TYR FA 100 26.92 35.99 0.40
CA TYR FA 100 27.50 36.93 1.36
C TYR FA 100 28.29 36.17 2.42
N PHE FA 101 29.57 36.53 2.55
CA PHE FA 101 30.48 35.86 3.47
C PHE FA 101 30.69 36.48 4.86
N GLY FA 102 31.13 35.64 5.80
CA GLY FA 102 31.41 36.11 7.14
C GLY FA 102 32.87 36.53 7.19
N ALA FA 103 33.31 37.09 8.31
CA ALA FA 103 34.69 37.57 8.47
C ALA FA 103 35.73 36.47 8.38
N GLY FA 104 35.30 35.23 8.53
CA GLY FA 104 36.22 34.11 8.47
C GLY FA 104 36.68 33.63 9.84
N THR FA 105 37.15 32.38 9.87
CA THR FA 105 37.65 31.77 11.11
C THR FA 105 39.00 31.14 10.82
N ARG FA 106 40.04 31.71 11.40
CA ARG FA 106 41.39 31.18 11.20
C ARG FA 106 41.59 30.02 12.19
N LEU FA 107 41.69 28.79 11.67
CA LEU FA 107 41.89 27.62 12.51
C LEU FA 107 43.23 26.96 12.31
N SER FA 108 44.00 26.86 13.39
CA SER FA 108 45.32 26.23 13.34
C SER FA 108 45.32 24.97 14.18
N VAL FA 109 46.05 23.98 13.70
CA VAL FA 109 46.13 22.71 14.40
C VAL FA 109 47.54 22.48 14.91
N LEU FA 110 47.66 22.30 16.22
CA LEU FA 110 48.94 22.00 16.85
C LEU FA 110 49.00 20.46 17.06
N SER FA 111 50.09 19.82 16.60
CA SER FA 111 50.25 18.38 16.74
C SER FA 111 50.74 18.02 18.16
#